data_5D98
#
_entry.id   5D98
#
_cell.length_a   185.660
_cell.length_b   185.660
_cell.length_c   598.220
_cell.angle_alpha   90.00
_cell.angle_beta   90.00
_cell.angle_gamma   90.00
#
_symmetry.space_group_name_H-M   'P 43 21 2'
#
loop_
_entity.id
_entity.type
_entity.pdbx_description
1 polymer 'Polymerase acidic protein'
2 polymer 'RNA-directed RNA polymerase catalytic subunit'
3 polymer 'Polymerase basic protein 2'
4 non-polymer 'MAGNESIUM ION'
#
loop_
_entity_poly.entity_id
_entity_poly.type
_entity_poly.pdbx_seq_one_letter_code
_entity_poly.pdbx_strand_id
1 'polypeptide(L)'
;MSKTFAEIAEAFLEPEAVRIAKEAVEEYGDHERKIIQIGIHFQVCCMFCDEYLSTNGSDRFVLIEGRKRGTAVSLQNELC
KSYDLEPLPFLCDIFDREEKQFVEIGITRKADDSYFQSKFGKLGNSCKIFVFSYDGRLDKNCEGPMEEQKLRIFSFLATA
ADFLRKENMFNEIFLPDNEETIIEMKKGKTFLELRDESVPLPFQTYEQMKDYCEKFKGNPRELASKVSQMQSNIKLPIKH
YEQNKFRQIRLPKGPMAPYTHKFLMEEAWMFTKISDPERSRAGEILIDFFKKGNLSAIRPKDKPLQGKYPIHYKNLWNQI
KAAIADRTMVINENDHSEFLGGIGRASKKIPEISLTQDVITTEGLKQSENKLPEPRSFPRWFNAEWMWAIKDSDLTGWVP
MAEYPPADNELEDYAEHLNKTMEGVLQGTNCAREMGKCILTVGALMTECRLFPGKIKVVPIYARSKERKSMQEGLPVPSE
MDCLFGICVKSKSHLNKDDGMYTIITFEFSIREPNLEKHQKYTVFEAGHTTVRMKKGESVIGREVPLYLYCRTTALSKIK
NDWLSKARRCFITTMDTVETICLRESAKAEENLVEKTLNEKQMWIGKKNGELIAQPLREALRVQLVQQFYFCIYNDSQLE
GFCNEQKKILMALEGDKKNKSSFGFNPEGLLEKIEECLINNPMCLFMAQRLNELVIEASKRGAKFFKTD
;
A,D
2 'polypeptide(L)'
;MEINPYLMFLNNDVTSLISTTYPYTGPPPMSHGSSTKYTLETIKRTYDYSRTSVEKTSKVFNIPRRKFCNCLEDKDELVK
PTGNVDISSLLGLAEMMEKRMGEGFFKHCVMEAETEILKMHFSRLTEGRQTYDWTSERNMPAATALQLTVDAIKETEGPF
KGTTMLEYCNKMIEMLDWKEIKFKKVKTVVRREKDKRSGKEIKTKVPVMGIDSIKHDEFLIRALTINTMAKDGERGKLQR
RAIATPGMIVRPFSKIVETVAQKICEKLKESGLPVGGNEKKAKLKTTVTSLNARMNSDQFAVNITGDNSKWNECQQPEAY
LALLAYITKDSSDLMKDLCSVAPVLFCNKFVKLGQGIRLSNKRKTKEVIIKAEKMGKYKNLMREEYKNLFEPLEKYIQKD
VCFLPGGMLMGMFNMLSTVLGVSTLCYMDEELKAKGCFWTGLQSSDDFVLFAVASNWSNIHWTIRRFNAVCKLIGINMSL
EKSYGSLPELFEFTSMFFDGEFVSNLAMELPAFTTAGVNEGVDFTAAMSIIKTNMINNSLSPSTALMALRICLQEFRATY
RVHPWDSRVKGGRMKIINEFIKTIENKDGLLIADGGKLMNNISTLHIPEEVLKFEKMDEQYRNRVFNPKNPFTNFDKTID
IFRAHGPIRVEENEAVVSTHSFRTRANRTLLNTDMRAMMAEEKRYQMVCDMFKSVFESADINPPIGAMSIGEAIEEKLLE
RAKMKRDIGAIEDSEYEEIKDIIRDAKKARLESR
;
B,E
3 'polypeptide(L)'
;MSLLLTIAKEYKRLCQDAKAAQMMTVGTVSNYTTFKKWTTSRKEKNPSLRMRWAMSSKFPIIANKRMLEEAQIPKEHNNV
ALWEDTEDVSKRDHVLASASCINYWNFCGPCVNNSEVIKEVYKSRFGRLERRKEIMWKELRFTLVDRQRRRVDTQPVEQR
LRTGEIKDLQMWTLFEDEAPLASKFILDNYGLVKEMRSKFANKPLNKEVVAHMLEKQFNPESRFLPVFGAIRPERMELIH
ALGGETWIQEANTAGISNVDQRKNDIRAVCRKVCLAANASIMNAKSKLVEYIKSTSMRIGETERKLEELILETDDVSPEV
TLCKSALGGQLGKTLSFGPMLLKKISGSGVKVKDTVYIQGVRAVQFEYWSEQEEFYGEYKSATALFSRKERSLEWITIGG
GINEDRKRLLAMCMIFCRDGDYFKDAPATITMADLSTKLGREIPYQYVMMNWIQKSEDNLEALLYSRGIVETNPGKMGSS
MGIDGSKRAIKSLRAVTIQSGKIDMPESKEKIHLELSDNLEAFDSSGRIVATILDLPSDKKVTFQDVSFQHPDLAVLRDE
KTAITKGYEALIKRLGTGDNDIPSLIAKKDYLSLYNLPEVKLMAPLIRPNRKGVYSRVARKLVSTQVTTGHYSLHELIKV
LPFTYFAPKQGMFEGRLFFSNDSFVEPGVNNNVFSWSKADSSKIYCHGIAIRVPLVVGDEHMDTSLALLEGFSVCENDPR
APMVTRQDLIDVGFGQKVRLFVGQGSVRTFKRTASQRAASSDVNKNVKKIKMSNARENLYFQ
;
C,F
#
loop_
_chem_comp.id
_chem_comp.type
_chem_comp.name
_chem_comp.formula
MG non-polymer 'MAGNESIUM ION' 'Mg 2'
#
# COMPACT_ATOMS: atom_id res chain seq x y z
N THR A 4 35.33 46.90 -19.04
CA THR A 4 34.85 48.15 -19.67
C THR A 4 34.80 49.28 -18.63
N PHE A 5 35.98 49.72 -18.18
CA PHE A 5 36.09 50.79 -17.20
C PHE A 5 35.82 52.14 -17.85
N ALA A 6 36.25 52.27 -19.09
CA ALA A 6 35.95 53.45 -19.90
C ALA A 6 34.44 53.64 -20.02
N GLU A 7 33.73 52.55 -20.28
CA GLU A 7 32.25 52.53 -20.30
C GLU A 7 31.66 53.17 -19.02
N ILE A 8 32.25 52.86 -17.88
CA ILE A 8 31.76 53.33 -16.57
C ILE A 8 32.10 54.80 -16.33
N ALA A 9 33.38 55.11 -16.46
CA ALA A 9 33.89 56.48 -16.22
C ALA A 9 33.21 57.50 -17.12
N GLU A 10 33.26 57.26 -18.42
CA GLU A 10 32.70 58.17 -19.43
C GLU A 10 31.19 58.36 -19.28
N ALA A 11 30.52 57.44 -18.60
CA ALA A 11 29.06 57.50 -18.42
C ALA A 11 28.61 58.57 -17.42
N PHE A 12 29.41 58.81 -16.39
CA PHE A 12 29.11 59.83 -15.37
C PHE A 12 30.06 61.03 -15.42
N LEU A 13 31.30 60.80 -15.85
CA LEU A 13 32.32 61.85 -15.90
C LEU A 13 32.27 62.59 -17.24
N GLU A 14 33.17 63.56 -17.43
CA GLU A 14 33.27 64.30 -18.69
C GLU A 14 34.18 63.61 -19.68
N PRO A 15 33.71 63.43 -20.93
CA PRO A 15 34.35 62.60 -21.95
C PRO A 15 35.86 62.80 -22.07
N GLU A 16 36.29 64.04 -22.23
CA GLU A 16 37.72 64.35 -22.39
C GLU A 16 38.46 64.20 -21.05
N ALA A 17 37.77 64.46 -19.94
CA ALA A 17 38.35 64.35 -18.59
C ALA A 17 38.86 62.95 -18.26
N VAL A 18 38.23 61.96 -18.88
CA VAL A 18 38.61 60.56 -18.74
C VAL A 18 39.92 60.29 -19.47
N ARG A 19 40.06 60.83 -20.68
CA ARG A 19 41.27 60.65 -21.51
C ARG A 19 42.58 60.89 -20.74
N ILE A 20 42.55 61.87 -19.83
CA ILE A 20 43.70 62.19 -18.97
C ILE A 20 43.97 61.06 -17.97
N ALA A 21 42.91 60.54 -17.38
CA ALA A 21 43.02 59.37 -16.51
C ALA A 21 43.65 58.19 -17.22
N LYS A 22 43.10 57.86 -18.39
CA LYS A 22 43.60 56.75 -19.22
C LYS A 22 45.09 56.88 -19.53
N GLU A 23 45.51 58.07 -19.95
CA GLU A 23 46.93 58.33 -20.26
C GLU A 23 47.80 58.23 -19.00
N ALA A 24 47.35 58.86 -17.91
CA ALA A 24 48.09 58.88 -16.65
C ALA A 24 48.32 57.48 -16.14
N VAL A 25 47.31 56.62 -16.27
CA VAL A 25 47.38 55.24 -15.82
C VAL A 25 48.45 54.41 -16.54
N GLU A 26 48.77 54.77 -17.78
CA GLU A 26 49.80 54.03 -18.53
C GLU A 26 51.21 54.20 -17.95
N GLU A 27 51.54 55.43 -17.55
CA GLU A 27 52.88 55.74 -17.06
C GLU A 27 52.97 55.92 -15.54
N TYR A 28 52.12 56.78 -15.00
CA TYR A 28 52.18 57.21 -13.61
C TYR A 28 52.03 56.04 -12.63
N GLY A 29 51.19 55.10 -12.98
CA GLY A 29 50.91 53.91 -12.16
C GLY A 29 50.60 52.79 -13.11
N ASP A 30 50.01 51.70 -12.61
CA ASP A 30 49.54 50.65 -13.50
C ASP A 30 48.37 49.89 -12.91
N HIS A 31 47.21 50.53 -12.81
CA HIS A 31 46.00 49.83 -12.39
C HIS A 31 44.79 50.26 -13.22
N GLU A 32 44.15 49.28 -13.84
CA GLU A 32 43.09 49.53 -14.83
C GLU A 32 41.86 50.22 -14.23
N ARG A 33 41.47 49.78 -13.04
CA ARG A 33 40.32 50.34 -12.33
C ARG A 33 40.52 51.80 -11.90
N LYS A 34 41.70 52.09 -11.33
CA LYS A 34 41.96 53.37 -10.65
C LYS A 34 41.68 54.62 -11.47
N ILE A 35 41.45 54.48 -12.78
CA ILE A 35 41.13 55.61 -13.67
C ILE A 35 39.99 56.42 -13.05
N ILE A 36 38.96 55.71 -12.60
CA ILE A 36 37.76 56.36 -12.10
C ILE A 36 38.08 57.12 -10.82
N GLN A 37 38.94 56.54 -9.98
CA GLN A 37 39.38 57.22 -8.75
C GLN A 37 39.95 58.58 -9.10
N ILE A 38 40.99 58.59 -9.94
CA ILE A 38 41.67 59.83 -10.30
C ILE A 38 40.74 60.68 -11.19
N GLY A 39 39.87 60.00 -11.93
CA GLY A 39 38.84 60.63 -12.75
C GLY A 39 38.02 61.66 -12.00
N ILE A 40 37.77 61.39 -10.71
CA ILE A 40 37.13 62.35 -9.83
C ILE A 40 38.11 63.48 -9.55
N HIS A 41 39.21 63.15 -8.87
CA HIS A 41 40.20 64.14 -8.40
C HIS A 41 40.56 65.15 -9.47
N PHE A 42 40.93 64.65 -10.64
CA PHE A 42 41.26 65.49 -11.79
C PHE A 42 40.17 66.52 -12.07
N GLN A 43 38.95 66.04 -12.32
CA GLN A 43 37.82 66.93 -12.61
C GLN A 43 37.57 67.91 -11.47
N VAL A 44 37.63 67.40 -10.25
CA VAL A 44 37.49 68.22 -9.04
C VAL A 44 38.35 69.47 -9.12
N CYS A 45 39.57 69.32 -9.64
CA CYS A 45 40.50 70.44 -9.75
C CYS A 45 40.10 71.45 -10.81
N CYS A 46 39.75 70.98 -12.00
CA CYS A 46 39.52 71.87 -13.15
C CYS A 46 38.43 72.90 -12.90
N MET A 47 37.31 72.43 -12.38
CA MET A 47 36.18 73.29 -12.00
C MET A 47 36.63 74.35 -10.99
N PHE A 48 37.50 73.96 -10.08
CA PHE A 48 38.01 74.84 -9.02
C PHE A 48 38.86 76.00 -9.57
N CYS A 49 39.55 75.77 -10.69
CA CYS A 49 40.59 76.69 -11.15
C CYS A 49 40.40 77.41 -12.49
N ASP A 50 39.25 77.25 -13.16
CA ASP A 50 39.12 77.74 -14.54
C ASP A 50 38.28 79.01 -14.71
N GLU A 51 37.05 78.98 -14.20
CA GLU A 51 36.14 80.13 -14.26
C GLU A 51 36.75 81.40 -13.67
N TYR A 52 37.61 81.21 -12.66
CA TYR A 52 38.26 82.34 -11.97
C TYR A 52 39.50 82.82 -12.71
N LEU A 53 39.62 84.14 -12.79
CA LEU A 53 40.80 84.79 -13.35
C LEU A 53 41.22 85.90 -12.38
N SER A 54 42.50 86.26 -12.41
CA SER A 54 43.04 87.30 -11.54
C SER A 54 42.58 88.68 -12.02
N THR A 55 42.88 89.72 -11.22
CA THR A 55 42.57 91.10 -11.62
C THR A 55 43.34 91.45 -12.88
N ASN A 56 44.58 90.96 -12.95
CA ASN A 56 45.40 91.05 -14.16
C ASN A 56 44.84 90.10 -15.24
N GLY A 57 45.36 90.21 -16.45
CA GLY A 57 44.95 89.37 -17.58
C GLY A 57 45.16 87.87 -17.36
N SER A 58 46.23 87.52 -16.65
CA SER A 58 46.55 86.14 -16.36
C SER A 58 45.48 85.48 -15.47
N ASP A 59 45.33 84.17 -15.65
CA ASP A 59 44.38 83.39 -14.87
C ASP A 59 44.84 83.28 -13.42
N ARG A 60 43.88 83.13 -12.52
CA ARG A 60 44.14 83.12 -11.07
C ARG A 60 44.95 81.90 -10.63
N PHE A 61 44.60 80.73 -11.17
CA PHE A 61 45.27 79.48 -10.82
C PHE A 61 45.93 78.83 -12.03
N VAL A 62 46.88 77.93 -11.75
CA VAL A 62 47.50 77.11 -12.80
C VAL A 62 47.54 75.65 -12.38
N LEU A 63 47.03 74.78 -13.26
CA LEU A 63 46.93 73.33 -12.99
C LEU A 63 48.22 72.59 -13.30
N ILE A 64 48.63 71.73 -12.36
CA ILE A 64 49.88 70.96 -12.45
C ILE A 64 49.66 69.45 -12.44
N GLU A 65 48.54 68.99 -11.89
CA GLU A 65 48.32 67.56 -11.68
C GLU A 65 48.16 66.79 -13.00
N GLY A 66 47.28 67.28 -13.87
CA GLY A 66 46.98 66.59 -15.13
C GLY A 66 48.11 66.46 -16.14
N ARG A 67 49.15 67.27 -15.97
CA ARG A 67 50.28 67.29 -16.89
C ARG A 67 51.18 66.06 -16.76
N LYS A 68 52.13 65.94 -17.68
CA LYS A 68 53.15 64.90 -17.64
C LYS A 68 54.07 65.13 -16.45
N ARG A 69 54.57 64.03 -15.88
CA ARG A 69 55.40 64.08 -14.68
C ARG A 69 56.66 64.95 -14.81
N GLY A 70 57.56 64.55 -15.70
CA GLY A 70 58.83 65.24 -15.92
C GLY A 70 58.68 66.71 -16.26
N THR A 71 57.63 67.04 -17.01
CA THR A 71 57.29 68.44 -17.33
C THR A 71 56.73 69.16 -16.08
N ALA A 72 55.89 68.46 -15.32
CA ALA A 72 55.30 69.01 -14.08
C ALA A 72 56.35 69.43 -13.06
N VAL A 73 57.48 68.72 -13.06
CA VAL A 73 58.61 69.06 -12.20
C VAL A 73 59.15 70.45 -12.55
N SER A 74 59.63 70.59 -13.79
CA SER A 74 60.24 71.86 -14.27
C SER A 74 59.24 73.02 -14.23
N LEU A 75 57.96 72.70 -14.39
CA LEU A 75 56.91 73.72 -14.24
C LEU A 75 56.66 74.07 -12.77
N GLN A 76 56.91 73.14 -11.86
CA GLN A 76 56.85 73.43 -10.43
C GLN A 76 58.07 74.27 -10.02
N ASN A 77 59.16 74.13 -10.76
CA ASN A 77 60.36 74.93 -10.54
C ASN A 77 60.21 76.38 -11.01
N GLU A 78 59.22 76.64 -11.87
CA GLU A 78 58.87 78.01 -12.27
C GLU A 78 58.43 78.88 -11.10
N LEU A 79 57.74 78.27 -10.13
CA LEU A 79 57.26 78.96 -8.93
C LEU A 79 58.40 79.48 -8.06
N CYS A 80 59.50 78.73 -8.04
CA CYS A 80 60.72 79.15 -7.35
C CYS A 80 61.28 80.44 -7.97
N LYS A 81 61.11 80.60 -9.27
CA LYS A 81 61.50 81.82 -9.97
C LYS A 81 60.52 82.96 -9.70
N SER A 82 59.22 82.67 -9.83
CA SER A 82 58.18 83.69 -9.73
C SER A 82 57.99 84.24 -8.32
N TYR A 83 57.90 83.36 -7.33
CA TYR A 83 57.56 83.75 -5.96
C TYR A 83 58.61 83.42 -4.90
N ASP A 84 59.59 82.61 -5.27
CA ASP A 84 60.78 82.39 -4.44
C ASP A 84 60.45 81.68 -3.14
N LEU A 85 59.36 80.91 -3.12
CA LEU A 85 59.01 80.13 -1.95
C LEU A 85 59.75 78.80 -1.97
N GLU A 86 59.92 78.21 -0.78
CA GLU A 86 60.59 76.91 -0.57
C GLU A 86 60.15 75.87 -1.60
N PRO A 87 61.11 75.24 -2.31
CA PRO A 87 60.76 74.19 -3.26
C PRO A 87 60.35 72.90 -2.55
N LEU A 88 59.05 72.64 -2.50
CA LEU A 88 58.52 71.45 -1.80
C LEU A 88 58.86 70.17 -2.54
N PRO A 89 59.18 69.09 -1.79
CA PRO A 89 59.47 67.80 -2.40
C PRO A 89 58.24 67.18 -3.07
N PHE A 90 57.08 67.34 -2.45
CA PHE A 90 55.84 66.72 -2.93
C PHE A 90 55.18 67.59 -4.00
N LEU A 91 54.96 67.02 -5.18
CA LEU A 91 54.31 67.73 -6.29
C LEU A 91 52.83 67.96 -6.01
N CYS A 92 52.47 69.23 -5.84
CA CYS A 92 51.09 69.58 -5.58
C CYS A 92 50.28 69.72 -6.86
N ASP A 93 48.97 69.91 -6.71
CA ASP A 93 48.06 69.89 -7.84
C ASP A 93 47.99 71.24 -8.54
N ILE A 94 47.79 72.31 -7.77
CA ILE A 94 47.49 73.64 -8.32
C ILE A 94 48.21 74.79 -7.59
N PHE A 95 48.57 75.83 -8.35
CA PHE A 95 49.24 77.02 -7.83
C PHE A 95 48.40 78.28 -8.00
N ASP A 96 48.04 78.89 -6.87
CA ASP A 96 47.33 80.17 -6.86
C ASP A 96 48.32 81.29 -7.18
N ARG A 97 47.80 82.35 -7.82
CA ARG A 97 48.58 83.56 -8.12
C ARG A 97 48.11 84.77 -7.32
N GLU A 98 46.82 84.82 -6.99
CA GLU A 98 46.28 85.86 -6.11
C GLU A 98 46.71 85.62 -4.65
N GLU A 99 46.67 84.37 -4.23
CA GLU A 99 47.11 83.96 -2.89
C GLU A 99 48.58 83.58 -2.87
N LYS A 100 49.12 83.27 -4.05
CA LYS A 100 50.55 82.93 -4.21
C LYS A 100 51.01 81.77 -3.33
N GLN A 101 50.15 80.76 -3.15
CA GLN A 101 50.47 79.62 -2.29
C GLN A 101 50.13 78.27 -2.94
N PHE A 102 50.78 77.23 -2.40
CA PHE A 102 50.59 75.87 -2.89
C PHE A 102 49.17 75.40 -2.56
N VAL A 103 48.52 74.75 -3.52
CA VAL A 103 47.16 74.22 -3.33
C VAL A 103 47.12 72.76 -3.74
N GLU A 104 46.58 71.92 -2.86
CA GLU A 104 46.43 70.49 -3.14
C GLU A 104 45.12 69.94 -2.59
N ILE A 105 44.42 69.16 -3.42
CA ILE A 105 43.07 68.70 -3.13
C ILE A 105 43.02 67.21 -2.89
N GLY A 106 42.36 66.82 -1.81
CA GLY A 106 42.12 65.43 -1.48
C GLY A 106 40.63 65.12 -1.37
N ILE A 107 40.25 63.90 -1.74
CA ILE A 107 38.86 63.46 -1.67
C ILE A 107 38.77 62.08 -1.04
N THR A 108 38.05 61.96 0.08
CA THR A 108 37.94 60.69 0.81
C THR A 108 36.50 60.33 1.12
N ARG A 109 36.22 59.03 1.14
CA ARG A 109 34.88 58.51 1.40
C ARG A 109 34.50 58.62 2.88
N LYS A 110 35.45 58.31 3.76
CA LYS A 110 35.17 58.13 5.17
C LYS A 110 35.08 59.50 5.84
N ALA A 111 34.91 59.52 7.17
CA ALA A 111 35.02 60.73 7.98
C ALA A 111 36.35 61.42 7.70
N ASP A 112 36.23 62.70 7.43
CA ASP A 112 37.32 63.53 6.89
C ASP A 112 38.66 63.44 7.65
N ASP A 113 38.59 63.45 8.98
CA ASP A 113 39.78 63.50 9.82
C ASP A 113 40.75 62.41 9.40
N SER A 114 40.22 61.22 9.17
CA SER A 114 41.01 60.03 8.87
C SER A 114 42.04 60.27 7.77
N TYR A 115 41.60 60.93 6.69
CA TYR A 115 42.51 61.21 5.57
C TYR A 115 43.27 62.53 5.70
N PHE A 116 42.62 63.55 6.28
CA PHE A 116 43.27 64.84 6.44
C PHE A 116 44.53 64.71 7.29
N GLN A 117 44.45 63.99 8.41
CA GLN A 117 45.62 63.78 9.27
C GLN A 117 46.79 63.19 8.48
N SER A 118 46.46 62.33 7.51
CA SER A 118 47.46 61.75 6.60
C SER A 118 48.12 62.81 5.73
N LYS A 119 47.33 63.50 4.91
CA LYS A 119 47.90 64.50 3.98
C LYS A 119 48.58 65.67 4.70
N PHE A 120 47.99 66.08 5.82
CA PHE A 120 48.57 67.06 6.73
C PHE A 120 49.90 66.60 7.32
N GLY A 121 50.00 65.34 7.67
CA GLY A 121 51.27 64.73 8.07
C GLY A 121 52.32 64.84 6.97
N LYS A 122 51.88 64.69 5.72
CA LYS A 122 52.76 64.76 4.54
C LYS A 122 53.37 66.14 4.30
N LEU A 123 52.53 67.18 4.30
CA LEU A 123 53.00 68.53 3.94
C LEU A 123 52.82 69.69 4.96
N GLY A 124 52.25 69.42 6.12
CA GLY A 124 52.05 70.45 7.15
C GLY A 124 51.29 71.69 6.69
N ASN A 125 51.68 72.86 7.20
CA ASN A 125 51.06 74.13 6.83
C ASN A 125 51.69 74.77 5.59
N SER A 126 52.68 74.10 5.01
CA SER A 126 53.41 74.62 3.84
C SER A 126 52.51 74.87 2.63
N CYS A 127 51.41 74.13 2.54
CA CYS A 127 50.46 74.27 1.45
C CYS A 127 49.04 74.44 1.95
N LYS A 128 48.20 75.09 1.16
CA LYS A 128 46.75 75.12 1.42
C LYS A 128 46.15 73.79 1.00
N ILE A 129 45.84 72.98 2.01
CA ILE A 129 45.33 71.63 1.79
C ILE A 129 43.83 71.59 2.04
N PHE A 130 43.08 71.22 1.00
CA PHE A 130 41.62 71.15 1.05
C PHE A 130 41.14 69.72 0.82
N VAL A 131 40.46 69.15 1.82
CA VAL A 131 39.98 67.75 1.78
C VAL A 131 38.46 67.67 1.86
N PHE A 132 37.88 67.05 0.84
CA PHE A 132 36.42 66.95 0.72
C PHE A 132 35.94 65.53 0.87
N SER A 133 34.82 65.39 1.56
CA SER A 133 34.08 64.14 1.57
C SER A 133 32.93 64.25 0.60
N TYR A 134 32.56 63.11 0.03
CA TYR A 134 31.46 63.02 -0.92
C TYR A 134 30.13 63.43 -0.27
N ASP A 135 29.98 63.03 1.00
CA ASP A 135 28.74 63.28 1.74
C ASP A 135 28.47 64.74 2.07
N GLY A 136 29.46 65.59 1.93
CA GLY A 136 29.32 66.98 2.32
C GLY A 136 30.06 67.32 3.61
N ARG A 137 30.75 66.32 4.16
CA ARG A 137 31.69 66.56 5.26
C ARG A 137 32.85 67.37 4.71
N LEU A 138 33.29 68.34 5.51
CA LEU A 138 34.33 69.27 5.09
C LEU A 138 35.52 69.32 6.04
N ASP A 139 36.72 69.20 5.48
CA ASP A 139 37.93 69.43 6.26
C ASP A 139 38.91 70.26 5.44
N LYS A 140 39.57 71.19 6.10
CA LYS A 140 40.43 72.14 5.39
C LYS A 140 41.65 72.60 6.18
N ASN A 141 42.54 73.27 5.46
CA ASN A 141 43.57 74.10 6.06
C ASN A 141 42.90 75.39 6.56
N CYS A 142 43.68 76.45 6.73
CA CYS A 142 43.19 77.67 7.38
C CYS A 142 42.05 78.37 6.64
N GLU A 143 42.24 78.64 5.35
CA GLU A 143 41.25 79.40 4.58
C GLU A 143 40.59 78.57 3.50
N GLY A 144 39.27 78.70 3.42
CA GLY A 144 38.48 77.97 2.45
C GLY A 144 38.36 78.72 1.13
N PRO A 145 38.22 77.98 0.01
CA PRO A 145 37.96 78.55 -1.32
C PRO A 145 36.72 79.45 -1.36
N MET A 146 36.53 80.17 -2.46
CA MET A 146 35.46 81.17 -2.54
C MET A 146 34.07 80.52 -2.54
N GLU A 147 33.09 81.22 -1.94
CA GLU A 147 31.75 80.69 -1.61
C GLU A 147 30.96 80.02 -2.73
N GLU A 148 31.26 80.34 -3.99
CA GLU A 148 30.57 79.75 -5.14
C GLU A 148 31.18 78.41 -5.56
N GLN A 149 32.50 78.37 -5.63
CA GLN A 149 33.22 77.16 -6.07
C GLN A 149 33.04 76.01 -5.06
N LYS A 150 32.94 76.34 -3.76
CA LYS A 150 32.58 75.35 -2.74
C LYS A 150 31.27 74.66 -3.12
N LEU A 151 30.28 75.48 -3.39
CA LEU A 151 28.94 75.03 -3.71
C LEU A 151 28.91 74.11 -4.93
N ARG A 152 29.54 74.53 -6.01
CA ARG A 152 29.54 73.76 -7.23
C ARG A 152 30.33 72.43 -7.13
N ILE A 153 31.49 72.45 -6.46
CA ILE A 153 32.29 71.24 -6.28
C ILE A 153 31.56 70.20 -5.42
N PHE A 154 30.97 70.62 -4.30
CA PHE A 154 30.21 69.71 -3.44
C PHE A 154 29.00 69.13 -4.17
N SER A 155 28.33 69.97 -4.92
CA SER A 155 27.22 69.54 -5.79
C SER A 155 27.65 68.43 -6.74
N PHE A 156 28.86 68.53 -7.30
CA PHE A 156 29.36 67.50 -8.20
C PHE A 156 29.69 66.22 -7.45
N LEU A 157 30.40 66.37 -6.33
CA LEU A 157 30.83 65.22 -5.54
C LEU A 157 29.67 64.41 -5.00
N ALA A 158 28.59 65.08 -4.57
CA ALA A 158 27.42 64.36 -4.06
C ALA A 158 26.75 63.51 -5.14
N THR A 159 26.59 64.08 -6.33
CA THR A 159 25.99 63.35 -7.44
C THR A 159 26.84 62.17 -7.87
N ALA A 160 28.14 62.41 -8.00
CA ALA A 160 29.10 61.33 -8.31
C ALA A 160 28.93 60.19 -7.32
N ALA A 161 28.84 60.53 -6.04
CA ALA A 161 28.62 59.56 -4.96
C ALA A 161 27.39 58.70 -5.21
N ASP A 162 26.27 59.34 -5.52
CA ASP A 162 25.06 58.58 -5.80
C ASP A 162 25.23 57.65 -6.99
N PHE A 163 25.95 58.08 -8.03
CA PHE A 163 26.25 57.17 -9.16
C PHE A 163 27.12 55.98 -8.78
N LEU A 164 28.05 56.21 -7.86
CA LEU A 164 28.88 55.13 -7.34
C LEU A 164 28.06 54.13 -6.52
N ARG A 165 27.15 54.62 -5.67
CA ARG A 165 26.27 53.75 -4.86
C ARG A 165 25.31 52.94 -5.73
N LYS A 166 24.80 53.55 -6.79
CA LYS A 166 23.98 52.83 -7.76
C LYS A 166 24.76 51.70 -8.44
N GLU A 167 26.05 51.89 -8.68
CA GLU A 167 26.92 50.81 -9.20
C GLU A 167 27.72 50.06 -8.11
N ASN A 168 27.54 50.51 -6.88
CA ASN A 168 28.06 49.86 -5.69
C ASN A 168 29.57 49.66 -5.72
N MET A 169 30.29 50.73 -6.05
CA MET A 169 31.76 50.73 -6.01
C MET A 169 32.22 51.69 -4.94
N PHE A 170 32.81 51.16 -3.88
CA PHE A 170 33.06 51.96 -2.69
C PHE A 170 34.42 51.68 -2.06
N ASN A 171 34.65 50.45 -1.64
CA ASN A 171 35.90 50.09 -0.96
C ASN A 171 37.10 50.18 -1.88
N GLU A 172 36.85 49.90 -3.15
CA GLU A 172 37.86 50.04 -4.17
C GLU A 172 38.38 51.48 -4.28
N ILE A 173 37.50 52.48 -4.12
CA ILE A 173 37.84 53.89 -4.36
C ILE A 173 38.79 54.58 -3.37
N PHE A 174 38.96 54.01 -2.19
CA PHE A 174 39.75 54.64 -1.12
C PHE A 174 41.16 55.05 -1.54
N LEU A 175 41.70 56.03 -0.82
CA LEU A 175 43.00 56.63 -1.14
C LEU A 175 44.21 55.85 -0.57
N PRO A 176 45.43 56.03 -1.16
CA PRO A 176 46.59 55.13 -1.03
C PRO A 176 46.89 54.56 0.35
N ASP A 177 47.12 55.42 1.32
CA ASP A 177 47.48 54.97 2.66
C ASP A 177 46.40 54.07 3.26
N ASN A 178 45.14 54.32 2.92
CA ASN A 178 44.01 53.58 3.51
C ASN A 178 43.77 52.20 2.88
N GLU A 179 43.48 52.14 1.57
CA GLU A 179 43.11 50.86 0.92
C GLU A 179 43.71 50.55 -0.47
N GLU A 180 44.29 51.54 -1.15
CA GLU A 180 44.92 51.29 -2.46
C GLU A 180 46.06 50.28 -2.34
N THR A 181 46.74 50.32 -1.19
CA THR A 181 47.81 49.38 -0.89
C THR A 181 47.31 47.93 -0.82
N ILE A 182 46.24 47.69 -0.04
CA ILE A 182 45.69 46.32 0.17
C ILE A 182 44.70 45.94 -0.94
N ILE A 183 45.24 45.71 -2.14
CA ILE A 183 44.48 45.28 -3.33
C ILE A 183 44.81 43.83 -3.70
N GLU A 184 45.67 43.21 -2.88
CA GLU A 184 46.13 41.86 -3.09
C GLU A 184 45.04 40.87 -2.70
N MET A 185 45.10 39.69 -3.31
CA MET A 185 44.19 38.58 -3.02
C MET A 185 44.68 37.90 -1.75
N LYS A 186 43.78 37.67 -0.78
CA LYS A 186 44.17 37.08 0.52
C LYS A 186 44.77 35.66 0.37
N LYS A 187 45.89 35.42 1.04
CA LYS A 187 46.66 34.19 0.85
C LYS A 187 46.73 33.33 2.12
N GLY A 188 45.73 32.49 2.31
CA GLY A 188 45.69 31.57 3.45
C GLY A 188 46.61 30.39 3.21
N LYS A 189 47.44 30.09 4.21
CA LYS A 189 48.41 28.99 4.11
C LYS A 189 47.72 27.73 3.63
N THR A 190 46.56 27.45 4.21
CA THR A 190 45.71 26.34 3.77
C THR A 190 45.54 26.32 2.26
N PHE A 191 45.12 27.46 1.74
CA PHE A 191 44.91 27.59 0.31
C PHE A 191 46.21 27.41 -0.47
N LEU A 192 47.23 28.18 -0.08
CA LEU A 192 48.53 28.12 -0.76
C LEU A 192 49.08 26.69 -0.85
N GLU A 193 48.92 25.92 0.22
CA GLU A 193 49.33 24.51 0.23
C GLU A 193 48.49 23.74 -0.76
N LEU A 194 47.17 23.82 -0.61
CA LEU A 194 46.23 23.12 -1.50
C LEU A 194 46.56 23.34 -2.97
N ARG A 195 46.74 24.60 -3.29
CA ARG A 195 47.18 25.03 -4.61
C ARG A 195 48.52 24.38 -5.01
N ASP A 196 49.51 24.51 -4.12
CA ASP A 196 50.88 24.02 -4.36
C ASP A 196 50.99 22.49 -4.48
N GLU A 197 49.90 21.76 -4.23
CA GLU A 197 49.88 20.33 -4.54
C GLU A 197 48.66 19.96 -5.39
N SER A 198 48.04 20.98 -6.01
CA SER A 198 46.93 20.75 -6.94
C SER A 198 47.42 20.70 -8.38
N VAL A 199 48.68 21.08 -8.56
CA VAL A 199 49.26 21.24 -9.88
C VAL A 199 49.49 19.91 -10.59
N PRO A 200 49.27 19.85 -11.91
CA PRO A 200 49.38 18.65 -12.76
C PRO A 200 50.80 18.22 -13.15
N LEU A 201 51.61 19.21 -13.52
CA LEU A 201 52.95 18.96 -14.05
C LEU A 201 53.88 18.32 -13.04
N PRO A 202 55.04 17.81 -13.50
CA PRO A 202 56.05 17.34 -12.55
C PRO A 202 56.43 18.38 -11.51
N PHE A 203 56.36 19.65 -11.92
CA PHE A 203 56.50 20.79 -11.02
C PHE A 203 55.48 20.71 -9.90
N GLN A 204 55.93 20.96 -8.67
CA GLN A 204 55.06 20.90 -7.48
C GLN A 204 54.69 22.29 -7.02
N THR A 205 55.67 23.18 -6.88
CA THR A 205 55.38 24.57 -6.52
C THR A 205 54.55 25.22 -7.62
N TYR A 206 53.58 26.02 -7.20
CA TYR A 206 52.69 26.68 -8.15
C TYR A 206 53.51 27.58 -9.05
N GLU A 207 54.47 28.29 -8.43
CA GLU A 207 55.31 29.24 -9.15
C GLU A 207 55.92 28.68 -10.44
N GLN A 208 56.36 27.43 -10.40
CA GLN A 208 57.00 26.81 -11.56
C GLN A 208 55.99 26.55 -12.66
N MET A 209 54.80 26.12 -12.25
CA MET A 209 53.69 25.96 -13.17
C MET A 209 53.34 27.32 -13.79
N LYS A 210 53.27 28.35 -12.95
CA LYS A 210 53.07 29.73 -13.39
C LYS A 210 54.06 30.12 -14.48
N ASP A 211 55.34 29.89 -14.22
CA ASP A 211 56.39 30.26 -15.18
C ASP A 211 56.20 29.58 -16.53
N TYR A 212 56.00 28.26 -16.50
CA TYR A 212 55.81 27.52 -17.75
C TYR A 212 54.60 28.01 -18.53
N CYS A 213 53.57 28.44 -17.81
CA CYS A 213 52.38 28.98 -18.45
C CYS A 213 52.70 30.33 -19.08
N GLU A 214 53.10 31.29 -18.25
CA GLU A 214 53.36 32.67 -18.69
C GLU A 214 54.41 32.72 -19.80
N LYS A 215 55.46 31.91 -19.67
CA LYS A 215 56.53 31.87 -20.65
C LYS A 215 56.35 30.73 -21.65
N PHE A 216 55.12 30.55 -22.13
CA PHE A 216 54.86 29.46 -23.06
C PHE A 216 54.86 29.91 -24.51
N LYS A 217 55.63 29.20 -25.33
CA LYS A 217 55.62 29.37 -26.78
C LYS A 217 55.76 27.99 -27.44
N GLY A 218 54.64 27.49 -27.97
CA GLY A 218 54.58 26.14 -28.55
C GLY A 218 55.05 26.03 -29.99
N ASN A 219 55.97 25.09 -30.20
CA ASN A 219 56.56 24.78 -31.50
C ASN A 219 55.69 23.84 -32.30
N PRO A 220 56.01 23.70 -33.65
CA PRO A 220 55.13 22.78 -34.39
C PRO A 220 55.54 21.32 -34.26
N ARG A 221 55.31 20.73 -33.09
CA ARG A 221 55.63 19.33 -32.84
C ARG A 221 54.32 18.56 -32.66
N GLU A 222 53.21 19.31 -32.67
CA GLU A 222 51.87 18.75 -32.51
C GLU A 222 51.39 18.08 -33.78
N LEU A 223 52.07 18.34 -34.91
CA LEU A 223 51.83 17.59 -36.15
C LEU A 223 52.28 16.13 -35.96
N ALA A 224 53.51 15.94 -35.48
CA ALA A 224 54.06 14.61 -35.18
C ALA A 224 53.37 13.99 -33.97
N SER A 225 53.04 14.81 -32.97
CA SER A 225 52.27 14.37 -31.80
C SER A 225 50.87 13.88 -32.19
N LYS A 226 50.27 14.53 -33.18
CA LYS A 226 48.97 14.12 -33.72
C LYS A 226 49.01 12.85 -34.59
N VAL A 227 50.06 12.71 -35.39
CA VAL A 227 50.25 11.50 -36.23
C VAL A 227 50.51 10.24 -35.37
N SER A 228 51.34 10.38 -34.32
CA SER A 228 51.59 9.29 -33.35
C SER A 228 50.32 8.97 -32.56
N GLN A 229 49.61 10.03 -32.17
CA GLN A 229 48.32 9.89 -31.54
C GLN A 229 47.35 9.15 -32.45
N MET A 230 47.43 9.43 -33.75
CA MET A 230 46.65 8.75 -34.79
C MET A 230 46.97 7.27 -34.97
N GLN A 231 48.26 6.94 -34.99
CA GLN A 231 48.72 5.54 -35.13
C GLN A 231 48.24 4.73 -33.92
N SER A 232 48.42 5.29 -32.73
CA SER A 232 47.93 4.70 -31.49
C SER A 232 46.40 4.63 -31.48
N ASN A 233 45.77 5.60 -32.14
CA ASN A 233 44.30 5.72 -32.19
C ASN A 233 43.61 4.58 -32.89
N ILE A 234 44.15 4.19 -34.04
CA ILE A 234 43.53 3.23 -34.94
C ILE A 234 42.04 3.57 -35.14
N LYS A 235 41.76 4.88 -35.16
CA LYS A 235 40.39 5.38 -35.23
C LYS A 235 39.66 4.83 -36.44
N LEU A 236 38.39 4.50 -36.27
CA LEU A 236 37.65 3.80 -37.31
C LEU A 236 37.19 4.71 -38.44
N PRO A 237 37.83 4.58 -39.63
CA PRO A 237 37.35 5.28 -40.82
C PRO A 237 36.25 4.46 -41.46
N ILE A 238 35.01 4.79 -41.12
CA ILE A 238 33.88 3.93 -41.45
C ILE A 238 33.15 4.35 -42.72
N LYS A 239 32.54 3.38 -43.39
CA LYS A 239 31.75 3.63 -44.58
C LYS A 239 30.37 3.00 -44.43
N HIS A 240 29.37 3.64 -45.02
CA HIS A 240 28.00 3.16 -44.94
C HIS A 240 27.69 1.95 -45.81
N TYR A 241 28.27 1.91 -47.02
CA TYR A 241 28.03 0.77 -47.94
C TYR A 241 28.46 -0.54 -47.32
N GLU A 242 29.49 -0.46 -46.48
CA GLU A 242 30.12 -1.60 -45.84
C GLU A 242 29.29 -2.15 -44.68
N GLN A 243 28.72 -1.26 -43.89
CA GLN A 243 27.93 -1.68 -42.74
C GLN A 243 26.43 -1.47 -42.99
N ASN A 244 26.06 -1.31 -44.26
CA ASN A 244 24.67 -1.00 -44.66
C ASN A 244 23.60 -1.94 -44.08
N LYS A 245 24.03 -3.14 -43.68
CA LYS A 245 23.15 -4.15 -43.13
C LYS A 245 22.48 -3.74 -41.81
N PHE A 246 23.32 -3.20 -40.91
CA PHE A 246 22.93 -2.86 -39.54
C PHE A 246 22.33 -4.05 -38.80
N ARG A 247 22.70 -5.25 -39.24
CA ARG A 247 22.13 -6.50 -38.73
C ARG A 247 20.62 -6.39 -38.53
N GLN A 248 19.96 -5.75 -39.49
CA GLN A 248 18.55 -5.43 -39.36
C GLN A 248 18.41 -4.72 -38.00
N ILE A 249 17.63 -5.28 -37.07
CA ILE A 249 17.43 -4.69 -35.75
C ILE A 249 17.23 -5.83 -34.79
N ARG A 250 17.93 -5.80 -33.66
CA ARG A 250 17.81 -6.85 -32.65
C ARG A 250 16.56 -6.68 -31.81
N LEU A 251 15.86 -7.78 -31.53
CA LEU A 251 14.59 -7.75 -30.77
C LEU A 251 14.54 -8.87 -29.71
N PRO A 252 13.99 -8.59 -28.50
CA PRO A 252 14.01 -9.58 -27.40
C PRO A 252 13.03 -10.73 -27.54
N LYS A 253 13.44 -11.86 -26.95
CA LYS A 253 12.71 -13.12 -27.02
C LYS A 253 12.28 -13.59 -25.63
N GLY A 254 11.00 -13.93 -25.51
CA GLY A 254 10.40 -14.30 -24.23
C GLY A 254 8.86 -14.30 -24.29
N PRO A 255 8.20 -13.96 -23.16
CA PRO A 255 6.74 -13.80 -23.11
C PRO A 255 6.27 -12.57 -23.87
N MET A 256 5.12 -12.65 -24.53
CA MET A 256 4.59 -11.50 -25.26
C MET A 256 4.28 -10.38 -24.28
N ALA A 257 4.65 -9.16 -24.65
CA ALA A 257 4.45 -8.01 -23.79
C ALA A 257 2.97 -7.80 -23.43
N PRO A 258 2.69 -7.25 -22.24
CA PRO A 258 1.33 -7.05 -21.75
C PRO A 258 0.76 -5.64 -22.00
N TYR A 259 -0.44 -5.41 -21.50
CA TYR A 259 -1.16 -4.14 -21.67
C TYR A 259 -0.77 -3.06 -20.66
N THR A 260 0.33 -2.34 -20.90
CA THR A 260 0.86 -1.37 -19.91
C THR A 260 -0.08 -0.17 -19.62
N HIS A 261 -1.01 0.11 -20.53
CA HIS A 261 -1.92 1.24 -20.36
C HIS A 261 -2.85 1.00 -19.18
N LYS A 262 -2.97 2.02 -18.33
CA LYS A 262 -3.80 1.99 -17.11
C LYS A 262 -5.26 1.63 -17.36
N PHE A 263 -5.71 1.90 -18.57
CA PHE A 263 -7.04 1.53 -19.00
C PHE A 263 -6.99 0.65 -20.23
N LEU A 264 -7.98 -0.22 -20.36
CA LEU A 264 -8.21 -0.97 -21.58
C LEU A 264 -8.98 -0.12 -22.59
N MET A 265 -8.60 -0.24 -23.85
CA MET A 265 -9.20 0.56 -24.91
C MET A 265 -10.18 -0.29 -25.71
N GLU A 266 -9.64 -1.08 -26.63
CA GLU A 266 -10.41 -1.76 -27.65
C GLU A 266 -11.57 -2.57 -27.09
N GLU A 267 -11.26 -3.41 -26.11
CA GLU A 267 -12.24 -4.34 -25.57
C GLU A 267 -13.19 -3.63 -24.61
N ALA A 268 -12.76 -2.49 -24.07
CA ALA A 268 -13.55 -1.77 -23.08
C ALA A 268 -14.98 -1.54 -23.53
N TRP A 269 -15.89 -1.49 -22.57
CA TRP A 269 -17.32 -1.41 -22.83
C TRP A 269 -17.91 -0.14 -22.22
N MET A 270 -18.94 0.40 -22.86
CA MET A 270 -19.58 1.66 -22.45
C MET A 270 -20.99 1.48 -21.89
N PHE A 271 -21.37 2.41 -21.02
CA PHE A 271 -22.73 2.48 -20.44
C PHE A 271 -23.27 3.89 -20.58
N THR A 272 -24.25 4.07 -21.46
CA THR A 272 -24.73 5.40 -21.84
C THR A 272 -25.68 5.98 -20.79
N LYS A 273 -25.57 7.29 -20.60
CA LYS A 273 -26.49 8.06 -19.76
C LYS A 273 -26.63 9.49 -20.28
N ILE A 274 -27.87 9.92 -20.46
CA ILE A 274 -28.18 11.27 -20.97
C ILE A 274 -28.10 12.27 -19.80
N SER A 275 -27.14 13.17 -19.87
CA SER A 275 -26.71 13.92 -18.69
C SER A 275 -27.57 15.11 -18.40
N ASP A 276 -27.72 15.43 -17.11
CA ASP A 276 -28.35 16.68 -16.70
C ASP A 276 -27.26 17.69 -16.47
N PRO A 277 -27.53 18.98 -16.74
CA PRO A 277 -26.47 19.95 -16.49
C PRO A 277 -26.15 20.10 -15.02
N GLU A 278 -27.17 20.00 -14.17
CA GLU A 278 -27.03 20.15 -12.72
C GLU A 278 -26.78 18.85 -11.96
N ARG A 279 -27.24 17.73 -12.51
CA ARG A 279 -26.93 16.44 -11.91
C ARG A 279 -25.51 15.99 -12.20
N SER A 280 -25.16 16.04 -13.49
CA SER A 280 -23.83 15.67 -13.97
C SER A 280 -22.71 16.56 -13.44
N ARG A 281 -23.03 17.84 -13.24
CA ARG A 281 -22.03 18.86 -12.84
C ARG A 281 -21.14 18.39 -11.69
N ALA A 282 -21.74 17.63 -10.76
CA ALA A 282 -20.99 17.05 -9.67
C ALA A 282 -19.89 16.13 -10.21
N GLY A 283 -20.21 15.30 -11.21
CA GLY A 283 -19.24 14.37 -11.83
C GLY A 283 -18.89 13.18 -10.94
N GLU A 284 -19.15 13.37 -9.64
CA GLU A 284 -18.92 12.39 -8.61
C GLU A 284 -20.26 11.74 -8.29
N ILE A 285 -21.34 12.33 -8.81
CA ILE A 285 -22.70 11.86 -8.57
C ILE A 285 -23.17 11.10 -9.81
N LEU A 286 -22.45 11.30 -10.90
CA LEU A 286 -22.71 10.61 -12.14
C LEU A 286 -23.06 9.15 -11.94
N ILE A 287 -22.19 8.44 -11.21
CA ILE A 287 -22.39 7.02 -10.87
C ILE A 287 -23.55 6.80 -9.92
N ASP A 288 -23.74 7.71 -8.98
CA ASP A 288 -24.85 7.57 -8.05
C ASP A 288 -26.15 7.54 -8.82
N PHE A 289 -26.26 8.42 -9.82
CA PHE A 289 -27.42 8.44 -10.71
C PHE A 289 -27.40 7.24 -11.69
N PHE A 290 -26.20 6.74 -12.02
CA PHE A 290 -26.08 5.51 -12.81
C PHE A 290 -26.67 4.28 -12.11
N LYS A 291 -26.41 4.17 -10.80
CA LYS A 291 -26.80 3.01 -9.98
C LYS A 291 -28.31 2.81 -9.92
N LYS A 292 -29.08 3.90 -9.96
CA LYS A 292 -30.54 3.82 -10.10
C LYS A 292 -30.95 3.07 -11.38
N GLY A 293 -30.05 3.05 -12.36
CA GLY A 293 -30.21 2.24 -13.57
C GLY A 293 -29.92 0.77 -13.33
N ASN A 294 -29.52 0.10 -14.41
CA ASN A 294 -29.27 -1.34 -14.38
C ASN A 294 -28.00 -1.78 -13.64
N LEU A 295 -27.03 -0.86 -13.48
CA LEU A 295 -25.69 -1.18 -12.96
C LEU A 295 -25.71 -2.02 -11.68
N SER A 296 -26.61 -1.66 -10.75
CA SER A 296 -26.75 -2.34 -9.46
C SER A 296 -26.90 -3.87 -9.57
N ALA A 297 -27.52 -4.32 -10.65
CA ALA A 297 -27.79 -5.74 -10.88
C ALA A 297 -26.53 -6.59 -11.02
N ILE A 298 -25.49 -6.02 -11.63
CA ILE A 298 -24.33 -6.82 -12.02
C ILE A 298 -23.48 -7.30 -10.83
N ARG A 299 -23.28 -8.61 -10.78
CA ARG A 299 -22.46 -9.25 -9.74
C ARG A 299 -21.70 -10.40 -10.35
N PRO A 300 -20.41 -10.56 -10.02
CA PRO A 300 -19.62 -11.65 -10.59
C PRO A 300 -19.58 -12.87 -9.69
N LYS A 301 -19.28 -14.02 -10.30
CA LYS A 301 -19.12 -15.29 -9.58
C LYS A 301 -17.75 -15.35 -8.89
N ASP A 302 -17.67 -16.18 -7.85
CA ASP A 302 -16.42 -16.35 -7.12
C ASP A 302 -15.33 -16.94 -7.99
N LYS A 303 -15.72 -17.72 -9.00
CA LYS A 303 -14.81 -18.48 -9.84
C LYS A 303 -14.48 -17.77 -11.15
N PRO A 304 -13.30 -17.15 -11.23
CA PRO A 304 -12.90 -16.27 -12.32
C PRO A 304 -11.92 -16.86 -13.32
N LEU A 305 -12.10 -16.51 -14.58
CA LEU A 305 -11.10 -16.80 -15.61
C LEU A 305 -9.82 -16.00 -15.38
N GLN A 306 -8.68 -16.66 -15.47
CA GLN A 306 -7.39 -15.97 -15.57
C GLN A 306 -7.13 -14.96 -14.43
N GLY A 307 -7.62 -15.29 -13.25
CA GLY A 307 -7.59 -14.35 -12.13
C GLY A 307 -6.48 -14.64 -11.16
N LYS A 308 -5.80 -13.59 -10.70
CA LYS A 308 -4.69 -13.74 -9.75
C LYS A 308 -5.10 -13.64 -8.26
N TYR A 309 -6.04 -12.76 -7.91
CA TYR A 309 -6.48 -12.68 -6.50
C TYR A 309 -7.98 -12.51 -6.37
N PRO A 310 -8.75 -13.48 -6.85
CA PRO A 310 -10.21 -13.36 -7.02
C PRO A 310 -10.97 -12.77 -5.85
N ILE A 311 -10.86 -13.44 -4.71
CA ILE A 311 -11.73 -13.14 -3.59
C ILE A 311 -11.57 -11.69 -3.14
N HIS A 312 -10.32 -11.22 -3.07
CA HIS A 312 -10.08 -9.82 -2.69
C HIS A 312 -10.85 -8.88 -3.57
N TYR A 313 -10.62 -8.97 -4.88
CA TYR A 313 -11.30 -8.10 -5.84
C TYR A 313 -12.82 -8.22 -5.77
N LYS A 314 -13.33 -9.42 -5.55
CA LYS A 314 -14.77 -9.64 -5.45
C LYS A 314 -15.36 -8.90 -4.25
N ASN A 315 -14.75 -9.11 -3.10
CA ASN A 315 -15.13 -8.39 -1.89
C ASN A 315 -15.15 -6.88 -2.13
N LEU A 316 -14.03 -6.36 -2.62
CA LEU A 316 -13.92 -4.93 -2.87
C LEU A 316 -15.05 -4.43 -3.75
N TRP A 317 -15.34 -5.15 -4.83
CA TRP A 317 -16.45 -4.81 -5.72
C TRP A 317 -17.73 -4.62 -4.92
N ASN A 318 -18.00 -5.58 -4.04
CA ASN A 318 -19.14 -5.44 -3.14
C ASN A 318 -19.06 -4.19 -2.25
N GLN A 319 -17.85 -3.87 -1.79
CA GLN A 319 -17.63 -2.69 -0.94
C GLN A 319 -17.87 -1.38 -1.70
N ILE A 320 -17.52 -1.37 -2.98
CA ILE A 320 -17.82 -0.25 -3.86
C ILE A 320 -19.33 -0.11 -3.99
N LYS A 321 -19.98 -1.18 -4.39
CA LYS A 321 -21.41 -1.17 -4.66
C LYS A 321 -22.20 -0.71 -3.45
N ALA A 322 -21.82 -1.24 -2.29
CA ALA A 322 -22.42 -0.84 -1.03
C ALA A 322 -22.16 0.65 -0.71
N ALA A 323 -20.92 1.09 -0.93
CA ALA A 323 -20.55 2.49 -0.70
C ALA A 323 -21.42 3.43 -1.53
N ILE A 324 -21.51 3.14 -2.82
CA ILE A 324 -22.28 3.94 -3.77
C ILE A 324 -23.66 4.29 -3.25
N ALA A 325 -24.35 3.30 -2.67
CA ALA A 325 -25.66 3.54 -2.09
C ALA A 325 -25.61 4.66 -1.05
N ASP A 326 -24.74 4.51 -0.05
CA ASP A 326 -24.59 5.53 0.99
C ASP A 326 -23.77 6.76 0.51
N ARG A 327 -22.49 6.55 0.22
CA ARG A 327 -21.58 7.61 -0.16
C ARG A 327 -20.34 7.02 -0.81
N THR A 328 -19.80 7.72 -1.79
CA THR A 328 -18.72 7.17 -2.63
C THR A 328 -17.36 7.18 -1.91
N MET A 329 -17.32 6.51 -0.76
CA MET A 329 -16.12 6.35 0.02
C MET A 329 -16.16 4.97 0.62
N VAL A 330 -15.00 4.34 0.77
CA VAL A 330 -14.92 2.99 1.29
C VAL A 330 -14.54 3.05 2.76
N ILE A 331 -15.46 2.63 3.63
CA ILE A 331 -15.30 2.75 5.08
C ILE A 331 -14.45 1.57 5.55
N ASN A 332 -13.16 1.64 5.28
CA ASN A 332 -12.21 0.61 5.68
C ASN A 332 -10.92 1.19 6.22
N GLU A 333 -10.52 0.68 7.37
CA GLU A 333 -9.26 1.03 8.01
C GLU A 333 -8.20 -0.05 7.73
N ASN A 334 -8.62 -1.32 7.79
CA ASN A 334 -7.71 -2.46 7.70
C ASN A 334 -7.65 -3.11 6.30
N ASP A 335 -8.79 -3.24 5.64
CA ASP A 335 -8.81 -3.81 4.30
C ASP A 335 -8.01 -2.96 3.32
N HIS A 336 -8.03 -1.65 3.58
CA HIS A 336 -7.24 -0.63 2.84
C HIS A 336 -5.73 -0.96 2.83
N SER A 337 -5.20 -1.31 4.01
CA SER A 337 -3.78 -1.62 4.19
C SER A 337 -3.32 -2.83 3.37
N GLU A 338 -4.08 -3.92 3.46
CA GLU A 338 -3.82 -5.13 2.65
C GLU A 338 -3.88 -4.80 1.18
N PHE A 339 -4.97 -4.16 0.79
CA PHE A 339 -5.25 -3.91 -0.61
C PHE A 339 -4.14 -3.08 -1.25
N LEU A 340 -3.60 -2.15 -0.47
CA LEU A 340 -2.35 -1.45 -0.79
C LEU A 340 -1.18 -2.42 -0.94
N GLY A 341 -1.06 -3.34 0.01
CA GLY A 341 0.02 -4.35 0.03
C GLY A 341 0.10 -5.31 -1.16
N GLY A 342 -1.06 -5.80 -1.61
CA GLY A 342 -1.13 -6.81 -2.68
C GLY A 342 -0.59 -6.37 -4.02
N ARG A 345 4.16 -4.59 -0.16
CA ARG A 345 3.91 -4.66 1.29
C ARG A 345 5.02 -4.01 2.10
N ALA A 346 4.71 -3.73 3.36
CA ALA A 346 5.62 -3.02 4.27
C ALA A 346 6.77 -3.91 4.71
N SER A 347 7.86 -3.27 5.13
CA SER A 347 9.07 -3.96 5.56
C SER A 347 9.61 -3.30 6.81
N LYS A 348 9.55 -4.01 7.93
CA LYS A 348 9.94 -3.43 9.21
C LYS A 348 11.46 -3.22 9.30
N LYS A 349 11.86 -2.11 9.91
CA LYS A 349 13.22 -1.63 9.85
C LYS A 349 14.03 -1.94 11.10
N ILE A 350 15.34 -2.02 10.91
CA ILE A 350 16.29 -2.38 11.97
C ILE A 350 17.50 -1.42 12.03
N PRO A 351 17.78 -0.87 13.24
CA PRO A 351 18.94 0.01 13.46
C PRO A 351 20.27 -0.70 13.24
N GLU A 352 21.22 -0.02 12.61
CA GLU A 352 22.54 -0.59 12.38
C GLU A 352 23.23 -0.86 13.71
N ILE A 353 23.06 0.07 14.64
CA ILE A 353 23.71 0.02 15.95
C ILE A 353 23.48 -1.32 16.66
N SER A 354 22.22 -1.71 16.77
CA SER A 354 21.86 -3.01 17.35
C SER A 354 22.15 -4.16 16.38
N LEU A 355 22.23 -3.83 15.09
CA LEU A 355 22.44 -4.84 14.05
C LEU A 355 23.81 -5.53 14.11
N THR A 356 24.83 -4.83 14.61
CA THR A 356 26.24 -5.36 14.67
C THR A 356 26.33 -6.73 15.35
N GLN A 357 25.52 -6.93 16.37
CA GLN A 357 25.45 -8.20 17.08
C GLN A 357 24.83 -9.31 16.20
N ASP A 358 23.77 -8.98 15.47
CA ASP A 358 23.11 -9.93 14.57
C ASP A 358 23.92 -10.25 13.29
N VAL A 359 24.90 -9.40 12.98
CA VAL A 359 25.91 -9.75 11.98
C VAL A 359 26.88 -10.74 12.59
N ILE A 360 27.32 -10.44 13.81
CA ILE A 360 28.17 -11.35 14.56
C ILE A 360 27.36 -12.63 14.79
N THR A 361 26.06 -12.49 15.08
CA THR A 361 25.15 -13.64 15.25
C THR A 361 24.05 -13.63 14.16
N THR A 362 24.40 -14.13 12.96
CA THR A 362 23.54 -14.03 11.76
C THR A 362 22.21 -14.75 11.91
N GLU A 363 21.14 -13.98 11.91
CA GLU A 363 19.82 -14.49 12.11
C GLU A 363 18.88 -13.66 11.26
N GLY A 364 17.73 -14.23 10.93
CA GLY A 364 16.84 -13.61 9.99
C GLY A 364 17.43 -13.66 8.59
N LEU A 365 18.51 -14.43 8.41
CA LEU A 365 19.15 -14.68 7.10
C LEU A 365 19.46 -13.37 6.36
N LYS A 366 20.41 -12.62 6.92
CA LYS A 366 20.77 -11.29 6.38
C LYS A 366 21.52 -11.33 5.06
N GLN A 367 21.04 -10.55 4.09
CA GLN A 367 21.64 -10.47 2.76
C GLN A 367 21.23 -9.16 2.08
N SER A 368 21.79 -8.89 0.91
CA SER A 368 21.38 -7.75 0.08
C SER A 368 21.27 -8.08 -1.42
N GLU A 369 20.12 -7.80 -2.02
CA GLU A 369 19.93 -7.99 -3.47
C GLU A 369 19.02 -6.90 -4.06
N ASN A 370 19.22 -6.63 -5.34
CA ASN A 370 18.34 -5.79 -6.15
C ASN A 370 17.82 -6.60 -7.35
N LYS A 371 16.68 -6.18 -7.89
CA LYS A 371 16.05 -6.92 -8.98
C LYS A 371 15.94 -6.10 -10.26
N LEU A 372 15.74 -6.81 -11.37
CA LEU A 372 15.63 -6.21 -12.70
C LEU A 372 14.32 -6.61 -13.38
N PRO A 373 13.90 -5.88 -14.43
CA PRO A 373 12.66 -6.28 -15.06
C PRO A 373 12.90 -7.34 -16.12
N GLU A 374 11.94 -8.27 -16.23
CA GLU A 374 12.03 -9.38 -17.17
C GLU A 374 11.67 -8.95 -18.58
N PRO A 375 12.56 -9.22 -19.57
CA PRO A 375 12.29 -8.83 -20.94
C PRO A 375 11.09 -9.55 -21.55
N ARG A 376 10.40 -8.85 -22.43
CA ARG A 376 9.24 -9.40 -23.15
C ARG A 376 9.47 -9.35 -24.67
N SER A 377 8.58 -9.99 -25.41
CA SER A 377 8.66 -10.05 -26.88
C SER A 377 7.56 -9.22 -27.53
N PHE A 378 7.76 -8.99 -28.83
CA PHE A 378 6.91 -8.12 -29.63
C PHE A 378 5.44 -8.53 -29.56
N PRO A 379 4.56 -7.56 -29.26
CA PRO A 379 3.11 -7.82 -29.15
C PRO A 379 2.41 -7.97 -30.49
N ARG A 380 1.32 -8.71 -30.49
CA ARG A 380 0.53 -8.92 -31.70
C ARG A 380 -0.73 -8.08 -31.66
N TRP A 381 -1.37 -8.07 -30.50
CA TRP A 381 -2.57 -7.27 -30.26
C TRP A 381 -2.46 -5.79 -30.56
N PHE A 382 -1.26 -5.25 -30.45
CA PHE A 382 -1.00 -3.83 -30.64
C PHE A 382 -1.57 -3.34 -31.98
N ASN A 383 -1.23 -4.02 -33.07
CA ASN A 383 -1.76 -3.69 -34.40
C ASN A 383 -3.29 -3.54 -34.39
N ALA A 384 -3.97 -4.48 -33.76
CA ALA A 384 -5.43 -4.46 -33.69
C ALA A 384 -5.93 -3.27 -32.88
N GLU A 385 -5.22 -2.96 -31.81
CA GLU A 385 -5.55 -1.78 -31.01
C GLU A 385 -5.47 -0.48 -31.81
N TRP A 386 -4.39 -0.35 -32.58
CA TRP A 386 -4.16 0.81 -33.45
C TRP A 386 -5.28 0.88 -34.50
N MET A 387 -5.53 -0.23 -35.19
CA MET A 387 -6.62 -0.32 -36.17
C MET A 387 -7.99 0.02 -35.58
N TRP A 388 -8.20 -0.28 -34.30
CA TRP A 388 -9.46 0.07 -33.66
C TRP A 388 -9.53 1.55 -33.28
N ALA A 389 -8.45 2.09 -32.75
CA ALA A 389 -8.37 3.53 -32.37
C ALA A 389 -8.49 4.45 -33.58
N ILE A 390 -8.09 3.95 -34.75
CA ILE A 390 -8.05 4.71 -35.98
C ILE A 390 -9.44 4.98 -36.49
N LYS A 391 -10.32 3.97 -36.39
CA LYS A 391 -11.64 4.10 -37.00
C LYS A 391 -12.56 4.97 -36.16
N ASP A 392 -13.51 5.58 -36.82
CA ASP A 392 -14.45 6.48 -36.16
C ASP A 392 -15.44 5.71 -35.29
N SER A 393 -15.67 6.23 -34.09
CA SER A 393 -16.72 5.72 -33.19
C SER A 393 -18.07 6.37 -33.54
N ASP A 394 -19.16 5.72 -33.13
CA ASP A 394 -20.53 6.23 -33.38
C ASP A 394 -20.82 7.50 -32.62
N LEU A 395 -20.29 7.58 -31.41
CA LEU A 395 -20.34 8.83 -30.66
C LEU A 395 -19.40 9.87 -31.29
N THR A 396 -19.85 11.12 -31.24
CA THR A 396 -19.28 12.18 -32.07
C THR A 396 -18.01 12.83 -31.53
N GLY A 397 -18.04 13.25 -30.27
CA GLY A 397 -16.92 14.00 -29.75
C GLY A 397 -16.77 13.86 -28.25
N TRP A 398 -15.50 13.84 -27.82
CA TRP A 398 -15.13 13.44 -26.47
C TRP A 398 -14.35 14.52 -25.77
N VAL A 399 -13.30 15.00 -26.42
CA VAL A 399 -12.42 16.00 -25.83
C VAL A 399 -13.14 17.35 -25.82
N PRO A 400 -13.35 17.93 -24.61
CA PRO A 400 -13.99 19.25 -24.52
C PRO A 400 -13.10 20.34 -25.14
N MET A 401 -13.51 20.84 -26.30
CA MET A 401 -12.81 21.94 -26.95
C MET A 401 -13.60 23.22 -26.86
N ALA A 402 -12.89 24.33 -26.66
CA ALA A 402 -13.56 25.61 -26.45
C ALA A 402 -14.13 26.19 -27.75
N GLU A 403 -14.73 27.37 -27.62
CA GLU A 403 -15.32 28.07 -28.74
C GLU A 403 -14.25 28.63 -29.64
N TYR A 404 -14.66 29.15 -30.79
CA TYR A 404 -13.76 29.76 -31.74
C TYR A 404 -13.80 31.29 -31.63
N PRO A 405 -12.68 31.97 -31.91
CA PRO A 405 -12.65 33.43 -31.79
C PRO A 405 -13.14 34.16 -33.05
N PRO A 406 -13.65 35.41 -32.90
CA PRO A 406 -14.03 36.26 -34.04
C PRO A 406 -12.97 36.29 -35.16
N ALA A 407 -13.44 36.44 -36.38
CA ALA A 407 -12.60 36.22 -37.53
C ALA A 407 -12.50 37.44 -38.46
N ASP A 408 -11.27 37.74 -38.89
CA ASP A 408 -11.04 38.60 -40.03
C ASP A 408 -10.79 37.72 -41.22
N ASN A 409 -11.09 38.25 -42.38
CA ASN A 409 -10.98 37.51 -43.63
C ASN A 409 -9.64 36.77 -43.86
N GLU A 410 -8.56 37.48 -43.61
CA GLU A 410 -7.23 37.09 -44.07
C GLU A 410 -6.74 35.77 -43.52
N LEU A 411 -6.56 35.74 -42.22
CA LEU A 411 -5.83 34.66 -41.61
C LEU A 411 -6.77 33.80 -40.83
N GLU A 412 -7.61 34.46 -40.05
CA GLU A 412 -8.57 33.79 -39.18
C GLU A 412 -9.47 32.85 -39.96
N ASP A 413 -9.92 33.25 -41.15
CA ASP A 413 -10.79 32.37 -41.93
C ASP A 413 -10.10 31.03 -42.14
N TYR A 414 -8.80 31.09 -42.42
CA TYR A 414 -7.99 29.90 -42.68
C TYR A 414 -7.81 29.04 -41.46
N ALA A 415 -7.31 29.67 -40.41
CA ALA A 415 -7.08 28.97 -39.16
C ALA A 415 -8.38 28.33 -38.71
N GLU A 416 -9.41 29.16 -38.52
CA GLU A 416 -10.73 28.69 -38.08
C GLU A 416 -11.24 27.53 -38.95
N HIS A 417 -11.08 27.63 -40.26
CA HIS A 417 -11.55 26.54 -41.14
C HIS A 417 -10.77 25.25 -40.90
N LEU A 418 -9.45 25.37 -40.93
CA LEU A 418 -8.56 24.21 -40.75
C LEU A 418 -8.83 23.50 -39.43
N ASN A 419 -8.96 24.27 -38.37
CA ASN A 419 -9.26 23.74 -37.04
C ASN A 419 -10.59 23.02 -36.97
N LYS A 420 -11.66 23.70 -37.39
CA LYS A 420 -13.01 23.10 -37.45
C LYS A 420 -13.03 21.77 -38.20
N THR A 421 -12.30 21.70 -39.31
CA THR A 421 -12.23 20.47 -40.11
C THR A 421 -11.47 19.35 -39.40
N MET A 422 -10.27 19.66 -38.94
CA MET A 422 -9.40 18.69 -38.25
C MET A 422 -10.05 18.16 -36.97
N GLU A 423 -10.48 19.06 -36.09
CA GLU A 423 -11.30 18.71 -34.91
C GLU A 423 -12.47 17.82 -35.30
N GLY A 424 -13.14 18.17 -36.38
CA GLY A 424 -14.26 17.38 -36.89
C GLY A 424 -13.91 15.92 -37.18
N VAL A 425 -12.75 15.72 -37.82
CA VAL A 425 -12.26 14.39 -38.15
C VAL A 425 -11.89 13.64 -36.87
N LEU A 426 -11.04 14.26 -36.05
CA LEU A 426 -10.42 13.59 -34.89
C LEU A 426 -11.31 13.43 -33.67
N GLN A 427 -12.39 14.17 -33.59
CA GLN A 427 -13.34 13.99 -32.48
C GLN A 427 -14.18 12.73 -32.60
N GLY A 428 -14.41 12.29 -33.82
CA GLY A 428 -15.20 11.09 -34.07
C GLY A 428 -14.49 9.79 -33.73
N THR A 429 -13.16 9.84 -33.71
CA THR A 429 -12.33 8.64 -33.55
C THR A 429 -12.38 8.07 -32.12
N ASN A 430 -12.06 6.78 -32.02
CA ASN A 430 -12.01 6.09 -30.74
C ASN A 430 -10.79 6.52 -29.95
N CYS A 431 -9.71 6.84 -30.67
CA CYS A 431 -8.52 7.36 -30.04
C CYS A 431 -8.88 8.55 -29.16
N ALA A 432 -9.68 9.44 -29.72
CA ALA A 432 -10.24 10.57 -29.00
C ALA A 432 -11.07 10.17 -27.80
N ARG A 433 -11.82 9.10 -27.95
CA ARG A 433 -12.61 8.58 -26.84
C ARG A 433 -11.71 8.37 -25.65
N GLU A 434 -10.66 7.58 -25.87
CA GLU A 434 -9.74 7.23 -24.79
C GLU A 434 -9.05 8.47 -24.24
N MET A 435 -8.74 9.43 -25.11
CA MET A 435 -8.19 10.71 -24.66
C MET A 435 -9.17 11.32 -23.64
N GLY A 436 -10.45 11.32 -24.00
CA GLY A 436 -11.49 11.91 -23.17
C GLY A 436 -11.59 11.30 -21.79
N LYS A 437 -11.78 9.99 -21.75
CA LYS A 437 -11.90 9.28 -20.47
C LYS A 437 -10.67 9.50 -19.61
N CYS A 438 -9.49 9.48 -20.24
CA CYS A 438 -8.23 9.75 -19.55
C CYS A 438 -8.34 11.09 -18.85
N ILE A 439 -8.63 12.12 -19.64
CA ILE A 439 -8.64 13.49 -19.13
C ILE A 439 -9.62 13.63 -18.00
N LEU A 440 -10.87 13.21 -18.23
CA LEU A 440 -11.93 13.37 -17.24
C LEU A 440 -11.69 12.61 -15.94
N THR A 441 -11.26 11.36 -16.07
CA THR A 441 -11.07 10.51 -14.90
C THR A 441 -9.84 10.87 -14.11
N VAL A 442 -8.70 11.00 -14.79
CA VAL A 442 -7.45 11.40 -14.13
C VAL A 442 -7.64 12.77 -13.49
N GLY A 443 -8.47 13.59 -14.11
CA GLY A 443 -8.90 14.83 -13.49
C GLY A 443 -9.65 14.57 -12.20
N ALA A 444 -10.60 13.64 -12.26
CA ALA A 444 -11.38 13.29 -11.08
C ALA A 444 -10.51 12.82 -9.91
N LEU A 445 -9.54 11.96 -10.18
CA LEU A 445 -8.58 11.55 -9.17
C LEU A 445 -7.74 12.72 -8.64
N MET A 446 -7.22 13.53 -9.56
CA MET A 446 -6.41 14.70 -9.22
C MET A 446 -7.13 15.64 -8.24
N THR A 447 -8.45 15.70 -8.36
CA THR A 447 -9.27 16.41 -7.37
C THR A 447 -9.34 15.61 -6.06
N GLU A 448 -9.56 14.30 -6.18
CA GLU A 448 -9.72 13.43 -5.01
C GLU A 448 -8.50 13.34 -4.08
N CYS A 449 -7.32 13.62 -4.63
CA CYS A 449 -6.09 13.64 -3.83
C CYS A 449 -6.04 14.85 -2.90
N ARG A 450 -6.60 15.96 -3.33
CA ARG A 450 -6.74 17.13 -2.47
C ARG A 450 -7.94 16.99 -1.54
N LEU A 451 -9.05 16.45 -2.07
CA LEU A 451 -10.31 16.33 -1.31
C LEU A 451 -10.20 15.39 -0.08
N PHE A 452 -9.68 14.18 -0.31
CA PHE A 452 -9.59 13.18 0.76
C PHE A 452 -8.27 12.39 0.69
N PRO A 453 -7.17 13.01 1.16
CA PRO A 453 -5.88 12.34 1.27
C PRO A 453 -5.91 11.34 2.42
N GLY A 454 -5.18 10.24 2.26
CA GLY A 454 -5.18 9.17 3.26
C GLY A 454 -6.55 8.54 3.47
N LYS A 455 -7.38 8.63 2.44
CA LYS A 455 -8.73 8.08 2.47
C LYS A 455 -8.98 7.25 1.22
N ILE A 456 -9.97 6.37 1.32
CA ILE A 456 -10.28 5.46 0.23
C ILE A 456 -11.55 5.96 -0.41
N LYS A 457 -11.48 6.19 -1.73
CA LYS A 457 -12.62 6.75 -2.47
C LYS A 457 -12.94 6.00 -3.76
N VAL A 458 -14.22 6.06 -4.11
CA VAL A 458 -14.73 5.44 -5.33
C VAL A 458 -14.87 6.48 -6.41
N VAL A 459 -14.05 6.35 -7.45
CA VAL A 459 -14.05 7.29 -8.54
C VAL A 459 -14.46 6.56 -9.81
N PRO A 460 -15.39 7.13 -10.58
CA PRO A 460 -15.76 6.52 -11.87
C PRO A 460 -14.78 6.71 -13.01
N ILE A 461 -14.85 5.78 -13.97
CA ILE A 461 -14.10 5.87 -15.21
C ILE A 461 -15.11 6.26 -16.26
N TYR A 462 -15.15 7.53 -16.64
CA TYR A 462 -16.17 8.02 -17.57
C TYR A 462 -15.58 8.89 -18.66
N ALA A 463 -16.36 9.04 -19.73
CA ALA A 463 -16.09 10.01 -20.81
C ALA A 463 -17.40 10.66 -21.25
N ARG A 464 -17.33 11.92 -21.65
CA ARG A 464 -18.52 12.65 -22.06
C ARG A 464 -18.58 12.76 -23.58
N SER A 465 -19.74 12.45 -24.14
CA SER A 465 -19.96 12.68 -25.56
C SER A 465 -21.39 13.03 -25.91
N LYS A 466 -21.48 13.81 -26.98
CA LYS A 466 -22.75 14.18 -27.56
C LYS A 466 -22.83 13.41 -28.86
N GLU A 467 -23.99 12.81 -29.12
CA GLU A 467 -24.23 12.09 -30.38
C GLU A 467 -24.71 13.06 -31.44
N ARG A 468 -24.27 12.87 -32.68
CA ARG A 468 -24.66 13.75 -33.77
C ARG A 468 -25.46 12.97 -34.81
N LYS A 469 -26.61 13.53 -35.17
CA LYS A 469 -27.52 12.93 -36.13
C LYS A 469 -27.76 13.87 -37.31
N SER A 470 -27.35 13.42 -38.51
CA SER A 470 -27.47 14.19 -39.77
C SER A 470 -28.33 13.48 -40.80
N MET A 471 -29.36 12.77 -40.32
CA MET A 471 -30.33 12.10 -41.17
C MET A 471 -31.12 13.08 -42.06
N GLN A 472 -30.94 14.38 -41.84
CA GLN A 472 -31.56 15.48 -42.60
C GLN A 472 -32.99 15.76 -42.13
N GLU A 473 -33.38 15.06 -41.06
CA GLU A 473 -34.68 15.24 -40.43
C GLU A 473 -34.52 16.10 -39.18
N GLY A 474 -35.57 16.83 -38.81
CA GLY A 474 -35.60 17.55 -37.54
C GLY A 474 -35.83 16.58 -36.39
N LEU A 475 -34.74 16.10 -35.79
CA LEU A 475 -34.79 15.14 -34.67
C LEU A 475 -35.09 15.93 -33.41
N PRO A 476 -35.38 15.23 -32.29
CA PRO A 476 -35.54 16.00 -31.05
C PRO A 476 -34.30 16.88 -30.76
N VAL A 477 -33.11 16.28 -30.88
CA VAL A 477 -31.83 16.98 -30.75
C VAL A 477 -30.72 16.00 -31.14
N PRO A 478 -29.51 16.50 -31.39
CA PRO A 478 -28.34 15.64 -31.24
C PRO A 478 -28.21 15.25 -29.77
N SER A 479 -27.98 13.96 -29.48
CA SER A 479 -28.03 13.44 -28.10
C SER A 479 -26.87 13.92 -27.23
N GLU A 480 -27.19 14.57 -26.11
CA GLU A 480 -26.17 15.08 -25.19
C GLU A 480 -26.05 14.17 -23.96
N MET A 481 -24.87 13.59 -23.78
CA MET A 481 -24.69 12.59 -22.74
C MET A 481 -23.27 12.30 -22.28
N ASP A 482 -23.21 11.44 -21.27
CA ASP A 482 -21.96 10.91 -20.76
C ASP A 482 -22.07 9.40 -20.58
N CYS A 483 -21.02 8.68 -20.97
CA CYS A 483 -21.01 7.23 -20.87
C CYS A 483 -19.88 6.77 -19.94
N LEU A 484 -20.10 5.59 -19.33
CA LEU A 484 -19.20 4.99 -18.34
C LEU A 484 -18.46 3.75 -18.85
N PHE A 485 -17.20 3.64 -18.48
CA PHE A 485 -16.34 2.52 -18.86
C PHE A 485 -16.19 1.51 -17.73
N GLY A 486 -16.20 2.02 -16.50
CA GLY A 486 -16.04 1.19 -15.33
C GLY A 486 -15.83 2.03 -14.08
N ILE A 487 -15.54 1.36 -12.96
CA ILE A 487 -15.34 2.03 -11.66
C ILE A 487 -13.88 1.96 -11.26
N CYS A 488 -13.43 2.92 -10.49
CA CYS A 488 -12.04 2.97 -10.10
C CYS A 488 -11.93 3.23 -8.61
N VAL A 489 -10.85 2.76 -7.99
CA VAL A 489 -10.65 2.96 -6.56
C VAL A 489 -9.32 3.61 -6.24
N LYS A 490 -9.40 4.65 -5.43
CA LYS A 490 -8.21 5.39 -5.00
C LYS A 490 -7.68 4.80 -3.72
N SER A 491 -6.36 4.77 -3.59
CA SER A 491 -5.73 4.50 -2.30
C SER A 491 -4.50 5.38 -2.16
N LYS A 492 -4.55 6.29 -1.20
CA LYS A 492 -3.40 7.14 -0.90
C LYS A 492 -2.43 6.33 -0.02
N SER A 493 -1.14 6.39 -0.36
CA SER A 493 -0.10 5.60 0.31
C SER A 493 1.27 6.30 0.30
N HIS A 494 2.30 5.60 0.78
CA HIS A 494 3.70 6.03 0.71
C HIS A 494 3.94 7.35 1.44
N ASP A 499 5.12 12.45 0.47
CA ASP A 499 4.49 12.35 -0.85
C ASP A 499 5.13 11.29 -1.74
N GLY A 500 4.41 10.91 -2.80
CA GLY A 500 4.84 9.85 -3.70
C GLY A 500 3.74 9.33 -4.61
N MET A 501 3.94 8.13 -5.12
CA MET A 501 3.02 7.51 -6.07
C MET A 501 1.78 6.98 -5.39
N TYR A 502 0.62 7.27 -5.97
CA TYR A 502 -0.67 6.74 -5.50
C TYR A 502 -0.85 5.34 -6.04
N THR A 503 -1.60 4.52 -5.30
CA THR A 503 -1.95 3.18 -5.75
C THR A 503 -3.42 3.16 -6.16
N ILE A 504 -3.69 2.60 -7.33
CA ILE A 504 -5.01 2.70 -7.96
C ILE A 504 -5.52 1.34 -8.37
N ILE A 505 -6.84 1.13 -8.29
CA ILE A 505 -7.43 -0.17 -8.64
C ILE A 505 -8.55 -0.10 -9.65
N THR A 506 -8.26 -0.54 -10.87
CA THR A 506 -9.13 -0.33 -12.03
C THR A 506 -10.06 -1.51 -12.25
N PHE A 507 -11.33 -1.20 -12.52
CA PHE A 507 -12.36 -2.17 -12.89
C PHE A 507 -13.09 -1.73 -14.16
N GLU A 508 -12.95 -2.47 -15.23
CA GLU A 508 -13.56 -2.08 -16.50
C GLU A 508 -14.54 -3.14 -17.00
N PHE A 509 -15.67 -2.71 -17.54
CA PHE A 509 -16.59 -3.63 -18.20
C PHE A 509 -16.03 -4.00 -19.58
N SER A 510 -16.35 -5.19 -20.06
CA SER A 510 -16.01 -5.59 -21.43
C SER A 510 -16.94 -6.64 -21.97
N ILE A 511 -17.04 -6.65 -23.28
CA ILE A 511 -17.90 -7.60 -23.95
C ILE A 511 -17.09 -8.69 -24.62
N ARG A 512 -15.76 -8.54 -24.62
CA ARG A 512 -14.89 -9.44 -25.38
C ARG A 512 -14.19 -10.45 -24.47
N GLU A 513 -13.98 -11.64 -25.01
CA GLU A 513 -13.28 -12.71 -24.31
C GLU A 513 -11.84 -12.32 -24.06
N PRO A 514 -11.39 -12.45 -22.83
CA PRO A 514 -10.01 -12.09 -22.47
C PRO A 514 -8.97 -12.98 -23.12
N ASN A 515 -7.80 -12.39 -23.36
CA ASN A 515 -6.63 -13.08 -23.90
C ASN A 515 -5.50 -13.09 -22.88
N LEU A 516 -5.14 -14.30 -22.47
CA LEU A 516 -4.13 -14.49 -21.45
C LEU A 516 -2.79 -13.86 -21.83
N GLU A 517 -2.45 -13.93 -23.11
CA GLU A 517 -1.15 -13.47 -23.58
C GLU A 517 -0.91 -11.98 -23.33
N LYS A 518 -1.93 -11.14 -23.49
CA LYS A 518 -1.78 -9.68 -23.31
C LYS A 518 -2.37 -9.14 -22.03
N HIS A 519 -3.41 -9.79 -21.52
CA HIS A 519 -4.07 -9.35 -20.29
C HIS A 519 -3.50 -10.01 -19.03
N GLN A 520 -2.23 -10.42 -19.07
CA GLN A 520 -1.62 -11.16 -17.96
C GLN A 520 -1.73 -10.43 -16.63
N LYS A 521 -1.55 -9.12 -16.66
CA LYS A 521 -1.66 -8.33 -15.45
C LYS A 521 -3.12 -8.29 -15.00
N TYR A 522 -4.02 -8.27 -15.97
CA TYR A 522 -5.44 -8.24 -15.67
C TYR A 522 -5.98 -9.55 -15.09
N THR A 523 -6.96 -9.41 -14.19
CA THR A 523 -7.71 -10.50 -13.52
C THR A 523 -9.18 -10.42 -13.93
N VAL A 524 -9.64 -11.46 -14.60
CA VAL A 524 -10.90 -11.40 -15.32
C VAL A 524 -11.95 -12.10 -14.48
N PHE A 525 -13.20 -11.69 -14.61
CA PHE A 525 -14.33 -12.40 -14.02
C PHE A 525 -15.39 -12.67 -15.07
N GLU A 526 -16.33 -13.55 -14.73
CA GLU A 526 -17.54 -13.68 -15.53
C GLU A 526 -18.63 -12.91 -14.80
N ALA A 527 -18.95 -11.75 -15.32
CA ALA A 527 -19.84 -10.82 -14.62
C ALA A 527 -21.31 -11.15 -14.84
N GLY A 528 -21.69 -11.41 -16.08
CA GLY A 528 -23.10 -11.62 -16.38
C GLY A 528 -23.46 -11.54 -17.85
N HIS A 529 -24.59 -10.92 -18.17
CA HIS A 529 -25.00 -10.74 -19.56
C HIS A 529 -25.52 -9.30 -19.74
N THR A 530 -25.07 -8.64 -20.80
CA THR A 530 -25.53 -7.29 -21.10
C THR A 530 -26.15 -7.27 -22.48
N THR A 531 -27.15 -6.43 -22.66
CA THR A 531 -27.86 -6.31 -23.92
C THR A 531 -27.12 -5.41 -24.90
N VAL A 532 -26.99 -5.87 -26.15
CA VAL A 532 -26.49 -5.06 -27.27
C VAL A 532 -27.46 -5.25 -28.44
N ARG A 533 -27.73 -4.17 -29.19
CA ARG A 533 -28.74 -4.26 -30.25
C ARG A 533 -28.52 -3.27 -31.40
N MET A 534 -29.22 -3.53 -32.49
CA MET A 534 -29.27 -2.66 -33.66
C MET A 534 -30.42 -3.08 -34.60
N LYS A 535 -30.85 -2.16 -35.46
CA LYS A 535 -31.90 -2.43 -36.45
C LYS A 535 -31.78 -1.48 -37.65
N LYS A 536 -31.93 -2.02 -38.86
CA LYS A 536 -31.87 -1.23 -40.09
C LYS A 536 -33.29 -0.94 -40.61
N ARG A 543 -30.66 -9.63 -28.63
CA ARG A 543 -29.36 -10.27 -28.62
C ARG A 543 -28.50 -9.71 -27.49
N GLU A 544 -28.31 -10.49 -26.42
CA GLU A 544 -27.48 -10.07 -25.29
C GLU A 544 -26.24 -10.95 -25.15
N VAL A 545 -25.08 -10.31 -25.11
CA VAL A 545 -23.79 -11.01 -25.07
C VAL A 545 -23.23 -10.94 -23.64
N PRO A 546 -22.63 -12.05 -23.17
CA PRO A 546 -22.07 -12.09 -21.83
C PRO A 546 -21.03 -11.01 -21.52
N LEU A 547 -21.11 -10.50 -20.31
CA LEU A 547 -20.28 -9.41 -19.83
C LEU A 547 -19.16 -9.92 -18.91
N TYR A 548 -17.94 -9.49 -19.24
CA TYR A 548 -16.71 -9.84 -18.49
C TYR A 548 -16.21 -8.59 -17.78
N LEU A 549 -15.73 -8.77 -16.55
CA LEU A 549 -15.20 -7.67 -15.72
C LEU A 549 -13.67 -7.79 -15.52
N TYR A 550 -12.93 -6.86 -16.13
CA TYR A 550 -11.47 -6.84 -16.06
C TYR A 550 -11.02 -6.04 -14.85
N CYS A 551 -10.15 -6.61 -14.02
CA CYS A 551 -9.66 -5.94 -12.80
C CYS A 551 -8.15 -5.92 -12.71
N ARG A 552 -7.58 -4.85 -12.19
CA ARG A 552 -6.14 -4.78 -11.96
C ARG A 552 -5.76 -3.71 -10.96
N THR A 553 -4.48 -3.66 -10.64
CA THR A 553 -3.94 -2.64 -9.80
C THR A 553 -2.77 -2.01 -10.51
N THR A 554 -2.55 -0.73 -10.27
CA THR A 554 -1.46 0.00 -10.89
C THR A 554 -0.97 1.19 -10.07
N ALA A 555 0.18 1.71 -10.48
CA ALA A 555 0.84 2.78 -9.78
C ALA A 555 0.74 4.08 -10.57
N LEU A 556 0.33 5.16 -9.89
CA LEU A 556 0.25 6.47 -10.53
C LEU A 556 1.09 7.52 -9.81
N SER A 557 2.15 7.97 -10.49
CA SER A 557 2.92 9.10 -10.00
C SER A 557 2.08 10.38 -10.20
N LYS A 558 2.18 11.33 -9.28
CA LYS A 558 1.52 12.65 -9.43
C LYS A 558 1.91 13.32 -10.75
N ILE A 559 3.15 13.10 -11.17
CA ILE A 559 3.66 13.58 -12.43
C ILE A 559 2.85 12.94 -13.55
N LYS A 560 2.72 11.61 -13.52
CA LYS A 560 1.90 10.88 -14.50
C LYS A 560 0.46 11.36 -14.48
N ASN A 561 -0.10 11.60 -13.29
CA ASN A 561 -1.44 12.14 -13.15
C ASN A 561 -1.57 13.44 -13.94
N ASP A 562 -0.56 14.32 -13.80
CA ASP A 562 -0.55 15.64 -14.45
C ASP A 562 -0.47 15.54 -15.98
N TRP A 563 0.58 14.89 -16.48
CA TRP A 563 0.81 14.82 -17.93
C TRP A 563 -0.24 14.02 -18.68
N LEU A 564 -0.78 13.00 -18.03
CA LEU A 564 -1.86 12.20 -18.62
C LEU A 564 -3.18 12.94 -18.59
N SER A 565 -3.35 13.81 -17.60
CA SER A 565 -4.55 14.63 -17.50
C SER A 565 -4.65 15.58 -18.68
N LYS A 566 -3.53 16.20 -19.03
CA LYS A 566 -3.48 17.12 -20.16
C LYS A 566 -3.10 16.38 -21.43
N ALA A 567 -4.02 15.50 -21.87
CA ALA A 567 -3.80 14.69 -23.07
C ALA A 567 -4.09 15.46 -24.33
N ARG A 568 -4.75 16.59 -24.19
CA ARG A 568 -5.16 17.36 -25.34
C ARG A 568 -3.93 17.74 -26.13
N ARG A 569 -2.80 17.88 -25.42
CA ARG A 569 -1.54 18.30 -26.04
C ARG A 569 -1.22 17.54 -27.30
N CYS A 570 -1.59 16.27 -27.34
CA CYS A 570 -1.31 15.41 -28.50
C CYS A 570 -1.86 15.97 -29.81
N PHE A 571 -3.07 16.52 -29.76
CA PHE A 571 -3.67 17.18 -30.92
C PHE A 571 -2.69 18.15 -31.59
N ILE A 572 -2.09 19.00 -30.78
CA ILE A 572 -1.21 20.07 -31.24
C ILE A 572 -0.02 19.55 -32.03
N THR A 573 0.70 18.58 -31.48
CA THR A 573 1.90 18.02 -32.15
C THR A 573 1.56 17.32 -33.47
N THR A 574 0.33 16.83 -33.59
CA THR A 574 -0.19 16.33 -34.85
C THR A 574 -0.38 17.50 -35.79
N MET A 575 -1.17 18.46 -35.31
CA MET A 575 -1.57 19.64 -36.06
C MET A 575 -0.41 20.22 -36.84
N ASP A 576 0.61 20.68 -36.11
CA ASP A 576 1.81 21.26 -36.68
C ASP A 576 2.33 20.33 -37.78
N THR A 577 2.60 19.09 -37.40
CA THR A 577 3.10 18.07 -38.34
C THR A 577 2.23 18.00 -39.59
N VAL A 578 0.92 18.05 -39.42
CA VAL A 578 0.00 18.01 -40.55
C VAL A 578 0.11 19.30 -41.33
N GLU A 579 -0.12 20.40 -40.64
CA GLU A 579 -0.27 21.69 -41.26
C GLU A 579 0.96 21.97 -42.12
N THR A 580 2.16 21.72 -41.58
CA THR A 580 3.41 22.07 -42.26
C THR A 580 3.47 21.52 -43.68
N ILE A 581 3.01 20.27 -43.79
CA ILE A 581 3.01 19.56 -45.05
C ILE A 581 2.21 20.36 -46.09
N CYS A 582 1.05 20.84 -45.68
CA CYS A 582 0.14 21.55 -46.58
C CYS A 582 0.71 22.90 -47.06
N LEU A 583 1.47 23.55 -46.18
CA LEU A 583 2.03 24.85 -46.50
C LEU A 583 3.23 24.65 -47.38
N ARG A 584 4.17 23.83 -46.93
CA ARG A 584 5.34 23.52 -47.74
C ARG A 584 4.96 23.18 -49.17
N GLU A 585 3.92 22.35 -49.33
CA GLU A 585 3.40 21.97 -50.65
C GLU A 585 2.85 23.18 -51.40
N SER A 586 1.85 23.83 -50.80
CA SER A 586 1.17 24.95 -51.42
C SER A 586 2.13 26.12 -51.72
N ALA A 587 3.08 26.34 -50.81
CA ALA A 587 4.09 27.38 -50.95
C ALA A 587 4.90 27.23 -52.23
N LYS A 588 5.07 25.99 -52.71
CA LYS A 588 5.69 25.77 -54.01
C LYS A 588 4.89 26.39 -55.15
N ALA A 589 3.60 26.04 -55.23
CA ALA A 589 2.71 26.52 -56.30
C ALA A 589 2.15 27.91 -56.01
N GLU A 590 2.44 28.43 -54.81
CA GLU A 590 2.04 29.77 -54.40
C GLU A 590 0.51 29.92 -54.46
N GLU A 591 -0.17 28.79 -54.33
CA GLU A 591 -1.62 28.72 -54.45
C GLU A 591 -2.15 28.16 -53.13
N ASN A 592 -3.46 28.33 -52.91
CA ASN A 592 -4.11 27.67 -51.79
C ASN A 592 -4.27 26.20 -52.13
N LEU A 593 -3.31 25.38 -51.70
CA LEU A 593 -3.37 23.95 -51.94
C LEU A 593 -3.67 23.15 -50.67
N VAL A 594 -3.99 23.82 -49.58
CA VAL A 594 -4.29 23.12 -48.34
C VAL A 594 -5.43 22.15 -48.56
N GLU A 595 -6.56 22.68 -48.99
CA GLU A 595 -7.74 21.86 -49.21
C GLU A 595 -7.44 20.74 -50.20
N LYS A 596 -6.75 21.08 -51.28
CA LYS A 596 -6.37 20.10 -52.31
C LYS A 596 -5.39 19.07 -51.76
N THR A 597 -4.34 19.54 -51.08
CA THR A 597 -3.27 18.66 -50.56
C THR A 597 -3.82 17.65 -49.55
N LEU A 598 -4.71 18.09 -48.67
CA LEU A 598 -5.28 17.17 -47.68
C LEU A 598 -5.94 15.97 -48.29
N ASN A 599 -6.65 16.18 -49.40
CA ASN A 599 -7.45 15.13 -50.03
C ASN A 599 -6.68 14.32 -51.08
N GLU A 600 -5.71 14.96 -51.73
CA GLU A 600 -5.00 14.36 -52.85
C GLU A 600 -3.68 13.71 -52.43
N LYS A 601 -2.91 14.39 -51.58
CA LYS A 601 -1.61 13.88 -51.16
C LYS A 601 -1.75 12.56 -50.42
N GLN A 602 -0.98 11.58 -50.88
CA GLN A 602 -1.07 10.21 -50.38
C GLN A 602 0.06 9.87 -49.40
N MET A 603 -0.33 9.37 -48.23
CA MET A 603 0.61 8.95 -47.21
C MET A 603 0.59 7.45 -46.97
N TRP A 604 1.78 6.85 -46.96
CA TRP A 604 1.91 5.42 -46.75
C TRP A 604 1.60 5.05 -45.31
N ILE A 605 0.51 4.31 -45.16
CA ILE A 605 -0.09 4.05 -43.87
C ILE A 605 0.19 2.61 -43.40
N GLY A 606 0.08 1.64 -44.30
CA GLY A 606 0.19 0.22 -43.93
C GLY A 606 0.53 -0.78 -45.03
N LYS A 607 0.50 -2.06 -44.67
CA LYS A 607 0.65 -3.15 -45.62
C LYS A 607 -0.53 -4.11 -45.50
N LYS A 608 -1.12 -4.49 -46.64
CA LYS A 608 -2.15 -5.54 -46.70
C LYS A 608 -1.94 -6.44 -47.91
N ASN A 609 -1.94 -7.76 -47.67
CA ASN A 609 -1.70 -8.79 -48.69
C ASN A 609 -0.32 -8.65 -49.32
N GLY A 610 0.66 -8.25 -48.50
CA GLY A 610 2.03 -8.04 -48.95
C GLY A 610 2.23 -6.81 -49.82
N GLU A 611 1.19 -5.97 -49.92
CA GLU A 611 1.20 -4.77 -50.78
C GLU A 611 1.16 -3.50 -49.94
N LEU A 612 2.05 -2.56 -50.26
CA LEU A 612 2.16 -1.29 -49.54
C LEU A 612 0.91 -0.46 -49.79
N ILE A 613 0.27 -0.03 -48.72
CA ILE A 613 -0.96 0.73 -48.82
C ILE A 613 -0.65 2.19 -48.46
N ALA A 614 -1.51 3.09 -48.94
CA ALA A 614 -1.43 4.49 -48.56
C ALA A 614 -2.85 5.08 -48.50
N GLN A 615 -3.05 6.03 -47.58
CA GLN A 615 -4.34 6.72 -47.41
C GLN A 615 -4.16 8.23 -47.59
N PRO A 616 -5.28 8.93 -47.88
CA PRO A 616 -5.15 10.39 -47.97
C PRO A 616 -4.76 10.99 -46.63
N LEU A 617 -4.12 12.15 -46.67
CA LEU A 617 -3.60 12.80 -45.47
C LEU A 617 -4.65 13.04 -44.38
N ARG A 618 -5.89 13.25 -44.78
CA ARG A 618 -6.98 13.47 -43.83
C ARG A 618 -7.33 12.26 -42.93
N GLU A 619 -7.19 11.06 -43.45
CA GLU A 619 -7.46 9.81 -42.69
C GLU A 619 -6.19 9.18 -42.09
N ALA A 620 -5.07 9.38 -42.78
CA ALA A 620 -3.74 9.06 -42.25
C ALA A 620 -3.30 10.06 -41.19
N LEU A 621 -4.12 11.09 -41.00
CA LEU A 621 -3.99 12.02 -39.88
C LEU A 621 -4.28 11.27 -38.59
N ARG A 622 -5.34 10.48 -38.61
CA ARG A 622 -5.71 9.66 -37.47
C ARG A 622 -4.51 8.89 -36.93
N VAL A 623 -3.70 8.34 -37.84
CA VAL A 623 -2.48 7.58 -37.49
C VAL A 623 -1.48 8.37 -36.65
N GLN A 624 -1.15 9.56 -37.13
CA GLN A 624 -0.25 10.41 -36.37
C GLN A 624 -0.85 10.70 -35.00
N LEU A 625 -2.15 10.99 -34.96
CA LEU A 625 -2.84 11.33 -33.69
C LEU A 625 -2.77 10.18 -32.68
N VAL A 626 -3.12 9.01 -33.17
CA VAL A 626 -3.03 7.82 -32.37
C VAL A 626 -1.59 7.69 -31.91
N GLN A 627 -0.65 7.81 -32.85
CA GLN A 627 0.77 7.66 -32.54
C GLN A 627 1.20 8.59 -31.43
N GLN A 628 0.76 9.84 -31.49
CA GLN A 628 1.06 10.79 -30.43
C GLN A 628 0.35 10.45 -29.12
N PHE A 629 -0.86 9.90 -29.20
CA PHE A 629 -1.59 9.51 -27.99
C PHE A 629 -0.91 8.36 -27.26
N TYR A 630 -0.45 7.39 -28.04
CA TYR A 630 0.33 6.30 -27.50
C TYR A 630 1.63 6.84 -26.89
N PHE A 631 2.30 7.73 -27.60
CA PHE A 631 3.50 8.35 -27.04
C PHE A 631 3.22 8.90 -25.64
N CYS A 632 2.01 9.42 -25.44
CA CYS A 632 1.60 9.97 -24.14
C CYS A 632 1.38 8.89 -23.12
N ILE A 633 0.62 7.88 -23.49
CA ILE A 633 0.32 6.77 -22.59
C ILE A 633 1.55 5.95 -22.25
N TYR A 634 2.19 5.45 -23.29
CA TYR A 634 3.22 4.41 -23.18
C TYR A 634 4.61 4.99 -22.86
N ASN A 635 4.68 6.21 -22.35
CA ASN A 635 5.97 6.85 -22.12
C ASN A 635 6.74 6.23 -20.96
N ASP A 636 7.80 5.51 -21.28
CA ASP A 636 8.75 4.94 -20.31
C ASP A 636 10.14 5.42 -20.66
N SER A 637 11.03 5.49 -19.68
CA SER A 637 12.41 5.90 -19.95
C SER A 637 13.02 5.10 -21.08
N GLN A 638 12.54 3.87 -21.23
CA GLN A 638 12.84 3.02 -22.37
C GLN A 638 12.51 3.71 -23.69
N LEU A 639 11.25 4.12 -23.81
CA LEU A 639 10.79 4.79 -25.02
C LEU A 639 11.65 6.02 -25.32
N GLU A 640 11.90 6.83 -24.29
CA GLU A 640 12.71 8.04 -24.41
C GLU A 640 14.05 7.71 -25.07
N GLY A 641 14.79 6.78 -24.48
CA GLY A 641 16.07 6.36 -25.03
C GLY A 641 15.92 5.85 -26.45
N PHE A 642 14.86 5.08 -26.69
CA PHE A 642 14.58 4.53 -28.01
C PHE A 642 14.58 5.60 -29.10
N CYS A 643 13.73 6.59 -28.94
CA CYS A 643 13.57 7.66 -29.93
C CYS A 643 14.85 8.47 -30.07
N ASN A 644 15.39 8.85 -28.92
CA ASN A 644 16.58 9.70 -28.87
C ASN A 644 17.84 9.04 -29.41
N GLU A 645 17.77 7.73 -29.67
CA GLU A 645 18.83 7.06 -30.43
C GLU A 645 18.36 6.71 -31.85
N GLN A 646 17.06 6.46 -31.99
CA GLN A 646 16.43 6.16 -33.28
C GLN A 646 16.60 7.27 -34.33
N LYS A 647 16.58 8.51 -33.86
CA LYS A 647 16.82 9.66 -34.73
C LYS A 647 18.07 9.45 -35.63
N LYS A 648 19.15 8.91 -35.05
CA LYS A 648 20.39 8.61 -35.82
C LYS A 648 20.14 7.66 -36.97
N ILE A 649 19.26 6.70 -36.73
CA ILE A 649 18.87 5.75 -37.76
C ILE A 649 18.16 6.51 -38.87
N LEU A 650 17.12 7.25 -38.49
CA LEU A 650 16.34 8.01 -39.47
C LEU A 650 17.21 8.93 -40.34
N MET A 651 18.16 9.62 -39.71
CA MET A 651 19.06 10.54 -40.42
C MET A 651 19.98 9.80 -41.40
N ALA A 652 20.52 8.66 -40.98
CA ALA A 652 21.30 7.83 -41.87
C ALA A 652 20.45 7.38 -43.06
N LEU A 653 19.18 7.03 -42.79
CA LEU A 653 18.21 6.61 -43.82
C LEU A 653 18.01 7.64 -44.90
N GLU A 654 17.63 8.85 -44.50
CA GLU A 654 17.41 9.90 -45.50
C GLU A 654 18.74 10.28 -46.15
N GLY A 655 19.83 10.08 -45.42
CA GLY A 655 21.18 10.18 -46.00
C GLY A 655 21.33 9.31 -47.23
N ASP A 656 20.83 8.08 -47.11
CA ASP A 656 20.82 7.14 -48.23
C ASP A 656 19.77 7.46 -49.31
N LYS A 657 18.64 8.05 -48.90
CA LYS A 657 17.56 8.40 -49.84
C LYS A 657 17.99 9.36 -50.92
N LYS A 658 18.54 10.48 -50.49
CA LYS A 658 19.04 11.54 -51.37
C LYS A 658 20.52 11.32 -51.70
N ASN A 659 20.98 10.07 -51.52
CA ASN A 659 22.28 9.58 -51.98
C ASN A 659 23.41 10.45 -51.47
N LYS A 660 23.44 10.65 -50.17
CA LYS A 660 24.41 11.53 -49.57
C LYS A 660 25.62 10.78 -49.02
N SER A 661 25.68 9.48 -49.32
CA SER A 661 26.84 8.63 -49.01
C SER A 661 27.28 8.72 -47.54
N SER A 662 26.34 8.45 -46.64
CA SER A 662 26.55 8.63 -45.21
C SER A 662 27.65 7.73 -44.63
N PHE A 663 27.78 7.77 -43.31
CA PHE A 663 28.64 6.85 -42.56
C PHE A 663 28.31 6.92 -41.08
N GLY A 664 28.36 5.79 -40.39
CA GLY A 664 28.18 5.76 -38.94
C GLY A 664 29.34 5.05 -38.27
N PHE A 665 29.99 5.68 -37.29
CA PHE A 665 31.28 5.19 -36.73
C PHE A 665 31.26 3.83 -36.01
N ASN A 666 30.27 3.59 -35.16
CA ASN A 666 30.18 2.28 -34.50
C ASN A 666 28.75 1.77 -34.41
N PRO A 667 28.18 1.34 -35.55
CA PRO A 667 26.80 0.88 -35.69
C PRO A 667 26.47 -0.26 -34.73
N GLU A 668 27.44 -1.14 -34.47
CA GLU A 668 27.27 -2.20 -33.48
C GLU A 668 26.97 -1.56 -32.13
N GLY A 669 27.74 -0.54 -31.78
CA GLY A 669 27.52 0.20 -30.55
C GLY A 669 26.16 0.89 -30.48
N LEU A 670 25.75 1.51 -31.59
CA LEU A 670 24.45 2.18 -31.69
C LEU A 670 23.32 1.17 -31.50
N LEU A 671 23.34 0.12 -32.31
CA LEU A 671 22.36 -0.97 -32.20
C LEU A 671 22.36 -1.63 -30.83
N GLU A 672 23.50 -1.58 -30.15
CA GLU A 672 23.63 -2.08 -28.78
C GLU A 672 22.90 -1.18 -27.79
N LYS A 673 22.98 0.13 -27.98
CA LYS A 673 22.24 1.06 -27.12
C LYS A 673 20.74 0.95 -27.41
N ILE A 674 20.41 0.77 -28.68
CA ILE A 674 19.02 0.59 -29.12
C ILE A 674 18.45 -0.68 -28.52
N GLU A 675 19.20 -1.75 -28.63
CA GLU A 675 18.84 -3.00 -27.98
C GLU A 675 18.65 -2.78 -26.47
N GLU A 676 19.65 -2.14 -25.85
CA GLU A 676 19.71 -1.91 -24.39
C GLU A 676 18.45 -1.26 -23.82
N CYS A 677 17.90 -0.31 -24.56
CA CYS A 677 16.70 0.40 -24.11
C CYS A 677 15.40 -0.34 -24.41
N LEU A 678 15.48 -1.46 -25.11
CA LEU A 678 14.32 -2.29 -25.38
C LEU A 678 14.12 -3.37 -24.33
N ILE A 679 13.19 -3.15 -23.41
CA ILE A 679 12.90 -4.13 -22.37
C ILE A 679 11.48 -4.66 -22.54
N ASN A 680 10.51 -4.05 -21.88
CA ASN A 680 9.15 -4.62 -21.80
C ASN A 680 8.07 -3.62 -22.13
N ASN A 681 8.33 -2.82 -23.14
CA ASN A 681 7.48 -1.69 -23.48
C ASN A 681 6.79 -1.95 -24.81
N PRO A 682 5.48 -2.18 -24.77
CA PRO A 682 4.75 -2.61 -25.96
C PRO A 682 5.00 -1.68 -27.15
N MET A 683 4.86 -0.39 -26.88
CA MET A 683 5.00 0.62 -27.89
C MET A 683 6.42 0.60 -28.40
N CYS A 684 7.37 0.74 -27.48
CA CYS A 684 8.79 0.76 -27.81
C CYS A 684 9.15 -0.35 -28.79
N LEU A 685 8.76 -1.56 -28.44
CA LEU A 685 9.03 -2.73 -29.26
C LEU A 685 8.26 -2.66 -30.58
N PHE A 686 7.00 -2.24 -30.50
CA PHE A 686 6.18 -2.14 -31.69
C PHE A 686 6.88 -1.30 -32.74
N MET A 687 7.33 -0.13 -32.29
CA MET A 687 8.03 0.81 -33.16
C MET A 687 9.33 0.19 -33.66
N ALA A 688 10.00 -0.59 -32.80
CA ALA A 688 11.18 -1.29 -33.24
C ALA A 688 10.85 -2.15 -34.45
N GLN A 689 9.91 -3.07 -34.29
CA GLN A 689 9.49 -3.99 -35.38
C GLN A 689 9.01 -3.26 -36.63
N ARG A 690 8.34 -2.14 -36.43
CA ARG A 690 7.87 -1.35 -37.56
C ARG A 690 8.98 -0.63 -38.29
N LEU A 691 10.01 -0.22 -37.55
CA LEU A 691 11.23 0.31 -38.15
C LEU A 691 11.96 -0.80 -38.94
N ASN A 692 11.89 -2.05 -38.49
CA ASN A 692 12.42 -3.17 -39.26
C ASN A 692 11.77 -3.20 -40.63
N GLU A 693 10.44 -3.27 -40.64
CA GLU A 693 9.67 -3.30 -41.90
C GLU A 693 9.95 -2.06 -42.79
N LEU A 694 10.18 -0.92 -42.15
CA LEU A 694 10.60 0.28 -42.85
C LEU A 694 11.90 0.01 -43.57
N VAL A 695 12.94 -0.30 -42.79
CA VAL A 695 14.27 -0.60 -43.31
C VAL A 695 14.16 -1.57 -44.49
N ILE A 696 13.29 -2.57 -44.35
CA ILE A 696 13.06 -3.57 -45.39
C ILE A 696 12.54 -2.93 -46.67
N GLU A 697 11.34 -2.36 -46.61
CA GLU A 697 10.69 -1.81 -47.81
C GLU A 697 11.55 -0.76 -48.49
N ALA A 698 12.28 -0.02 -47.65
CA ALA A 698 13.22 1.01 -48.09
C ALA A 698 14.41 0.39 -48.82
N SER A 699 14.95 -0.67 -48.24
CA SER A 699 16.00 -1.44 -48.89
C SER A 699 15.53 -1.91 -50.26
N LYS A 700 14.26 -2.32 -50.34
CA LYS A 700 13.66 -2.73 -51.63
C LYS A 700 13.55 -1.60 -52.66
N ARG A 701 13.19 -0.39 -52.22
CA ARG A 701 13.11 0.72 -53.16
C ARG A 701 14.52 1.07 -53.67
N GLY A 702 15.43 1.37 -52.75
CA GLY A 702 16.81 1.68 -53.08
C GLY A 702 17.72 1.04 -52.06
N ALA A 703 18.77 0.38 -52.53
CA ALA A 703 19.47 -0.58 -51.71
C ALA A 703 20.73 0.02 -51.13
N LYS A 704 20.62 0.43 -49.87
CA LYS A 704 21.76 0.82 -49.04
C LYS A 704 21.48 0.28 -47.63
N PHE A 705 20.81 -0.87 -47.60
CA PHE A 705 20.38 -1.56 -46.38
C PHE A 705 20.41 -3.08 -46.59
N PHE A 706 19.92 -3.85 -45.61
CA PHE A 706 19.85 -5.31 -45.71
C PHE A 706 18.46 -5.89 -45.44
N LYS A 707 18.21 -7.05 -46.04
CA LYS A 707 17.05 -7.88 -45.74
C LYS A 707 17.54 -9.33 -45.55
N THR A 708 17.21 -9.90 -44.39
CA THR A 708 17.72 -11.22 -43.98
C THR A 708 17.44 -12.31 -45.00
N MET B 1 -4.76 -6.22 -41.75
CA MET B 1 -3.64 -5.50 -42.42
C MET B 1 -2.70 -4.87 -41.39
N GLU B 2 -1.48 -4.63 -41.85
CA GLU B 2 -0.38 -4.20 -40.98
C GLU B 2 -0.12 -2.71 -41.07
N ILE B 3 -0.56 -1.96 -40.05
CA ILE B 3 -0.33 -0.52 -40.00
C ILE B 3 1.08 -0.18 -39.54
N ASN B 4 1.85 0.44 -40.42
CA ASN B 4 3.18 0.89 -40.10
C ASN B 4 3.26 2.39 -40.36
N PRO B 5 3.43 3.19 -39.29
CA PRO B 5 3.58 4.64 -39.43
C PRO B 5 4.86 5.05 -40.12
N TYR B 6 5.97 4.39 -39.79
CA TYR B 6 7.27 4.71 -40.39
C TYR B 6 7.29 4.70 -41.93
N LEU B 7 6.35 4.00 -42.55
CA LEU B 7 6.25 3.92 -44.02
C LEU B 7 6.09 5.28 -44.72
N MET B 8 5.54 6.25 -44.01
CA MET B 8 5.41 7.58 -44.58
C MET B 8 6.78 8.24 -44.77
N PHE B 9 7.80 7.80 -44.03
CA PHE B 9 9.17 8.33 -44.18
C PHE B 9 9.81 7.99 -45.52
N LEU B 10 9.19 7.06 -46.25
CA LEU B 10 9.69 6.64 -47.54
C LEU B 10 9.77 7.78 -48.54
N ASN B 11 8.61 8.32 -48.87
CA ASN B 11 8.53 9.35 -49.91
C ASN B 11 9.03 10.71 -49.40
N ASN B 12 8.64 11.09 -48.19
CA ASN B 12 8.95 12.43 -47.67
C ASN B 12 10.32 12.52 -47.03
N ASP B 13 10.77 13.76 -46.91
CA ASP B 13 12.03 14.05 -46.25
C ASP B 13 11.82 13.99 -44.74
N VAL B 14 12.80 13.41 -44.06
CA VAL B 14 12.72 13.16 -42.63
C VAL B 14 12.72 14.44 -41.79
N THR B 15 13.62 15.36 -42.13
CA THR B 15 13.84 16.60 -41.35
C THR B 15 12.56 17.37 -41.06
N SER B 16 11.61 17.33 -42.00
CA SER B 16 10.34 18.01 -41.84
C SER B 16 9.42 17.33 -40.81
N LEU B 17 9.50 16.01 -40.70
CA LEU B 17 8.61 15.23 -39.83
C LEU B 17 9.32 14.63 -38.60
N ILE B 18 10.53 15.10 -38.33
CA ILE B 18 11.35 14.62 -37.22
C ILE B 18 10.71 14.92 -35.88
N SER B 19 9.83 15.92 -35.83
CA SER B 19 9.12 16.28 -34.60
C SER B 19 8.19 15.15 -34.10
N THR B 20 7.88 14.18 -34.98
CA THR B 20 7.03 13.04 -34.62
C THR B 20 7.79 11.83 -34.08
N THR B 21 9.12 11.83 -34.22
CA THR B 21 9.95 10.76 -33.61
C THR B 21 10.05 11.00 -32.11
N TYR B 22 10.33 12.25 -31.73
CA TYR B 22 10.37 12.62 -30.34
C TYR B 22 8.98 12.52 -29.73
N PRO B 23 8.86 11.85 -28.58
CA PRO B 23 7.61 11.71 -27.85
C PRO B 23 7.47 12.73 -26.71
N TYR B 24 7.60 14.01 -27.04
CA TYR B 24 7.51 15.07 -26.04
C TYR B 24 6.10 15.28 -25.48
N THR B 25 5.08 14.73 -26.15
CA THR B 25 3.67 14.85 -25.69
C THR B 25 3.38 14.19 -24.34
N GLY B 26 4.15 13.16 -24.02
CA GLY B 26 4.05 12.47 -22.74
C GLY B 26 4.98 13.00 -21.65
N PRO B 27 4.92 12.37 -20.44
CA PRO B 27 5.78 12.73 -19.30
C PRO B 27 7.23 12.19 -19.38
N PRO B 28 8.15 12.80 -18.61
CA PRO B 28 9.56 12.37 -18.61
C PRO B 28 9.85 11.24 -17.59
N PRO B 29 11.10 10.69 -17.60
CA PRO B 29 11.45 9.64 -16.62
C PRO B 29 11.46 10.11 -15.18
N MET B 30 11.76 9.20 -14.26
CA MET B 30 11.77 9.51 -12.85
C MET B 30 12.70 8.57 -12.09
N SER B 31 13.28 9.07 -11.00
CA SER B 31 14.26 8.33 -10.19
C SER B 31 13.64 7.27 -9.26
N HIS B 32 14.20 6.07 -9.27
CA HIS B 32 13.82 4.98 -8.35
C HIS B 32 15.06 4.27 -7.78
N GLY B 33 15.00 3.95 -6.48
CA GLY B 33 16.08 3.26 -5.79
C GLY B 33 17.14 4.17 -5.17
N SER B 34 18.38 3.67 -5.12
CA SER B 34 19.53 4.42 -4.60
C SER B 34 20.34 5.11 -5.70
N SER B 35 20.70 6.37 -5.47
CA SER B 35 21.57 7.09 -6.38
C SER B 35 23.04 6.80 -6.11
N THR B 36 23.33 5.96 -5.11
CA THR B 36 24.71 5.60 -4.76
C THR B 36 25.39 4.71 -5.81
N LYS B 37 24.62 3.84 -6.45
CA LYS B 37 25.13 2.95 -7.51
C LYS B 37 25.80 3.71 -8.66
N TYR B 38 25.03 4.65 -9.22
CA TYR B 38 25.48 5.50 -10.32
C TYR B 38 26.71 6.29 -9.92
N THR B 39 26.65 6.93 -8.75
CA THR B 39 27.76 7.72 -8.22
C THR B 39 29.07 6.94 -8.23
N LEU B 40 29.06 5.79 -7.55
CA LEU B 40 30.25 4.93 -7.41
C LEU B 40 30.74 4.49 -8.75
N GLU B 41 29.82 3.94 -9.55
CA GLU B 41 30.09 3.51 -10.92
C GLU B 41 30.78 4.61 -11.74
N THR B 42 30.33 5.84 -11.54
CA THR B 42 30.87 7.00 -12.25
C THR B 42 32.26 7.38 -11.75
N ILE B 43 32.49 7.30 -10.44
CA ILE B 43 33.81 7.61 -9.89
C ILE B 43 34.84 6.63 -10.42
N LYS B 44 34.47 5.35 -10.45
CA LYS B 44 35.30 4.31 -11.06
C LYS B 44 35.57 4.62 -12.53
N ARG B 45 34.54 5.08 -13.25
CA ARG B 45 34.70 5.51 -14.64
C ARG B 45 35.64 6.70 -14.79
N THR B 46 35.61 7.61 -13.82
CA THR B 46 36.52 8.76 -13.81
C THR B 46 37.98 8.33 -13.71
N TYR B 47 38.29 7.64 -12.61
CA TYR B 47 39.63 7.16 -12.37
C TYR B 47 40.13 6.26 -13.50
N ASP B 48 39.28 5.35 -13.98
CA ASP B 48 39.61 4.46 -15.12
C ASP B 48 39.93 5.27 -16.38
N TYR B 49 39.03 6.18 -16.75
CA TYR B 49 39.25 7.07 -17.91
C TYR B 49 40.56 7.85 -17.75
N SER B 50 40.88 8.21 -16.50
CA SER B 50 42.15 8.86 -16.17
C SER B 50 43.29 7.87 -16.30
N ARG B 51 43.77 7.69 -17.52
CA ARG B 51 44.67 6.58 -17.82
C ARG B 51 46.04 6.85 -17.24
N THR B 52 46.15 6.71 -15.93
CA THR B 52 47.42 6.94 -15.25
C THR B 52 47.51 6.26 -13.89
N SER B 53 48.57 5.48 -13.71
CA SER B 53 48.81 4.71 -12.48
C SER B 53 49.66 5.51 -11.51
N VAL B 54 50.06 6.70 -11.93
CA VAL B 54 50.84 7.59 -11.09
C VAL B 54 49.98 8.09 -9.95
N GLU B 55 50.48 7.91 -8.74
CA GLU B 55 49.73 8.23 -7.52
C GLU B 55 50.70 8.81 -6.49
N LYS B 56 50.37 9.99 -5.97
CA LYS B 56 51.18 10.59 -4.92
C LYS B 56 50.34 10.93 -3.68
N THR B 57 50.86 10.60 -2.52
CA THR B 57 50.16 10.87 -1.27
C THR B 57 50.15 12.37 -0.99
N SER B 58 48.98 12.90 -0.67
CA SER B 58 48.80 14.32 -0.35
C SER B 58 49.40 14.66 1.01
N LYS B 59 50.01 15.84 1.11
CA LYS B 59 50.67 16.29 2.36
C LYS B 59 49.68 16.69 3.43
N VAL B 60 48.48 17.08 3.02
CA VAL B 60 47.48 17.62 3.93
C VAL B 60 46.34 16.67 4.29
N PHE B 61 46.07 15.70 3.41
CA PHE B 61 44.95 14.79 3.62
C PHE B 61 45.36 13.39 4.08
N ASN B 62 46.65 13.07 3.92
CA ASN B 62 47.17 11.72 4.15
C ASN B 62 46.40 10.73 3.26
N ILE B 63 46.02 11.20 2.06
CA ILE B 63 45.22 10.44 1.12
C ILE B 63 45.89 10.46 -0.23
N PRO B 64 45.97 9.29 -0.90
CA PRO B 64 46.65 9.26 -2.19
C PRO B 64 45.90 10.06 -3.25
N ARG B 65 46.52 11.15 -3.70
CA ARG B 65 45.99 11.92 -4.82
C ARG B 65 46.57 11.35 -6.10
N ARG B 66 45.68 11.09 -7.05
CA ARG B 66 46.11 10.72 -8.39
C ARG B 66 46.05 11.96 -9.30
N LYS B 67 47.19 12.62 -9.46
CA LYS B 67 47.32 13.77 -10.36
C LYS B 67 47.72 13.29 -11.74
N PHE B 68 46.86 13.50 -12.74
CA PHE B 68 47.10 12.91 -14.06
C PHE B 68 46.88 13.84 -15.26
N CYS B 69 47.96 14.53 -15.61
CA CYS B 69 48.07 15.24 -16.87
C CYS B 69 49.49 15.06 -17.42
N ASN B 70 49.60 14.96 -18.74
CA ASN B 70 50.85 14.58 -19.44
C ASN B 70 51.22 13.09 -19.27
N CYS B 71 51.32 12.65 -18.03
CA CYS B 71 51.57 11.23 -17.70
C CYS B 71 50.44 10.33 -18.19
N LEU B 72 50.76 9.45 -19.14
CA LEU B 72 49.76 8.65 -19.84
C LEU B 72 50.08 7.16 -19.84
N GLU B 73 49.31 6.39 -19.07
CA GLU B 73 49.35 4.94 -19.17
C GLU B 73 48.34 4.52 -20.24
N ASP B 74 48.78 4.59 -21.49
CA ASP B 74 47.93 4.26 -22.62
C ASP B 74 47.36 2.85 -22.47
N LYS B 75 46.14 2.68 -22.95
CA LYS B 75 45.55 1.36 -23.02
C LYS B 75 45.36 1.03 -24.50
N ASP B 76 45.25 -0.26 -24.80
CA ASP B 76 45.01 -0.76 -26.17
C ASP B 76 43.73 -0.13 -26.78
N GLU B 77 42.71 0.02 -25.94
CA GLU B 77 41.44 0.65 -26.33
C GLU B 77 41.61 2.17 -26.36
N LEU B 78 42.34 2.68 -27.34
CA LEU B 78 42.55 4.12 -27.48
C LEU B 78 41.25 4.87 -27.81
N VAL B 79 40.46 4.25 -28.68
CA VAL B 79 39.17 4.78 -29.13
C VAL B 79 38.19 5.02 -27.98
N LYS B 80 38.29 4.19 -26.94
CA LYS B 80 37.55 4.35 -25.69
C LYS B 80 37.96 5.67 -25.02
N PRO B 81 36.99 6.39 -24.43
CA PRO B 81 37.19 7.67 -23.77
C PRO B 81 38.46 7.80 -22.94
N THR B 82 39.15 8.94 -23.08
CA THR B 82 40.34 9.26 -22.30
C THR B 82 40.12 10.54 -21.51
N GLY B 83 40.84 10.66 -20.41
CA GLY B 83 40.79 11.86 -19.58
C GLY B 83 42.13 12.53 -19.36
N ASN B 84 43.18 12.05 -20.02
CA ASN B 84 44.51 12.59 -19.78
C ASN B 84 44.80 13.75 -20.71
N VAL B 85 45.12 14.90 -20.12
CA VAL B 85 45.23 16.14 -20.88
C VAL B 85 46.67 16.59 -21.00
N ASP B 86 47.18 16.60 -22.23
CA ASP B 86 48.55 17.04 -22.47
C ASP B 86 48.60 18.54 -22.44
N ILE B 87 48.91 19.09 -21.26
CA ILE B 87 48.85 20.53 -21.02
C ILE B 87 49.66 21.34 -22.04
N SER B 88 50.79 20.79 -22.49
CA SER B 88 51.67 21.48 -23.43
C SER B 88 50.91 21.83 -24.73
N SER B 89 50.33 20.81 -25.33
CA SER B 89 49.51 20.95 -26.54
C SER B 89 48.24 21.77 -26.30
N LEU B 90 47.69 21.70 -25.08
CA LEU B 90 46.55 22.54 -24.70
C LEU B 90 46.84 24.03 -24.85
N LEU B 91 47.92 24.48 -24.20
CA LEU B 91 48.35 25.87 -24.30
C LEU B 91 48.74 26.23 -25.73
N GLY B 92 49.14 25.22 -26.50
CA GLY B 92 49.32 25.36 -27.95
C GLY B 92 48.03 25.77 -28.65
N LEU B 93 46.94 25.08 -28.32
CA LEU B 93 45.60 25.44 -28.82
C LEU B 93 45.21 26.83 -28.34
N ALA B 94 45.63 27.18 -27.12
CA ALA B 94 45.37 28.50 -26.53
C ALA B 94 46.07 29.63 -27.29
N GLU B 95 47.36 29.46 -27.53
CA GLU B 95 48.15 30.40 -28.33
C GLU B 95 47.62 30.51 -29.75
N MET B 96 47.50 29.39 -30.44
CA MET B 96 47.00 29.39 -31.82
C MET B 96 45.52 29.74 -31.90
N MET B 97 44.83 29.81 -30.76
CA MET B 97 43.52 30.46 -30.69
C MET B 97 43.65 31.97 -30.64
N GLU B 98 44.47 32.47 -29.71
CA GLU B 98 44.65 33.92 -29.56
C GLU B 98 45.17 34.57 -30.84
N LYS B 99 46.28 34.04 -31.36
CA LYS B 99 46.91 34.54 -32.58
C LYS B 99 45.99 34.43 -33.80
N ARG B 100 45.00 33.55 -33.72
CA ARG B 100 43.93 33.49 -34.70
C ARG B 100 43.01 34.74 -34.65
N MET B 101 42.70 35.19 -33.44
CA MET B 101 41.80 36.34 -33.24
C MET B 101 42.39 37.38 -32.30
N GLY B 102 43.05 38.38 -32.87
CA GLY B 102 43.69 39.42 -32.08
C GLY B 102 45.00 38.97 -31.47
N GLU B 103 45.61 39.82 -30.65
CA GLU B 103 46.77 39.43 -29.84
C GLU B 103 46.55 39.66 -28.34
N GLY B 104 45.55 40.47 -28.00
CA GLY B 104 45.20 40.74 -26.61
C GLY B 104 43.81 40.20 -26.29
N PHE B 105 43.46 39.10 -26.96
CA PHE B 105 42.15 38.49 -26.85
C PHE B 105 41.81 38.17 -25.40
N PHE B 106 42.75 37.49 -24.75
CA PHE B 106 42.56 37.07 -23.37
C PHE B 106 42.62 38.24 -22.41
N LYS B 107 43.65 39.07 -22.56
CA LYS B 107 43.83 40.26 -21.72
C LYS B 107 42.52 41.04 -21.61
N HIS B 108 41.92 41.32 -22.76
CA HIS B 108 40.67 42.11 -22.87
C HIS B 108 39.46 41.39 -22.27
N CYS B 109 39.29 40.13 -22.65
CA CYS B 109 38.18 39.34 -22.13
C CYS B 109 38.21 39.35 -20.61
N VAL B 110 39.40 39.08 -20.07
CA VAL B 110 39.65 39.14 -18.64
C VAL B 110 39.28 40.53 -18.12
N MET B 111 39.73 41.58 -18.79
CA MET B 111 39.40 42.95 -18.38
C MET B 111 37.90 43.08 -18.11
N GLU B 112 37.11 42.66 -19.11
CA GLU B 112 35.66 42.73 -19.01
C GLU B 112 35.15 41.98 -17.81
N ALA B 113 35.69 40.78 -17.62
CA ALA B 113 35.35 39.96 -16.47
C ALA B 113 35.63 40.70 -15.16
N GLU B 114 36.88 41.13 -14.98
CA GLU B 114 37.36 41.84 -13.79
C GLU B 114 36.40 42.96 -13.45
N THR B 115 36.11 43.77 -14.45
CA THR B 115 35.20 44.90 -14.31
C THR B 115 33.86 44.47 -13.72
N GLU B 116 33.15 43.60 -14.44
CA GLU B 116 31.80 43.13 -14.03
C GLU B 116 31.77 42.58 -12.60
N ILE B 117 32.82 41.83 -12.26
CA ILE B 117 32.91 41.14 -10.98
C ILE B 117 33.25 42.10 -9.84
N LEU B 118 34.33 42.87 -10.02
CA LEU B 118 34.72 43.87 -9.02
C LEU B 118 33.54 44.76 -8.62
N LYS B 119 32.70 45.09 -9.59
CA LYS B 119 31.43 45.80 -9.33
C LYS B 119 30.52 45.03 -8.40
N MET B 120 30.36 43.75 -8.73
CA MET B 120 29.29 42.88 -8.22
C MET B 120 29.11 42.88 -6.70
N HIS B 121 27.86 43.02 -6.30
CA HIS B 121 27.46 42.84 -4.92
C HIS B 121 27.30 41.35 -4.75
N PHE B 122 27.83 40.80 -3.65
CA PHE B 122 27.71 39.36 -3.36
C PHE B 122 26.28 38.83 -3.22
N SER B 123 25.30 39.71 -3.01
CA SER B 123 23.91 39.30 -2.94
C SER B 123 23.44 38.65 -4.23
N ARG B 124 24.00 39.09 -5.35
CA ARG B 124 23.68 38.51 -6.65
C ARG B 124 24.13 37.05 -6.75
N LEU B 125 24.92 36.61 -5.76
CA LEU B 125 25.35 35.22 -5.71
C LEU B 125 24.17 34.29 -5.39
N THR B 126 23.11 34.84 -4.79
CA THR B 126 21.90 34.08 -4.50
C THR B 126 21.15 33.69 -5.75
N GLU B 127 21.36 34.44 -6.81
CA GLU B 127 20.80 34.09 -8.10
C GLU B 127 21.50 32.85 -8.61
N GLY B 128 20.73 31.79 -8.88
CA GLY B 128 21.26 30.56 -9.47
C GLY B 128 20.53 29.29 -9.07
N ARG B 129 21.08 28.15 -9.49
CA ARG B 129 20.47 26.85 -9.19
C ARG B 129 20.69 26.51 -7.74
N GLN B 130 20.06 25.43 -7.31
CA GLN B 130 20.27 24.94 -5.94
C GLN B 130 21.73 24.58 -5.72
N THR B 131 22.20 24.86 -4.52
CA THR B 131 23.56 24.53 -4.09
C THR B 131 23.60 23.92 -2.71
N TYR B 132 24.73 23.33 -2.36
CA TYR B 132 24.88 22.59 -1.12
C TYR B 132 25.14 23.46 0.12
N ASP B 133 24.15 23.56 0.98
CA ASP B 133 24.35 24.19 2.27
C ASP B 133 25.07 23.21 3.17
N TRP B 134 26.20 23.63 3.69
CA TRP B 134 27.00 22.76 4.55
C TRP B 134 26.72 22.92 6.03
N THR B 135 25.97 23.96 6.41
CA THR B 135 25.56 24.11 7.81
C THR B 135 24.74 22.90 8.21
N SER B 136 23.57 22.74 7.60
CA SER B 136 22.71 21.58 7.88
C SER B 136 23.13 20.34 7.07
N GLU B 137 24.10 20.51 6.17
CA GLU B 137 24.61 19.45 5.29
C GLU B 137 23.50 18.90 4.38
N ARG B 138 22.75 19.83 3.79
CA ARG B 138 21.65 19.51 2.87
C ARG B 138 21.68 20.39 1.64
N ASN B 139 20.89 20.03 0.64
CA ASN B 139 20.76 20.86 -0.54
C ASN B 139 19.71 21.93 -0.32
N MET B 140 19.97 23.12 -0.84
CA MET B 140 19.06 24.25 -0.67
C MET B 140 19.02 25.16 -1.90
N PRO B 141 17.99 26.03 -1.99
CA PRO B 141 18.05 27.15 -2.95
C PRO B 141 19.11 28.15 -2.52
N ALA B 142 19.95 28.55 -3.48
CA ALA B 142 21.20 29.25 -3.21
C ALA B 142 21.06 30.34 -2.14
N ALA B 143 19.94 31.09 -2.22
CA ALA B 143 19.68 32.22 -1.35
C ALA B 143 19.72 31.83 0.12
N THR B 144 18.89 30.86 0.48
CA THR B 144 18.78 30.43 1.87
C THR B 144 20.11 29.84 2.36
N ALA B 145 20.80 29.15 1.48
CA ALA B 145 22.09 28.54 1.80
C ALA B 145 23.15 29.58 2.11
N LEU B 146 23.20 30.61 1.26
CA LEU B 146 24.09 31.73 1.48
C LEU B 146 23.73 32.44 2.80
N GLN B 147 22.43 32.60 3.06
CA GLN B 147 21.94 33.21 4.31
C GLN B 147 22.54 32.54 5.54
N LEU B 148 22.42 31.22 5.58
CA LEU B 148 23.01 30.44 6.66
C LEU B 148 24.52 30.61 6.71
N THR B 149 25.19 30.46 5.57
CA THR B 149 26.66 30.57 5.49
C THR B 149 27.12 31.86 6.16
N VAL B 150 26.58 32.97 5.67
CA VAL B 150 26.97 34.28 6.16
C VAL B 150 26.59 34.45 7.63
N ASP B 151 25.33 34.14 7.96
CA ASP B 151 24.85 34.20 9.35
C ASP B 151 25.78 33.48 10.31
N ALA B 152 26.28 32.33 9.88
CA ALA B 152 27.23 31.55 10.65
C ALA B 152 28.54 32.31 10.84
N ILE B 153 29.05 32.88 9.76
CA ILE B 153 30.27 33.69 9.82
C ILE B 153 30.08 34.78 10.87
N LYS B 154 28.89 35.40 10.83
CA LYS B 154 28.52 36.47 11.76
C LYS B 154 28.51 36.03 13.22
N GLU B 155 27.88 34.90 13.49
CA GLU B 155 27.80 34.40 14.86
C GLU B 155 29.12 33.89 15.38
N THR B 156 29.97 33.42 14.47
CA THR B 156 31.32 32.99 14.81
C THR B 156 32.20 34.17 15.17
N GLU B 157 32.33 35.13 14.26
CA GLU B 157 33.38 36.14 14.35
C GLU B 157 32.91 37.61 14.22
N GLY B 158 31.61 37.81 14.08
CA GLY B 158 31.03 39.15 13.94
C GLY B 158 30.53 39.42 12.53
N PRO B 159 29.49 40.28 12.39
CA PRO B 159 28.79 40.55 11.13
C PRO B 159 29.67 40.89 9.92
N PHE B 160 29.25 40.50 8.72
CA PHE B 160 30.04 40.70 7.52
C PHE B 160 29.72 42.03 6.82
N LYS B 161 30.77 42.83 6.56
CA LYS B 161 30.62 44.17 6.02
C LYS B 161 31.31 44.33 4.67
N GLY B 162 31.48 43.23 3.95
CA GLY B 162 32.21 43.23 2.69
C GLY B 162 31.49 43.89 1.54
N THR B 163 30.21 43.56 1.37
CA THR B 163 29.36 44.15 0.33
C THR B 163 29.87 43.97 -1.11
N THR B 164 30.81 43.06 -1.29
CA THR B 164 31.47 42.84 -2.56
C THR B 164 31.91 41.40 -2.68
N MET B 165 32.03 40.96 -3.93
CA MET B 165 32.47 39.60 -4.23
C MET B 165 33.89 39.37 -3.77
N LEU B 166 34.72 40.41 -3.90
CA LEU B 166 36.12 40.31 -3.51
C LEU B 166 36.24 40.04 -2.02
N GLU B 167 35.68 40.93 -1.20
CA GLU B 167 35.78 40.80 0.25
C GLU B 167 35.13 39.51 0.74
N TYR B 168 34.07 39.09 0.06
CA TYR B 168 33.48 37.77 0.30
C TYR B 168 34.56 36.71 0.09
N CYS B 169 35.18 36.71 -1.08
CA CYS B 169 36.20 35.72 -1.41
C CYS B 169 37.34 35.73 -0.39
N ASN B 170 37.78 36.93 -0.01
CA ASN B 170 38.82 37.11 1.01
C ASN B 170 38.42 36.49 2.35
N LYS B 171 37.17 36.67 2.76
CA LYS B 171 36.68 36.00 3.97
C LYS B 171 36.62 34.48 3.81
N MET B 172 36.25 34.00 2.62
CA MET B 172 36.25 32.56 2.34
C MET B 172 37.61 31.93 2.58
N ILE B 173 38.64 32.55 2.01
CA ILE B 173 39.99 32.04 2.15
C ILE B 173 40.48 32.22 3.59
N GLU B 174 40.00 33.25 4.28
CA GLU B 174 40.33 33.46 5.70
C GLU B 174 39.77 32.35 6.60
N MET B 175 38.60 31.82 6.25
CA MET B 175 37.97 30.78 7.07
C MET B 175 38.67 29.41 7.05
N LEU B 176 39.44 29.15 6.00
CA LEU B 176 40.14 27.88 5.93
C LEU B 176 41.18 27.79 7.04
N ASP B 177 41.77 28.92 7.39
CA ASP B 177 42.75 28.98 8.46
C ASP B 177 42.09 28.97 9.85
N TRP B 178 40.80 29.30 9.92
CA TRP B 178 40.03 29.20 11.17
C TRP B 178 40.06 27.79 11.75
N LYS B 179 40.47 27.69 13.00
CA LYS B 179 40.53 26.40 13.70
C LYS B 179 39.17 26.00 14.25
N GLU B 180 38.27 26.98 14.40
CA GLU B 180 36.94 26.73 14.95
C GLU B 180 35.87 27.55 14.21
N ILE B 181 34.74 26.91 13.92
CA ILE B 181 33.61 27.57 13.24
C ILE B 181 32.31 27.22 13.96
N LYS B 182 31.39 28.19 14.04
CA LYS B 182 30.11 28.02 14.73
C LYS B 182 28.90 28.06 13.78
N PHE B 183 27.90 27.23 14.05
CA PHE B 183 26.75 27.01 13.14
C PHE B 183 25.41 27.25 13.80
N LYS B 184 24.44 27.58 12.96
CA LYS B 184 23.04 27.55 13.33
C LYS B 184 22.48 26.15 13.03
N LYS B 185 22.62 25.24 14.00
CA LYS B 185 22.16 23.86 13.82
C LYS B 185 21.00 23.54 14.75
N VAL B 186 19.97 22.91 14.20
CA VAL B 186 18.74 22.61 14.93
C VAL B 186 18.79 21.23 15.58
N LYS B 187 18.67 21.22 16.91
CA LYS B 187 18.60 19.98 17.69
C LYS B 187 17.33 19.99 18.53
N THR B 188 16.42 19.07 18.24
CA THR B 188 15.17 18.92 19.01
C THR B 188 15.41 18.08 20.27
N VAL B 189 14.75 18.48 21.36
CA VAL B 189 14.85 17.79 22.65
C VAL B 189 13.43 17.43 23.14
N VAL B 190 13.22 16.15 23.47
CA VAL B 190 11.91 15.63 23.87
C VAL B 190 11.54 16.16 25.26
N VAL B 208 14.88 22.34 18.78
CA VAL B 208 15.19 23.75 19.00
C VAL B 208 16.55 24.08 18.36
N MET B 209 16.69 25.31 17.85
CA MET B 209 17.93 25.73 17.20
C MET B 209 19.01 26.04 18.25
N GLY B 210 20.24 25.67 17.90
CA GLY B 210 21.38 25.89 18.76
C GLY B 210 22.63 26.20 17.99
N ILE B 211 23.75 26.20 18.71
CA ILE B 211 25.03 26.65 18.19
C ILE B 211 26.03 25.51 18.27
N ASP B 212 26.27 24.86 17.14
CA ASP B 212 27.24 23.76 17.10
C ASP B 212 28.62 24.26 16.69
N SER B 213 29.64 23.48 17.04
CA SER B 213 31.03 23.81 16.70
C SER B 213 31.53 22.86 15.61
N ILE B 214 32.64 23.24 15.01
CA ILE B 214 33.37 22.33 14.13
C ILE B 214 34.84 22.72 14.08
N LYS B 215 35.69 21.76 13.70
CA LYS B 215 37.12 21.98 13.56
C LYS B 215 37.52 22.19 12.09
N HIS B 216 38.69 22.80 11.92
CA HIS B 216 39.27 23.09 10.60
C HIS B 216 39.27 21.86 9.69
N ASP B 217 39.67 20.73 10.25
CA ASP B 217 39.77 19.48 9.50
C ASP B 217 38.43 19.05 8.90
N GLU B 218 37.38 19.10 9.72
CA GLU B 218 36.03 18.77 9.25
C GLU B 218 35.51 19.81 8.28
N PHE B 219 35.67 21.06 8.67
CA PHE B 219 35.18 22.17 7.86
C PHE B 219 35.71 22.16 6.43
N LEU B 220 37.03 22.00 6.29
CA LEU B 220 37.69 21.95 4.98
C LEU B 220 37.01 20.98 4.03
N ILE B 221 36.79 19.76 4.53
CA ILE B 221 36.14 18.70 3.78
C ILE B 221 34.72 19.11 3.42
N ARG B 222 33.99 19.60 4.41
CA ARG B 222 32.62 20.10 4.20
C ARG B 222 32.56 21.18 3.12
N ALA B 223 33.61 22.00 3.04
CA ALA B 223 33.70 23.05 2.03
C ALA B 223 33.91 22.48 0.63
N LEU B 224 34.90 21.60 0.52
CA LEU B 224 35.21 20.97 -0.75
C LEU B 224 34.13 19.97 -1.19
N THR B 225 33.22 19.65 -0.26
CA THR B 225 32.14 18.70 -0.49
C THR B 225 31.19 19.15 -1.60
N ILE B 226 30.74 18.18 -2.39
CA ILE B 226 29.78 18.37 -3.48
C ILE B 226 28.65 17.38 -3.27
N ASN B 227 27.43 17.74 -3.63
CA ASN B 227 26.30 16.83 -3.43
C ASN B 227 25.68 16.30 -4.72
N THR B 228 25.16 15.08 -4.61
CA THR B 228 24.57 14.34 -5.71
C THR B 228 23.09 14.61 -5.81
N MET B 229 22.62 14.84 -7.04
CA MET B 229 21.18 14.92 -7.34
C MET B 229 20.77 13.86 -8.35
N ALA B 230 19.93 12.90 -7.93
CA ALA B 230 19.35 11.90 -8.83
C ALA B 230 18.46 12.61 -9.86
N LYS B 231 18.87 12.54 -11.13
CA LYS B 231 18.37 13.41 -12.22
C LYS B 231 16.85 13.38 -12.45
N ASP B 232 16.28 14.57 -12.61
CA ASP B 232 14.88 14.75 -13.02
C ASP B 232 14.76 15.95 -13.98
N GLY B 233 13.93 15.80 -15.00
CA GLY B 233 13.80 16.81 -16.06
C GLY B 233 14.66 16.54 -17.29
N GLU B 234 15.49 15.50 -17.24
CA GLU B 234 16.34 15.12 -18.38
C GLU B 234 15.51 14.35 -19.40
N ARG B 235 15.64 14.76 -20.65
CA ARG B 235 14.88 14.17 -21.74
C ARG B 235 15.71 13.22 -22.57
N GLY B 236 15.28 11.96 -22.64
CA GLY B 236 15.81 11.03 -23.62
C GLY B 236 16.84 10.00 -23.19
N LYS B 237 16.81 9.58 -21.92
CA LYS B 237 17.73 8.52 -21.47
C LYS B 237 17.07 7.50 -20.53
N LEU B 238 17.40 6.22 -20.74
CA LEU B 238 16.89 5.11 -19.93
C LEU B 238 17.47 5.18 -18.53
N GLN B 239 18.80 5.26 -18.46
CA GLN B 239 19.53 5.33 -17.19
C GLN B 239 19.77 6.78 -16.80
N ARG B 240 19.91 7.01 -15.51
CA ARG B 240 19.96 8.38 -14.98
C ARG B 240 21.36 8.95 -14.86
N ARG B 241 21.62 9.99 -15.65
CA ARG B 241 22.84 10.79 -15.54
C ARG B 241 22.63 11.90 -14.53
N ALA B 242 23.04 11.62 -13.28
CA ALA B 242 22.83 12.54 -12.15
C ALA B 242 23.58 13.86 -12.32
N ILE B 243 23.15 14.88 -11.56
CA ILE B 243 23.78 16.22 -11.61
C ILE B 243 24.33 16.63 -10.23
N ALA B 244 25.49 17.29 -10.24
CA ALA B 244 26.16 17.68 -9.01
C ALA B 244 25.88 19.15 -8.68
N THR B 245 25.74 19.47 -7.40
CA THR B 245 25.40 20.82 -6.95
C THR B 245 26.34 21.34 -5.85
N PRO B 246 27.49 21.93 -6.22
CA PRO B 246 28.61 22.31 -5.33
C PRO B 246 28.28 23.19 -4.14
N GLY B 247 29.26 23.29 -3.24
CA GLY B 247 29.12 24.01 -1.99
C GLY B 247 29.09 25.52 -2.17
N MET B 248 28.67 26.22 -1.12
CA MET B 248 28.51 27.68 -1.18
C MET B 248 29.84 28.43 -1.24
N ILE B 249 30.86 27.88 -0.62
CA ILE B 249 32.18 28.51 -0.59
C ILE B 249 32.90 28.39 -1.92
N VAL B 250 32.56 27.36 -2.69
CA VAL B 250 33.15 27.11 -4.03
C VAL B 250 32.53 27.99 -5.12
N ARG B 251 31.22 28.20 -5.02
CA ARG B 251 30.42 28.90 -6.04
C ARG B 251 30.93 30.27 -6.58
N PRO B 252 31.35 31.21 -5.68
CA PRO B 252 31.80 32.51 -6.19
C PRO B 252 32.92 32.40 -7.23
N PHE B 253 33.98 31.70 -6.85
CA PHE B 253 35.17 31.50 -7.70
C PHE B 253 34.78 30.82 -9.02
N SER B 254 33.82 29.91 -8.93
CA SER B 254 33.22 29.28 -10.11
C SER B 254 32.55 30.31 -11.02
N LYS B 255 31.78 31.21 -10.41
CA LYS B 255 31.11 32.27 -11.16
C LYS B 255 32.12 33.18 -11.85
N ILE B 256 33.23 33.45 -11.17
CA ILE B 256 34.32 34.23 -11.74
C ILE B 256 34.81 33.60 -13.02
N VAL B 257 35.21 32.33 -12.93
CA VAL B 257 35.73 31.65 -14.11
C VAL B 257 34.66 31.59 -15.19
N GLU B 258 33.47 31.18 -14.80
CA GLU B 258 32.33 31.13 -15.72
C GLU B 258 32.11 32.41 -16.53
N THR B 259 32.23 33.55 -15.87
CA THR B 259 32.07 34.85 -16.52
C THR B 259 33.23 35.17 -17.45
N VAL B 260 34.45 34.82 -17.03
CA VAL B 260 35.64 34.98 -17.88
C VAL B 260 35.42 34.23 -19.19
N ALA B 261 35.12 32.96 -19.02
CA ALA B 261 34.85 32.07 -20.13
C ALA B 261 33.67 32.56 -20.96
N GLN B 262 32.67 33.13 -20.30
CA GLN B 262 31.52 33.67 -21.02
C GLN B 262 31.96 34.80 -21.94
N LYS B 263 32.81 35.67 -21.42
CA LYS B 263 33.39 36.75 -22.21
C LYS B 263 34.16 36.20 -23.41
N ILE B 264 34.96 35.15 -23.18
CA ILE B 264 35.72 34.52 -24.26
C ILE B 264 34.78 33.94 -25.33
N CYS B 265 33.80 33.20 -24.84
CA CYS B 265 32.76 32.56 -25.66
C CYS B 265 32.10 33.52 -26.64
N GLU B 266 31.52 34.59 -26.10
CA GLU B 266 30.75 35.56 -26.89
C GLU B 266 31.51 35.92 -28.16
N LYS B 267 32.80 36.18 -28.00
CA LYS B 267 33.66 36.69 -29.08
C LYS B 267 33.89 35.68 -30.19
N LEU B 268 33.79 34.40 -29.85
CA LEU B 268 34.03 33.34 -30.82
C LEU B 268 32.83 33.16 -31.74
N LYS B 269 33.09 33.18 -33.05
CA LYS B 269 32.09 32.88 -34.09
C LYS B 269 31.64 31.41 -34.06
N GLU B 270 32.61 30.56 -33.75
CA GLU B 270 32.43 29.11 -33.76
C GLU B 270 31.71 28.60 -32.51
N SER B 271 31.66 29.44 -31.48
CA SER B 271 30.96 29.13 -30.22
C SER B 271 29.42 29.13 -30.40
N GLY B 272 28.79 28.09 -29.88
CA GLY B 272 27.34 27.96 -29.87
C GLY B 272 26.70 28.17 -28.51
N LEU B 273 27.50 28.49 -27.49
CA LEU B 273 27.05 28.48 -26.08
C LEU B 273 26.42 29.77 -25.54
N PRO B 274 27.18 30.88 -25.55
CA PRO B 274 26.62 32.07 -24.92
C PRO B 274 25.56 32.74 -25.80
N VAL B 275 25.13 32.00 -26.83
CA VAL B 275 24.27 32.51 -27.87
C VAL B 275 23.35 31.35 -28.25
N GLY B 276 22.05 31.56 -28.15
CA GLY B 276 21.14 30.46 -28.28
C GLY B 276 19.76 30.81 -28.77
N GLY B 277 19.03 29.78 -29.15
CA GLY B 277 17.65 29.92 -29.58
C GLY B 277 17.62 30.28 -31.04
N ASN B 278 17.07 31.44 -31.35
CA ASN B 278 16.94 31.89 -32.73
C ASN B 278 18.26 32.35 -33.37
N GLU B 279 19.22 32.67 -32.52
CA GLU B 279 20.51 33.22 -32.92
C GLU B 279 21.41 32.15 -33.49
N LYS B 280 21.56 31.08 -32.71
CA LYS B 280 22.29 29.86 -33.08
C LYS B 280 22.02 29.42 -34.52
N LYS B 281 20.74 29.42 -34.88
CA LYS B 281 20.24 29.08 -36.23
C LYS B 281 21.00 29.77 -37.35
N ALA B 282 21.03 31.09 -37.29
CA ALA B 282 21.69 31.87 -38.31
C ALA B 282 23.21 31.81 -38.20
N LYS B 283 23.75 31.65 -36.98
CA LYS B 283 25.21 31.42 -36.79
C LYS B 283 25.67 30.33 -37.74
N LEU B 284 24.84 29.28 -37.78
CA LEU B 284 25.02 28.17 -38.70
C LEU B 284 24.83 28.54 -40.17
N LYS B 285 23.72 29.20 -40.52
CA LYS B 285 23.51 29.59 -41.93
C LYS B 285 24.68 30.41 -42.49
N THR B 286 25.13 31.39 -41.70
CA THR B 286 26.29 32.22 -42.05
C THR B 286 27.53 31.38 -42.30
N THR B 287 27.96 30.60 -41.30
CA THR B 287 29.18 29.80 -41.46
C THR B 287 29.04 28.74 -42.57
N VAL B 288 27.81 28.32 -42.85
CA VAL B 288 27.51 27.41 -43.96
C VAL B 288 27.87 28.03 -45.30
N THR B 289 27.21 29.14 -45.63
CA THR B 289 27.45 29.83 -46.91
C THR B 289 28.88 30.37 -47.02
N SER B 290 29.48 30.68 -45.87
CA SER B 290 30.91 31.08 -45.80
C SER B 290 31.80 29.97 -46.33
N LEU B 291 31.59 28.76 -45.81
CA LEU B 291 32.36 27.59 -46.24
C LEU B 291 32.08 27.22 -47.69
N ASN B 292 30.81 27.19 -48.08
CA ASN B 292 30.43 26.93 -49.48
C ASN B 292 31.10 27.87 -50.48
N ALA B 293 31.28 29.12 -50.07
CA ALA B 293 32.02 30.11 -50.86
C ALA B 293 33.53 29.84 -50.80
N ARG B 294 34.01 29.45 -49.62
CA ARG B 294 35.44 29.16 -49.40
C ARG B 294 36.03 28.08 -50.32
N MET B 295 35.14 27.22 -50.84
CA MET B 295 35.52 26.02 -51.57
C MET B 295 36.29 26.28 -52.85
N ASN B 296 37.21 25.38 -53.14
CA ASN B 296 37.88 25.34 -54.44
C ASN B 296 37.15 24.32 -55.31
N SER B 297 37.45 24.34 -56.60
CA SER B 297 36.85 23.38 -57.55
C SER B 297 37.28 21.94 -57.26
N ASP B 298 38.54 21.78 -56.84
CA ASP B 298 39.10 20.47 -56.46
C ASP B 298 38.59 19.99 -55.11
N GLN B 299 38.54 20.90 -54.14
CA GLN B 299 38.22 20.57 -52.75
C GLN B 299 36.81 20.02 -52.58
N PHE B 300 36.66 19.08 -51.65
CA PHE B 300 35.38 18.41 -51.40
C PHE B 300 35.00 18.59 -49.94
N ALA B 301 33.78 19.06 -49.70
CA ALA B 301 33.28 19.28 -48.34
C ALA B 301 32.35 18.17 -47.87
N VAL B 302 32.39 17.88 -46.58
CA VAL B 302 31.49 16.91 -45.96
C VAL B 302 31.31 17.24 -44.47
N ASN B 303 30.14 16.94 -43.93
CA ASN B 303 29.85 17.26 -42.53
C ASN B 303 29.71 16.03 -41.66
N ILE B 304 29.84 16.26 -40.36
CA ILE B 304 29.53 15.26 -39.35
C ILE B 304 28.77 15.92 -38.19
N THR B 305 27.70 15.27 -37.75
CA THR B 305 27.03 15.52 -36.48
C THR B 305 27.80 14.83 -35.35
N GLY B 306 28.41 15.62 -34.47
CA GLY B 306 29.23 15.08 -33.39
C GLY B 306 28.59 15.24 -32.04
N ASP B 307 28.41 14.10 -31.35
CA ASP B 307 27.97 14.07 -29.94
C ASP B 307 29.07 13.43 -29.11
N ASN B 308 29.28 13.95 -27.91
CA ASN B 308 30.33 13.43 -27.01
C ASN B 308 29.72 12.77 -25.81
N SER B 309 30.35 11.69 -25.37
CA SER B 309 29.90 10.98 -24.19
C SER B 309 30.92 11.16 -23.07
N LYS B 310 30.41 11.23 -21.85
CA LYS B 310 31.20 11.41 -20.64
C LYS B 310 32.11 12.63 -20.75
N TRP B 311 31.57 13.68 -21.38
CA TRP B 311 32.25 14.96 -21.62
C TRP B 311 32.89 15.57 -20.35
N ASN B 312 32.15 15.50 -19.25
CA ASN B 312 32.59 16.10 -17.98
C ASN B 312 33.62 15.24 -17.27
N GLU B 313 33.37 13.94 -17.24
CA GLU B 313 34.29 12.96 -16.63
C GLU B 313 35.73 13.06 -17.20
N CYS B 314 35.82 13.34 -18.49
CA CYS B 314 37.09 13.40 -19.19
C CYS B 314 37.89 14.64 -18.84
N GLN B 315 37.24 15.80 -18.89
CA GLN B 315 37.88 17.08 -18.58
C GLN B 315 38.40 17.14 -17.16
N GLN B 316 39.46 17.90 -16.95
CA GLN B 316 40.12 17.92 -15.65
C GLN B 316 40.44 19.33 -15.15
N PRO B 317 40.04 19.66 -13.90
CA PRO B 317 40.28 20.97 -13.31
C PRO B 317 41.75 21.28 -13.17
N GLU B 318 42.56 20.23 -13.10
CA GLU B 318 44.01 20.38 -13.14
C GLU B 318 44.42 21.10 -14.44
N ALA B 319 43.87 20.68 -15.58
CA ALA B 319 44.20 21.32 -16.87
C ALA B 319 43.67 22.74 -16.95
N TYR B 320 42.46 22.95 -16.40
CA TYR B 320 41.85 24.28 -16.34
C TYR B 320 42.66 25.26 -15.51
N LEU B 321 43.27 24.79 -14.43
CA LEU B 321 44.15 25.63 -13.63
C LEU B 321 45.29 26.22 -14.45
N ALA B 322 45.93 25.36 -15.23
CA ALA B 322 47.04 25.74 -16.11
C ALA B 322 46.59 26.72 -17.21
N LEU B 323 45.46 26.41 -17.83
CA LEU B 323 44.90 27.25 -18.89
C LEU B 323 44.56 28.63 -18.37
N LEU B 324 43.91 28.66 -17.20
CA LEU B 324 43.60 29.91 -16.50
C LEU B 324 44.84 30.73 -16.13
N ALA B 325 45.90 30.03 -15.74
CA ALA B 325 47.18 30.67 -15.51
C ALA B 325 47.73 31.29 -16.81
N TYR B 326 47.53 30.62 -17.96
CA TYR B 326 47.96 31.13 -19.28
C TYR B 326 47.20 32.39 -19.71
N ILE B 327 45.90 32.40 -19.49
CA ILE B 327 45.05 33.55 -19.83
C ILE B 327 45.38 34.75 -18.95
N THR B 328 45.49 34.50 -17.65
CA THR B 328 45.79 35.55 -16.67
C THR B 328 47.27 35.96 -16.61
N LYS B 329 48.06 35.48 -17.57
CA LYS B 329 49.50 35.74 -17.61
C LYS B 329 49.84 37.23 -17.58
N ASP B 330 49.06 38.03 -18.31
CA ASP B 330 49.36 39.45 -18.47
C ASP B 330 48.39 40.38 -17.74
N SER B 331 47.16 39.91 -17.54
CA SER B 331 46.04 40.78 -17.13
C SER B 331 46.27 41.53 -15.83
N SER B 332 46.45 40.79 -14.74
CA SER B 332 46.76 41.41 -13.45
C SER B 332 47.18 40.34 -12.47
N ASP B 333 48.05 40.71 -11.53
CA ASP B 333 48.52 39.80 -10.47
C ASP B 333 47.61 39.87 -9.23
N LEU B 334 46.53 40.64 -9.37
CA LEU B 334 45.58 40.88 -8.29
C LEU B 334 44.32 40.07 -8.53
N MET B 335 44.11 39.70 -9.80
CA MET B 335 43.00 38.89 -10.22
C MET B 335 43.43 37.51 -10.75
N LYS B 336 44.68 37.40 -11.18
CA LYS B 336 45.26 36.11 -11.53
C LYS B 336 45.11 35.12 -10.37
N ASP B 337 45.54 35.56 -9.18
CA ASP B 337 45.40 34.79 -7.91
C ASP B 337 43.94 34.47 -7.55
N LEU B 338 43.03 35.31 -8.03
CA LEU B 338 41.60 35.09 -7.89
C LEU B 338 41.01 34.19 -8.99
N CYS B 339 41.78 33.98 -10.04
CA CYS B 339 41.37 33.01 -11.06
C CYS B 339 41.83 31.61 -10.71
N SER B 340 43.08 31.48 -10.27
CA SER B 340 43.66 30.18 -9.94
C SER B 340 42.95 29.44 -8.80
N VAL B 341 42.28 30.19 -7.94
CA VAL B 341 41.56 29.62 -6.76
C VAL B 341 40.38 28.71 -7.12
N ALA B 342 39.58 29.10 -8.11
CA ALA B 342 38.43 28.30 -8.52
C ALA B 342 38.76 26.84 -8.91
N PRO B 343 39.77 26.59 -9.77
CA PRO B 343 40.09 25.20 -10.09
C PRO B 343 40.57 24.34 -8.91
N VAL B 344 41.44 24.88 -8.05
CA VAL B 344 42.11 24.07 -7.00
C VAL B 344 41.12 23.40 -6.03
N LEU B 345 39.95 24.01 -5.89
CA LEU B 345 38.86 23.47 -5.09
C LEU B 345 38.16 22.29 -5.77
N PHE B 346 38.40 22.16 -7.07
CA PHE B 346 37.95 21.00 -7.84
C PHE B 346 39.09 20.01 -8.09
N CYS B 347 40.33 20.47 -8.01
CA CYS B 347 41.49 19.58 -8.02
C CYS B 347 41.58 18.85 -6.71
N ASN B 348 41.03 19.47 -5.66
CA ASN B 348 40.87 18.81 -4.38
C ASN B 348 39.41 18.78 -3.97
N LYS B 349 38.58 18.02 -4.68
CA LYS B 349 37.15 17.98 -4.38
C LYS B 349 36.66 16.64 -3.79
N PHE B 350 35.72 16.79 -2.87
CA PHE B 350 35.08 15.69 -2.18
C PHE B 350 33.64 15.50 -2.70
N VAL B 351 33.26 14.24 -2.92
CA VAL B 351 31.97 13.84 -3.48
C VAL B 351 31.16 13.01 -2.49
N LYS B 352 29.96 13.50 -2.17
CA LYS B 352 29.06 12.81 -1.28
C LYS B 352 28.48 11.59 -1.99
N LEU B 353 28.36 10.49 -1.26
CA LEU B 353 28.07 9.19 -1.86
C LEU B 353 26.60 8.92 -2.12
N GLY B 354 25.74 9.23 -1.16
CA GLY B 354 24.30 9.11 -1.38
C GLY B 354 23.51 8.40 -0.32
N GLN B 355 22.35 7.94 -0.73
CA GLN B 355 21.34 7.40 0.18
C GLN B 355 21.88 6.15 0.86
N GLY B 356 22.45 5.24 0.05
CA GLY B 356 23.01 4.00 0.57
C GLY B 356 22.44 2.70 0.01
N ILE B 357 22.72 1.59 0.70
CA ILE B 357 22.27 0.23 0.33
C ILE B 357 21.36 -0.37 1.42
N ARG B 358 20.47 -1.27 1.01
CA ARG B 358 19.57 -1.93 1.94
C ARG B 358 19.82 -3.44 1.99
N LEU B 359 19.47 -4.03 3.13
CA LEU B 359 19.61 -5.46 3.33
C LEU B 359 18.25 -6.08 3.50
N SER B 360 18.08 -7.25 2.87
CA SER B 360 16.84 -7.97 2.93
C SER B 360 17.10 -9.47 3.06
N ASN B 361 16.22 -10.15 3.76
CA ASN B 361 16.19 -11.60 3.81
C ASN B 361 15.23 -12.10 2.76
N LYS B 362 15.31 -13.39 2.41
CA LYS B 362 14.35 -13.92 1.45
C LYS B 362 13.01 -14.11 2.16
N ARG B 363 12.66 -13.11 2.95
CA ARG B 363 11.44 -13.12 3.70
C ARG B 363 10.55 -11.95 3.34
N LYS B 364 11.09 -10.91 2.71
CA LYS B 364 10.33 -9.71 2.46
C LYS B 364 9.77 -9.14 3.77
N THR B 365 10.47 -9.43 4.86
CA THR B 365 9.94 -9.14 6.19
C THR B 365 10.78 -8.06 6.82
N LYS B 366 12.09 -8.30 6.82
CA LYS B 366 13.00 -7.43 7.53
C LYS B 366 13.90 -6.70 6.55
N GLU B 367 14.14 -5.42 6.79
CA GLU B 367 15.04 -4.63 5.96
C GLU B 367 15.99 -3.81 6.80
N VAL B 368 17.26 -3.80 6.42
CA VAL B 368 18.25 -3.04 7.17
C VAL B 368 18.86 -1.97 6.29
N ILE B 369 18.60 -0.73 6.69
CA ILE B 369 19.10 0.45 6.04
C ILE B 369 20.55 0.73 6.45
N ILE B 370 21.38 1.09 5.48
CA ILE B 370 22.75 1.46 5.79
C ILE B 370 23.11 2.85 5.27
N LYS B 371 23.81 3.61 6.11
CA LYS B 371 24.38 4.89 5.68
C LYS B 371 25.54 4.68 4.71
N ALA B 372 25.92 5.75 4.03
CA ALA B 372 27.12 5.76 3.21
C ALA B 372 28.36 5.54 4.06
N GLU B 373 28.30 5.98 5.30
CA GLU B 373 29.44 5.90 6.21
C GLU B 373 29.82 4.48 6.52
N LYS B 374 28.80 3.64 6.72
CA LYS B 374 28.99 2.30 7.26
C LYS B 374 29.05 1.19 6.19
N MET B 375 29.30 1.57 4.94
CA MET B 375 29.50 0.59 3.88
C MET B 375 30.68 -0.35 4.19
N GLY B 376 31.79 0.25 4.60
CA GLY B 376 33.02 -0.46 4.98
C GLY B 376 32.87 -1.45 6.13
N LYS B 377 31.82 -1.28 6.93
CA LYS B 377 31.46 -2.26 7.94
C LYS B 377 31.04 -3.57 7.28
N TYR B 378 30.17 -3.48 6.28
CA TYR B 378 29.49 -4.66 5.74
C TYR B 378 30.37 -5.46 4.79
N LYS B 379 31.30 -4.78 4.15
CA LYS B 379 32.36 -5.45 3.39
C LYS B 379 31.82 -6.47 2.39
N ASN B 380 32.13 -7.75 2.63
CA ASN B 380 31.82 -8.83 1.72
C ASN B 380 30.33 -9.19 1.69
N LEU B 381 29.53 -8.56 2.57
CA LEU B 381 28.10 -8.87 2.66
C LEU B 381 27.33 -8.53 1.37
N MET B 382 27.76 -7.48 0.68
CA MET B 382 27.13 -7.09 -0.57
C MET B 382 27.41 -8.07 -1.70
N ARG B 383 26.61 -7.96 -2.76
CA ARG B 383 26.79 -8.75 -3.96
C ARG B 383 28.16 -8.49 -4.56
N GLU B 384 28.65 -9.42 -5.37
CA GLU B 384 30.03 -9.34 -5.90
C GLU B 384 30.28 -8.11 -6.76
N GLU B 385 29.27 -7.68 -7.52
CA GLU B 385 29.39 -6.49 -8.37
C GLU B 385 29.74 -5.26 -7.52
N TYR B 386 28.88 -5.01 -6.53
CA TYR B 386 29.10 -3.96 -5.54
C TYR B 386 30.51 -3.98 -4.95
N LYS B 387 30.94 -5.18 -4.54
CA LYS B 387 32.27 -5.37 -3.94
C LYS B 387 33.34 -4.92 -4.90
N ASN B 388 33.26 -5.42 -6.13
CA ASN B 388 34.24 -5.10 -7.17
C ASN B 388 34.36 -3.59 -7.40
N LEU B 389 33.23 -2.87 -7.45
CA LEU B 389 33.28 -1.41 -7.58
C LEU B 389 33.80 -0.72 -6.33
N PHE B 390 33.45 -1.27 -5.17
CA PHE B 390 33.78 -0.66 -3.90
C PHE B 390 35.24 -0.75 -3.45
N GLU B 391 35.84 -1.93 -3.60
CA GLU B 391 37.16 -2.18 -3.02
C GLU B 391 38.23 -1.17 -3.43
N PRO B 392 38.35 -0.85 -4.75
CA PRO B 392 39.41 0.12 -5.10
C PRO B 392 39.19 1.52 -4.49
N LEU B 393 37.92 1.90 -4.31
CA LEU B 393 37.56 3.24 -3.86
C LEU B 393 37.79 3.48 -2.37
N GLU B 394 38.08 2.40 -1.66
CA GLU B 394 38.46 2.47 -0.24
C GLU B 394 39.77 3.24 0.02
N LYS B 395 40.64 3.30 -1.00
CA LYS B 395 41.85 4.12 -0.97
C LYS B 395 41.50 5.58 -0.73
N TYR B 396 40.65 6.10 -1.62
CA TYR B 396 40.28 7.53 -1.67
C TYR B 396 39.09 7.88 -0.77
N ILE B 397 38.52 6.86 -0.14
CA ILE B 397 37.32 7.04 0.65
C ILE B 397 37.61 7.87 1.90
N GLN B 398 36.56 8.47 2.43
CA GLN B 398 36.58 9.13 3.72
C GLN B 398 35.27 8.73 4.43
N LYS B 399 35.07 9.21 5.64
CA LYS B 399 33.96 8.80 6.52
C LYS B 399 32.57 8.84 5.88
N ASP B 400 32.29 9.89 5.10
CA ASP B 400 30.98 10.05 4.44
C ASP B 400 31.11 10.26 2.93
N VAL B 401 32.34 10.45 2.49
CA VAL B 401 32.60 11.09 1.22
C VAL B 401 33.79 10.42 0.52
N CYS B 402 33.78 10.49 -0.81
CA CYS B 402 34.90 10.02 -1.65
C CYS B 402 35.69 11.22 -2.20
N PHE B 403 36.99 11.10 -2.31
CA PHE B 403 37.80 12.22 -2.78
C PHE B 403 38.26 11.94 -4.18
N LEU B 404 38.06 12.88 -5.10
CA LEU B 404 38.61 12.69 -6.45
C LEU B 404 39.08 13.99 -7.10
N PRO B 405 40.34 14.02 -7.57
CA PRO B 405 40.93 15.21 -8.22
C PRO B 405 40.50 15.41 -9.66
N GLY B 406 40.86 14.44 -10.51
CA GLY B 406 40.81 14.64 -11.94
C GLY B 406 39.48 14.85 -12.62
N GLY B 407 38.45 14.16 -12.19
CA GLY B 407 37.15 14.31 -12.83
C GLY B 407 36.60 15.72 -12.69
N MET B 408 35.96 16.22 -13.75
CA MET B 408 35.22 17.48 -13.65
C MET B 408 33.74 17.16 -13.42
N LEU B 409 33.14 17.83 -12.45
CA LEU B 409 31.72 17.65 -12.16
C LEU B 409 30.92 18.33 -13.24
N MET B 410 29.79 17.73 -13.62
CA MET B 410 29.01 18.25 -14.74
C MET B 410 28.22 19.53 -14.45
N GLY B 411 28.17 20.40 -15.47
CA GLY B 411 27.34 21.60 -15.48
C GLY B 411 27.98 22.88 -14.96
N MET B 412 29.05 22.77 -14.17
CA MET B 412 29.65 23.94 -13.53
C MET B 412 30.41 24.86 -14.48
N PHE B 413 31.19 24.30 -15.38
CA PHE B 413 32.05 25.09 -16.27
C PHE B 413 31.67 24.86 -17.72
N ASN B 414 30.38 24.94 -18.02
CA ASN B 414 29.93 24.70 -19.38
C ASN B 414 30.63 25.68 -20.30
N MET B 415 30.73 26.90 -19.82
CA MET B 415 31.35 27.98 -20.55
C MET B 415 32.77 27.59 -20.90
N LEU B 416 33.58 27.37 -19.86
CA LEU B 416 35.00 27.11 -20.04
C LEU B 416 35.21 25.84 -20.87
N SER B 417 34.29 24.88 -20.72
CA SER B 417 34.27 23.66 -21.52
C SER B 417 34.18 23.98 -23.01
N THR B 418 33.13 24.70 -23.36
CA THR B 418 32.91 25.11 -24.73
C THR B 418 34.10 25.90 -25.27
N VAL B 419 34.70 26.72 -24.42
CA VAL B 419 35.92 27.45 -24.74
C VAL B 419 36.96 26.49 -25.28
N LEU B 420 37.18 25.43 -24.52
CA LEU B 420 38.13 24.42 -24.90
C LEU B 420 37.75 23.81 -26.25
N GLY B 421 36.48 23.52 -26.42
CA GLY B 421 35.99 22.95 -27.67
C GLY B 421 36.27 23.82 -28.88
N VAL B 422 35.97 25.10 -28.74
CA VAL B 422 36.24 26.05 -29.81
C VAL B 422 37.75 26.10 -30.07
N SER B 423 38.55 26.01 -29.00
CA SER B 423 40.02 25.97 -29.12
C SER B 423 40.49 24.84 -30.02
N THR B 424 39.77 23.72 -29.98
CA THR B 424 40.04 22.62 -30.91
C THR B 424 39.64 22.93 -32.34
N LEU B 425 38.46 23.49 -32.54
CA LEU B 425 38.01 23.76 -33.89
C LEU B 425 38.66 25.00 -34.49
N CYS B 426 39.34 25.78 -33.64
CA CYS B 426 39.75 27.15 -33.95
C CYS B 426 40.50 27.31 -35.28
N TYR B 427 41.31 26.31 -35.62
CA TYR B 427 42.13 26.34 -36.83
C TYR B 427 41.67 25.31 -37.85
N GLU B 431 46.92 24.54 -39.30
CA GLU B 431 47.65 23.41 -38.73
C GLU B 431 48.74 22.94 -39.71
N LEU B 432 48.91 21.63 -39.86
CA LEU B 432 49.88 21.06 -40.76
C LEU B 432 49.46 21.31 -42.19
N LYS B 433 50.40 21.80 -42.99
CA LYS B 433 50.11 22.17 -44.36
C LYS B 433 49.92 20.92 -45.18
N ALA B 434 48.66 20.63 -45.50
CA ALA B 434 48.35 19.48 -46.35
C ALA B 434 47.34 19.90 -47.39
N LYS B 435 47.30 19.15 -48.49
CA LYS B 435 46.28 19.36 -49.52
C LYS B 435 44.91 19.06 -48.90
N GLY B 436 43.95 19.95 -49.10
CA GLY B 436 42.63 19.82 -48.51
C GLY B 436 42.65 19.54 -47.02
N CYS B 437 43.36 20.39 -46.28
CA CYS B 437 43.45 20.28 -44.83
C CYS B 437 42.52 21.32 -44.18
N PHE B 438 41.22 21.01 -44.14
CA PHE B 438 40.22 21.96 -43.60
C PHE B 438 39.24 21.28 -42.64
N TRP B 439 39.05 21.91 -41.48
CA TRP B 439 37.95 21.57 -40.60
C TRP B 439 37.56 22.76 -39.74
N THR B 440 36.25 22.95 -39.59
CA THR B 440 35.70 23.95 -38.67
C THR B 440 34.21 23.70 -38.49
N GLY B 441 33.64 24.37 -37.49
CA GLY B 441 32.21 24.26 -37.18
C GLY B 441 31.80 24.85 -35.83
N LEU B 442 30.68 24.34 -35.31
CA LEU B 442 30.09 24.83 -34.05
C LEU B 442 30.24 23.86 -32.89
N GLN B 443 30.16 24.39 -31.66
CA GLN B 443 30.24 23.55 -30.48
C GLN B 443 29.59 24.17 -29.25
N SER B 444 28.64 23.46 -28.66
CA SER B 444 28.03 23.87 -27.40
C SER B 444 28.27 22.79 -26.36
N SER B 445 29.10 23.11 -25.38
CA SER B 445 29.48 22.18 -24.32
C SER B 445 29.98 20.87 -24.94
N ASP B 446 29.27 19.77 -24.67
CA ASP B 446 29.59 18.48 -25.26
C ASP B 446 29.33 18.42 -26.76
N ASP B 447 28.19 18.92 -27.21
CA ASP B 447 27.78 18.77 -28.61
C ASP B 447 28.66 19.57 -29.56
N PHE B 448 29.07 18.94 -30.68
CA PHE B 448 29.81 19.67 -31.70
C PHE B 448 29.48 19.22 -33.14
N VAL B 449 29.34 20.22 -34.00
CA VAL B 449 29.15 20.06 -35.44
C VAL B 449 30.48 20.27 -36.15
N LEU B 450 30.90 19.29 -36.96
CA LEU B 450 32.19 19.41 -37.64
C LEU B 450 32.09 19.31 -39.18
N PHE B 451 32.53 20.37 -39.84
CA PHE B 451 32.62 20.42 -41.29
C PHE B 451 34.07 20.21 -41.71
N ALA B 452 34.29 19.19 -42.56
CA ALA B 452 35.63 18.85 -43.04
C ALA B 452 35.72 18.94 -44.55
N VAL B 453 36.81 19.55 -45.02
CA VAL B 453 37.09 19.68 -46.44
C VAL B 453 38.47 19.12 -46.76
N ALA B 454 38.52 18.35 -47.83
CA ALA B 454 39.75 17.77 -48.34
C ALA B 454 39.63 17.56 -49.86
N SER B 455 40.77 17.66 -50.55
CA SER B 455 40.83 17.62 -52.03
C SER B 455 40.11 16.40 -52.63
N ASN B 456 40.43 15.21 -52.12
CA ASN B 456 39.87 13.97 -52.63
C ASN B 456 39.24 13.15 -51.53
N TRP B 457 38.28 12.32 -51.90
CA TRP B 457 37.43 11.57 -50.96
C TRP B 457 38.18 10.72 -49.92
N SER B 458 39.29 10.14 -50.35
CA SER B 458 40.13 9.33 -49.47
C SER B 458 40.77 10.18 -48.37
N ASN B 459 41.27 11.36 -48.74
CA ASN B 459 41.93 12.27 -47.79
C ASN B 459 41.02 12.70 -46.65
N ILE B 460 39.72 12.81 -46.94
CA ILE B 460 38.74 13.26 -45.97
C ILE B 460 38.79 12.37 -44.73
N HIS B 461 38.91 11.07 -44.96
CA HIS B 461 39.07 10.12 -43.86
C HIS B 461 40.22 10.59 -42.98
N TRP B 462 41.38 10.79 -43.60
CA TRP B 462 42.60 11.17 -42.89
C TRP B 462 42.45 12.49 -42.12
N THR B 463 41.76 13.47 -42.72
CA THR B 463 41.59 14.79 -42.09
C THR B 463 40.69 14.73 -40.85
N ILE B 464 39.57 14.04 -40.98
CA ILE B 464 38.63 13.85 -39.87
C ILE B 464 39.37 13.12 -38.75
N ARG B 465 40.07 12.05 -39.13
CA ARG B 465 40.90 11.25 -38.23
C ARG B 465 41.86 12.12 -37.41
N ARG B 466 42.56 13.03 -38.08
CA ARG B 466 43.45 13.97 -37.42
C ARG B 466 42.69 14.83 -36.41
N PHE B 467 41.46 15.22 -36.75
CA PHE B 467 40.66 16.04 -35.84
C PHE B 467 40.35 15.31 -34.53
N ASN B 468 39.82 14.10 -34.63
CA ASN B 468 39.51 13.33 -33.43
C ASN B 468 40.77 12.99 -32.66
N ALA B 469 41.88 12.85 -33.38
CA ALA B 469 43.17 12.68 -32.74
C ALA B 469 43.44 13.86 -31.80
N VAL B 470 43.33 15.07 -32.33
CA VAL B 470 43.62 16.27 -31.55
C VAL B 470 42.60 16.52 -30.45
N CYS B 471 41.35 16.13 -30.69
CA CYS B 471 40.32 16.26 -29.67
C CYS B 471 40.65 15.35 -28.50
N LYS B 472 40.80 14.06 -28.81
CA LYS B 472 41.15 13.04 -27.83
C LYS B 472 42.53 13.27 -27.22
N LEU B 473 43.30 14.15 -27.84
CA LEU B 473 44.58 14.54 -27.31
C LEU B 473 44.42 15.29 -25.96
N ILE B 474 43.37 16.09 -25.86
CA ILE B 474 43.14 16.90 -24.64
C ILE B 474 41.89 16.51 -23.88
N GLY B 475 41.32 15.36 -24.20
CA GLY B 475 40.19 14.84 -23.43
C GLY B 475 38.83 15.03 -24.04
N ILE B 476 38.76 15.59 -25.24
CA ILE B 476 37.50 15.64 -25.98
C ILE B 476 37.25 14.32 -26.72
N ASN B 477 36.21 13.61 -26.29
CA ASN B 477 35.94 12.26 -26.77
C ASN B 477 34.65 12.21 -27.53
N MET B 478 34.80 12.16 -28.86
CA MET B 478 33.66 11.98 -29.73
C MET B 478 33.03 10.62 -29.45
N SER B 479 31.69 10.56 -29.42
CA SER B 479 30.98 9.31 -29.18
C SER B 479 30.94 8.51 -30.48
N LEU B 480 31.75 7.46 -30.51
CA LEU B 480 31.91 6.61 -31.69
C LEU B 480 30.62 5.94 -32.10
N GLU B 481 29.73 5.74 -31.14
CA GLU B 481 28.45 5.09 -31.37
C GLU B 481 27.38 6.08 -31.82
N LYS B 482 27.32 7.22 -31.13
CA LYS B 482 26.24 8.21 -31.31
C LYS B 482 26.42 9.13 -32.52
N SER B 483 27.66 9.52 -32.80
CA SER B 483 27.96 10.46 -33.89
C SER B 483 27.71 9.85 -35.28
N TYR B 484 27.56 10.70 -36.29
CA TYR B 484 27.38 10.22 -37.68
C TYR B 484 27.57 11.37 -38.66
N GLY B 485 27.83 11.06 -39.93
CA GLY B 485 28.11 12.11 -40.93
C GLY B 485 27.71 11.79 -42.36
N SER B 486 27.67 12.84 -43.19
CA SER B 486 27.23 12.70 -44.60
C SER B 486 27.64 13.89 -45.50
N LEU B 487 26.95 13.99 -46.62
CA LEU B 487 27.15 15.12 -47.51
C LEU B 487 26.72 16.30 -46.64
N PRO B 488 27.08 17.51 -47.03
CA PRO B 488 26.79 18.67 -46.18
C PRO B 488 25.32 18.92 -45.83
N GLU B 489 24.41 18.48 -46.69
CA GLU B 489 22.99 18.76 -46.47
C GLU B 489 22.35 18.24 -45.17
N LEU B 490 22.71 17.04 -44.71
CA LEU B 490 22.09 16.51 -43.48
C LEU B 490 22.96 16.60 -42.24
N PHE B 491 22.41 17.18 -41.18
CA PHE B 491 23.06 17.19 -39.87
C PHE B 491 22.11 17.71 -38.76
N GLU B 492 22.35 17.26 -37.52
CA GLU B 492 21.54 17.64 -36.34
C GLU B 492 22.38 18.38 -35.30
N PHE B 493 21.81 19.42 -34.69
CA PHE B 493 22.46 20.11 -33.55
C PHE B 493 21.48 20.49 -32.46
N THR B 494 21.59 19.86 -31.29
CA THR B 494 20.74 20.13 -30.11
C THR B 494 19.25 20.16 -30.45
N SER B 495 18.80 19.09 -31.09
CA SER B 495 17.40 18.91 -31.53
C SER B 495 17.06 19.83 -32.71
N MET B 496 18.07 20.34 -33.39
CA MET B 496 17.86 21.18 -34.56
C MET B 496 18.45 20.52 -35.82
N PHE B 497 17.56 19.92 -36.64
CA PHE B 497 17.94 19.16 -37.85
C PHE B 497 17.93 20.00 -39.12
N PHE B 498 18.89 19.78 -40.01
CA PHE B 498 19.06 20.65 -41.17
C PHE B 498 18.87 19.99 -42.53
N ASP B 499 18.72 20.86 -43.51
CA ASP B 499 18.57 20.51 -44.91
C ASP B 499 18.72 21.80 -45.72
N GLY B 500 18.05 21.89 -46.86
CA GLY B 500 17.77 23.18 -47.48
C GLY B 500 16.86 23.95 -46.53
N GLU B 501 15.89 23.25 -45.95
CA GLU B 501 14.97 23.79 -44.94
C GLU B 501 15.64 23.88 -43.58
N PHE B 502 14.95 24.48 -42.61
CA PHE B 502 15.55 24.79 -41.32
C PHE B 502 14.68 24.35 -40.14
N VAL B 503 14.73 23.05 -39.84
CA VAL B 503 14.21 22.45 -38.59
C VAL B 503 12.90 23.04 -38.05
N SER B 504 11.79 22.68 -38.67
CA SER B 504 10.49 23.05 -38.09
C SER B 504 10.16 22.03 -37.02
N ASN B 505 10.28 22.44 -35.75
CA ASN B 505 9.86 21.59 -34.65
C ASN B 505 9.42 22.41 -33.43
N LEU B 506 8.34 21.94 -32.81
CA LEU B 506 7.72 22.57 -31.64
C LEU B 506 7.92 21.68 -30.42
N ALA B 507 8.55 20.52 -30.67
CA ALA B 507 8.84 19.49 -29.67
C ALA B 507 9.60 20.06 -28.50
N MET B 508 10.45 21.04 -28.78
CA MET B 508 11.25 21.68 -27.75
C MET B 508 10.41 22.44 -26.73
N GLU B 509 9.40 23.19 -27.20
CA GLU B 509 8.70 24.14 -26.34
C GLU B 509 7.28 23.70 -25.93
N LEU B 510 7.08 22.39 -25.79
CA LEU B 510 5.74 21.84 -25.51
C LEU B 510 5.13 22.07 -24.10
N PRO B 511 5.88 21.79 -23.00
CA PRO B 511 5.24 21.93 -21.68
C PRO B 511 5.12 23.38 -21.20
N ALA B 512 5.90 24.28 -21.81
CA ALA B 512 5.84 25.70 -21.51
C ALA B 512 4.49 26.30 -21.88
N PHE B 513 3.85 25.77 -22.92
CA PHE B 513 2.54 26.24 -23.42
C PHE B 513 1.46 26.28 -22.35
N THR B 514 1.42 25.26 -21.51
CA THR B 514 0.40 25.15 -20.47
C THR B 514 0.50 26.28 -19.42
N THR B 515 -0.62 26.46 -18.71
CA THR B 515 -0.80 27.57 -17.75
C THR B 515 0.41 27.78 -16.83
N ALA B 516 0.98 29.00 -16.88
CA ALA B 516 2.19 29.36 -16.12
C ALA B 516 1.97 29.30 -14.60
N GLY B 517 0.84 29.85 -14.15
CA GLY B 517 0.35 29.63 -12.79
C GLY B 517 0.42 30.76 -11.78
N VAL B 518 0.73 31.98 -12.19
CA VAL B 518 0.83 33.06 -11.21
C VAL B 518 -0.57 33.58 -10.85
N ASN B 519 -1.29 34.04 -11.85
CA ASN B 519 -2.63 34.55 -11.63
C ASN B 519 -3.31 34.56 -12.98
N GLU B 520 -4.64 34.61 -12.97
CA GLU B 520 -5.44 34.43 -14.19
C GLU B 520 -5.12 35.38 -15.37
N GLY B 521 -5.13 36.69 -15.14
CA GLY B 521 -4.85 37.64 -16.21
C GLY B 521 -3.44 37.43 -16.72
N VAL B 522 -2.51 37.28 -15.78
CA VAL B 522 -1.08 37.10 -16.09
C VAL B 522 -0.84 35.77 -16.80
N ASP B 523 -1.53 34.73 -16.34
CA ASP B 523 -1.46 33.39 -16.95
C ASP B 523 -1.81 33.42 -18.44
N PHE B 524 -3.02 33.91 -18.75
CA PHE B 524 -3.51 33.87 -20.11
C PHE B 524 -2.65 34.71 -21.05
N THR B 525 -2.47 35.97 -20.68
CA THR B 525 -1.72 36.90 -21.54
C THR B 525 -0.30 36.37 -21.79
N ALA B 526 0.32 35.82 -20.75
CA ALA B 526 1.65 35.21 -20.89
C ALA B 526 1.59 34.08 -21.88
N ALA B 527 0.59 33.21 -21.71
CA ALA B 527 0.37 32.07 -22.60
C ALA B 527 0.28 32.52 -24.05
N MET B 528 -0.49 33.57 -24.27
CA MET B 528 -0.61 34.15 -25.59
C MET B 528 0.76 34.52 -26.13
N SER B 529 1.45 35.45 -25.46
CA SER B 529 2.76 35.98 -25.92
C SER B 529 3.81 34.88 -26.16
N ILE B 530 3.66 33.80 -25.40
CA ILE B 530 4.43 32.60 -25.63
C ILE B 530 4.10 32.02 -26.99
N ILE B 531 2.81 31.79 -27.25
CA ILE B 531 2.35 31.25 -28.54
C ILE B 531 2.93 32.08 -29.70
N LYS B 532 2.89 33.39 -29.52
CA LYS B 532 3.48 34.30 -30.47
C LYS B 532 4.95 33.94 -30.66
N THR B 533 5.74 34.10 -29.59
CA THR B 533 7.21 33.96 -29.66
C THR B 533 7.62 32.64 -30.28
N ASN B 534 6.90 31.61 -29.91
CA ASN B 534 7.03 30.31 -30.54
C ASN B 534 6.69 30.35 -32.03
N MET B 535 5.66 31.10 -32.38
CA MET B 535 5.24 31.18 -33.78
C MET B 535 6.29 31.82 -34.67
N ILE B 536 6.98 32.82 -34.13
CA ILE B 536 8.02 33.51 -34.88
C ILE B 536 9.29 32.67 -34.98
N ASN B 537 9.83 32.29 -33.83
CA ASN B 537 11.15 31.62 -33.74
C ASN B 537 11.10 30.15 -34.18
N ASN B 538 10.33 29.35 -33.44
CA ASN B 538 10.16 27.91 -33.71
C ASN B 538 9.45 27.65 -35.02
N SER B 539 8.73 28.66 -35.51
CA SER B 539 8.20 28.66 -36.85
C SER B 539 7.01 27.72 -36.99
N LEU B 540 6.25 27.54 -35.92
CA LEU B 540 5.03 26.75 -36.04
C LEU B 540 4.04 27.50 -36.90
N SER B 541 3.24 26.74 -37.63
CA SER B 541 2.19 27.30 -38.48
C SER B 541 1.03 27.90 -37.64
N PRO B 542 0.17 28.74 -38.25
CA PRO B 542 -0.88 29.49 -37.54
C PRO B 542 -2.02 28.66 -37.01
N SER B 543 -2.63 27.81 -37.82
CA SER B 543 -3.74 26.99 -37.35
C SER B 543 -3.34 26.15 -36.13
N THR B 544 -2.09 25.72 -36.12
CA THR B 544 -1.48 25.12 -34.96
C THR B 544 -1.68 26.01 -33.74
N ALA B 545 -1.25 27.26 -33.87
CA ALA B 545 -1.29 28.24 -32.78
C ALA B 545 -2.72 28.60 -32.36
N LEU B 546 -3.64 28.54 -33.30
CA LEU B 546 -5.05 28.77 -33.01
C LEU B 546 -5.58 27.68 -32.13
N MET B 547 -5.26 26.44 -32.52
CA MET B 547 -5.62 25.31 -31.69
C MET B 547 -4.98 25.49 -30.34
N ALA B 548 -3.69 25.85 -30.36
CA ALA B 548 -2.89 26.09 -29.16
C ALA B 548 -3.57 27.06 -28.22
N LEU B 549 -4.13 28.11 -28.81
CA LEU B 549 -4.94 29.04 -28.05
C LEU B 549 -6.12 28.35 -27.42
N ARG B 550 -6.97 27.77 -28.27
CA ARG B 550 -8.22 27.15 -27.79
C ARG B 550 -7.97 26.12 -26.67
N ILE B 551 -6.83 25.44 -26.78
CA ILE B 551 -6.37 24.49 -25.79
C ILE B 551 -6.00 25.21 -24.49
N CYS B 552 -5.03 26.11 -24.57
CA CYS B 552 -4.55 26.83 -23.40
C CYS B 552 -5.70 27.50 -22.68
N LEU B 553 -6.69 27.90 -23.47
CA LEU B 553 -7.93 28.45 -22.97
C LEU B 553 -8.73 27.42 -22.19
N GLN B 554 -8.96 26.27 -22.78
CA GLN B 554 -9.76 25.25 -22.13
C GLN B 554 -9.11 24.84 -20.80
N GLU B 555 -7.81 24.62 -20.84
CA GLU B 555 -7.05 24.22 -19.66
C GLU B 555 -6.93 25.38 -18.68
N PHE B 556 -7.04 26.61 -19.18
CA PHE B 556 -7.12 27.79 -18.32
C PHE B 556 -8.45 27.85 -17.57
N ARG B 557 -9.54 27.72 -18.30
CA ARG B 557 -10.89 27.65 -17.75
C ARG B 557 -10.99 26.57 -16.68
N ALA B 558 -10.36 25.44 -16.94
CA ALA B 558 -10.29 24.32 -15.99
C ALA B 558 -9.43 24.63 -14.76
N THR B 559 -8.22 25.10 -14.99
CA THR B 559 -7.28 25.35 -13.91
C THR B 559 -7.81 26.44 -12.97
N TYR B 560 -8.72 27.29 -13.45
CA TYR B 560 -9.29 28.35 -12.61
C TYR B 560 -10.77 28.17 -12.40
N ARG B 561 -11.30 27.04 -12.87
CA ARG B 561 -12.70 26.64 -12.64
C ARG B 561 -13.72 27.68 -13.08
N VAL B 562 -13.59 28.11 -14.33
CA VAL B 562 -14.51 29.08 -14.90
C VAL B 562 -14.99 28.55 -16.23
N HIS B 563 -16.17 28.97 -16.65
CA HIS B 563 -16.72 28.60 -17.95
C HIS B 563 -17.59 29.72 -18.57
N PRO B 564 -17.78 29.70 -19.91
CA PRO B 564 -18.59 30.71 -20.59
C PRO B 564 -19.99 30.93 -20.02
N TRP B 565 -20.54 32.12 -20.20
CA TRP B 565 -21.89 32.43 -19.72
C TRP B 565 -22.96 31.60 -20.45
N ASP B 566 -22.75 31.35 -21.74
CA ASP B 566 -23.66 30.52 -22.55
C ASP B 566 -23.50 29.03 -22.26
N SER B 567 -22.42 28.67 -21.57
CA SER B 567 -22.19 27.29 -21.18
C SER B 567 -23.23 26.85 -20.16
N ARG B 568 -23.81 25.68 -20.40
CA ARG B 568 -24.83 25.12 -19.52
C ARG B 568 -24.24 24.78 -18.15
N VAL B 569 -22.92 24.52 -18.13
CA VAL B 569 -22.20 24.06 -16.94
C VAL B 569 -22.57 24.88 -15.71
N LYS B 570 -22.93 24.17 -14.64
CA LYS B 570 -23.25 24.80 -13.37
C LYS B 570 -22.18 24.49 -12.33
N GLY B 571 -21.82 25.51 -11.55
CA GLY B 571 -20.79 25.41 -10.53
C GLY B 571 -20.93 26.52 -9.51
N GLY B 572 -19.99 26.57 -8.58
CA GLY B 572 -19.98 27.62 -7.56
C GLY B 572 -19.75 29.00 -8.17
N ARG B 573 -18.66 29.12 -8.92
CA ARG B 573 -18.33 30.37 -9.59
C ARG B 573 -19.41 30.71 -10.64
N MET B 574 -19.89 29.69 -11.33
CA MET B 574 -20.89 29.84 -12.40
C MET B 574 -22.24 30.33 -11.89
N LYS B 575 -22.59 29.88 -10.69
CA LYS B 575 -23.88 30.18 -10.08
C LYS B 575 -24.15 31.70 -10.01
N ILE B 576 -23.10 32.46 -9.68
CA ILE B 576 -23.15 33.92 -9.65
C ILE B 576 -23.47 34.44 -11.04
N ILE B 577 -22.80 33.85 -12.02
CA ILE B 577 -22.92 34.28 -13.41
C ILE B 577 -24.39 34.19 -13.86
N ASN B 578 -25.14 33.27 -13.27
CA ASN B 578 -26.58 33.16 -13.58
C ASN B 578 -27.41 34.42 -13.30
N GLU B 579 -27.02 35.23 -12.30
CA GLU B 579 -27.65 36.55 -12.09
C GLU B 579 -26.90 37.66 -12.86
N PHE B 580 -25.59 37.48 -13.02
CA PHE B 580 -24.71 38.41 -13.74
C PHE B 580 -25.23 38.71 -15.15
N ILE B 581 -25.49 37.63 -15.90
CA ILE B 581 -25.72 37.69 -17.35
C ILE B 581 -26.72 38.76 -17.78
N LYS B 582 -27.90 38.70 -17.17
CA LYS B 582 -29.03 39.55 -17.57
C LYS B 582 -28.70 41.04 -17.60
N THR B 583 -27.82 41.47 -16.69
CA THR B 583 -27.49 42.90 -16.52
C THR B 583 -26.67 43.46 -17.66
N ILE B 584 -25.55 42.80 -17.95
CA ILE B 584 -24.62 43.28 -18.97
C ILE B 584 -25.20 43.11 -20.37
N GLU B 585 -25.07 44.16 -21.17
CA GLU B 585 -25.55 44.16 -22.55
C GLU B 585 -24.56 43.40 -23.44
N ASN B 586 -23.30 43.82 -23.41
CA ASN B 586 -22.24 43.24 -24.24
C ASN B 586 -21.55 42.06 -23.54
N LYS B 587 -22.22 40.92 -23.60
CA LYS B 587 -21.79 39.74 -22.87
C LYS B 587 -20.53 39.11 -23.48
N ASP B 588 -20.27 39.40 -24.76
CA ASP B 588 -19.03 38.95 -25.43
C ASP B 588 -17.79 39.64 -24.85
N GLY B 589 -17.91 40.96 -24.66
CA GLY B 589 -16.81 41.79 -24.20
C GLY B 589 -16.35 41.48 -22.79
N LEU B 590 -17.09 40.64 -22.08
CA LEU B 590 -16.73 40.22 -20.73
C LEU B 590 -15.37 39.54 -20.72
N LEU B 591 -14.64 39.70 -19.63
CA LEU B 591 -13.37 38.99 -19.45
C LEU B 591 -13.62 37.50 -19.28
N ILE B 592 -12.61 36.68 -19.59
CA ILE B 592 -12.76 35.23 -19.47
C ILE B 592 -12.94 34.83 -18.01
N ALA B 593 -12.16 35.44 -17.13
CA ALA B 593 -12.20 35.21 -15.68
C ALA B 593 -13.61 35.36 -15.06
N ASP B 594 -14.40 36.26 -15.60
CA ASP B 594 -15.78 36.46 -15.17
C ASP B 594 -16.77 35.66 -16.01
N GLY B 595 -16.25 34.89 -16.97
CA GLY B 595 -17.05 34.00 -17.79
C GLY B 595 -17.26 34.49 -19.20
N GLY B 596 -16.31 35.27 -19.68
CA GLY B 596 -16.37 35.77 -21.03
C GLY B 596 -15.85 34.77 -22.04
N LYS B 597 -16.46 34.78 -23.22
CA LYS B 597 -16.01 33.96 -24.33
C LYS B 597 -14.73 34.55 -24.94
N LEU B 598 -14.09 33.78 -25.80
CA LEU B 598 -12.82 34.15 -26.41
C LEU B 598 -13.01 35.28 -27.43
N MET B 599 -12.22 36.33 -27.28
CA MET B 599 -12.22 37.43 -28.25
C MET B 599 -10.88 37.59 -28.97
N ASN B 600 -9.81 37.12 -28.35
CA ASN B 600 -8.47 37.22 -28.92
C ASN B 600 -8.27 36.28 -30.09
N ASN B 601 -7.29 36.58 -30.94
CA ASN B 601 -6.93 35.65 -31.99
C ASN B 601 -5.44 35.73 -32.28
N ILE B 602 -5.02 35.05 -33.35
CA ILE B 602 -3.64 35.04 -33.84
C ILE B 602 -3.14 36.44 -34.13
N SER B 603 -4.02 37.25 -34.74
CA SER B 603 -3.74 38.64 -35.08
C SER B 603 -3.57 39.54 -33.85
N THR B 604 -4.38 39.27 -32.81
CA THR B 604 -4.38 40.06 -31.57
C THR B 604 -3.58 39.43 -30.41
N LEU B 605 -2.64 38.54 -30.75
CA LEU B 605 -1.81 37.88 -29.74
C LEU B 605 -0.97 38.82 -28.93
N HIS B 606 -0.36 39.78 -29.61
CA HIS B 606 0.40 40.84 -28.95
C HIS B 606 -0.45 41.60 -27.91
N ILE B 607 -1.75 41.65 -28.17
CA ILE B 607 -2.67 42.40 -27.35
C ILE B 607 -3.24 41.54 -26.23
N PRO B 608 -3.03 41.96 -24.96
CA PRO B 608 -3.67 41.34 -23.79
C PRO B 608 -5.19 41.43 -23.82
N GLU B 609 -5.86 40.37 -23.36
CA GLU B 609 -7.32 40.25 -23.46
C GLU B 609 -8.05 41.46 -22.90
N GLU B 610 -7.50 42.02 -21.83
CA GLU B 610 -8.12 43.13 -21.12
C GLU B 610 -8.28 44.31 -22.07
N VAL B 611 -7.23 44.61 -22.80
CA VAL B 611 -7.26 45.75 -23.70
C VAL B 611 -8.31 45.46 -24.76
N LEU B 612 -8.13 44.38 -25.52
CA LEU B 612 -9.03 44.04 -26.65
C LEU B 612 -10.53 44.02 -26.29
N LYS B 613 -10.84 43.58 -25.09
CA LYS B 613 -12.22 43.59 -24.63
C LYS B 613 -12.66 44.97 -24.11
N PHE B 614 -11.69 45.79 -23.71
CA PHE B 614 -11.95 47.03 -22.92
C PHE B 614 -12.96 47.98 -23.55
N GLU B 615 -12.76 48.30 -24.81
CA GLU B 615 -13.61 49.27 -25.48
C GLU B 615 -15.05 48.79 -25.50
N LYS B 616 -15.24 47.51 -25.80
CA LYS B 616 -16.56 46.92 -25.92
C LYS B 616 -17.24 46.64 -24.57
N MET B 617 -16.45 46.69 -23.50
CA MET B 617 -16.98 46.45 -22.15
C MET B 617 -18.15 47.33 -21.80
N ASP B 618 -18.96 46.86 -20.87
CA ASP B 618 -20.02 47.69 -20.30
C ASP B 618 -19.41 48.61 -19.26
N GLU B 619 -19.89 49.85 -19.22
CA GLU B 619 -19.29 50.89 -18.38
C GLU B 619 -19.27 50.50 -16.91
N GLN B 620 -20.41 49.99 -16.42
CA GLN B 620 -20.53 49.50 -15.06
C GLN B 620 -19.49 48.45 -14.82
N TYR B 621 -19.43 47.50 -15.73
CA TYR B 621 -18.47 46.41 -15.66
C TYR B 621 -17.02 46.93 -15.56
N ARG B 622 -16.56 47.66 -16.57
CA ARG B 622 -15.14 48.13 -16.63
C ARG B 622 -14.74 48.90 -15.37
N ASN B 623 -15.59 49.84 -14.95
CA ASN B 623 -15.31 50.69 -13.80
C ASN B 623 -15.26 49.87 -12.51
N ARG B 624 -16.13 48.87 -12.42
CA ARG B 624 -16.25 48.04 -11.23
C ARG B 624 -15.15 47.00 -11.12
N VAL B 625 -14.61 46.58 -12.26
CA VAL B 625 -13.61 45.51 -12.29
C VAL B 625 -12.20 46.04 -12.06
N PHE B 626 -11.88 47.16 -12.69
CA PHE B 626 -10.51 47.71 -12.65
C PHE B 626 -10.29 48.74 -11.56
N ASN B 627 -11.30 48.98 -10.71
CA ASN B 627 -11.19 50.00 -9.68
C ASN B 627 -9.98 49.69 -8.77
N PRO B 628 -9.08 50.67 -8.59
CA PRO B 628 -7.87 50.51 -7.76
C PRO B 628 -8.17 50.28 -6.26
N LYS B 629 -9.23 50.93 -5.75
CA LYS B 629 -9.70 50.71 -4.37
C LYS B 629 -10.49 49.41 -4.30
N ASN B 630 -9.75 48.30 -4.33
CA ASN B 630 -10.32 46.96 -4.45
C ASN B 630 -9.71 45.97 -3.48
N PRO B 631 -10.42 44.87 -3.21
CA PRO B 631 -9.81 43.81 -2.41
C PRO B 631 -8.80 42.95 -3.18
N PHE B 632 -8.28 43.50 -4.28
CA PHE B 632 -7.41 42.73 -5.18
C PHE B 632 -5.97 43.21 -5.04
N ALA B 655 4.34 41.22 -20.61
CA ALA B 655 3.04 41.89 -20.56
C ALA B 655 2.23 41.42 -19.37
N VAL B 656 1.93 42.33 -18.46
CA VAL B 656 1.24 41.96 -17.23
C VAL B 656 0.05 42.91 -17.01
N VAL B 657 -1.13 42.33 -16.88
CA VAL B 657 -2.39 43.07 -16.65
C VAL B 657 -2.82 42.98 -15.18
N SER B 658 -3.42 44.05 -14.67
CA SER B 658 -3.44 44.28 -13.22
C SER B 658 -4.73 44.07 -12.43
N THR B 659 -5.85 43.81 -13.08
CA THR B 659 -7.12 43.69 -12.34
C THR B 659 -7.24 42.54 -11.29
N HIS B 660 -6.51 41.45 -11.51
CA HIS B 660 -6.43 40.35 -10.53
C HIS B 660 -4.98 39.93 -10.33
N SER B 661 -4.49 40.15 -9.10
CA SER B 661 -3.15 39.76 -8.71
C SER B 661 -3.19 39.28 -7.27
N PHE B 662 -2.78 38.03 -7.05
CA PHE B 662 -2.90 37.41 -5.74
C PHE B 662 -1.76 36.44 -5.46
N ARG B 663 -1.51 36.25 -4.17
CA ARG B 663 -0.40 35.41 -3.70
C ARG B 663 -0.91 34.00 -3.43
N THR B 664 -0.15 33.02 -3.89
CA THR B 664 -0.45 31.62 -3.65
C THR B 664 0.11 31.19 -2.29
N ARG B 665 -0.77 30.70 -1.40
CA ARG B 665 -0.37 30.26 -0.05
C ARG B 665 0.60 29.08 -0.10
N ALA B 666 1.69 29.18 0.65
CA ALA B 666 2.72 28.13 0.69
C ALA B 666 2.17 26.88 1.40
N ASN B 667 2.65 25.71 1.00
CA ASN B 667 2.17 24.45 1.55
C ASN B 667 2.57 24.33 3.02
N ARG B 668 1.77 23.60 3.80
CA ARG B 668 2.09 23.32 5.20
C ARG B 668 3.02 22.10 5.31
N THR B 669 4.18 22.19 4.66
CA THR B 669 5.15 21.09 4.61
C THR B 669 6.55 21.47 5.14
N LEU B 670 7.09 22.58 4.63
CA LEU B 670 8.38 23.14 5.09
C LEU B 670 8.33 23.66 6.54
N LEU B 671 7.15 24.16 6.96
CA LEU B 671 6.94 24.72 8.30
C LEU B 671 6.93 23.69 9.45
N ASN B 672 6.43 22.48 9.19
CA ASN B 672 6.36 21.43 10.22
C ASN B 672 7.72 20.86 10.62
N THR B 673 8.61 20.67 9.64
CA THR B 673 9.97 20.16 9.89
C THR B 673 10.84 21.17 10.67
N ASP B 674 12.08 20.78 10.99
CA ASP B 674 13.06 21.67 11.65
C ASP B 674 13.45 22.88 10.77
N MET B 675 13.19 22.76 9.47
CA MET B 675 13.42 23.85 8.50
C MET B 675 12.81 25.18 8.92
N ARG B 676 11.68 25.13 9.62
CA ARG B 676 11.07 26.33 10.21
C ARG B 676 11.89 26.90 11.38
N ALA B 677 12.39 26.01 12.24
CA ALA B 677 13.27 26.41 13.35
C ALA B 677 14.47 27.20 12.82
N MET B 678 14.94 26.80 11.63
CA MET B 678 15.93 27.58 10.89
C MET B 678 15.31 28.87 10.33
N MET B 679 14.10 28.76 9.75
CA MET B 679 13.40 29.89 9.12
C MET B 679 13.07 31.04 10.10
N ALA B 680 13.10 30.77 11.41
CA ALA B 680 12.92 31.79 12.45
C ALA B 680 13.82 33.02 12.29
N GLU B 681 14.97 32.81 11.63
CA GLU B 681 15.88 33.89 11.23
C GLU B 681 15.36 34.61 10.00
N GLU B 682 15.00 33.84 8.97
CA GLU B 682 14.47 34.42 7.73
C GLU B 682 13.25 35.31 7.96
N LYS B 683 12.34 34.92 8.87
CA LYS B 683 11.19 35.76 9.24
C LYS B 683 11.61 37.08 9.88
N ARG B 684 12.71 37.04 10.63
CA ARG B 684 13.29 38.25 11.24
C ARG B 684 13.81 39.21 10.17
N TYR B 685 14.32 38.67 9.07
CA TYR B 685 14.63 39.50 7.91
C TYR B 685 13.35 40.11 7.31
N GLN B 686 12.31 39.28 7.18
CA GLN B 686 11.03 39.65 6.53
C GLN B 686 10.37 40.88 7.10
N MET B 687 10.00 40.79 8.37
CA MET B 687 9.30 41.88 9.03
C MET B 687 10.05 43.20 8.88
N VAL B 688 11.39 43.14 8.94
CA VAL B 688 12.23 44.33 8.71
C VAL B 688 12.04 44.86 7.30
N CYS B 689 12.20 43.98 6.32
CA CYS B 689 12.05 44.38 4.92
C CYS B 689 10.68 45.00 4.68
N ASP B 690 9.65 44.35 5.21
CA ASP B 690 8.27 44.85 5.16
C ASP B 690 8.10 46.22 5.83
N MET B 691 8.80 46.39 6.94
CA MET B 691 8.75 47.63 7.68
C MET B 691 9.35 48.78 6.87
N PHE B 692 10.59 48.60 6.41
CA PHE B 692 11.27 49.62 5.62
C PHE B 692 10.48 50.01 4.37
N LYS B 693 9.92 49.01 3.69
CA LYS B 693 9.06 49.25 2.51
C LYS B 693 7.79 50.04 2.87
N SER B 694 7.26 49.82 4.07
CA SER B 694 6.15 50.63 4.56
C SER B 694 6.57 52.10 4.74
N VAL B 695 7.83 52.32 5.15
CA VAL B 695 8.40 53.66 5.28
C VAL B 695 8.79 54.27 3.92
N PHE B 696 9.59 53.54 3.15
CA PHE B 696 10.05 54.02 1.85
C PHE B 696 9.30 53.32 0.76
N GLU B 697 8.58 54.06 -0.06
CA GLU B 697 7.69 53.43 -1.02
C GLU B 697 8.42 52.79 -2.18
N SER B 698 9.47 53.45 -2.64
CA SER B 698 10.16 53.03 -3.85
C SER B 698 11.27 52.06 -3.55
N ALA B 699 11.27 51.48 -2.35
CA ALA B 699 12.38 50.65 -1.92
C ALA B 699 12.60 49.45 -2.84
N ASP B 700 11.49 48.80 -3.20
CA ASP B 700 11.58 47.63 -4.08
C ASP B 700 11.95 48.07 -5.48
N ILE B 701 11.37 49.18 -5.91
CA ILE B 701 11.59 49.66 -7.27
C ILE B 701 13.01 50.14 -7.44
N ASN B 702 13.39 51.16 -6.69
CA ASN B 702 14.77 51.65 -6.70
C ASN B 702 15.57 51.09 -5.52
N PRO B 703 16.62 50.30 -5.81
CA PRO B 703 17.50 49.78 -4.77
C PRO B 703 18.03 50.90 -3.90
N PRO B 704 17.65 50.94 -2.62
CA PRO B 704 18.01 52.03 -1.73
C PRO B 704 19.50 52.23 -1.63
N ILE B 705 19.91 53.49 -1.62
CA ILE B 705 21.31 53.89 -1.60
C ILE B 705 21.54 55.02 -0.61
N GLY B 706 22.80 55.45 -0.52
CA GLY B 706 23.19 56.53 0.38
C GLY B 706 24.02 55.96 1.51
N ALA B 707 24.91 56.79 2.07
CA ALA B 707 25.77 56.35 3.16
C ALA B 707 25.06 56.51 4.49
N MET B 708 24.02 55.70 4.69
CA MET B 708 23.25 55.72 5.93
C MET B 708 22.87 54.32 6.35
N SER B 709 22.64 54.16 7.64
CA SER B 709 22.11 52.91 8.14
C SER B 709 20.63 52.87 7.80
N ILE B 710 20.08 51.67 7.76
CA ILE B 710 18.66 51.50 7.45
C ILE B 710 17.80 52.16 8.51
N GLY B 711 18.11 51.89 9.77
CA GLY B 711 17.37 52.48 10.88
C GLY B 711 17.41 53.99 10.93
N GLU B 712 18.59 54.56 10.66
CA GLU B 712 18.79 56.02 10.71
C GLU B 712 17.92 56.74 9.69
N ALA B 713 17.98 56.26 8.45
CA ALA B 713 17.13 56.76 7.39
C ALA B 713 15.67 56.58 7.78
N ILE B 714 15.33 55.43 8.35
CA ILE B 714 13.94 55.17 8.79
C ILE B 714 13.47 56.20 9.80
N GLU B 715 14.29 56.45 10.80
CA GLU B 715 13.97 57.40 11.86
C GLU B 715 13.76 58.82 11.31
N GLU B 716 14.75 59.32 10.59
CA GLU B 716 14.70 60.69 10.02
C GLU B 716 13.54 60.89 9.04
N LYS B 717 13.28 59.87 8.21
CA LYS B 717 12.16 59.93 7.27
C LYS B 717 10.81 59.95 7.99
N LEU B 718 10.71 59.16 9.06
CA LEU B 718 9.50 59.18 9.90
C LEU B 718 9.26 60.53 10.53
N LEU B 719 10.35 61.14 10.99
CA LEU B 719 10.31 62.49 11.51
C LEU B 719 9.84 63.50 10.46
N GLU B 720 10.35 63.37 9.23
CA GLU B 720 9.96 64.26 8.12
C GLU B 720 8.48 64.12 7.79
N ARG B 721 8.01 62.88 7.67
CA ARG B 721 6.58 62.63 7.40
C ARG B 721 5.68 63.11 8.54
N ALA B 722 6.14 62.97 9.78
CA ALA B 722 5.41 63.47 10.94
C ALA B 722 5.28 64.99 10.91
N LYS B 723 6.40 65.68 10.66
CA LYS B 723 6.43 67.15 10.53
C LYS B 723 5.53 67.63 9.39
N MET B 724 5.61 66.95 8.25
CA MET B 724 4.78 67.25 7.07
C MET B 724 3.31 67.19 7.45
N LYS B 725 2.90 66.04 8.00
CA LYS B 725 1.51 65.87 8.39
C LYS B 725 1.07 66.85 9.46
N ARG B 726 1.97 67.24 10.35
CA ARG B 726 1.62 68.18 11.42
C ARG B 726 1.43 69.61 10.93
N ASP B 727 2.47 70.15 10.31
CA ASP B 727 2.56 71.59 9.97
C ASP B 727 1.34 72.11 9.21
N ILE B 728 0.96 71.38 8.16
CA ILE B 728 -0.14 71.79 7.30
C ILE B 728 -1.31 70.78 7.36
N GLY B 729 -0.98 69.49 7.43
CA GLY B 729 -2.00 68.45 7.40
C GLY B 729 -2.83 68.36 8.67
N ALA B 730 -3.68 67.34 8.71
CA ALA B 730 -4.61 67.12 9.82
C ALA B 730 -4.11 66.06 10.81
N ILE B 731 -3.23 66.47 11.70
CA ILE B 731 -2.79 65.63 12.83
C ILE B 731 -2.40 66.53 14.00
N GLU B 732 -2.66 66.07 15.22
CA GLU B 732 -2.48 66.88 16.43
C GLU B 732 -1.00 67.08 16.76
N ASP B 733 -0.73 68.08 17.60
CA ASP B 733 0.64 68.40 18.01
C ASP B 733 1.18 67.45 19.07
N SER B 734 0.37 67.20 20.10
CA SER B 734 0.73 66.27 21.18
C SER B 734 0.92 64.84 20.65
N GLU B 735 0.18 64.52 19.59
CA GLU B 735 0.34 63.26 18.88
C GLU B 735 1.69 63.21 18.16
N TYR B 736 2.07 64.30 17.50
CA TYR B 736 3.40 64.42 16.89
C TYR B 736 4.52 64.24 17.91
N GLU B 737 4.36 64.85 19.08
CA GLU B 737 5.31 64.68 20.19
C GLU B 737 5.34 63.24 20.71
N GLU B 738 4.18 62.58 20.69
CA GLU B 738 4.08 61.16 21.05
C GLU B 738 4.87 60.29 20.07
N ILE B 739 4.77 60.61 18.78
CA ILE B 739 5.56 59.94 17.75
C ILE B 739 7.06 60.17 17.99
N LYS B 740 7.44 61.43 18.21
CA LYS B 740 8.84 61.79 18.53
C LYS B 740 9.36 60.97 19.70
N ASP B 741 8.54 60.84 20.75
CA ASP B 741 8.86 60.02 21.93
C ASP B 741 9.09 58.55 21.56
N ILE B 742 8.19 57.96 20.77
CA ILE B 742 8.34 56.57 20.31
C ILE B 742 9.65 56.40 19.56
N ILE B 743 9.96 57.36 18.69
CA ILE B 743 11.20 57.37 17.89
C ILE B 743 12.43 57.33 18.79
N ARG B 744 12.54 58.30 19.69
CA ARG B 744 13.71 58.39 20.59
C ARG B 744 13.79 57.16 21.48
N ASP B 745 12.66 56.72 22.01
CA ASP B 745 12.62 55.51 22.84
C ASP B 745 13.12 54.29 22.05
N ALA B 746 12.79 54.27 20.77
CA ALA B 746 13.30 53.26 19.87
C ALA B 746 14.80 53.41 19.64
N LYS B 747 15.27 54.66 19.59
CA LYS B 747 16.69 54.94 19.44
C LYS B 747 17.50 54.39 20.62
N LYS B 748 16.93 54.42 21.82
CA LYS B 748 17.60 53.87 23.01
C LYS B 748 17.89 52.39 22.83
N ALA B 749 16.84 51.63 22.55
CA ALA B 749 16.95 50.18 22.34
C ALA B 749 17.88 49.84 21.18
N ARG B 750 17.87 50.68 20.16
CA ARG B 750 18.78 50.53 19.04
C ARG B 750 20.24 50.72 19.47
N LEU B 751 20.52 51.74 20.28
CA LEU B 751 21.87 52.04 20.78
C LEU B 751 22.42 50.89 21.63
N GLU B 752 21.58 50.41 22.56
CA GLU B 752 21.97 49.36 23.51
C GLU B 752 22.59 48.12 22.82
N SER B 753 22.03 47.77 21.66
CA SER B 753 22.55 46.67 20.85
C SER B 753 23.89 47.03 20.21
N MET C 1 -4.22 58.72 10.43
CA MET C 1 -3.43 59.33 11.53
C MET C 1 -2.66 58.28 12.39
N SER C 2 -3.36 57.21 12.80
CA SER C 2 -2.75 56.07 13.49
C SER C 2 -1.91 55.21 12.52
N LEU C 3 -2.14 55.43 11.23
CA LEU C 3 -1.37 54.80 10.15
C LEU C 3 0.12 55.07 10.28
N LEU C 4 0.48 56.30 10.65
CA LEU C 4 1.89 56.66 10.89
C LEU C 4 2.33 56.18 12.28
N LEU C 5 1.41 56.20 13.24
CA LEU C 5 1.71 55.79 14.62
C LEU C 5 2.09 54.33 14.72
N THR C 6 1.20 53.46 14.25
CA THR C 6 1.39 52.01 14.37
C THR C 6 2.69 51.56 13.71
N ILE C 7 3.11 52.28 12.68
CA ILE C 7 4.40 52.02 12.05
C ILE C 7 5.52 52.30 13.04
N ALA C 8 5.45 53.44 13.71
CA ALA C 8 6.45 53.80 14.71
C ALA C 8 6.54 52.75 15.82
N LYS C 9 5.36 52.35 16.32
CA LYS C 9 5.27 51.33 17.37
C LYS C 9 5.88 50.00 16.93
N GLU C 10 5.65 49.66 15.66
CA GLU C 10 6.26 48.49 15.06
C GLU C 10 7.78 48.61 15.12
N TYR C 11 8.31 49.77 14.72
CA TYR C 11 9.75 50.03 14.77
C TYR C 11 10.28 49.84 16.19
N LYS C 12 9.56 50.39 17.17
CA LYS C 12 9.88 50.18 18.58
C LYS C 12 10.01 48.69 18.87
N ARG C 13 8.98 47.93 18.52
CA ARG C 13 8.98 46.48 18.72
C ARG C 13 10.18 45.79 18.08
N LEU C 14 10.47 46.14 16.83
CA LEU C 14 11.55 45.49 16.08
C LEU C 14 12.95 45.79 16.63
N CYS C 15 13.19 47.05 16.97
CA CYS C 15 14.49 47.47 17.52
C CYS C 15 14.71 47.00 18.98
N GLN C 16 13.63 46.62 19.66
CA GLN C 16 13.73 45.97 20.97
C GLN C 16 14.32 44.55 20.85
N ASP C 17 13.94 43.83 19.80
CA ASP C 17 14.56 42.55 19.44
C ASP C 17 16.01 42.81 19.00
N ALA C 18 16.95 42.55 19.90
CA ALA C 18 18.38 42.82 19.68
C ALA C 18 18.92 42.22 18.37
N LYS C 19 18.46 41.01 18.07
CA LYS C 19 18.86 40.30 16.85
C LYS C 19 18.57 41.15 15.63
N ALA C 20 17.33 41.61 15.52
CA ALA C 20 16.91 42.48 14.42
C ALA C 20 17.53 43.87 14.52
N ALA C 21 17.73 44.33 15.76
CA ALA C 21 18.24 45.67 16.00
C ALA C 21 19.62 45.86 15.39
N GLN C 22 20.53 44.92 15.67
CA GLN C 22 21.91 45.04 15.17
C GLN C 22 21.99 44.98 13.64
N MET C 23 21.27 44.05 13.03
CA MET C 23 21.22 43.97 11.57
C MET C 23 20.57 45.22 10.93
N MET C 24 19.67 45.87 11.68
CA MET C 24 19.11 47.16 11.25
C MET C 24 20.11 48.32 11.33
N THR C 25 21.10 48.24 12.22
CA THR C 25 22.06 49.35 12.40
C THR C 25 23.32 49.22 11.55
N VAL C 26 23.88 48.03 11.50
CA VAL C 26 25.16 47.83 10.84
C VAL C 26 24.99 48.00 9.34
N GLY C 27 25.89 48.76 8.75
CA GLY C 27 25.99 48.90 7.30
C GLY C 27 25.09 49.93 6.67
N THR C 28 25.21 50.01 5.34
CA THR C 28 24.44 50.94 4.50
C THR C 28 22.98 50.52 4.38
N VAL C 29 22.20 51.28 3.60
CA VAL C 29 20.82 50.90 3.33
C VAL C 29 20.79 49.86 2.24
N SER C 30 21.80 49.86 1.35
CA SER C 30 21.93 48.91 0.22
C SER C 30 21.65 47.47 0.60
N ASN C 31 21.88 47.16 1.88
CA ASN C 31 21.58 45.85 2.47
C ASN C 31 20.13 45.40 2.29
N TYR C 32 19.19 46.33 2.20
CA TYR C 32 17.81 45.98 1.89
C TYR C 32 17.70 45.15 0.62
N THR C 33 18.37 45.60 -0.44
CA THR C 33 18.45 44.87 -1.73
C THR C 33 18.87 43.40 -1.53
N THR C 34 19.79 43.18 -0.59
CA THR C 34 20.23 41.84 -0.22
C THR C 34 19.17 41.15 0.66
N PHE C 35 18.65 41.87 1.67
CA PHE C 35 17.68 41.31 2.63
C PHE C 35 16.44 40.78 1.95
N LYS C 36 15.88 41.58 1.06
CA LYS C 36 14.72 41.15 0.29
C LYS C 36 15.02 39.87 -0.46
N LYS C 37 16.22 39.78 -1.02
CA LYS C 37 16.67 38.60 -1.77
C LYS C 37 16.80 37.33 -0.91
N TRP C 38 16.75 37.46 0.41
CA TRP C 38 16.76 36.30 1.30
C TRP C 38 15.36 35.77 1.56
N THR C 39 14.42 36.11 0.68
CA THR C 39 13.09 35.52 0.72
C THR C 39 12.51 35.19 -0.65
N THR C 40 12.49 33.90 -0.99
CA THR C 40 11.64 33.44 -2.07
C THR C 40 10.24 33.32 -1.46
N SER C 41 9.23 33.63 -2.26
CA SER C 41 7.83 33.58 -1.79
C SER C 41 7.43 32.14 -1.47
N ARG C 42 7.82 31.22 -2.35
CA ARG C 42 7.48 29.79 -2.19
C ARG C 42 8.32 28.87 -3.10
N LYS C 43 8.12 27.56 -2.93
CA LYS C 43 8.71 26.54 -3.80
C LYS C 43 8.10 26.56 -5.20
N GLU C 44 8.96 26.44 -6.22
CA GLU C 44 8.54 26.59 -7.62
C GLU C 44 8.82 25.36 -8.48
N LYS C 45 8.79 24.17 -7.87
CA LYS C 45 9.17 22.93 -8.57
C LYS C 45 8.20 22.48 -9.67
N ASN C 46 6.90 22.53 -9.39
CA ASN C 46 5.86 22.02 -10.30
C ASN C 46 4.78 23.08 -10.57
N PRO C 47 5.03 24.00 -11.52
CA PRO C 47 4.20 25.21 -11.71
C PRO C 47 2.72 24.98 -12.07
N SER C 48 2.47 24.39 -13.25
CA SER C 48 1.11 24.15 -13.75
C SER C 48 0.34 23.26 -12.78
N LEU C 49 1.02 22.20 -12.32
CA LEU C 49 0.49 21.26 -11.34
C LEU C 49 0.09 21.96 -10.05
N ARG C 50 1.02 22.76 -9.49
CA ARG C 50 0.78 23.53 -8.27
C ARG C 50 -0.46 24.39 -8.37
N MET C 51 -0.64 25.04 -9.52
CA MET C 51 -1.77 25.94 -9.69
C MET C 51 -3.09 25.19 -9.80
N ARG C 52 -3.08 24.12 -10.59
CA ARG C 52 -4.24 23.22 -10.69
C ARG C 52 -4.62 22.63 -9.35
N TRP C 53 -3.61 22.40 -8.52
CA TRP C 53 -3.79 21.94 -7.17
C TRP C 53 -4.39 23.07 -6.31
N ALA C 54 -3.86 24.27 -6.49
CA ALA C 54 -4.21 25.44 -5.70
C ALA C 54 -5.68 25.81 -5.82
N MET C 55 -6.13 26.06 -7.04
CA MET C 55 -7.52 26.46 -7.27
C MET C 55 -8.54 25.36 -6.96
N SER C 56 -8.09 24.12 -6.87
CA SER C 56 -8.97 22.99 -6.56
C SER C 56 -9.75 23.18 -5.25
N SER C 57 -9.07 23.61 -4.19
CA SER C 57 -9.73 23.94 -2.92
C SER C 57 -10.56 25.20 -3.07
N LYS C 58 -11.67 25.28 -2.34
CA LYS C 58 -12.61 26.40 -2.50
C LYS C 58 -12.17 27.74 -1.90
N PHE C 59 -11.43 27.71 -0.79
CA PHE C 59 -11.06 28.97 -0.08
C PHE C 59 -9.56 29.36 0.04
N PRO C 60 -8.69 28.93 -0.92
CA PRO C 60 -7.25 29.06 -0.64
C PRO C 60 -6.69 30.48 -0.69
N ILE C 61 -7.16 31.25 -1.66
CA ILE C 61 -6.51 32.50 -2.08
C ILE C 61 -6.37 33.49 -0.95
N ILE C 62 -5.22 34.16 -0.90
CA ILE C 62 -5.01 35.26 0.03
C ILE C 62 -5.73 36.48 -0.52
N ALA C 63 -6.30 37.31 0.35
CA ALA C 63 -7.08 38.49 -0.08
C ALA C 63 -7.07 39.64 0.94
N ASN C 64 -7.58 40.78 0.50
CA ASN C 64 -7.61 42.00 1.30
C ASN C 64 -8.96 42.12 2.05
N LYS C 65 -8.86 42.19 3.37
CA LYS C 65 -10.05 42.18 4.21
C LYS C 65 -10.71 43.56 4.31
N ARG C 66 -9.91 44.55 4.67
CA ARG C 66 -10.42 45.87 5.08
C ARG C 66 -11.30 46.54 4.03
N MET C 67 -10.82 46.59 2.80
CA MET C 67 -11.52 47.32 1.73
C MET C 67 -12.86 46.66 1.47
N LEU C 68 -12.86 45.33 1.40
CA LEU C 68 -14.08 44.58 1.18
C LEU C 68 -15.08 44.80 2.30
N GLU C 69 -14.57 44.87 3.53
CA GLU C 69 -15.43 45.24 4.65
C GLU C 69 -16.08 46.58 4.40
N GLU C 70 -15.27 47.56 4.00
CA GLU C 70 -15.75 48.93 3.81
C GLU C 70 -16.83 49.03 2.73
N ALA C 71 -16.61 48.37 1.59
CA ALA C 71 -17.46 48.62 0.41
C ALA C 71 -18.66 47.66 0.26
N GLN C 72 -18.50 46.42 0.71
CA GLN C 72 -19.44 45.36 0.33
C GLN C 72 -19.65 44.28 1.38
N ILE C 73 -20.78 43.59 1.27
CA ILE C 73 -21.15 42.48 2.15
C ILE C 73 -20.16 41.31 1.98
N PRO C 74 -19.69 40.74 3.10
CA PRO C 74 -18.86 39.51 3.09
C PRO C 74 -19.65 38.22 2.91
N LYS C 75 -20.91 38.19 3.33
CA LYS C 75 -21.78 37.01 3.16
C LYS C 75 -22.19 36.78 1.70
N GLU C 76 -22.77 35.60 1.43
CA GLU C 76 -23.14 35.20 0.06
C GLU C 76 -24.62 35.39 -0.27
N HIS C 77 -24.93 35.24 -1.55
CA HIS C 77 -26.29 35.28 -2.11
C HIS C 77 -26.91 33.87 -2.24
N ASN C 78 -26.07 32.85 -2.40
CA ASN C 78 -26.52 31.46 -2.49
C ASN C 78 -26.15 30.63 -1.28
N ASN C 79 -25.84 31.31 -0.19
CA ASN C 79 -25.57 30.66 1.10
C ASN C 79 -24.40 29.66 1.04
N VAL C 80 -23.37 29.99 0.27
CA VAL C 80 -22.07 29.29 0.34
C VAL C 80 -21.07 30.23 1.01
N ALA C 81 -20.42 29.76 2.08
CA ALA C 81 -19.54 30.57 2.93
C ALA C 81 -18.54 31.39 2.10
N LEU C 82 -18.27 32.61 2.54
CA LEU C 82 -17.29 33.49 1.88
C LEU C 82 -16.23 34.07 2.82
N TRP C 83 -16.56 34.17 4.11
CA TRP C 83 -15.70 34.86 5.05
C TRP C 83 -15.66 34.30 6.46
N GLU C 84 -14.48 34.44 7.08
CA GLU C 84 -14.19 33.96 8.43
C GLU C 84 -13.36 35.01 9.18
N ASP C 85 -13.03 34.72 10.42
CA ASP C 85 -12.12 35.55 11.22
C ASP C 85 -10.77 34.86 11.44
N THR C 86 -10.63 33.62 10.97
CA THR C 86 -9.40 32.83 11.15
C THR C 86 -8.26 33.33 10.26
N GLU C 87 -7.03 33.20 10.77
CA GLU C 87 -5.85 33.77 10.09
C GLU C 87 -5.46 32.96 8.86
N LYS C 91 1.30 33.20 9.25
CA LYS C 91 0.80 34.42 9.88
C LYS C 91 0.91 35.62 8.95
N ARG C 92 -0.22 36.29 8.74
CA ARG C 92 -0.26 37.61 8.13
C ARG C 92 -1.59 38.29 8.40
N ASP C 93 -1.60 39.62 8.25
CA ASP C 93 -2.80 40.44 8.49
C ASP C 93 -3.90 40.10 7.48
N HIS C 94 -3.51 39.53 6.34
CA HIS C 94 -4.44 39.21 5.26
C HIS C 94 -5.24 37.95 5.59
N VAL C 95 -6.56 38.08 5.63
CA VAL C 95 -7.47 36.98 5.96
C VAL C 95 -7.97 36.28 4.70
N LEU C 96 -8.10 34.95 4.77
CA LEU C 96 -8.43 34.10 3.62
C LEU C 96 -9.90 34.20 3.16
N ALA C 97 -10.12 33.93 1.87
CA ALA C 97 -11.46 34.00 1.29
C ALA C 97 -11.53 33.20 -0.01
N SER C 98 -12.76 32.84 -0.38
CA SER C 98 -13.03 32.08 -1.59
C SER C 98 -12.75 32.86 -2.88
N ALA C 99 -12.69 32.13 -3.98
CA ALA C 99 -12.40 32.70 -5.30
C ALA C 99 -13.56 33.49 -5.89
N SER C 100 -14.78 33.00 -5.70
CA SER C 100 -15.98 33.56 -6.33
C SER C 100 -16.31 35.03 -5.96
N CYS C 101 -16.04 35.38 -4.71
CA CYS C 101 -16.32 36.73 -4.17
C CYS C 101 -15.78 37.85 -5.10
N ILE C 102 -14.54 37.64 -5.54
CA ILE C 102 -13.84 38.54 -6.46
C ILE C 102 -14.72 38.84 -7.67
N ASN C 103 -15.36 37.79 -8.18
CA ASN C 103 -16.25 37.90 -9.34
C ASN C 103 -17.50 38.67 -8.97
N TYR C 104 -17.97 38.47 -7.75
CA TYR C 104 -19.16 39.18 -7.31
C TYR C 104 -18.97 40.68 -7.26
N TRP C 105 -17.89 41.16 -6.64
CA TRP C 105 -17.66 42.62 -6.55
C TRP C 105 -17.47 43.23 -7.94
N ASN C 106 -16.91 42.44 -8.85
CA ASN C 106 -16.81 42.84 -10.23
C ASN C 106 -18.21 43.07 -10.80
N PHE C 107 -19.14 42.19 -10.45
CA PHE C 107 -20.52 42.32 -10.91
C PHE C 107 -21.26 43.48 -10.26
N CYS C 108 -21.39 43.42 -8.94
CA CYS C 108 -22.32 44.27 -8.20
C CYS C 108 -21.66 45.36 -7.35
N GLY C 109 -20.33 45.42 -7.34
CA GLY C 109 -19.60 46.43 -6.58
C GLY C 109 -19.94 47.83 -7.01
N PRO C 110 -19.95 48.79 -6.08
CA PRO C 110 -20.31 50.17 -6.46
C PRO C 110 -19.08 51.01 -6.78
N CYS C 111 -18.91 51.36 -8.04
CA CYS C 111 -17.74 52.14 -8.49
C CYS C 111 -18.07 52.89 -9.78
N VAL C 112 -17.48 54.08 -9.93
CA VAL C 112 -17.75 54.95 -11.07
C VAL C 112 -16.46 55.64 -11.55
N ASN C 113 -16.44 55.95 -12.85
CA ASN C 113 -15.50 56.91 -13.44
C ASN C 113 -14.02 56.57 -13.24
N ASN C 114 -13.60 55.41 -13.72
CA ASN C 114 -12.18 55.07 -13.69
C ASN C 114 -11.57 55.00 -15.08
N SER C 115 -12.40 55.11 -16.10
CA SER C 115 -12.02 54.78 -17.48
C SER C 115 -10.83 55.58 -18.02
N GLU C 116 -10.86 56.89 -17.85
CA GLU C 116 -9.82 57.75 -18.40
C GLU C 116 -8.49 57.47 -17.69
N VAL C 117 -8.57 57.23 -16.38
CA VAL C 117 -7.39 57.00 -15.53
C VAL C 117 -6.54 55.86 -16.08
N ILE C 118 -7.21 54.85 -16.61
CA ILE C 118 -6.59 53.59 -17.01
C ILE C 118 -5.63 53.75 -18.18
N LYS C 119 -6.20 54.07 -19.33
CA LYS C 119 -5.55 53.90 -20.63
C LYS C 119 -4.17 54.53 -20.72
N GLU C 120 -4.07 55.80 -20.33
CA GLU C 120 -2.81 56.51 -20.47
C GLU C 120 -1.75 55.99 -19.50
N VAL C 121 -2.15 55.13 -18.56
CA VAL C 121 -1.20 54.40 -17.71
C VAL C 121 -0.52 53.33 -18.54
N TYR C 122 -1.30 52.69 -19.40
CA TYR C 122 -0.77 51.72 -20.34
C TYR C 122 -0.95 52.17 -21.77
N LYS C 123 -0.50 53.39 -22.06
CA LYS C 123 -0.51 53.93 -23.43
C LYS C 123 0.32 53.02 -24.32
N SER C 124 1.30 52.35 -23.72
CA SER C 124 2.08 51.37 -24.43
C SER C 124 1.14 50.31 -25.00
N ARG C 125 0.50 49.54 -24.13
CA ARG C 125 -0.32 48.42 -24.58
C ARG C 125 -1.52 48.90 -25.38
N PHE C 126 -2.23 49.87 -24.81
CA PHE C 126 -3.41 50.41 -25.44
C PHE C 126 -3.13 50.94 -26.84
N GLY C 127 -1.98 51.59 -27.01
CA GLY C 127 -1.55 52.09 -28.31
C GLY C 127 -1.26 50.98 -29.30
N ARG C 128 -0.64 49.92 -28.79
CA ARG C 128 -0.32 48.75 -29.60
C ARG C 128 -1.60 48.09 -30.10
N LEU C 129 -2.70 48.35 -29.40
CA LEU C 129 -4.02 48.03 -29.91
C LEU C 129 -4.47 49.02 -30.98
N GLU C 130 -4.46 50.31 -30.63
CA GLU C 130 -4.94 51.42 -31.49
C GLU C 130 -4.40 51.29 -32.91
N ARG C 131 -3.11 50.99 -33.00
CA ARG C 131 -2.43 50.86 -34.27
C ARG C 131 -3.04 49.77 -35.15
N ARG C 132 -3.44 48.66 -34.53
CA ARG C 132 -4.00 47.55 -35.29
C ARG C 132 -5.29 47.92 -36.01
N LYS C 133 -6.10 48.78 -35.42
CA LYS C 133 -7.34 49.19 -36.07
C LYS C 133 -7.09 49.69 -37.49
N GLU C 134 -6.16 50.64 -37.61
CA GLU C 134 -5.87 51.28 -38.87
C GLU C 134 -4.89 50.42 -39.69
N ILE C 135 -5.42 49.41 -40.39
CA ILE C 135 -4.70 48.70 -41.47
C ILE C 135 -5.63 47.85 -42.34
N MET C 136 -5.21 47.64 -43.59
CA MET C 136 -5.97 46.82 -44.55
C MET C 136 -5.34 45.41 -44.59
N TRP C 137 -5.96 44.51 -45.33
CA TRP C 137 -5.57 43.11 -45.31
C TRP C 137 -5.59 42.49 -46.70
N LYS C 138 -4.74 41.48 -46.91
CA LYS C 138 -4.79 40.67 -48.13
C LYS C 138 -4.14 39.34 -47.88
N GLU C 139 -4.54 38.31 -48.62
CA GLU C 139 -3.97 36.99 -48.39
C GLU C 139 -3.48 36.17 -49.60
N LEU C 140 -2.25 35.68 -49.44
CA LEU C 140 -1.55 34.78 -50.40
C LEU C 140 -0.44 33.96 -49.73
N ARG C 141 0.11 33.01 -50.48
CA ARG C 141 1.18 32.09 -50.02
C ARG C 141 2.39 32.03 -50.92
N PHE C 142 3.54 31.73 -50.34
CA PHE C 142 4.78 31.65 -51.10
C PHE C 142 5.84 31.02 -50.23
N THR C 143 6.81 30.37 -50.86
CA THR C 143 8.03 29.93 -50.21
C THR C 143 8.88 31.16 -49.92
N LEU C 144 8.57 31.85 -48.84
CA LEU C 144 9.29 33.07 -48.49
C LEU C 144 10.71 32.80 -48.00
N VAL C 145 11.61 33.69 -48.42
CA VAL C 145 12.94 33.77 -47.86
C VAL C 145 12.99 35.00 -46.96
N ASP C 146 12.80 34.76 -45.66
CA ASP C 146 12.92 35.81 -44.66
C ASP C 146 14.38 36.17 -44.34
N ARG C 147 14.56 37.33 -43.71
CA ARG C 147 15.84 37.85 -43.25
C ARG C 147 16.05 37.46 -41.79
N GLN C 148 16.94 36.51 -41.57
CA GLN C 148 16.92 35.77 -40.31
C GLN C 148 17.30 36.62 -39.10
N ARG C 149 18.37 37.41 -39.19
CA ARG C 149 18.83 38.10 -37.97
C ARG C 149 19.04 39.59 -38.15
N ARG C 150 18.05 40.35 -37.69
CA ARG C 150 18.17 41.78 -37.53
C ARG C 150 17.96 42.14 -36.07
N ARG C 151 18.92 42.83 -35.46
CA ARG C 151 18.74 43.35 -34.11
C ARG C 151 17.97 44.66 -34.21
N VAL C 152 16.67 44.54 -34.42
CA VAL C 152 15.83 45.69 -34.76
C VAL C 152 14.85 45.98 -33.62
N ASP C 153 14.71 47.28 -33.31
CA ASP C 153 13.80 47.76 -32.26
C ASP C 153 12.39 47.21 -32.50
N THR C 154 11.79 46.67 -31.45
CA THR C 154 10.38 46.29 -31.51
C THR C 154 9.67 46.97 -30.35
N GLN C 155 8.36 47.14 -30.51
CA GLN C 155 7.57 47.96 -29.60
C GLN C 155 8.18 49.36 -29.44
N PRO C 156 8.22 50.15 -30.54
CA PRO C 156 8.87 51.45 -30.49
C PRO C 156 7.92 52.49 -29.95
N VAL C 157 8.46 53.41 -29.17
CA VAL C 157 7.65 54.48 -28.61
C VAL C 157 8.47 55.76 -28.70
N GLU C 158 7.78 56.89 -28.78
CA GLU C 158 8.42 58.19 -28.89
C GLU C 158 9.22 58.48 -27.62
N GLN C 159 10.35 59.13 -27.79
CA GLN C 159 11.22 59.54 -26.68
C GLN C 159 11.82 58.36 -25.92
N ARG C 160 12.18 57.31 -26.66
CA ARG C 160 12.86 56.15 -26.06
C ARG C 160 14.25 56.49 -25.55
N LEU C 161 14.61 55.86 -24.43
CA LEU C 161 15.79 56.25 -23.68
C LEU C 161 16.43 55.05 -23.01
N ARG C 162 17.62 55.27 -22.46
CA ARG C 162 18.38 54.23 -21.77
C ARG C 162 17.77 53.85 -20.42
N THR C 163 18.22 52.71 -19.89
CA THR C 163 17.70 52.14 -18.66
C THR C 163 17.98 52.96 -17.39
N GLY C 164 19.20 53.49 -17.26
CA GLY C 164 19.54 54.26 -16.06
C GLY C 164 18.71 55.53 -15.95
N GLU C 165 18.69 56.29 -17.03
CA GLU C 165 17.91 57.52 -17.08
C GLU C 165 16.41 57.28 -16.87
N ILE C 166 15.84 56.26 -17.53
CA ILE C 166 14.42 55.96 -17.35
C ILE C 166 14.14 55.61 -15.90
N LYS C 167 15.12 54.98 -15.25
CA LYS C 167 15.01 54.74 -13.82
C LYS C 167 14.88 56.05 -13.06
N ASP C 168 15.66 57.05 -13.46
CA ASP C 168 15.56 58.38 -12.83
C ASP C 168 14.13 58.90 -12.97
N LEU C 169 13.61 58.87 -14.19
CA LEU C 169 12.22 59.29 -14.43
C LEU C 169 11.26 58.59 -13.52
N GLN C 170 11.46 57.27 -13.45
CA GLN C 170 10.62 56.39 -12.65
C GLN C 170 10.53 56.97 -11.25
N MET C 171 11.69 57.25 -10.67
CA MET C 171 11.75 57.76 -9.32
C MET C 171 10.99 59.07 -9.13
N TRP C 172 11.28 60.03 -10.00
CA TRP C 172 10.73 61.40 -9.87
C TRP C 172 9.22 61.43 -9.99
N THR C 173 8.69 60.75 -10.99
CA THR C 173 7.25 60.71 -11.25
C THR C 173 6.43 59.99 -10.19
N LEU C 174 6.92 58.84 -9.74
CA LEU C 174 6.21 58.03 -8.74
C LEU C 174 6.08 58.73 -7.38
N PHE C 175 7.16 59.35 -6.93
CA PHE C 175 7.16 60.04 -5.65
C PHE C 175 8.25 61.09 -5.56
N GLU C 176 8.09 62.02 -4.62
CA GLU C 176 9.07 63.05 -4.41
C GLU C 176 9.77 62.81 -3.10
N ASP C 177 9.07 62.18 -2.19
CA ASP C 177 9.45 62.13 -0.80
C ASP C 177 10.83 61.53 -0.70
N GLU C 178 11.07 60.48 -1.46
CA GLU C 178 12.38 59.86 -1.46
C GLU C 178 12.96 59.83 -2.87
N ALA C 179 13.49 60.95 -3.31
CA ALA C 179 14.13 60.98 -4.61
C ALA C 179 15.43 61.78 -4.59
N PRO C 180 16.50 61.21 -5.17
CA PRO C 180 17.77 61.94 -5.26
C PRO C 180 17.62 63.09 -6.23
N LEU C 181 18.27 64.22 -5.95
CA LEU C 181 18.16 65.38 -6.84
C LEU C 181 19.05 65.21 -8.07
N ALA C 182 18.63 64.33 -8.98
CA ALA C 182 19.45 63.96 -10.15
C ALA C 182 19.40 65.01 -11.24
N SER C 183 20.56 65.57 -11.53
CA SER C 183 20.68 66.76 -12.36
C SER C 183 20.50 66.48 -13.84
N LYS C 184 21.37 65.62 -14.37
CA LYS C 184 21.64 65.55 -15.81
C LYS C 184 20.36 65.36 -16.59
N PHE C 185 19.55 64.40 -16.15
CA PHE C 185 18.32 64.11 -16.86
C PHE C 185 17.25 65.17 -16.66
N ILE C 186 17.17 65.68 -15.45
CA ILE C 186 16.07 66.54 -15.10
C ILE C 186 16.17 67.93 -15.74
N LEU C 187 17.33 68.58 -15.59
CA LEU C 187 17.53 69.90 -16.21
C LEU C 187 17.25 69.85 -17.72
N ASP C 188 17.92 68.91 -18.40
CA ASP C 188 17.92 68.84 -19.86
C ASP C 188 16.60 68.35 -20.46
N ASN C 189 16.05 67.27 -19.91
CA ASN C 189 14.85 66.66 -20.49
C ASN C 189 13.54 67.11 -19.82
N TYR C 190 13.60 68.08 -18.92
CA TYR C 190 12.38 68.58 -18.29
C TYR C 190 11.32 68.90 -19.34
N GLY C 191 10.07 68.62 -19.02
CA GLY C 191 8.96 68.88 -19.93
C GLY C 191 8.20 67.59 -20.12
N LEU C 192 8.97 66.53 -20.36
CA LEU C 192 8.44 65.18 -20.31
C LEU C 192 8.22 64.87 -18.84
N VAL C 193 9.16 65.33 -18.02
CA VAL C 193 9.06 65.21 -16.57
C VAL C 193 7.76 65.85 -16.16
N LYS C 194 7.52 67.05 -16.64
CA LYS C 194 6.31 67.75 -16.32
C LYS C 194 5.12 66.87 -16.68
N GLU C 195 5.03 66.49 -17.94
CA GLU C 195 3.84 65.78 -18.43
C GLU C 195 3.60 64.54 -17.58
N MET C 196 4.58 63.66 -17.54
CA MET C 196 4.41 62.36 -16.86
C MET C 196 4.08 62.59 -15.39
N ARG C 197 4.92 63.33 -14.70
CA ARG C 197 4.70 63.62 -13.29
C ARG C 197 3.30 64.20 -13.04
N SER C 198 2.82 65.03 -13.95
CA SER C 198 1.51 65.66 -13.80
C SER C 198 0.36 64.68 -13.87
N LYS C 199 0.36 63.84 -14.89
CA LYS C 199 -0.73 62.86 -15.07
C LYS C 199 -0.78 61.78 -13.99
N PHE C 200 0.39 61.42 -13.45
CA PHE C 200 0.52 60.27 -12.53
C PHE C 200 0.68 60.56 -11.01
N ALA C 201 1.08 61.77 -10.62
CA ALA C 201 1.38 62.03 -9.18
C ALA C 201 0.11 62.33 -8.39
N ASN C 202 -0.82 63.00 -9.05
CA ASN C 202 -2.02 63.57 -8.41
C ASN C 202 -3.01 62.55 -7.86
N LYS C 203 -3.25 61.48 -8.61
CA LYS C 203 -4.23 60.45 -8.25
C LYS C 203 -3.53 59.19 -7.76
N PRO C 204 -3.26 59.08 -6.43
CA PRO C 204 -2.38 58.01 -5.90
C PRO C 204 -2.92 56.58 -6.06
N LEU C 205 -2.60 55.93 -7.17
CA LEU C 205 -3.11 54.60 -7.50
C LEU C 205 -2.03 53.70 -8.13
N ASN C 206 -1.87 52.49 -7.59
CA ASN C 206 -0.98 51.45 -8.16
C ASN C 206 0.50 51.81 -8.22
N LYS C 207 1.01 52.33 -7.12
CA LYS C 207 2.30 53.03 -7.14
C LYS C 207 3.42 52.24 -7.77
N GLU C 208 3.39 50.92 -7.56
CA GLU C 208 4.47 50.06 -8.03
C GLU C 208 4.27 49.72 -9.49
N VAL C 209 3.03 49.41 -9.79
CA VAL C 209 2.63 48.85 -11.07
C VAL C 209 2.97 49.79 -12.23
N VAL C 210 2.51 51.02 -12.06
CA VAL C 210 2.64 52.05 -13.05
C VAL C 210 4.09 52.18 -13.40
N ALA C 211 4.91 52.29 -12.37
CA ALA C 211 6.36 52.36 -12.56
C ALA C 211 6.82 51.22 -13.44
N HIS C 212 6.47 49.99 -13.05
CA HIS C 212 6.89 48.81 -13.82
C HIS C 212 6.49 48.86 -15.28
N MET C 213 5.33 49.46 -15.57
CA MET C 213 4.87 49.53 -16.95
C MET C 213 5.39 50.72 -17.73
N LEU C 214 5.79 51.78 -17.04
CA LEU C 214 6.47 52.88 -17.70
C LEU C 214 7.86 52.44 -18.15
N GLU C 215 8.51 51.62 -17.34
CA GLU C 215 9.81 51.04 -17.72
C GLU C 215 9.71 50.38 -19.09
N LYS C 216 8.65 49.60 -19.27
CA LYS C 216 8.38 48.95 -20.56
C LYS C 216 7.91 49.95 -21.63
N GLN C 217 7.24 51.03 -21.21
CA GLN C 217 6.64 51.97 -22.15
C GLN C 217 7.65 52.70 -23.03
N PHE C 218 8.88 52.86 -22.55
CA PHE C 218 9.94 53.51 -23.35
C PHE C 218 11.11 52.57 -23.65
N ASN C 219 10.85 51.27 -23.74
CA ASN C 219 11.89 50.27 -23.97
C ASN C 219 11.66 49.44 -25.22
N PRO C 220 12.30 49.80 -26.33
CA PRO C 220 12.17 49.04 -27.55
C PRO C 220 12.89 47.73 -27.39
N GLU C 221 12.16 46.63 -27.50
CA GLU C 221 12.74 45.31 -27.26
C GLU C 221 13.58 44.85 -28.47
N SER C 222 14.83 45.30 -28.51
CA SER C 222 15.70 45.07 -29.67
C SER C 222 16.19 43.63 -29.79
N ARG C 223 15.27 42.70 -29.98
CA ARG C 223 15.63 41.29 -30.07
C ARG C 223 16.16 40.91 -31.45
N PHE C 224 16.75 39.73 -31.52
CA PHE C 224 17.38 39.18 -32.73
C PHE C 224 16.38 38.31 -33.47
N LEU C 225 15.72 38.88 -34.48
CA LEU C 225 14.49 38.27 -35.03
C LEU C 225 14.52 38.11 -36.54
N PRO C 226 13.67 37.20 -37.09
CA PRO C 226 13.60 36.99 -38.54
C PRO C 226 12.49 37.80 -39.21
N VAL C 227 12.87 38.63 -40.17
CA VAL C 227 11.95 39.58 -40.78
C VAL C 227 11.89 39.27 -42.27
N PHE C 228 10.99 39.89 -43.00
CA PHE C 228 10.83 39.61 -44.43
C PHE C 228 10.93 40.83 -45.37
N GLY C 229 11.62 41.87 -44.93
CA GLY C 229 11.84 43.05 -45.78
C GLY C 229 11.27 44.31 -45.19
N ALA C 230 10.18 44.16 -44.45
CA ALA C 230 9.53 45.24 -43.73
C ALA C 230 10.25 45.54 -42.41
N ILE C 231 11.25 46.42 -42.48
CA ILE C 231 12.20 46.60 -41.36
C ILE C 231 11.79 47.76 -40.47
N ARG C 232 10.64 48.36 -40.74
CA ARG C 232 10.13 49.45 -39.91
C ARG C 232 9.73 48.90 -38.55
N PRO C 233 10.22 49.53 -37.46
CA PRO C 233 9.96 49.08 -36.09
C PRO C 233 8.49 48.93 -35.73
N GLU C 234 7.59 49.44 -36.56
CA GLU C 234 6.17 49.24 -36.31
C GLU C 234 5.64 47.89 -36.75
N ARG C 235 6.03 47.41 -37.92
CA ARG C 235 5.60 46.06 -38.35
C ARG C 235 6.18 44.94 -37.49
N MET C 236 7.25 45.27 -36.75
CA MET C 236 7.92 44.31 -35.87
C MET C 236 6.99 43.75 -34.80
N GLU C 237 6.35 44.63 -34.02
CA GLU C 237 5.42 44.26 -32.94
C GLU C 237 4.49 43.09 -33.28
N LEU C 238 3.95 43.10 -34.49
CA LEU C 238 3.03 42.06 -34.95
C LEU C 238 3.50 41.42 -36.25
N ILE C 239 4.72 40.88 -36.25
CA ILE C 239 5.26 40.16 -37.41
C ILE C 239 4.54 38.84 -37.58
N HIS C 240 4.33 38.15 -36.48
CA HIS C 240 3.74 36.82 -36.51
C HIS C 240 2.47 36.76 -37.36
N ALA C 241 1.57 37.73 -37.20
CA ALA C 241 0.33 37.73 -37.99
C ALA C 241 0.58 38.09 -39.47
N LEU C 242 1.63 38.87 -39.71
CA LEU C 242 2.01 39.31 -41.06
C LEU C 242 2.65 38.21 -41.92
N GLY C 243 3.42 37.31 -41.30
CA GLY C 243 4.09 36.26 -42.06
C GLY C 243 4.79 35.10 -41.33
N GLY C 244 6.03 34.85 -41.77
CA GLY C 244 6.87 33.71 -41.39
C GLY C 244 7.35 33.08 -42.69
N GLU C 245 7.87 31.86 -42.69
CA GLU C 245 8.42 31.24 -43.93
C GLU C 245 7.44 30.92 -45.09
N THR C 246 6.15 30.69 -44.81
CA THR C 246 5.14 30.45 -45.88
C THR C 246 3.88 31.37 -45.89
N TRP C 247 3.92 32.46 -45.10
CA TRP C 247 2.77 33.39 -44.91
C TRP C 247 3.09 34.81 -45.40
N ILE C 248 2.07 35.49 -45.90
CA ILE C 248 2.26 36.88 -46.28
C ILE C 248 0.95 37.67 -46.12
N GLN C 249 1.11 38.96 -45.78
CA GLN C 249 0.00 39.91 -45.58
C GLN C 249 0.31 41.26 -46.24
N GLU C 250 -0.69 42.15 -46.33
CA GLU C 250 -0.51 43.39 -47.08
C GLU C 250 -1.16 44.65 -46.49
N ALA C 251 -0.73 45.80 -47.03
CA ALA C 251 -1.23 47.18 -46.70
C ALA C 251 -0.87 47.67 -45.30
N ASN C 252 0.43 47.73 -45.04
CA ASN C 252 0.98 47.86 -43.68
C ASN C 252 1.81 49.12 -43.41
N THR C 253 2.60 49.52 -44.40
CA THR C 253 3.60 50.60 -44.27
C THR C 253 3.00 51.87 -43.68
N ALA C 254 1.74 52.11 -44.02
CA ALA C 254 1.03 53.36 -43.77
C ALA C 254 1.06 53.83 -42.31
N GLY C 255 0.39 53.09 -41.44
CA GLY C 255 0.21 53.52 -40.08
C GLY C 255 1.49 53.20 -39.34
N ILE C 256 2.22 54.26 -38.96
CA ILE C 256 3.46 54.14 -38.18
C ILE C 256 3.47 55.28 -37.17
N SER C 257 4.17 55.08 -36.06
CA SER C 257 4.29 56.15 -35.08
C SER C 257 5.22 57.23 -35.66
N ASN C 258 5.09 58.44 -35.14
CA ASN C 258 5.84 59.61 -35.64
C ASN C 258 7.35 59.56 -35.39
N VAL C 259 7.77 58.52 -34.69
CA VAL C 259 9.16 58.30 -34.33
C VAL C 259 10.01 57.99 -35.58
N ASP C 260 9.52 57.05 -36.40
CA ASP C 260 10.29 56.41 -37.49
C ASP C 260 10.90 57.40 -38.47
N GLN C 261 10.15 58.45 -38.78
CA GLN C 261 10.61 59.52 -39.65
C GLN C 261 11.44 60.53 -38.88
N ARG C 262 11.09 60.73 -37.61
CA ARG C 262 11.82 61.66 -36.73
C ARG C 262 13.29 61.27 -36.55
N LYS C 263 13.56 59.97 -36.44
CA LYS C 263 14.95 59.49 -36.37
C LYS C 263 15.73 59.88 -37.63
N ASN C 264 15.11 59.68 -38.80
CA ASN C 264 15.72 60.06 -40.07
C ASN C 264 16.05 61.57 -40.13
N ASP C 265 15.12 62.38 -39.60
CA ASP C 265 15.31 63.83 -39.47
C ASP C 265 16.56 64.14 -38.66
N ILE C 266 16.78 63.38 -37.59
CA ILE C 266 17.96 63.55 -36.75
C ILE C 266 19.22 63.15 -37.52
N ARG C 267 19.11 62.16 -38.40
CA ARG C 267 20.21 61.80 -39.29
C ARG C 267 20.62 62.97 -40.17
N ALA C 268 19.63 63.62 -40.78
CA ALA C 268 19.89 64.82 -41.58
C ALA C 268 20.47 65.96 -40.73
N VAL C 269 20.02 66.04 -39.47
CA VAL C 269 20.56 67.02 -38.52
C VAL C 269 22.05 66.81 -38.35
N CYS C 270 22.41 65.58 -38.02
CA CYS C 270 23.82 65.21 -37.88
C CYS C 270 24.60 65.49 -39.17
N ARG C 271 23.96 65.29 -40.33
CA ARG C 271 24.58 65.58 -41.64
C ARG C 271 25.07 67.01 -41.70
N LYS C 272 24.16 67.95 -41.45
CA LYS C 272 24.50 69.36 -41.49
C LYS C 272 25.51 69.74 -40.41
N VAL C 273 25.28 69.27 -39.18
CA VAL C 273 26.16 69.58 -38.05
C VAL C 273 27.60 69.14 -38.34
N CYS C 274 27.74 68.04 -39.07
CA CYS C 274 29.04 67.58 -39.52
C CYS C 274 29.61 68.42 -40.68
N LEU C 275 28.75 68.86 -41.61
CA LEU C 275 29.18 69.80 -42.66
C LEU C 275 29.73 71.12 -42.10
N ALA C 276 29.20 71.55 -40.95
CA ALA C 276 29.70 72.74 -40.23
C ALA C 276 31.15 72.59 -39.79
N ALA C 277 31.49 71.44 -39.20
CA ALA C 277 32.86 71.15 -38.80
C ALA C 277 33.75 70.90 -40.01
N ASN C 278 33.17 70.34 -41.08
CA ASN C 278 33.90 70.14 -42.34
C ASN C 278 34.39 71.45 -42.92
N ALA C 279 33.55 72.49 -42.84
CA ALA C 279 33.82 73.81 -43.44
C ALA C 279 35.13 74.45 -42.97
N SER C 280 35.40 74.35 -41.67
CA SER C 280 36.64 74.86 -41.08
C SER C 280 37.52 73.73 -40.53
N ILE C 281 38.72 73.59 -41.08
CA ILE C 281 39.67 72.54 -40.71
C ILE C 281 40.83 73.11 -39.88
N MET C 282 40.62 74.28 -39.30
CA MET C 282 41.55 74.83 -38.31
C MET C 282 41.56 73.88 -37.10
N ASN C 283 40.36 73.46 -36.70
CA ASN C 283 40.15 72.40 -35.71
C ASN C 283 38.83 71.69 -36.05
N ALA C 284 38.78 70.38 -35.89
CA ALA C 284 37.52 69.65 -36.06
C ALA C 284 36.95 69.16 -34.73
N LYS C 285 37.78 69.19 -33.69
CA LYS C 285 37.47 68.57 -32.39
C LYS C 285 36.72 69.56 -31.50
N SER C 286 37.23 70.78 -31.44
CA SER C 286 36.71 71.78 -30.52
C SER C 286 35.46 72.47 -31.05
N LYS C 287 35.19 72.31 -32.34
CA LYS C 287 34.09 73.03 -32.96
C LYS C 287 32.83 72.21 -33.05
N LEU C 288 32.97 70.95 -33.44
CA LEU C 288 31.79 70.13 -33.68
C LEU C 288 31.04 69.94 -32.38
N VAL C 289 31.80 69.69 -31.31
CA VAL C 289 31.23 69.55 -29.97
C VAL C 289 30.32 70.73 -29.61
N GLU C 290 30.71 71.91 -30.03
CA GLU C 290 29.93 73.13 -29.80
C GLU C 290 28.60 73.08 -30.54
N TYR C 291 28.66 72.77 -31.83
CA TYR C 291 27.46 72.63 -32.67
C TYR C 291 26.50 71.59 -32.09
N ILE C 292 27.05 70.56 -31.47
CA ILE C 292 26.26 69.52 -30.81
C ILE C 292 25.51 70.05 -29.60
N LYS C 293 26.25 70.46 -28.57
CA LYS C 293 25.65 70.83 -27.28
C LYS C 293 24.72 72.04 -27.40
N SER C 294 24.99 72.90 -28.38
CA SER C 294 24.18 74.09 -28.62
C SER C 294 22.80 73.73 -29.16
N THR C 295 22.79 72.93 -30.22
CA THR C 295 21.58 72.59 -30.95
C THR C 295 20.53 71.96 -30.03
N SER C 296 19.29 72.40 -30.20
CA SER C 296 18.16 71.86 -29.46
C SER C 296 17.12 71.24 -30.41
N MET C 297 16.74 70.01 -30.12
CA MET C 297 15.73 69.32 -30.89
C MET C 297 14.34 69.57 -30.30
N ARG C 298 13.35 69.57 -31.19
CA ARG C 298 11.97 69.60 -30.77
C ARG C 298 11.27 68.32 -31.25
N ILE C 299 10.96 67.45 -30.30
CA ILE C 299 10.23 66.19 -30.56
C ILE C 299 8.75 66.54 -30.69
N GLY C 300 7.95 65.59 -31.19
CA GLY C 300 6.52 65.78 -31.39
C GLY C 300 5.75 66.36 -30.22
N GLU C 301 6.18 66.04 -29.00
CA GLU C 301 5.55 66.65 -27.82
C GLU C 301 6.53 67.14 -26.77
N THR C 302 7.81 67.31 -27.14
CA THR C 302 8.81 67.70 -26.15
C THR C 302 10.03 68.37 -26.79
N GLU C 303 10.61 69.31 -26.07
CA GLU C 303 11.93 69.85 -26.40
C GLU C 303 12.99 68.99 -25.72
N ARG C 304 13.97 68.51 -26.49
CA ARG C 304 15.06 67.67 -25.95
C ARG C 304 16.39 68.06 -26.61
N LYS C 305 17.47 67.99 -25.84
CA LYS C 305 18.78 68.36 -26.36
C LYS C 305 19.26 67.40 -27.44
N LEU C 306 20.15 67.88 -28.29
CA LEU C 306 20.72 67.07 -29.34
C LEU C 306 21.69 66.06 -28.75
N GLU C 307 22.39 66.48 -27.69
CA GLU C 307 23.38 65.64 -27.04
C GLU C 307 22.77 64.33 -26.56
N GLU C 308 21.74 64.43 -25.73
CA GLU C 308 21.09 63.26 -25.15
C GLU C 308 20.35 62.40 -26.17
N LEU C 309 20.04 62.96 -27.34
CA LEU C 309 19.48 62.17 -28.43
C LEU C 309 20.57 61.38 -29.13
N ILE C 310 21.64 62.08 -29.52
CA ILE C 310 22.78 61.47 -30.22
C ILE C 310 23.41 60.36 -29.39
N LEU C 311 23.93 60.71 -28.21
CA LEU C 311 24.59 59.76 -27.30
C LEU C 311 23.78 58.49 -27.15
N GLU C 312 22.46 58.65 -27.04
CA GLU C 312 21.56 57.59 -26.65
C GLU C 312 20.55 57.21 -27.72
N THR C 313 20.94 57.32 -28.98
CA THR C 313 20.08 56.81 -30.05
C THR C 313 20.45 55.38 -30.39
N ASP C 314 19.43 54.60 -30.74
CA ASP C 314 19.56 53.18 -31.04
C ASP C 314 20.26 52.96 -32.38
N ASP C 315 19.72 53.61 -33.42
CA ASP C 315 20.18 53.43 -34.80
C ASP C 315 21.51 54.12 -35.03
N VAL C 316 22.48 53.38 -35.55
CA VAL C 316 23.82 53.90 -35.80
C VAL C 316 24.04 54.03 -37.30
N SER C 317 23.88 55.25 -37.79
CA SER C 317 24.19 55.62 -39.17
C SER C 317 25.62 56.20 -39.28
N PRO C 318 26.24 56.11 -40.48
CA PRO C 318 27.55 56.72 -40.75
C PRO C 318 27.72 58.13 -40.20
N GLU C 319 26.68 58.94 -40.31
CA GLU C 319 26.69 60.29 -39.73
C GLU C 319 26.72 60.17 -38.23
N VAL C 320 25.76 59.41 -37.72
CA VAL C 320 25.50 59.29 -36.29
C VAL C 320 26.76 58.83 -35.56
N THR C 321 27.50 57.92 -36.19
CA THR C 321 28.79 57.47 -35.68
C THR C 321 29.68 58.68 -35.42
N LEU C 322 29.85 59.50 -36.45
CA LEU C 322 30.67 60.68 -36.35
C LEU C 322 30.21 61.60 -35.23
N CYS C 323 28.90 61.86 -35.19
CA CYS C 323 28.30 62.73 -34.16
C CYS C 323 28.59 62.24 -32.74
N LYS C 324 28.44 60.94 -32.53
CA LYS C 324 28.71 60.31 -31.23
C LYS C 324 30.18 60.40 -30.85
N SER C 325 31.03 60.20 -31.86
CA SER C 325 32.47 60.18 -31.67
C SER C 325 32.99 61.38 -30.89
N ALA C 326 32.39 62.54 -31.10
CA ALA C 326 32.75 63.75 -30.35
C ALA C 326 32.52 63.60 -28.85
N LEU C 327 31.42 62.96 -28.50
CA LEU C 327 31.05 62.75 -27.12
C LEU C 327 31.63 61.44 -26.59
N GLY C 328 31.35 61.17 -25.32
CA GLY C 328 31.72 59.91 -24.69
C GLY C 328 30.60 58.86 -24.79
N GLY C 329 30.27 58.47 -26.02
CA GLY C 329 29.23 57.49 -26.28
C GLY C 329 29.79 56.27 -27.01
N GLN C 330 29.81 55.14 -26.32
CA GLN C 330 30.37 53.90 -26.86
C GLN C 330 29.31 53.19 -27.68
N LEU C 331 29.46 53.17 -28.99
CA LEU C 331 28.57 52.38 -29.85
C LEU C 331 29.33 51.64 -30.93
N GLY C 332 29.95 50.54 -30.53
CA GLY C 332 30.76 49.70 -31.41
C GLY C 332 29.97 48.78 -32.31
N LYS C 333 30.68 47.81 -32.90
CA LYS C 333 30.12 46.77 -33.77
C LYS C 333 29.57 47.35 -35.08
N THR C 334 29.86 48.60 -35.32
CA THR C 334 29.30 49.29 -36.44
C THR C 334 30.46 49.67 -37.34
N LEU C 335 30.30 49.43 -38.62
CA LEU C 335 31.32 49.84 -39.58
C LEU C 335 30.62 50.54 -40.73
N SER C 336 31.07 51.77 -41.02
CA SER C 336 30.47 52.55 -42.11
C SER C 336 31.50 52.89 -43.19
N PHE C 337 31.08 52.68 -44.44
CA PHE C 337 31.88 53.05 -45.60
C PHE C 337 30.99 53.61 -46.70
N GLY C 338 31.05 54.92 -46.92
CA GLY C 338 30.14 55.60 -47.83
C GLY C 338 28.68 55.33 -47.44
N PRO C 339 27.82 54.96 -48.42
CA PRO C 339 26.43 54.57 -48.15
C PRO C 339 26.32 53.16 -47.60
N MET C 340 27.37 52.35 -47.78
CA MET C 340 27.36 50.96 -47.35
C MET C 340 27.66 50.80 -45.86
N LEU C 341 27.13 49.71 -45.29
CA LEU C 341 27.38 49.33 -43.89
C LEU C 341 28.01 47.93 -43.85
N LEU C 342 29.01 47.73 -42.99
CA LEU C 342 29.77 46.48 -42.95
C LEU C 342 29.97 45.93 -41.54
N LYS C 343 30.21 44.63 -41.46
CA LYS C 343 30.51 43.96 -40.19
C LYS C 343 31.71 43.02 -40.38
N LYS C 344 32.59 42.98 -39.38
CA LYS C 344 33.80 42.16 -39.45
C LYS C 344 33.65 40.86 -38.67
N ILE C 345 33.93 39.72 -39.29
CA ILE C 345 33.73 38.43 -38.65
C ILE C 345 34.95 37.51 -38.59
N SER C 346 36.03 37.84 -39.31
CA SER C 346 37.16 36.92 -39.33
C SER C 346 38.53 37.57 -39.37
N GLY C 347 39.45 36.91 -38.69
CA GLY C 347 40.87 37.23 -38.70
C GLY C 347 41.27 38.66 -38.44
N SER C 348 42.47 38.99 -38.89
CA SER C 348 43.08 40.27 -38.60
C SER C 348 44.35 40.45 -39.42
N GLY C 349 44.82 41.69 -39.45
CA GLY C 349 46.04 42.06 -40.14
C GLY C 349 46.34 43.53 -39.93
N VAL C 350 47.54 43.96 -40.29
CA VAL C 350 48.01 45.31 -39.99
C VAL C 350 47.87 46.24 -41.21
N LYS C 351 47.69 47.52 -40.93
CA LYS C 351 47.71 48.55 -41.96
C LYS C 351 49.12 48.69 -42.48
N VAL C 352 49.29 48.59 -43.80
CA VAL C 352 50.61 48.70 -44.42
C VAL C 352 50.55 49.71 -45.56
N LYS C 353 51.67 50.37 -45.81
CA LYS C 353 51.78 51.44 -46.82
C LYS C 353 52.31 50.87 -48.14
N ASP C 354 51.63 51.19 -49.24
CA ASP C 354 52.03 50.71 -50.57
C ASP C 354 51.71 51.72 -51.68
N THR C 355 52.77 52.33 -52.22
CA THR C 355 52.65 53.24 -53.35
C THR C 355 52.54 52.44 -54.65
N VAL C 356 51.49 52.70 -55.43
CA VAL C 356 51.31 52.11 -56.77
C VAL C 356 50.80 53.17 -57.77
N TYR C 357 51.34 53.13 -58.99
CA TYR C 357 51.00 54.09 -60.05
C TYR C 357 49.56 53.98 -60.53
N ILE C 358 48.85 55.09 -60.44
CA ILE C 358 47.47 55.15 -60.90
C ILE C 358 47.46 55.27 -62.42
N GLN C 365 50.90 57.52 -52.14
CA GLN C 365 50.90 56.52 -51.07
C GLN C 365 49.48 56.00 -50.82
N PHE C 366 49.40 54.70 -50.51
CA PHE C 366 48.11 54.03 -50.29
C PHE C 366 48.16 53.12 -49.07
N GLU C 367 47.06 53.07 -48.32
CA GLU C 367 46.94 52.18 -47.16
C GLU C 367 46.24 50.88 -47.59
N TYR C 368 46.94 49.76 -47.49
CA TYR C 368 46.33 48.45 -47.76
C TYR C 368 46.44 47.51 -46.56
N TRP C 369 45.43 46.65 -46.41
CA TRP C 369 45.37 45.67 -45.34
C TRP C 369 45.63 44.29 -45.93
N SER C 370 46.43 43.49 -45.22
CA SER C 370 46.73 42.13 -45.65
C SER C 370 46.26 41.14 -44.60
N GLU C 371 44.94 41.00 -44.51
CA GLU C 371 44.31 40.07 -43.58
C GLU C 371 43.50 39.06 -44.37
N GLN C 372 43.46 37.82 -43.90
CA GLN C 372 42.52 36.85 -44.44
C GLN C 372 41.22 37.06 -43.66
N GLU C 373 40.55 38.15 -43.96
CA GLU C 373 39.43 38.59 -43.16
C GLU C 373 38.13 38.41 -43.93
N GLU C 374 37.13 37.89 -43.21
CA GLU C 374 35.79 37.60 -43.75
C GLU C 374 34.76 38.54 -43.12
N PHE C 375 34.09 39.34 -43.95
CA PHE C 375 33.14 40.37 -43.49
C PHE C 375 31.79 40.32 -44.22
N TYR C 376 30.80 41.00 -43.64
CA TYR C 376 29.41 41.03 -44.14
C TYR C 376 29.00 42.37 -44.69
N GLY C 377 28.38 42.32 -45.87
CA GLY C 377 28.01 43.51 -46.63
C GLY C 377 26.55 43.86 -46.60
N GLU C 378 26.26 45.06 -46.10
CA GLU C 378 24.91 45.62 -45.98
C GLU C 378 24.73 46.82 -46.91
N TYR C 379 23.82 46.67 -47.87
CA TYR C 379 23.42 47.76 -48.75
C TYR C 379 21.90 47.74 -48.96
N LYS C 380 21.34 48.86 -49.41
CA LYS C 380 19.90 48.96 -49.62
C LYS C 380 19.41 47.83 -50.50
N SER C 381 18.40 47.10 -50.00
CA SER C 381 17.75 45.98 -50.69
C SER C 381 18.69 44.83 -51.06
N ALA C 382 19.90 44.82 -50.50
CA ALA C 382 20.89 43.83 -50.89
C ALA C 382 21.95 43.54 -49.82
N THR C 383 22.15 42.24 -49.57
CA THR C 383 23.08 41.75 -48.55
C THR C 383 24.08 40.81 -49.20
N ALA C 384 25.25 40.69 -48.62
CA ALA C 384 26.24 39.80 -49.17
C ALA C 384 27.32 39.42 -48.18
N LEU C 385 28.15 38.46 -48.59
CA LEU C 385 29.29 38.00 -47.81
C LEU C 385 30.56 38.06 -48.64
N PHE C 386 31.61 38.65 -48.06
CA PHE C 386 32.89 38.80 -48.72
C PHE C 386 34.01 38.36 -47.79
N SER C 387 35.12 37.99 -48.41
CA SER C 387 36.34 37.74 -47.69
C SER C 387 37.49 38.24 -48.54
N ARG C 388 38.35 39.03 -47.91
CA ARG C 388 39.55 39.54 -48.57
C ARG C 388 40.76 38.88 -47.96
N LYS C 389 41.78 38.66 -48.79
CA LYS C 389 43.10 38.23 -48.33
C LYS C 389 44.16 38.96 -49.14
N GLU C 390 45.10 39.60 -48.46
CA GLU C 390 46.22 40.29 -49.11
C GLU C 390 45.72 41.32 -50.11
N ARG C 391 44.91 42.25 -49.63
CA ARG C 391 44.40 43.37 -50.45
C ARG C 391 43.52 42.96 -51.66
N SER C 392 43.20 41.67 -51.81
CA SER C 392 42.31 41.24 -52.90
C SER C 392 41.21 40.32 -52.38
N LEU C 393 40.02 40.44 -52.99
CA LEU C 393 38.85 39.64 -52.58
C LEU C 393 39.07 38.16 -52.84
N GLU C 394 39.04 37.37 -51.77
CA GLU C 394 39.30 35.93 -51.87
C GLU C 394 38.00 35.21 -52.20
N TRP C 395 36.96 35.43 -51.40
CA TRP C 395 35.67 34.76 -51.61
C TRP C 395 34.55 35.77 -51.59
N ILE C 396 33.49 35.52 -52.35
CA ILE C 396 32.40 36.46 -52.50
C ILE C 396 31.09 35.72 -52.78
N THR C 397 30.00 36.20 -52.18
CA THR C 397 28.67 35.68 -52.48
C THR C 397 27.61 36.73 -52.17
N ILE C 398 26.65 36.87 -53.08
CA ILE C 398 25.63 37.93 -52.99
C ILE C 398 24.26 37.37 -52.71
N GLY C 399 23.59 37.93 -51.72
CA GLY C 399 22.22 37.55 -51.39
C GLY C 399 21.23 38.68 -51.54
N GLY C 400 21.39 39.46 -52.60
CA GLY C 400 20.60 40.67 -52.79
C GLY C 400 19.23 40.40 -53.35
N GLY C 401 18.41 41.44 -53.42
CA GLY C 401 17.11 41.37 -54.07
C GLY C 401 17.10 41.97 -55.48
N ILE C 402 17.32 43.28 -55.56
CA ILE C 402 17.27 44.02 -56.84
C ILE C 402 18.65 44.05 -57.50
N ASN C 403 18.66 43.83 -58.81
CA ASN C 403 19.89 43.68 -59.59
C ASN C 403 20.85 44.85 -59.43
N GLU C 404 20.31 46.07 -59.55
CA GLU C 404 21.10 47.29 -59.41
C GLU C 404 21.84 47.32 -58.08
N ASP C 405 21.10 47.11 -57.00
CA ASP C 405 21.66 47.19 -55.66
C ASP C 405 22.74 46.12 -55.44
N ARG C 406 22.56 44.97 -56.09
CA ARG C 406 23.59 43.93 -56.12
C ARG C 406 24.87 44.47 -56.74
N LYS C 407 24.73 45.11 -57.90
CA LYS C 407 25.88 45.71 -58.60
C LYS C 407 26.59 46.74 -57.74
N ARG C 408 25.79 47.57 -57.07
CA ARG C 408 26.31 48.60 -56.15
C ARG C 408 27.13 47.95 -55.05
N LEU C 409 26.55 46.91 -54.44
CA LEU C 409 27.26 46.10 -53.44
C LEU C 409 28.61 45.70 -54.01
N LEU C 410 28.55 45.00 -55.13
CA LEU C 410 29.73 44.49 -55.81
C LEU C 410 30.79 45.55 -55.92
N ALA C 411 30.38 46.69 -56.48
CA ALA C 411 31.29 47.78 -56.68
C ALA C 411 31.93 48.22 -55.36
N MET C 412 31.11 48.77 -54.47
CA MET C 412 31.59 49.34 -53.20
C MET C 412 32.60 48.44 -52.51
N CYS C 413 32.25 47.17 -52.43
CA CYS C 413 33.08 46.18 -51.75
C CYS C 413 34.37 45.95 -52.52
N MET C 414 34.32 46.04 -53.84
CA MET C 414 35.53 46.01 -54.64
C MET C 414 36.43 47.20 -54.27
N ILE C 415 35.83 48.37 -54.08
CA ILE C 415 36.60 49.58 -53.70
C ILE C 415 37.33 49.30 -52.41
N PHE C 416 36.57 48.91 -51.39
CA PHE C 416 37.14 48.63 -50.10
C PHE C 416 38.20 47.54 -50.23
N CYS C 417 37.92 46.57 -51.09
CA CYS C 417 38.83 45.47 -51.39
C CYS C 417 40.19 45.98 -51.90
N ARG C 418 40.17 46.82 -52.94
CA ARG C 418 41.38 47.48 -53.47
C ARG C 418 42.35 46.50 -54.17
N ASP C 419 42.02 46.08 -55.39
CA ASP C 419 42.93 45.26 -56.22
C ASP C 419 43.94 46.13 -56.97
N GLY C 420 44.77 45.50 -57.79
CA GLY C 420 45.67 46.24 -58.69
C GLY C 420 44.97 47.02 -59.79
N ASP C 421 43.81 46.54 -60.22
CA ASP C 421 43.00 47.22 -61.25
C ASP C 421 42.45 48.56 -60.77
N TYR C 422 42.40 48.73 -59.44
CA TYR C 422 42.08 50.02 -58.80
C TYR C 422 42.92 51.15 -59.39
N PHE C 423 44.19 50.89 -59.60
CA PHE C 423 45.15 51.89 -60.09
C PHE C 423 45.00 52.12 -61.61
N LYS C 424 44.68 51.05 -62.34
CA LYS C 424 44.63 51.07 -63.81
C LYS C 424 43.66 52.10 -64.43
N ASP C 425 42.53 52.33 -63.75
CA ASP C 425 41.49 53.23 -64.28
C ASP C 425 41.79 54.68 -63.89
N ALA C 426 42.24 55.50 -64.85
CA ALA C 426 42.59 56.91 -64.60
C ALA C 426 41.86 58.01 -65.41
N PRO C 427 40.55 57.83 -65.73
CA PRO C 427 39.85 58.99 -66.37
C PRO C 427 39.70 60.18 -65.42
N ALA C 428 40.52 61.20 -65.62
CA ALA C 428 40.52 62.43 -64.82
C ALA C 428 41.14 62.19 -63.45
N THR C 429 40.39 62.45 -62.37
CA THR C 429 40.85 62.28 -60.97
C THR C 429 41.91 63.28 -60.55
N ILE C 430 43.06 63.23 -61.21
CA ILE C 430 44.15 64.19 -60.97
C ILE C 430 43.62 65.61 -61.09
N THR C 431 42.69 65.80 -62.03
CA THR C 431 42.05 67.10 -62.27
C THR C 431 41.16 67.59 -61.12
N MET C 432 40.35 66.70 -60.53
CA MET C 432 39.35 67.11 -59.53
C MET C 432 39.35 66.25 -58.28
N ALA C 433 39.12 64.95 -58.46
CA ALA C 433 38.97 64.01 -57.35
C ALA C 433 40.18 63.99 -56.42
N ASP C 434 41.37 64.11 -57.01
CA ASP C 434 42.63 64.09 -56.27
C ASP C 434 42.61 65.02 -55.05
N LEU C 435 42.59 66.31 -55.32
CA LEU C 435 42.68 67.30 -54.26
C LEU C 435 41.26 67.75 -53.94
N SER C 436 40.89 67.69 -52.68
CA SER C 436 39.58 68.17 -52.28
C SER C 436 39.66 69.64 -51.90
N THR C 437 38.78 70.45 -52.47
CA THR C 437 38.77 71.91 -52.24
C THR C 437 38.22 72.24 -50.84
N LYS C 438 38.98 71.87 -49.83
CA LYS C 438 38.62 72.13 -48.42
C LYS C 438 39.86 72.58 -47.65
N LEU C 439 40.21 73.86 -47.80
CA LEU C 439 41.44 74.43 -47.25
C LEU C 439 42.70 73.68 -47.72
N GLY C 440 42.66 73.24 -48.98
CA GLY C 440 43.74 72.47 -49.59
C GLY C 440 44.02 71.14 -48.92
N ARG C 441 42.96 70.38 -48.63
CA ARG C 441 43.09 69.07 -48.00
C ARG C 441 43.02 67.93 -49.04
N GLU C 442 44.04 67.08 -49.01
CA GLU C 442 44.09 65.91 -49.86
C GLU C 442 43.19 64.84 -49.27
N ILE C 443 42.14 64.48 -50.00
CA ILE C 443 41.17 63.50 -49.51
C ILE C 443 41.71 62.07 -49.74
N PRO C 444 41.52 61.17 -48.74
CA PRO C 444 41.89 59.75 -48.86
C PRO C 444 41.41 59.02 -50.11
N TYR C 445 42.21 58.05 -50.52
CA TYR C 445 42.25 57.50 -51.88
C TYR C 445 41.10 56.54 -52.16
N GLN C 446 40.77 55.70 -51.19
CA GLN C 446 39.62 54.78 -51.29
C GLN C 446 38.37 55.58 -51.61
N TYR C 447 38.12 56.58 -50.77
CA TYR C 447 37.00 57.50 -50.95
C TYR C 447 37.10 58.26 -52.30
N VAL C 448 38.32 58.48 -52.80
CA VAL C 448 38.52 59.13 -54.11
C VAL C 448 37.90 58.31 -55.24
N MET C 449 38.38 57.09 -55.41
CA MET C 449 37.82 56.22 -56.44
C MET C 449 36.34 55.99 -56.20
N MET C 450 35.97 55.88 -54.93
CA MET C 450 34.58 55.81 -54.52
C MET C 450 33.77 56.93 -55.18
N ASN C 451 34.20 58.16 -54.96
CA ASN C 451 33.51 59.33 -55.50
C ASN C 451 33.52 59.29 -57.02
N TRP C 452 34.64 58.84 -57.60
CA TRP C 452 34.75 58.69 -59.07
C TRP C 452 33.67 57.76 -59.64
N ILE C 453 33.35 56.71 -58.89
CA ILE C 453 32.31 55.77 -59.31
C ILE C 453 30.92 56.35 -59.09
N GLN C 454 30.73 57.02 -57.95
CA GLN C 454 29.48 57.73 -57.65
C GLN C 454 29.16 58.86 -58.65
N LYS C 455 30.19 59.34 -59.35
CA LYS C 455 30.04 60.41 -60.37
C LYS C 455 29.07 60.04 -61.48
N SER C 456 29.45 59.08 -62.32
CA SER C 456 28.69 58.76 -63.54
C SER C 456 28.33 57.28 -63.66
N GLU C 457 27.55 56.98 -64.69
CA GLU C 457 27.03 55.64 -64.95
C GLU C 457 28.06 54.71 -65.56
N ASP C 458 28.91 55.27 -66.41
CA ASP C 458 29.96 54.50 -67.10
C ASP C 458 31.12 54.18 -66.16
N ASN C 459 31.25 54.97 -65.09
CA ASN C 459 32.31 54.74 -64.10
C ASN C 459 32.08 53.46 -63.33
N LEU C 460 30.81 53.15 -63.07
CA LEU C 460 30.42 51.85 -62.52
C LEU C 460 30.78 50.71 -63.49
N GLU C 461 30.43 50.89 -64.76
CA GLU C 461 30.70 49.89 -65.81
C GLU C 461 32.19 49.59 -65.98
N ALA C 462 33.02 50.61 -65.80
CA ALA C 462 34.48 50.49 -65.93
C ALA C 462 35.09 49.48 -64.97
N LEU C 463 34.97 49.72 -63.68
CA LEU C 463 35.52 48.81 -62.66
C LEU C 463 34.76 47.49 -62.60
N LEU C 464 33.46 47.51 -62.92
CA LEU C 464 32.67 46.27 -63.09
C LEU C 464 33.31 45.35 -64.12
N TYR C 465 33.82 45.95 -65.19
CA TYR C 465 34.57 45.23 -66.21
C TYR C 465 36.02 44.92 -65.79
N SER C 466 36.57 45.69 -64.84
CA SER C 466 37.95 45.52 -64.36
C SER C 466 38.16 44.15 -63.73
N ARG C 467 37.10 43.58 -63.16
CA ARG C 467 37.12 42.22 -62.66
C ARG C 467 37.16 41.21 -63.80
N GLY C 468 37.76 40.06 -63.52
CA GLY C 468 37.81 38.97 -64.49
C GLY C 468 36.41 38.49 -64.86
N ILE C 469 36.17 38.37 -66.16
CA ILE C 469 34.86 37.95 -66.67
C ILE C 469 35.05 36.62 -67.41
N VAL C 470 34.21 35.64 -67.08
CA VAL C 470 34.23 34.34 -67.74
C VAL C 470 32.82 33.80 -67.97
N GLU C 471 32.65 33.06 -69.06
CA GLU C 471 31.45 32.27 -69.27
C GLU C 471 31.42 31.18 -68.20
N THR C 472 30.48 31.31 -67.27
CA THR C 472 30.42 30.38 -66.15
C THR C 472 29.97 28.97 -66.56
N ASN C 473 30.31 28.00 -65.73
CA ASN C 473 30.09 26.59 -66.03
C ASN C 473 28.68 26.17 -65.64
N PRO C 474 28.18 25.05 -66.23
CA PRO C 474 26.92 24.50 -65.74
C PRO C 474 27.08 24.08 -64.29
N GLY C 475 26.04 24.30 -63.49
CA GLY C 475 26.12 24.14 -62.05
C GLY C 475 26.33 25.47 -61.35
N LYS C 476 26.61 26.50 -62.13
CA LYS C 476 26.73 27.87 -61.63
C LYS C 476 25.74 28.78 -62.36
N MET C 477 24.71 28.18 -62.94
CA MET C 477 23.69 28.92 -63.70
C MET C 477 22.89 29.88 -62.83
N GLY C 478 22.43 29.40 -61.68
CA GLY C 478 21.72 30.22 -60.72
C GLY C 478 22.64 31.17 -59.97
N SER C 479 23.85 30.70 -59.66
CA SER C 479 24.82 31.48 -58.86
C SER C 479 25.47 32.63 -59.62
N SER C 480 25.65 32.50 -60.92
CA SER C 480 26.45 33.47 -61.69
C SER C 480 25.81 34.85 -61.82
N MET C 481 26.66 35.87 -61.81
CA MET C 481 26.23 37.27 -61.85
C MET C 481 26.58 37.91 -63.19
N GLY C 482 25.58 38.49 -63.84
CA GLY C 482 25.80 39.26 -65.06
C GLY C 482 26.29 40.66 -64.74
N ILE C 483 26.80 41.34 -65.76
CA ILE C 483 27.30 42.72 -65.62
C ILE C 483 26.11 43.63 -65.29
N ASP C 484 24.99 43.39 -65.97
CA ASP C 484 23.74 44.12 -65.73
C ASP C 484 23.03 43.72 -64.44
N GLY C 485 23.47 42.62 -63.83
CA GLY C 485 22.96 42.18 -62.53
C GLY C 485 21.96 41.05 -62.59
N SER C 486 21.93 40.34 -63.71
CA SER C 486 20.97 39.26 -63.93
C SER C 486 21.58 37.91 -63.54
N LYS C 487 20.75 36.87 -63.54
CA LYS C 487 21.16 35.50 -63.18
C LYS C 487 21.31 34.60 -64.41
N ARG C 488 21.43 35.20 -65.59
CA ARG C 488 21.46 34.47 -66.86
C ARG C 488 22.65 33.52 -66.97
N ALA C 489 23.83 34.00 -66.55
CA ALA C 489 25.09 33.24 -66.51
C ALA C 489 25.77 33.04 -67.88
N ILE C 490 25.28 33.73 -68.90
CA ILE C 490 25.87 33.69 -70.24
C ILE C 490 27.33 34.13 -70.11
N LYS C 491 27.50 35.30 -69.50
CA LYS C 491 28.79 35.87 -69.17
C LYS C 491 28.70 36.30 -67.72
N SER C 492 29.77 36.13 -66.97
CA SER C 492 29.71 36.46 -65.55
C SER C 492 31.07 36.80 -64.95
N LEU C 493 31.01 37.45 -63.79
CA LEU C 493 32.19 37.95 -63.11
C LEU C 493 32.88 36.82 -62.35
N ARG C 494 34.18 36.96 -62.17
CA ARG C 494 34.99 35.95 -61.49
C ARG C 494 35.05 36.23 -59.98
N ALA C 495 35.24 35.17 -59.21
CA ALA C 495 35.31 35.21 -57.75
C ALA C 495 34.05 35.83 -57.16
N VAL C 496 32.90 35.38 -57.66
CA VAL C 496 31.59 35.86 -57.21
C VAL C 496 30.47 34.90 -57.63
N THR C 497 29.52 34.69 -56.71
CA THR C 497 28.34 33.86 -56.96
C THR C 497 27.15 34.41 -56.16
N ILE C 498 26.00 34.54 -56.81
CA ILE C 498 24.77 35.04 -56.17
C ILE C 498 24.17 33.91 -55.36
N GLN C 499 23.37 34.25 -54.36
CA GLN C 499 22.63 33.25 -53.57
C GLN C 499 21.12 33.47 -53.68
N SER C 500 20.41 32.41 -54.04
CA SER C 500 18.96 32.44 -54.15
C SER C 500 18.34 32.62 -52.77
N GLY C 501 18.33 33.86 -52.32
CA GLY C 501 17.86 34.18 -50.99
C GLY C 501 18.77 35.15 -50.28
N LYS C 502 18.34 35.60 -49.11
CA LYS C 502 19.04 36.64 -48.38
C LYS C 502 20.22 36.08 -47.61
N ILE C 503 21.01 36.96 -46.99
CA ILE C 503 22.14 36.55 -46.19
C ILE C 503 22.04 37.14 -44.78
N ASP C 504 22.30 36.28 -43.81
CA ASP C 504 22.09 36.57 -42.40
C ASP C 504 23.08 37.61 -41.92
N MET C 505 22.67 38.36 -40.90
CA MET C 505 23.51 39.43 -40.37
C MET C 505 23.99 39.08 -38.98
N PRO C 506 25.30 39.27 -38.72
CA PRO C 506 25.90 39.01 -37.41
C PRO C 506 25.62 40.11 -36.39
N GLU C 507 25.84 39.80 -35.11
CA GLU C 507 25.56 40.73 -34.01
C GLU C 507 26.58 40.51 -32.89
N SER C 508 27.04 41.59 -32.27
CA SER C 508 27.97 41.50 -31.12
C SER C 508 27.66 42.51 -30.04
N LYS C 509 27.53 42.02 -28.82
CA LYS C 509 27.27 42.87 -27.67
C LYS C 509 28.57 43.52 -27.22
N GLU C 510 28.93 44.61 -27.90
CA GLU C 510 30.20 45.27 -27.63
C GLU C 510 30.13 46.81 -27.58
N LYS C 511 31.02 47.38 -26.78
CA LYS C 511 31.14 48.82 -26.64
C LYS C 511 32.60 49.22 -26.83
N ILE C 512 32.88 50.06 -27.82
CA ILE C 512 34.23 50.58 -28.05
C ILE C 512 34.16 52.06 -28.41
N HIS C 513 35.15 52.82 -27.95
CA HIS C 513 35.19 54.26 -28.19
C HIS C 513 36.61 54.81 -28.13
N LEU C 514 36.94 55.67 -29.08
CA LEU C 514 38.23 56.39 -29.08
C LEU C 514 38.07 57.72 -29.80
N GLU C 515 38.89 58.70 -29.41
CA GLU C 515 38.88 60.03 -30.02
C GLU C 515 39.02 59.98 -31.55
N LEU C 516 38.64 61.10 -32.16
CA LEU C 516 38.68 61.23 -33.63
C LEU C 516 39.85 62.11 -34.08
N SER C 517 40.29 61.85 -35.30
CA SER C 517 41.35 62.62 -35.95
C SER C 517 40.80 63.94 -36.47
N ASP C 518 41.73 64.81 -36.86
CA ASP C 518 41.40 66.16 -37.25
C ASP C 518 40.59 66.30 -38.55
N ASN C 519 40.53 65.26 -39.36
CA ASN C 519 39.72 65.28 -40.57
C ASN C 519 38.50 64.36 -40.53
N LEU C 520 37.76 64.41 -39.41
CA LEU C 520 36.53 63.61 -39.25
C LEU C 520 36.78 62.11 -39.44
N GLU C 521 37.93 61.68 -38.94
CA GLU C 521 38.32 60.29 -39.00
C GLU C 521 38.39 59.77 -37.57
N ALA C 522 37.86 58.57 -37.35
CA ALA C 522 37.93 57.92 -36.04
C ALA C 522 38.71 56.63 -36.21
N PHE C 523 39.94 56.62 -35.68
CA PHE C 523 40.79 55.44 -35.66
C PHE C 523 40.45 54.57 -34.44
N ASP C 524 39.16 54.26 -34.28
CA ASP C 524 38.69 53.51 -33.12
C ASP C 524 39.20 52.06 -33.15
N SER C 525 39.39 51.49 -31.96
CA SER C 525 40.03 50.17 -31.80
C SER C 525 41.43 50.16 -32.41
N SER C 526 42.16 51.25 -32.22
CA SER C 526 43.52 51.41 -32.72
C SER C 526 43.64 51.15 -34.23
N GLY C 527 42.69 51.71 -34.99
CA GLY C 527 42.71 51.64 -36.45
C GLY C 527 41.33 51.57 -37.06
N ARG C 528 41.17 50.66 -38.03
CA ARG C 528 39.87 50.23 -38.54
C ARG C 528 39.07 51.23 -39.41
N ILE C 529 39.49 52.50 -39.47
CA ILE C 529 38.91 53.55 -40.34
C ILE C 529 37.36 53.56 -40.44
N VAL C 530 36.70 53.53 -39.28
CA VAL C 530 35.23 53.41 -39.24
C VAL C 530 34.48 54.65 -39.74
N ALA C 531 35.13 55.80 -39.65
CA ALA C 531 34.46 57.12 -39.80
C ALA C 531 34.01 57.53 -41.21
N THR C 532 34.68 56.94 -42.20
CA THR C 532 34.36 57.08 -43.61
C THR C 532 34.36 58.52 -44.04
N ILE C 533 35.03 59.39 -43.29
CA ILE C 533 35.05 60.78 -43.67
C ILE C 533 33.61 61.26 -43.82
N LEU C 534 33.35 61.76 -45.02
CA LEU C 534 32.09 62.29 -45.49
C LEU C 534 31.40 61.22 -46.30
N ASP C 535 30.31 60.72 -45.74
CA ASP C 535 29.49 59.71 -46.40
C ASP C 535 28.82 60.23 -47.67
N LEU C 536 28.05 61.31 -47.54
CA LEU C 536 27.17 61.82 -48.60
C LEU C 536 27.27 63.34 -48.70
N PRO C 537 27.61 63.89 -49.88
CA PRO C 537 27.75 65.34 -50.09
C PRO C 537 26.43 66.06 -50.40
N SER C 538 25.48 65.96 -49.47
CA SER C 538 24.18 66.63 -49.60
C SER C 538 24.33 68.11 -49.25
N ASP C 539 24.34 68.94 -50.28
CA ASP C 539 24.37 70.39 -50.12
C ASP C 539 22.95 70.94 -50.11
N LYS C 540 22.24 70.70 -49.01
CA LYS C 540 20.88 71.19 -48.85
C LYS C 540 20.69 71.68 -47.44
N LYS C 541 19.77 72.63 -47.26
CA LYS C 541 19.51 73.21 -45.95
C LYS C 541 18.03 73.41 -45.69
N VAL C 542 17.32 72.29 -45.47
CA VAL C 542 15.90 72.32 -45.09
C VAL C 542 15.72 71.78 -43.66
N THR C 543 15.00 72.54 -42.83
CA THR C 543 14.73 72.20 -41.42
C THR C 543 13.31 72.56 -41.03
N PHE C 544 12.75 71.80 -40.09
CA PHE C 544 11.40 72.04 -39.58
C PHE C 544 11.37 71.93 -38.05
N GLN C 545 10.99 73.01 -37.37
CA GLN C 545 10.86 73.04 -35.91
C GLN C 545 12.17 72.71 -35.20
N ASP C 546 13.28 73.16 -35.79
CA ASP C 546 14.62 72.83 -35.33
C ASP C 546 15.32 74.06 -34.82
N VAL C 547 16.06 73.90 -33.74
CA VAL C 547 16.72 75.02 -33.11
C VAL C 547 18.23 74.94 -33.38
N SER C 548 18.87 76.09 -33.48
CA SER C 548 20.31 76.18 -33.62
C SER C 548 20.79 77.42 -32.89
N PHE C 549 22.09 77.57 -32.73
CA PHE C 549 22.63 78.67 -31.91
C PHE C 549 24.13 78.94 -32.20
N GLN C 550 24.63 80.03 -31.62
CA GLN C 550 26.08 80.37 -31.51
C GLN C 550 26.86 80.36 -32.83
N HIS C 551 26.84 81.51 -33.50
CA HIS C 551 27.55 81.72 -34.77
C HIS C 551 27.43 80.49 -35.67
N PRO C 552 26.21 79.98 -35.85
CA PRO C 552 26.08 78.64 -36.43
C PRO C 552 26.66 78.50 -37.84
N ASP C 553 27.12 79.61 -38.45
CA ASP C 553 27.65 79.67 -39.83
C ASP C 553 26.52 79.51 -40.87
N LEU C 554 25.29 79.38 -40.35
CA LEU C 554 24.07 79.43 -41.13
C LEU C 554 23.35 80.72 -40.74
N ALA C 555 23.03 81.53 -41.74
CA ALA C 555 22.46 82.84 -41.50
C ALA C 555 20.93 82.75 -41.37
N VAL C 556 20.47 82.84 -40.12
CA VAL C 556 19.04 82.88 -39.79
C VAL C 556 18.83 84.04 -38.80
N LEU C 557 19.90 84.80 -38.58
CA LEU C 557 19.92 85.85 -37.58
C LEU C 557 20.00 87.24 -38.23
N ARG C 558 18.89 87.97 -38.14
CA ARG C 558 18.83 89.35 -38.60
C ARG C 558 19.43 90.24 -37.52
N ASP C 559 19.71 91.50 -37.87
CA ASP C 559 20.25 92.48 -36.90
C ASP C 559 19.20 92.93 -35.87
N GLU C 560 18.01 93.28 -36.35
CA GLU C 560 16.91 93.71 -35.47
C GLU C 560 16.38 92.58 -34.58
N LYS C 561 16.30 91.37 -35.13
CA LYS C 561 15.80 90.21 -34.37
C LYS C 561 16.81 89.69 -33.35
N THR C 562 18.10 89.67 -33.69
CA THR C 562 19.16 89.38 -32.71
C THR C 562 19.19 90.42 -31.58
N ALA C 563 18.88 91.68 -31.92
CA ALA C 563 18.78 92.77 -30.93
C ALA C 563 17.66 92.49 -29.91
N ILE C 564 16.49 92.18 -30.44
CA ILE C 564 15.31 91.88 -29.62
C ILE C 564 15.54 90.63 -28.78
N THR C 565 15.89 89.54 -29.45
CA THR C 565 16.08 88.25 -28.81
C THR C 565 17.20 88.29 -27.76
N LYS C 566 18.40 88.72 -28.15
CA LYS C 566 19.55 88.81 -27.22
C LYS C 566 19.28 89.79 -26.09
N GLY C 567 18.55 90.86 -26.41
CA GLY C 567 18.08 91.82 -25.42
C GLY C 567 17.24 91.16 -24.34
N TYR C 568 16.33 90.27 -24.78
CA TYR C 568 15.51 89.48 -23.87
C TYR C 568 16.33 88.47 -23.08
N GLU C 569 17.25 87.81 -23.80
CA GLU C 569 18.12 86.79 -23.22
C GLU C 569 18.94 87.33 -22.07
N ALA C 570 19.46 88.54 -22.22
CA ALA C 570 20.20 89.18 -21.13
C ALA C 570 19.38 89.15 -19.84
N LEU C 571 18.16 89.67 -19.91
CA LEU C 571 17.24 89.71 -18.77
C LEU C 571 16.93 88.34 -18.21
N ILE C 572 16.37 87.50 -19.07
CA ILE C 572 15.94 86.18 -18.64
C ILE C 572 17.08 85.44 -17.96
N LYS C 573 18.19 85.32 -18.68
CA LYS C 573 19.34 84.50 -18.28
C LYS C 573 20.06 85.01 -17.03
N ARG C 574 20.33 86.30 -16.98
CA ARG C 574 21.10 86.84 -15.86
C ARG C 574 20.32 86.82 -14.52
N LEU C 575 18.99 86.76 -14.59
CA LEU C 575 18.13 86.80 -13.40
C LEU C 575 17.73 85.44 -12.81
N GLY C 576 18.02 85.29 -11.50
CA GLY C 576 17.81 84.05 -10.75
C GLY C 576 18.72 83.82 -9.53
N THR C 577 20.00 84.20 -9.64
CA THR C 577 21.07 83.84 -8.65
C THR C 577 20.80 84.29 -7.20
N GLY C 578 20.47 85.56 -7.04
CA GLY C 578 20.35 86.14 -5.71
C GLY C 578 19.56 87.43 -5.61
N ASP C 579 19.88 88.20 -4.57
CA ASP C 579 19.24 89.50 -4.34
C ASP C 579 19.56 90.48 -5.46
N ASN C 580 18.64 91.42 -5.67
CA ASN C 580 18.67 92.35 -6.82
C ASN C 580 18.51 91.63 -8.16
N ASP C 581 18.08 90.37 -8.12
CA ASP C 581 17.64 89.64 -9.30
C ASP C 581 16.16 89.35 -9.11
N ILE C 582 15.45 89.09 -10.21
CA ILE C 582 13.97 88.92 -10.23
C ILE C 582 13.36 88.07 -9.12
N PRO C 583 13.96 86.91 -8.79
CA PRO C 583 13.28 86.11 -7.78
C PRO C 583 13.10 86.86 -6.47
N SER C 584 14.22 87.37 -5.91
CA SER C 584 14.24 88.08 -4.61
C SER C 584 13.31 89.28 -4.65
N LEU C 585 13.31 89.96 -5.79
CA LEU C 585 12.47 91.13 -6.04
C LEU C 585 10.98 90.76 -5.98
N ILE C 586 10.63 89.64 -6.59
CA ILE C 586 9.26 89.15 -6.58
C ILE C 586 8.84 88.72 -5.16
N ALA C 587 9.75 88.07 -4.45
CA ALA C 587 9.52 87.65 -3.07
C ALA C 587 9.30 88.84 -2.14
N LYS C 588 10.00 89.95 -2.42
CA LYS C 588 9.87 91.17 -1.63
C LYS C 588 8.57 91.92 -2.01
N LYS C 589 8.02 91.61 -3.18
CA LYS C 589 6.83 92.27 -3.79
C LYS C 589 7.13 93.68 -4.30
N ASP C 590 8.41 94.04 -4.34
CA ASP C 590 8.87 95.34 -4.84
C ASP C 590 9.18 95.27 -6.32
N TYR C 591 8.43 96.02 -7.12
CA TYR C 591 8.53 95.93 -8.58
C TYR C 591 9.20 97.13 -9.23
N LEU C 592 9.63 98.06 -8.39
CA LEU C 592 10.34 99.24 -8.88
C LEU C 592 11.75 98.86 -9.31
N SER C 593 12.50 98.23 -8.40
CA SER C 593 13.87 97.80 -8.68
C SER C 593 13.90 97.04 -9.96
N LEU C 594 12.86 96.24 -10.13
CA LEU C 594 12.62 95.46 -11.33
C LEU C 594 12.53 96.32 -12.60
N TYR C 595 11.79 97.41 -12.54
CA TYR C 595 11.72 98.36 -13.66
C TYR C 595 13.07 98.96 -14.00
N ASN C 596 13.74 99.45 -12.95
CA ASN C 596 15.03 100.15 -13.07
C ASN C 596 16.21 99.24 -13.37
N LEU C 597 15.96 97.94 -13.51
CA LEU C 597 17.00 96.95 -13.84
C LEU C 597 17.87 97.37 -15.01
N PRO C 598 19.21 97.21 -14.86
CA PRO C 598 20.18 97.65 -15.87
C PRO C 598 20.07 96.88 -17.18
N GLU C 599 19.54 95.65 -17.11
CA GLU C 599 19.34 94.85 -18.30
C GLU C 599 18.12 95.30 -19.11
N VAL C 600 17.20 96.02 -18.47
CA VAL C 600 16.05 96.62 -19.16
C VAL C 600 16.48 97.84 -19.98
N LYS C 601 17.42 98.60 -19.41
CA LYS C 601 18.01 99.76 -20.08
C LYS C 601 18.69 99.36 -21.38
N LEU C 602 19.26 98.16 -21.43
CA LEU C 602 19.83 97.61 -22.67
C LEU C 602 18.74 97.46 -23.75
N MET C 603 17.52 97.19 -23.29
CA MET C 603 16.38 96.94 -24.19
C MET C 603 15.61 98.20 -24.57
N ALA C 604 15.66 99.21 -23.71
CA ALA C 604 14.97 100.47 -23.95
C ALA C 604 15.03 101.00 -25.40
N PRO C 605 16.24 101.26 -25.95
CA PRO C 605 16.30 102.01 -27.22
C PRO C 605 15.68 101.33 -28.43
N LEU C 606 15.28 100.05 -28.32
CA LEU C 606 14.79 99.30 -29.47
C LEU C 606 13.29 99.44 -29.67
N ILE C 607 12.62 100.04 -28.70
CA ILE C 607 11.17 100.21 -28.75
C ILE C 607 10.82 101.34 -29.72
N ARG C 608 9.59 101.32 -30.26
CA ARG C 608 9.09 102.40 -31.09
C ARG C 608 8.89 103.68 -30.29
N PRO C 609 9.55 104.79 -30.71
CA PRO C 609 9.53 106.06 -29.97
C PRO C 609 8.15 106.73 -29.88
N ASN C 610 7.31 106.50 -30.88
CA ASN C 610 6.01 107.19 -31.01
C ASN C 610 5.09 106.95 -29.83
N ARG C 611 5.03 105.70 -29.40
CA ARG C 611 4.16 105.35 -28.29
C ARG C 611 4.93 104.87 -27.06
N LYS C 612 6.18 105.32 -26.92
CA LYS C 612 7.05 104.77 -25.87
C LYS C 612 6.43 104.83 -24.48
N GLY C 613 5.92 106.00 -24.12
CA GLY C 613 5.20 106.16 -22.86
C GLY C 613 3.87 105.42 -22.83
N VAL C 614 3.16 105.45 -23.96
CA VAL C 614 1.84 104.85 -24.08
C VAL C 614 1.93 103.35 -23.86
N TYR C 615 3.04 102.77 -24.30
CA TYR C 615 3.34 101.36 -24.05
C TYR C 615 3.68 101.11 -22.58
N SER C 616 4.68 101.84 -22.07
CA SER C 616 5.17 101.70 -20.70
C SER C 616 4.04 101.79 -19.69
N ARG C 617 3.06 102.64 -20.02
CA ARG C 617 1.84 102.81 -19.24
C ARG C 617 1.21 101.48 -18.91
N VAL C 618 0.75 100.80 -19.96
CA VAL C 618 -0.03 99.56 -19.80
C VAL C 618 0.87 98.43 -19.27
N ALA C 619 2.16 98.50 -19.64
CA ALA C 619 3.15 97.52 -19.20
C ALA C 619 3.29 97.57 -17.68
N ARG C 620 3.61 98.78 -17.18
CA ARG C 620 3.74 99.05 -15.75
C ARG C 620 2.46 98.71 -14.98
N LYS C 621 1.31 98.79 -15.67
CA LYS C 621 0.02 98.38 -15.11
C LYS C 621 -0.01 96.89 -14.83
N LEU C 622 0.20 96.08 -15.86
CA LEU C 622 0.08 94.62 -15.73
C LEU C 622 1.04 94.05 -14.70
N VAL C 623 2.30 94.46 -14.80
CA VAL C 623 3.33 94.01 -13.88
C VAL C 623 2.91 94.29 -12.43
N SER C 624 2.36 95.48 -12.18
CA SER C 624 1.94 95.86 -10.82
C SER C 624 0.73 95.05 -10.34
N THR C 625 -0.22 94.76 -11.25
CA THR C 625 -1.45 94.01 -10.92
C THR C 625 -1.11 92.57 -10.56
N GLN C 626 -0.09 92.04 -11.23
CA GLN C 626 0.36 90.67 -10.94
C GLN C 626 1.15 90.55 -9.63
N VAL C 627 1.59 91.68 -9.04
CA VAL C 627 2.43 91.68 -7.80
C VAL C 627 1.80 90.90 -6.66
N THR C 628 0.48 90.95 -6.57
CA THR C 628 -0.25 90.10 -5.63
C THR C 628 -0.08 88.61 -6.04
N THR C 629 0.27 87.77 -5.06
CA THR C 629 0.60 86.34 -5.30
C THR C 629 -0.60 85.47 -5.66
N GLY C 630 -0.34 84.41 -6.42
CA GLY C 630 -1.40 83.50 -6.85
C GLY C 630 -2.12 83.95 -8.10
N HIS C 631 -1.73 85.12 -8.61
CA HIS C 631 -2.34 85.68 -9.81
C HIS C 631 -1.33 85.97 -10.94
N TYR C 632 -0.04 86.08 -10.61
CA TYR C 632 0.96 86.44 -11.60
C TYR C 632 1.36 85.26 -12.50
N SER C 633 1.47 85.54 -13.79
CA SER C 633 1.96 84.58 -14.79
C SER C 633 3.42 84.90 -14.99
N LEU C 634 4.28 83.99 -14.58
CA LEU C 634 5.70 84.29 -14.55
C LEU C 634 6.32 84.42 -15.96
N HIS C 635 5.66 83.83 -16.94
CA HIS C 635 6.05 84.01 -18.34
C HIS C 635 5.77 85.43 -18.82
N GLU C 636 4.52 85.86 -18.65
CA GLU C 636 4.06 87.17 -19.12
C GLU C 636 4.98 88.30 -18.69
N LEU C 637 5.38 88.24 -17.42
CA LEU C 637 6.27 89.24 -16.82
C LEU C 637 7.49 89.56 -17.66
N ILE C 638 8.13 88.53 -18.17
CA ILE C 638 9.27 88.71 -19.04
C ILE C 638 8.83 89.42 -20.31
N LYS C 639 7.73 88.97 -20.90
CA LYS C 639 7.22 89.56 -22.13
C LYS C 639 6.91 91.06 -22.01
N VAL C 640 6.35 91.45 -20.87
CA VAL C 640 5.85 92.81 -20.63
C VAL C 640 6.92 93.80 -20.14
N LEU C 641 7.86 93.29 -19.35
CA LEU C 641 8.81 94.13 -18.60
C LEU C 641 9.63 95.18 -19.38
N PRO C 642 10.26 94.80 -20.53
CA PRO C 642 11.23 95.73 -21.12
C PRO C 642 10.68 97.11 -21.49
N PHE C 643 9.37 97.18 -21.75
CA PHE C 643 8.71 98.44 -22.13
C PHE C 643 8.42 99.38 -20.96
N THR C 644 8.50 98.87 -19.73
CA THR C 644 8.14 99.65 -18.55
C THR C 644 9.11 100.79 -18.21
N TYR C 645 10.36 100.69 -18.66
CA TYR C 645 11.45 101.60 -18.28
C TYR C 645 11.11 103.08 -18.45
N PHE C 646 10.47 103.41 -19.56
CA PHE C 646 10.15 104.79 -19.88
C PHE C 646 9.00 105.34 -19.03
N ALA C 647 9.02 106.66 -18.83
CA ALA C 647 8.03 107.36 -18.01
C ALA C 647 6.63 107.17 -18.59
N PRO C 648 5.69 106.65 -17.77
CA PRO C 648 4.35 106.29 -18.19
C PRO C 648 3.48 107.50 -18.49
N LYS C 649 3.19 107.71 -19.76
CA LYS C 649 2.32 108.79 -20.18
C LYS C 649 0.90 108.24 -20.31
N GLN C 650 -0.09 109.06 -19.92
CA GLN C 650 -1.50 108.68 -20.01
C GLN C 650 -1.92 108.62 -21.45
N GLY C 651 -1.48 107.57 -22.14
CA GLY C 651 -1.67 107.45 -23.57
C GLY C 651 -3.12 107.40 -23.98
N MET C 652 -3.91 106.59 -23.27
CA MET C 652 -5.33 106.36 -23.56
C MET C 652 -5.58 105.75 -24.97
N PHE C 653 -4.49 105.36 -25.63
CA PHE C 653 -4.54 104.70 -26.92
C PHE C 653 -4.07 103.28 -26.63
N GLU C 654 -4.82 102.29 -27.10
CA GLU C 654 -4.50 100.87 -26.84
C GLU C 654 -3.05 100.52 -27.20
N GLY C 655 -2.41 99.73 -26.34
CA GLY C 655 -1.00 99.39 -26.52
C GLY C 655 -0.78 97.90 -26.66
N ARG C 656 -1.61 97.24 -27.44
CA ARG C 656 -1.53 95.81 -27.62
C ARG C 656 -0.32 95.40 -28.46
N LEU C 657 -0.04 96.17 -29.50
CA LEU C 657 1.09 95.88 -30.40
C LEU C 657 2.30 96.78 -30.08
N PHE C 658 3.34 96.16 -29.53
CA PHE C 658 4.55 96.85 -29.11
C PHE C 658 5.64 96.81 -30.16
N PHE C 659 5.77 97.88 -30.94
CA PHE C 659 6.76 97.90 -32.02
C PHE C 659 8.18 98.05 -31.44
N SER C 660 8.92 96.94 -31.43
CA SER C 660 10.34 96.93 -31.11
C SER C 660 11.11 96.91 -32.44
N ASN C 661 11.45 98.10 -32.96
CA ASN C 661 11.99 98.25 -34.32
C ASN C 661 11.05 97.62 -35.34
N ASP C 662 9.79 98.01 -35.24
CA ASP C 662 8.73 97.67 -36.20
C ASP C 662 8.15 96.24 -36.10
N SER C 663 8.47 95.51 -35.02
CA SER C 663 7.90 94.16 -34.77
C SER C 663 7.18 94.09 -33.42
N PHE C 664 5.94 93.58 -33.43
CA PHE C 664 5.05 93.64 -32.25
C PHE C 664 5.13 92.40 -31.33
N VAL C 665 4.88 92.61 -30.02
CA VAL C 665 4.93 91.55 -28.98
C VAL C 665 3.72 91.64 -28.05
N GLU C 666 2.59 91.08 -28.46
CA GLU C 666 1.33 91.21 -27.67
C GLU C 666 1.34 90.34 -26.42
N PRO C 667 0.50 90.68 -25.41
CA PRO C 667 0.36 89.86 -24.19
C PRO C 667 -0.50 88.62 -24.42
N GLY C 668 0.02 87.46 -24.05
CA GLY C 668 -0.51 86.19 -24.49
C GLY C 668 -0.15 86.09 -25.96
N VAL C 669 -1.04 85.52 -26.77
CA VAL C 669 -0.95 85.68 -28.23
C VAL C 669 0.47 85.39 -28.74
N ASN C 670 0.97 84.22 -28.40
CA ASN C 670 2.29 83.80 -28.85
C ASN C 670 2.48 84.06 -30.37
N ASN C 671 3.54 84.78 -30.72
CA ASN C 671 3.82 85.16 -32.11
C ASN C 671 5.24 84.79 -32.54
N ASN C 672 5.73 85.44 -33.60
CA ASN C 672 7.06 85.15 -34.12
C ASN C 672 8.19 85.53 -33.17
N VAL C 673 8.10 86.75 -32.64
CA VAL C 673 9.14 87.26 -31.75
C VAL C 673 9.04 86.55 -30.39
N PHE C 674 7.81 86.32 -29.91
CA PHE C 674 7.59 85.75 -28.57
C PHE C 674 6.57 84.60 -28.57
N SER C 675 7.07 83.40 -28.28
CA SER C 675 6.23 82.22 -28.15
C SER C 675 6.02 81.86 -26.67
N TRP C 676 4.80 82.09 -26.22
CA TRP C 676 4.38 81.74 -24.88
C TRP C 676 3.79 80.34 -24.86
N SER C 677 4.65 79.36 -24.59
CA SER C 677 4.25 77.95 -24.55
C SER C 677 3.41 77.64 -23.33
N LYS C 678 2.46 76.71 -23.50
CA LYS C 678 1.54 76.34 -22.45
C LYS C 678 2.07 75.10 -21.75
N ALA C 679 1.93 75.07 -20.43
CA ALA C 679 2.10 73.85 -19.65
C ALA C 679 3.54 73.33 -19.58
N ASP C 680 4.51 74.11 -20.05
CA ASP C 680 5.91 73.78 -19.77
C ASP C 680 6.77 75.01 -19.89
N SER C 681 7.93 74.99 -19.22
CA SER C 681 8.83 76.12 -19.18
C SER C 681 9.79 76.07 -20.33
N SER C 682 9.49 76.90 -21.32
CA SER C 682 10.30 77.07 -22.52
C SER C 682 9.70 78.23 -23.34
N LYS C 683 10.51 78.86 -24.19
CA LYS C 683 10.00 79.91 -25.08
C LYS C 683 10.88 80.13 -26.31
N ILE C 684 10.20 80.25 -27.45
CA ILE C 684 10.83 80.32 -28.76
C ILE C 684 10.90 81.79 -29.21
N TYR C 685 12.04 82.16 -29.79
CA TYR C 685 12.24 83.48 -30.41
C TYR C 685 12.66 83.28 -31.83
N CYS C 686 11.67 83.07 -32.70
CA CYS C 686 11.89 82.70 -34.09
C CYS C 686 12.54 81.29 -34.17
N HIS C 687 13.73 81.18 -34.77
CA HIS C 687 14.44 79.89 -34.89
C HIS C 687 15.43 79.66 -33.72
N GLY C 688 14.96 79.92 -32.51
CA GLY C 688 15.81 79.81 -31.32
C GLY C 688 14.97 79.67 -30.07
N ILE C 689 15.55 79.05 -29.05
CA ILE C 689 14.83 78.77 -27.79
C ILE C 689 15.74 79.04 -26.58
N ALA C 690 15.15 79.54 -25.50
CA ALA C 690 15.86 79.66 -24.23
C ALA C 690 14.87 79.48 -23.07
N ILE C 691 15.41 79.06 -21.92
CA ILE C 691 14.61 78.88 -20.68
C ILE C 691 15.47 78.98 -19.40
N ARG C 692 14.88 79.48 -18.31
CA ARG C 692 15.49 79.41 -16.98
C ARG C 692 14.69 78.53 -16.03
N VAL C 693 15.42 77.67 -15.29
CA VAL C 693 14.85 76.55 -14.50
C VAL C 693 14.55 76.78 -12.99
N PRO C 694 15.51 77.37 -12.28
CA PRO C 694 15.50 77.54 -10.82
C PRO C 694 14.40 78.31 -10.12
N LEU C 695 13.91 79.43 -10.66
CA LEU C 695 12.88 80.15 -9.92
C LEU C 695 11.63 80.45 -10.71
N VAL C 696 10.87 79.39 -10.99
CA VAL C 696 9.61 79.52 -11.69
C VAL C 696 8.54 78.87 -10.83
N VAL C 697 7.62 79.67 -10.32
CA VAL C 697 6.53 79.18 -9.51
C VAL C 697 5.25 79.43 -10.28
N GLY C 698 5.42 79.71 -11.57
CA GLY C 698 4.28 80.02 -12.41
C GLY C 698 3.12 79.24 -11.86
N ASP C 699 1.92 79.82 -11.90
CA ASP C 699 0.73 79.16 -11.38
C ASP C 699 0.45 77.81 -12.02
N GLU C 700 0.75 77.73 -13.31
CA GLU C 700 0.54 76.50 -14.09
C GLU C 700 1.52 75.39 -13.72
N HIS C 701 2.71 75.76 -13.23
CA HIS C 701 3.73 74.77 -12.82
C HIS C 701 3.54 74.27 -11.38
N MET C 702 2.33 73.79 -11.10
CA MET C 702 1.98 73.28 -9.77
C MET C 702 2.65 71.95 -9.46
N ASP C 703 2.57 71.01 -10.41
CA ASP C 703 3.00 69.62 -10.21
C ASP C 703 4.50 69.51 -9.95
N THR C 704 5.27 70.37 -10.62
CA THR C 704 6.72 70.41 -10.44
C THR C 704 7.13 71.79 -9.96
N SER C 705 6.50 72.22 -8.87
CA SER C 705 6.95 73.41 -8.20
C SER C 705 8.00 72.97 -7.18
N LEU C 706 8.05 71.66 -6.92
CA LEU C 706 9.05 71.06 -6.04
C LEU C 706 10.33 70.80 -6.82
N ALA C 707 10.16 70.31 -8.04
CA ALA C 707 11.27 70.03 -8.93
C ALA C 707 11.94 71.30 -9.44
N LEU C 708 11.12 72.16 -10.03
CA LEU C 708 11.64 73.30 -10.76
C LEU C 708 12.36 74.34 -9.92
N LEU C 709 11.87 74.61 -8.73
CA LEU C 709 12.45 75.70 -7.94
C LEU C 709 13.98 75.59 -7.72
N GLU C 710 14.53 74.39 -7.89
CA GLU C 710 15.95 74.17 -7.59
C GLU C 710 16.96 74.86 -8.51
N GLY C 711 17.77 75.69 -7.87
CA GLY C 711 19.00 76.21 -8.42
C GLY C 711 20.03 76.10 -7.30
N PHE C 712 19.68 75.27 -6.30
CA PHE C 712 20.46 75.07 -5.07
C PHE C 712 21.65 74.16 -5.33
N SER C 713 22.53 74.08 -4.34
CA SER C 713 23.68 73.20 -4.38
C SER C 713 24.16 72.88 -2.96
N VAL C 714 25.13 71.98 -2.87
CA VAL C 714 25.53 71.45 -1.57
C VAL C 714 26.69 72.27 -1.03
N CYS C 715 26.69 72.54 0.27
CA CYS C 715 27.79 73.30 0.85
C CYS C 715 28.48 72.50 1.95
N GLU C 716 27.92 72.58 3.15
CA GLU C 716 28.53 72.03 4.35
C GLU C 716 27.36 71.72 5.25
N ASN C 717 27.60 70.94 6.27
CA ASN C 717 26.52 70.43 7.12
C ASN C 717 26.53 71.04 8.52
N ASP C 718 27.27 72.13 8.68
CA ASP C 718 27.54 72.72 10.01
C ASP C 718 26.31 73.28 10.69
N PRO C 719 25.58 74.16 10.02
CA PRO C 719 24.42 74.78 10.64
C PRO C 719 23.36 73.76 10.98
N ARG C 720 22.76 73.90 12.16
CA ARG C 720 21.73 72.98 12.55
C ARG C 720 20.50 73.55 11.90
N ALA C 721 20.55 73.59 10.56
CA ALA C 721 19.44 74.11 9.79
C ALA C 721 18.24 73.21 10.01
N PRO C 722 17.08 73.81 10.17
CA PRO C 722 15.87 73.02 10.39
C PRO C 722 15.59 72.02 9.27
N MET C 723 15.25 70.80 9.64
CA MET C 723 14.90 69.78 8.68
C MET C 723 13.58 70.19 8.07
N VAL C 724 13.65 70.83 6.92
CA VAL C 724 12.45 71.22 6.20
C VAL C 724 12.05 70.11 5.23
N THR C 725 10.75 70.01 4.99
CA THR C 725 10.25 69.12 3.94
C THR C 725 10.45 69.82 2.60
N ARG C 726 10.44 69.06 1.53
CA ARG C 726 10.72 69.59 0.19
C ARG C 726 9.77 70.73 -0.17
N GLN C 727 8.49 70.57 0.18
CA GLN C 727 7.50 71.62 -0.02
C GLN C 727 7.79 72.88 0.80
N ASP C 728 8.46 72.69 1.94
CA ASP C 728 8.90 73.81 2.76
C ASP C 728 10.16 74.49 2.18
N LEU C 729 10.76 73.93 1.14
CA LEU C 729 11.99 74.48 0.56
C LEU C 729 11.73 75.78 -0.21
N ILE C 730 10.51 75.91 -0.74
CA ILE C 730 10.15 77.11 -1.49
C ILE C 730 10.28 78.40 -0.68
N ASP C 731 10.07 78.30 0.64
CA ASP C 731 9.98 79.49 1.49
C ASP C 731 11.31 80.09 1.90
N VAL C 732 12.32 79.26 2.10
CA VAL C 732 13.62 79.74 2.57
C VAL C 732 14.34 80.57 1.50
N GLY C 733 14.52 81.85 1.80
CA GLY C 733 15.07 82.81 0.86
C GLY C 733 16.52 82.58 0.50
N PHE C 734 17.10 83.55 -0.17
CA PHE C 734 18.45 83.41 -0.74
C PHE C 734 19.53 83.48 0.31
N GLY C 735 20.67 82.86 0.02
CA GLY C 735 21.77 82.81 0.97
C GLY C 735 21.44 82.04 2.25
N GLN C 736 20.41 81.20 2.18
CA GLN C 736 19.92 80.48 3.35
C GLN C 736 20.34 79.02 3.34
N LYS C 737 21.24 78.67 4.27
CA LYS C 737 21.71 77.30 4.45
C LYS C 737 20.65 76.49 5.19
N VAL C 738 20.20 75.40 4.56
CA VAL C 738 19.16 74.55 5.15
C VAL C 738 19.46 73.05 5.01
N ARG C 739 18.82 72.26 5.86
CA ARG C 739 18.99 70.81 5.93
C ARG C 739 17.81 70.06 5.32
N LEU C 740 18.12 69.02 4.55
CA LEU C 740 17.09 68.23 3.86
C LEU C 740 17.46 66.76 3.70
N PHE C 741 16.44 65.91 3.74
CA PHE C 741 16.56 64.48 3.41
C PHE C 741 16.61 64.21 1.90
N VAL C 742 17.58 63.38 1.49
CA VAL C 742 17.78 63.08 0.07
C VAL C 742 17.60 61.59 -0.19
N GLY C 743 16.94 61.27 -1.29
CA GLY C 743 16.90 59.92 -1.83
C GLY C 743 16.44 58.87 -0.85
N GLN C 744 17.31 57.90 -0.57
CA GLN C 744 16.92 56.70 0.17
C GLN C 744 17.61 56.57 1.54
N GLY C 745 18.19 57.65 2.04
CA GLY C 745 18.91 57.60 3.31
C GLY C 745 19.68 58.84 3.71
N SER C 746 20.68 59.20 2.90
CA SER C 746 21.61 60.28 3.25
C SER C 746 20.96 61.67 3.29
N VAL C 747 21.27 62.42 4.34
CA VAL C 747 20.76 63.78 4.55
C VAL C 747 21.89 64.80 4.35
N ARG C 748 21.66 65.78 3.48
CA ARG C 748 22.67 66.82 3.18
C ARG C 748 22.12 68.24 3.37
N THR C 749 22.96 69.24 3.11
CA THR C 749 22.59 70.64 3.31
C THR C 749 23.00 71.55 2.14
N PHE C 750 22.16 72.55 1.90
CA PHE C 750 22.24 73.38 0.71
C PHE C 750 22.07 74.85 1.03
N LYS C 751 22.17 75.68 -0.01
CA LYS C 751 21.74 77.08 0.02
C LYS C 751 21.22 77.51 -1.36
N ARG C 752 20.60 78.67 -1.44
CA ARG C 752 20.21 79.23 -2.74
C ARG C 752 21.44 79.63 -3.54
N THR C 753 21.74 78.82 -4.55
CA THR C 753 23.05 78.85 -5.21
C THR C 753 23.00 79.40 -6.61
N ALA C 754 24.15 79.87 -7.08
CA ALA C 754 24.42 79.97 -8.50
C ALA C 754 24.57 78.56 -9.03
N SER C 755 23.77 78.22 -10.02
CA SER C 755 23.70 76.87 -10.55
C SER C 755 25.07 76.34 -10.95
N GLN C 756 25.16 75.03 -11.02
CA GLN C 756 26.38 74.37 -11.50
C GLN C 756 26.69 74.86 -12.89
N ARG C 757 27.96 75.16 -13.13
CA ARG C 757 28.38 75.67 -14.42
C ARG C 757 29.66 75.01 -14.92
N ALA C 758 29.81 75.04 -16.25
CA ALA C 758 30.99 74.54 -16.97
C ALA C 758 31.31 73.09 -16.60
N ALA C 759 30.29 72.24 -16.72
CA ALA C 759 30.45 70.82 -16.45
C ALA C 759 31.53 70.24 -17.35
N SER C 760 31.50 70.62 -18.62
CA SER C 760 32.43 70.07 -19.61
C SER C 760 33.58 71.02 -19.91
N SER C 761 33.24 72.26 -20.25
CA SER C 761 34.22 73.25 -20.70
C SER C 761 35.34 73.49 -19.70
N ASP C 762 35.00 73.53 -18.41
CA ASP C 762 36.00 73.79 -17.35
C ASP C 762 37.23 72.91 -17.47
N VAL C 763 36.96 71.63 -17.70
CA VAL C 763 38.02 70.66 -17.89
C VAL C 763 38.61 70.88 -19.28
N ASN C 764 37.76 70.87 -20.29
CA ASN C 764 38.17 70.89 -21.70
C ASN C 764 39.20 71.97 -22.06
N LYS C 765 39.01 73.17 -21.53
CA LYS C 765 39.95 74.27 -21.76
C LYS C 765 41.31 74.03 -21.13
N ASN C 766 41.32 73.56 -19.87
CA ASN C 766 42.56 73.23 -19.17
C ASN C 766 43.35 72.15 -19.90
N VAL C 767 42.63 71.13 -20.36
CA VAL C 767 43.19 70.01 -21.11
C VAL C 767 43.79 70.50 -22.43
N LYS C 768 43.14 71.49 -23.04
CA LYS C 768 43.68 72.12 -24.23
C LYS C 768 44.99 72.87 -23.93
N LYS C 769 45.00 73.58 -22.80
CA LYS C 769 46.18 74.36 -22.37
C LYS C 769 47.42 73.51 -22.13
N ILE C 770 47.23 72.37 -21.45
CA ILE C 770 48.33 71.46 -21.15
C ILE C 770 48.93 70.82 -22.41
N LYS C 771 48.08 70.61 -23.42
CA LYS C 771 48.45 69.99 -24.71
C LYS C 771 48.85 68.53 -24.54
N THR D 4 -35.15 -31.72 29.22
CA THR D 4 -35.45 -30.61 28.30
C THR D 4 -36.59 -31.00 27.37
N PHE D 5 -37.82 -30.99 27.91
CA PHE D 5 -39.03 -31.26 27.14
C PHE D 5 -39.50 -30.04 26.38
N ALA D 6 -39.33 -28.87 27.00
CA ALA D 6 -39.60 -27.57 26.36
C ALA D 6 -38.76 -27.42 25.09
N GLU D 7 -37.48 -27.78 25.19
CA GLU D 7 -36.56 -27.84 24.03
C GLU D 7 -37.16 -28.65 22.88
N ILE D 8 -37.82 -29.76 23.21
CA ILE D 8 -38.39 -30.66 22.20
C ILE D 8 -39.68 -30.10 21.64
N ALA D 9 -40.62 -29.78 22.53
CA ALA D 9 -41.91 -29.26 22.13
C ALA D 9 -41.75 -28.02 21.26
N GLU D 10 -41.06 -27.02 21.82
CA GLU D 10 -40.89 -25.71 21.16
C GLU D 10 -40.16 -25.78 19.79
N ALA D 11 -39.46 -26.88 19.54
CA ALA D 11 -38.69 -27.05 18.30
C ALA D 11 -39.55 -27.38 17.09
N PHE D 12 -40.64 -28.11 17.32
CA PHE D 12 -41.58 -28.47 16.24
C PHE D 12 -42.96 -27.78 16.32
N LEU D 13 -43.39 -27.47 17.55
CA LEU D 13 -44.70 -26.86 17.79
C LEU D 13 -44.59 -25.33 17.73
N GLU D 14 -45.69 -24.62 18.00
CA GLU D 14 -45.67 -23.16 18.06
C GLU D 14 -45.33 -22.63 19.44
N PRO D 15 -44.36 -21.69 19.51
CA PRO D 15 -43.76 -21.19 20.75
C PRO D 15 -44.78 -20.93 21.84
N GLU D 16 -45.80 -20.13 21.54
CA GLU D 16 -46.81 -19.75 22.53
C GLU D 16 -47.74 -20.91 22.84
N ALA D 17 -47.95 -21.79 21.86
CA ALA D 17 -48.81 -22.98 22.01
C ALA D 17 -48.32 -23.95 23.09
N VAL D 18 -47.02 -23.96 23.29
CA VAL D 18 -46.42 -24.79 24.31
C VAL D 18 -46.73 -24.22 25.69
N ARG D 19 -46.64 -22.91 25.85
CA ARG D 19 -46.88 -22.23 27.13
C ARG D 19 -48.17 -22.69 27.82
N ILE D 20 -49.20 -22.97 27.01
CA ILE D 20 -50.48 -23.49 27.50
C ILE D 20 -50.32 -24.92 28.05
N ALA D 21 -49.59 -25.76 27.32
CA ALA D 21 -49.28 -27.09 27.80
C ALA D 21 -48.55 -27.06 29.15
N LYS D 22 -47.48 -26.27 29.22
CA LYS D 22 -46.69 -26.11 30.44
C LYS D 22 -47.57 -25.70 31.62
N GLU D 23 -48.43 -24.70 31.44
CA GLU D 23 -49.33 -24.22 32.52
C GLU D 23 -50.34 -25.30 32.91
N ALA D 24 -50.93 -25.95 31.92
CA ALA D 24 -51.93 -27.00 32.14
C ALA D 24 -51.37 -28.15 32.97
N VAL D 25 -50.14 -28.53 32.65
CA VAL D 25 -49.48 -29.63 33.32
C VAL D 25 -49.29 -29.39 34.82
N GLU D 26 -49.16 -28.14 35.24
CA GLU D 26 -48.97 -27.83 36.66
C GLU D 26 -50.20 -28.19 37.48
N GLU D 27 -51.38 -27.85 36.98
CA GLU D 27 -52.61 -28.03 37.76
C GLU D 27 -53.43 -29.23 37.31
N TYR D 28 -53.71 -29.29 36.01
CA TYR D 28 -54.63 -30.28 35.44
C TYR D 28 -54.19 -31.71 35.69
N GLY D 29 -52.88 -31.94 35.62
CA GLY D 29 -52.30 -33.26 35.79
C GLY D 29 -50.95 -33.03 36.41
N ASP D 30 -50.10 -34.05 36.41
CA ASP D 30 -48.74 -33.83 36.86
C ASP D 30 -47.77 -34.79 36.20
N HIS D 31 -47.53 -34.61 34.91
CA HIS D 31 -46.49 -35.38 34.22
C HIS D 31 -45.69 -34.53 33.26
N GLU D 32 -44.37 -34.49 33.47
CA GLU D 32 -43.49 -33.57 32.76
C GLU D 32 -43.46 -33.81 31.25
N ARG D 33 -43.45 -35.07 30.84
CA ARG D 33 -43.41 -35.44 29.42
C ARG D 33 -44.70 -35.11 28.66
N LYS D 34 -45.84 -35.34 29.29
CA LYS D 34 -47.14 -35.28 28.60
C LYS D 34 -47.43 -33.95 27.91
N ILE D 35 -46.63 -32.91 28.18
CA ILE D 35 -46.83 -31.60 27.54
C ILE D 35 -46.92 -31.82 26.03
N ILE D 36 -46.02 -32.62 25.49
CA ILE D 36 -45.95 -32.81 24.06
C ILE D 36 -47.17 -33.53 23.51
N GLN D 37 -47.65 -34.50 24.27
CA GLN D 37 -48.92 -35.12 23.91
C GLN D 37 -49.99 -34.05 23.74
N ILE D 38 -50.28 -33.29 24.81
CA ILE D 38 -51.37 -32.31 24.76
C ILE D 38 -50.99 -31.18 23.79
N GLY D 39 -49.69 -30.93 23.68
CA GLY D 39 -49.13 -29.97 22.75
C GLY D 39 -49.63 -30.16 21.34
N ILE D 40 -49.87 -31.39 20.94
CA ILE D 40 -50.48 -31.64 19.66
C ILE D 40 -51.93 -31.22 19.75
N HIS D 41 -52.69 -31.89 20.63
CA HIS D 41 -54.16 -31.74 20.74
C HIS D 41 -54.57 -30.29 20.75
N PHE D 42 -53.98 -29.52 21.66
CA PHE D 42 -54.29 -28.11 21.78
C PHE D 42 -54.18 -27.38 20.45
N GLN D 43 -53.01 -27.50 19.81
CA GLN D 43 -52.78 -26.83 18.52
C GLN D 43 -53.79 -27.29 17.47
N VAL D 44 -54.03 -28.60 17.44
CA VAL D 44 -55.01 -29.20 16.53
C VAL D 44 -56.35 -28.47 16.51
N CYS D 45 -56.78 -28.04 17.68
CA CYS D 45 -58.05 -27.34 17.85
C CYS D 45 -58.02 -25.92 17.31
N CYS D 46 -56.98 -25.17 17.66
CA CYS D 46 -56.94 -23.75 17.33
C CYS D 46 -57.07 -23.53 15.83
N MET D 47 -56.28 -24.28 15.07
CA MET D 47 -56.32 -24.21 13.60
C MET D 47 -57.71 -24.51 13.10
N PHE D 48 -58.37 -25.44 13.76
CA PHE D 48 -59.71 -25.86 13.38
C PHE D 48 -60.77 -24.76 13.58
N CYS D 49 -60.57 -23.88 14.56
CA CYS D 49 -61.62 -22.97 14.99
C CYS D 49 -61.39 -21.46 14.81
N ASP D 50 -60.31 -21.04 14.15
CA ASP D 50 -60.00 -19.60 14.16
C ASP D 50 -60.27 -18.86 12.85
N GLU D 51 -59.68 -19.35 11.77
CA GLU D 51 -59.84 -18.74 10.45
C GLU D 51 -61.32 -18.61 10.08
N TYR D 52 -62.16 -19.51 10.59
CA TYR D 52 -63.61 -19.48 10.30
C TYR D 52 -64.36 -18.54 11.23
N LEU D 53 -65.29 -17.79 10.65
CA LEU D 53 -66.19 -16.91 11.37
C LEU D 53 -67.60 -17.12 10.83
N SER D 54 -68.59 -16.84 11.65
CA SER D 54 -69.99 -17.03 11.25
C SER D 54 -70.40 -15.93 10.28
N THR D 55 -71.58 -16.06 9.70
CA THR D 55 -72.14 -15.04 8.81
C THR D 55 -72.36 -13.73 9.58
N ASN D 56 -72.75 -13.89 10.85
CA ASN D 56 -72.79 -12.79 11.79
C ASN D 56 -71.37 -12.38 12.19
N GLY D 57 -71.26 -11.26 12.90
CA GLY D 57 -69.98 -10.75 13.37
C GLY D 57 -69.22 -11.70 14.27
N SER D 58 -69.94 -12.44 15.11
CA SER D 58 -69.34 -13.39 16.03
C SER D 58 -68.62 -14.55 15.31
N ASP D 59 -67.59 -15.08 15.96
CA ASP D 59 -66.84 -16.20 15.40
C ASP D 59 -67.66 -17.48 15.45
N ARG D 60 -67.37 -18.37 14.51
CA ARG D 60 -68.12 -19.62 14.30
C ARG D 60 -67.99 -20.57 15.50
N PHE D 61 -66.77 -20.73 15.97
CA PHE D 61 -66.48 -21.66 17.08
C PHE D 61 -65.96 -20.91 18.30
N VAL D 62 -66.04 -21.55 19.45
CA VAL D 62 -65.43 -21.05 20.68
C VAL D 62 -64.67 -22.16 21.37
N LEU D 63 -63.41 -21.88 21.69
CA LEU D 63 -62.49 -22.85 22.29
C LEU D 63 -62.64 -22.90 23.82
N ILE D 64 -62.71 -24.12 24.35
CA ILE D 64 -62.91 -24.34 25.78
C ILE D 64 -61.76 -25.12 26.44
N GLU D 65 -61.00 -25.90 25.67
CA GLU D 65 -60.00 -26.82 26.23
C GLU D 65 -58.83 -26.11 26.89
N GLY D 66 -58.24 -25.16 26.18
CA GLY D 66 -57.07 -24.42 26.66
C GLY D 66 -57.26 -23.57 27.91
N ARG D 67 -58.51 -23.24 28.22
CA ARG D 67 -58.80 -22.35 29.35
C ARG D 67 -58.59 -23.05 30.69
N LYS D 68 -58.68 -22.27 31.76
CA LYS D 68 -58.64 -22.79 33.12
C LYS D 68 -59.86 -23.65 33.40
N ARG D 69 -59.68 -24.67 34.24
CA ARG D 69 -60.75 -25.63 34.54
C ARG D 69 -62.02 -24.99 35.09
N GLY D 70 -61.91 -24.41 36.29
CA GLY D 70 -63.05 -23.82 36.98
C GLY D 70 -63.82 -22.82 36.14
N THR D 71 -63.08 -22.05 35.34
CA THR D 71 -63.68 -21.10 34.41
C THR D 71 -64.36 -21.84 33.26
N ALA D 72 -63.70 -22.87 32.76
CA ALA D 72 -64.22 -23.68 31.64
C ALA D 72 -65.59 -24.28 31.97
N VAL D 73 -65.81 -24.59 33.24
CA VAL D 73 -67.09 -25.12 33.69
C VAL D 73 -68.21 -24.10 33.48
N SER D 74 -68.06 -22.94 34.10
CA SER D 74 -69.06 -21.87 34.00
C SER D 74 -69.25 -21.43 32.55
N LEU D 75 -68.17 -21.45 31.77
CA LEU D 75 -68.25 -21.09 30.35
C LEU D 75 -68.97 -22.17 29.56
N GLN D 76 -68.90 -23.41 30.04
CA GLN D 76 -69.70 -24.47 29.44
C GLN D 76 -71.17 -24.33 29.85
N ASN D 77 -71.42 -23.70 30.99
CA ASN D 77 -72.80 -23.45 31.43
C ASN D 77 -73.48 -22.32 30.64
N GLU D 78 -72.67 -21.49 29.97
CA GLU D 78 -73.19 -20.47 29.04
C GLU D 78 -74.00 -21.08 27.92
N LEU D 79 -73.55 -22.22 27.43
CA LEU D 79 -74.23 -22.91 26.32
C LEU D 79 -75.66 -23.30 26.72
N CYS D 80 -75.83 -23.66 28.00
CA CYS D 80 -77.15 -23.97 28.54
C CYS D 80 -78.08 -22.76 28.43
N LYS D 81 -77.52 -21.57 28.58
CA LYS D 81 -78.28 -20.35 28.40
C LYS D 81 -78.54 -20.08 26.93
N SER D 82 -77.50 -20.17 26.12
CA SER D 82 -77.59 -19.79 24.72
C SER D 82 -78.47 -20.72 23.91
N TYR D 83 -78.23 -22.01 24.03
CA TYR D 83 -78.89 -22.98 23.15
C TYR D 83 -79.80 -23.96 23.87
N ASP D 84 -79.69 -24.02 25.19
CA ASP D 84 -80.61 -24.78 26.01
C ASP D 84 -80.49 -26.30 25.80
N LEU D 85 -79.33 -26.77 25.33
CA LEU D 85 -79.09 -28.22 25.16
C LEU D 85 -78.68 -28.86 26.50
N GLU D 86 -78.89 -30.17 26.58
CA GLU D 86 -78.53 -30.98 27.76
C GLU D 86 -77.12 -30.67 28.24
N PRO D 87 -76.97 -30.31 29.53
CA PRO D 87 -75.64 -30.05 30.08
C PRO D 87 -74.83 -31.34 30.26
N LEU D 88 -73.88 -31.58 29.35
CA LEU D 88 -73.08 -32.81 29.38
C LEU D 88 -72.10 -32.82 30.55
N PRO D 89 -71.87 -34.00 31.17
CA PRO D 89 -70.94 -34.14 32.28
C PRO D 89 -69.50 -33.96 31.87
N PHE D 90 -69.16 -34.44 30.68
CA PHE D 90 -67.78 -34.39 30.19
C PHE D 90 -67.52 -33.06 29.46
N LEU D 91 -66.47 -32.36 29.90
CA LEU D 91 -66.09 -31.07 29.31
C LEU D 91 -65.45 -31.28 27.94
N CYS D 92 -66.14 -30.81 26.92
CA CYS D 92 -65.65 -30.95 25.56
C CYS D 92 -64.69 -29.83 25.23
N ASP D 93 -64.11 -29.90 24.04
CA ASP D 93 -63.08 -28.95 23.65
C ASP D 93 -63.65 -27.66 23.06
N ILE D 94 -64.57 -27.80 22.08
CA ILE D 94 -65.03 -26.64 21.30
C ILE D 94 -66.56 -26.63 21.06
N PHE D 95 -67.13 -25.42 20.99
CA PHE D 95 -68.57 -25.23 20.72
C PHE D 95 -68.84 -24.48 19.43
N ASP D 96 -69.51 -25.16 18.50
CA ASP D 96 -69.94 -24.56 17.25
C ASP D 96 -71.14 -23.67 17.50
N ARG D 97 -71.25 -22.61 16.69
CA ARG D 97 -72.40 -21.71 16.74
C ARG D 97 -73.26 -21.81 15.49
N GLU D 98 -72.63 -22.11 14.35
CA GLU D 98 -73.36 -22.36 13.12
C GLU D 98 -74.10 -23.70 13.19
N GLU D 99 -73.42 -24.70 13.74
CA GLU D 99 -74.00 -26.04 13.94
C GLU D 99 -74.63 -26.17 15.32
N LYS D 100 -74.27 -25.28 16.25
CA LYS D 100 -74.86 -25.26 17.61
C LYS D 100 -74.77 -26.58 18.37
N GLN D 101 -73.66 -27.28 18.18
CA GLN D 101 -73.44 -28.58 18.79
C GLN D 101 -72.05 -28.69 19.44
N PHE D 102 -71.93 -29.67 20.33
CA PHE D 102 -70.69 -29.94 21.05
C PHE D 102 -69.67 -30.55 20.11
N VAL D 103 -68.43 -30.08 20.22
CA VAL D 103 -67.34 -30.62 19.41
C VAL D 103 -66.16 -31.00 20.28
N GLU D 104 -65.63 -32.22 20.07
CA GLU D 104 -64.48 -32.71 20.81
C GLU D 104 -63.58 -33.55 19.91
N ILE D 105 -62.27 -33.26 19.97
CA ILE D 105 -61.31 -33.83 19.05
C ILE D 105 -60.39 -34.81 19.76
N GLY D 106 -60.18 -35.95 19.10
CA GLY D 106 -59.23 -36.94 19.57
C GLY D 106 -58.15 -37.22 18.54
N ILE D 107 -56.95 -37.57 19.02
CA ILE D 107 -55.83 -37.92 18.16
C ILE D 107 -55.15 -39.20 18.68
N THR D 108 -55.11 -40.24 17.85
CA THR D 108 -54.51 -41.53 18.24
C THR D 108 -53.52 -42.04 17.20
N ARG D 109 -52.50 -42.75 17.68
CA ARG D 109 -51.46 -43.31 16.84
C ARG D 109 -51.94 -44.53 16.05
N LYS D 110 -52.68 -45.39 16.74
CA LYS D 110 -53.00 -46.72 16.21
C LYS D 110 -54.12 -46.61 15.18
N ALA D 111 -54.58 -47.76 14.66
CA ALA D 111 -55.79 -47.84 13.86
C ALA D 111 -56.95 -47.21 14.59
N ASP D 112 -57.63 -46.31 13.90
CA ASP D 112 -58.61 -45.38 14.48
C ASP D 112 -59.72 -45.97 15.36
N ASP D 113 -60.22 -47.13 14.96
CA ASP D 113 -61.36 -47.76 15.65
C ASP D 113 -61.07 -47.90 17.12
N SER D 114 -59.85 -48.34 17.42
CA SER D 114 -59.41 -48.63 18.78
C SER D 114 -59.73 -47.50 19.76
N TYR D 115 -59.43 -46.27 19.38
CA TYR D 115 -59.68 -45.12 20.25
C TYR D 115 -61.09 -44.53 20.08
N PHE D 116 -61.60 -44.55 18.85
CA PHE D 116 -62.93 -43.99 18.63
C PHE D 116 -63.97 -44.71 19.46
N GLN D 117 -63.94 -46.04 19.45
CA GLN D 117 -64.91 -46.81 20.23
C GLN D 117 -64.89 -46.36 21.69
N SER D 118 -63.70 -46.02 22.19
CA SER D 118 -63.54 -45.50 23.55
C SER D 118 -64.30 -44.20 23.71
N LYS D 119 -63.89 -43.16 22.98
CA LYS D 119 -64.48 -41.82 23.17
C LYS D 119 -65.99 -41.83 22.86
N PHE D 120 -66.36 -42.60 21.85
CA PHE D 120 -67.75 -42.87 21.52
C PHE D 120 -68.49 -43.51 22.68
N GLY D 121 -67.84 -44.46 23.33
CA GLY D 121 -68.38 -45.04 24.55
C GLY D 121 -68.65 -43.98 25.59
N LYS D 122 -67.74 -43.00 25.69
CA LYS D 122 -67.85 -41.94 26.69
C LYS D 122 -69.06 -41.04 26.47
N LEU D 123 -69.25 -40.54 25.25
CA LEU D 123 -70.28 -39.51 25.02
C LEU D 123 -71.39 -39.81 24.02
N GLY D 124 -71.35 -40.97 23.38
CA GLY D 124 -72.36 -41.34 22.39
C GLY D 124 -72.54 -40.36 21.24
N ASN D 125 -73.78 -40.18 20.79
CA ASN D 125 -74.09 -39.25 19.70
C ASN D 125 -74.32 -37.81 20.19
N SER D 126 -74.25 -37.61 21.49
CA SER D 126 -74.52 -36.29 22.10
C SER D 126 -73.61 -35.17 21.59
N CYS D 127 -72.43 -35.53 21.10
CA CYS D 127 -71.48 -34.55 20.56
C CYS D 127 -70.95 -34.97 19.22
N LYS D 128 -70.52 -33.99 18.44
CA LYS D 128 -69.78 -34.27 17.22
C LYS D 128 -68.35 -34.63 17.58
N ILE D 129 -68.03 -35.92 17.46
CA ILE D 129 -66.73 -36.44 17.83
C ILE D 129 -65.88 -36.75 16.60
N PHE D 130 -64.72 -36.09 16.51
CA PHE D 130 -63.80 -36.25 15.39
C PHE D 130 -62.44 -36.79 15.86
N VAL D 131 -62.09 -37.98 15.37
CA VAL D 131 -60.87 -38.65 15.77
C VAL D 131 -59.93 -38.82 14.59
N PHE D 132 -58.72 -38.31 14.75
CA PHE D 132 -57.73 -38.35 13.69
C PHE D 132 -56.56 -39.24 14.03
N SER D 133 -56.07 -39.94 13.02
CA SER D 133 -54.79 -40.61 13.13
C SER D 133 -53.73 -39.80 12.43
N TYR D 134 -52.51 -39.91 12.93
CA TYR D 134 -51.38 -39.18 12.37
C TYR D 134 -51.15 -39.63 10.93
N ASP D 135 -51.31 -40.92 10.68
CA ASP D 135 -51.04 -41.50 9.37
C ASP D 135 -51.97 -41.03 8.25
N GLY D 136 -53.07 -40.40 8.59
CA GLY D 136 -54.05 -40.01 7.60
C GLY D 136 -55.28 -40.90 7.63
N ARG D 137 -55.27 -41.86 8.56
CA ARG D 137 -56.47 -42.62 8.88
C ARG D 137 -57.48 -41.65 9.48
N LEU D 138 -58.74 -41.83 9.11
CA LEU D 138 -59.81 -40.95 9.55
C LEU D 138 -60.97 -41.68 10.21
N ASP D 139 -61.37 -41.20 11.38
CA ASP D 139 -62.59 -41.71 12.00
C ASP D 139 -63.40 -40.55 12.53
N LYS D 140 -64.72 -40.64 12.36
CA LYS D 140 -65.59 -39.52 12.73
C LYS D 140 -66.97 -39.91 13.21
N ASN D 141 -67.65 -38.91 13.77
CA ASN D 141 -69.10 -38.97 13.98
C ASN D 141 -69.76 -38.76 12.63
N CYS D 142 -71.01 -38.30 12.61
CA CYS D 142 -71.79 -38.24 11.39
C CYS D 142 -71.24 -37.31 10.30
N GLU D 143 -71.01 -36.05 10.65
CA GLU D 143 -70.59 -35.08 9.65
C GLU D 143 -69.19 -34.56 9.85
N GLY D 144 -68.44 -34.49 8.76
CA GLY D 144 -67.07 -34.04 8.81
C GLY D 144 -66.92 -32.53 8.70
N PRO D 145 -65.85 -31.96 9.28
CA PRO D 145 -65.49 -30.55 9.15
C PRO D 145 -65.32 -30.12 7.70
N MET D 146 -65.20 -28.82 7.46
CA MET D 146 -65.16 -28.29 6.09
C MET D 146 -63.88 -28.67 5.34
N GLU D 147 -64.01 -28.89 4.03
CA GLU D 147 -62.98 -29.52 3.17
C GLU D 147 -61.57 -28.93 3.24
N GLU D 148 -61.45 -27.66 3.65
CA GLU D 148 -60.13 -27.02 3.74
C GLU D 148 -59.45 -27.33 5.08
N GLN D 149 -60.22 -27.25 6.16
CA GLN D 149 -59.66 -27.45 7.50
C GLN D 149 -59.22 -28.89 7.73
N LYS D 150 -59.92 -29.84 7.11
CA LYS D 150 -59.46 -31.23 7.07
C LYS D 150 -58.05 -31.28 6.51
N LEU D 151 -57.89 -30.70 5.33
CA LEU D 151 -56.64 -30.75 4.59
C LEU D 151 -55.50 -30.19 5.42
N ARG D 152 -55.70 -29.02 6.01
CA ARG D 152 -54.65 -28.37 6.76
C ARG D 152 -54.30 -29.12 8.06
N ILE D 153 -55.29 -29.64 8.77
CA ILE D 153 -55.05 -30.36 10.04
C ILE D 153 -54.29 -31.68 9.81
N PHE D 154 -54.66 -32.42 8.78
CA PHE D 154 -53.94 -33.66 8.43
C PHE D 154 -52.50 -33.38 8.03
N SER D 155 -52.32 -32.33 7.23
CA SER D 155 -50.99 -31.86 6.80
C SER D 155 -50.08 -31.57 8.00
N PHE D 156 -50.66 -31.02 9.06
CA PHE D 156 -49.91 -30.76 10.30
C PHE D 156 -49.60 -32.05 11.01
N LEU D 157 -50.62 -32.89 11.16
CA LEU D 157 -50.46 -34.13 11.89
C LEU D 157 -49.43 -35.06 11.27
N ALA D 158 -49.42 -35.15 9.95
CA ALA D 158 -48.43 -36.00 9.27
C ALA D 158 -46.99 -35.54 9.51
N THR D 159 -46.74 -34.23 9.39
CA THR D 159 -45.41 -33.67 9.61
C THR D 159 -44.98 -33.86 11.07
N ALA D 160 -45.89 -33.60 12.00
CA ALA D 160 -45.65 -33.86 13.43
C ALA D 160 -45.25 -35.31 13.65
N ALA D 161 -45.96 -36.21 12.99
CA ALA D 161 -45.64 -37.64 13.06
C ALA D 161 -44.20 -37.92 12.65
N ASP D 162 -43.79 -37.40 11.49
CA ASP D 162 -42.42 -37.59 11.02
C ASP D 162 -41.37 -37.05 11.99
N PHE D 163 -41.63 -35.90 12.62
CA PHE D 163 -40.71 -35.39 13.67
C PHE D 163 -40.64 -36.34 14.86
N LEU D 164 -41.76 -36.95 15.22
CA LEU D 164 -41.79 -37.89 16.34
C LEU D 164 -40.99 -39.15 16.02
N ARG D 165 -41.13 -39.66 14.80
CA ARG D 165 -40.36 -40.83 14.38
C ARG D 165 -38.86 -40.55 14.31
N LYS D 166 -38.49 -39.36 13.84
CA LYS D 166 -37.08 -38.94 13.84
C LYS D 166 -36.52 -38.91 15.25
N GLU D 167 -37.32 -38.47 16.22
CA GLU D 167 -36.90 -38.50 17.62
C GLU D 167 -37.34 -39.77 18.33
N ASN D 168 -38.09 -40.60 17.61
CA ASN D 168 -38.49 -41.93 18.06
C ASN D 168 -39.27 -41.94 19.37
N MET D 169 -40.24 -41.06 19.47
CA MET D 169 -41.15 -41.03 20.62
C MET D 169 -42.53 -41.45 20.15
N PHE D 170 -43.00 -42.60 20.63
CA PHE D 170 -44.21 -43.22 20.09
C PHE D 170 -45.13 -43.86 21.14
N ASN D 171 -44.62 -44.82 21.89
CA ASN D 171 -45.41 -45.49 22.91
C ASN D 171 -45.78 -44.63 24.09
N GLU D 172 -44.91 -43.69 24.41
CA GLU D 172 -45.18 -42.70 25.41
C GLU D 172 -46.44 -41.87 25.07
N ILE D 173 -46.62 -41.52 23.79
CA ILE D 173 -47.68 -40.56 23.36
C ILE D 173 -49.13 -41.03 23.44
N PHE D 174 -49.35 -42.33 23.54
CA PHE D 174 -50.71 -42.87 23.52
C PHE D 174 -51.65 -42.25 24.53
N LEU D 175 -52.95 -42.34 24.22
CA LEU D 175 -54.03 -41.71 25.00
C LEU D 175 -54.53 -42.54 26.21
N PRO D 176 -55.13 -41.87 27.25
CA PRO D 176 -55.28 -42.38 28.63
C PRO D 176 -55.67 -43.83 28.80
N ASP D 177 -56.80 -44.21 28.24
CA ASP D 177 -57.30 -45.57 28.40
C ASP D 177 -56.29 -46.59 27.88
N ASN D 178 -55.55 -46.23 26.84
CA ASN D 178 -54.62 -47.16 26.19
C ASN D 178 -53.29 -47.33 26.94
N GLU D 179 -52.50 -46.26 27.10
CA GLU D 179 -51.14 -46.39 27.70
C GLU D 179 -50.71 -45.34 28.74
N GLU D 180 -51.42 -44.21 28.82
CA GLU D 180 -51.06 -43.18 29.81
C GLU D 180 -51.16 -43.75 31.23
N THR D 181 -52.08 -44.69 31.42
CA THR D 181 -52.25 -45.37 32.70
C THR D 181 -51.02 -46.20 33.07
N ILE D 182 -50.54 -47.03 32.14
CA ILE D 182 -49.40 -47.94 32.39
C ILE D 182 -48.08 -47.22 32.10
N ILE D 183 -47.74 -46.28 32.97
CA ILE D 183 -46.48 -45.56 32.91
C ILE D 183 -45.57 -46.00 34.06
N GLU D 184 -46.03 -46.97 34.85
CA GLU D 184 -45.28 -47.45 36.01
C GLU D 184 -44.14 -48.38 35.60
N MET D 185 -43.12 -48.42 36.46
CA MET D 185 -41.95 -49.27 36.27
C MET D 185 -42.32 -50.69 36.68
N LYS D 186 -42.02 -51.67 35.83
CA LYS D 186 -42.41 -53.07 36.11
C LYS D 186 -41.80 -53.64 37.38
N LYS D 187 -42.63 -54.25 38.20
CA LYS D 187 -42.21 -54.69 39.53
C LYS D 187 -42.26 -56.21 39.68
N GLY D 188 -41.16 -56.87 39.31
CA GLY D 188 -41.00 -58.31 39.47
C GLY D 188 -40.62 -58.68 40.90
N LYS D 189 -41.34 -59.65 41.46
CA LYS D 189 -41.13 -60.07 42.86
C LYS D 189 -39.66 -60.37 43.16
N THR D 190 -39.02 -61.06 42.22
CA THR D 190 -37.58 -61.27 42.27
C THR D 190 -36.85 -59.99 42.59
N PHE D 191 -37.11 -58.99 41.76
CA PHE D 191 -36.47 -57.69 41.92
C PHE D 191 -36.82 -57.04 43.27
N LEU D 192 -38.12 -56.92 43.57
CA LEU D 192 -38.58 -56.31 44.83
C LEU D 192 -37.93 -56.93 46.07
N GLU D 193 -37.75 -58.24 46.04
CA GLU D 193 -37.05 -58.94 47.11
C GLU D 193 -35.59 -58.52 47.16
N LEU D 194 -34.89 -58.69 46.04
CA LEU D 194 -33.47 -58.34 45.93
C LEU D 194 -33.21 -56.94 46.49
N ARG D 195 -34.02 -56.01 46.02
CA ARG D 195 -34.06 -54.65 46.51
C ARG D 195 -34.30 -54.58 48.03
N ASP D 196 -35.37 -55.25 48.49
CA ASP D 196 -35.76 -55.21 49.91
C ASP D 196 -34.76 -55.92 50.86
N GLU D 197 -33.70 -56.51 50.32
CA GLU D 197 -32.58 -56.95 51.15
C GLU D 197 -31.22 -56.49 50.60
N SER D 198 -31.23 -55.47 49.75
CA SER D 198 -30.00 -54.82 49.27
C SER D 198 -29.65 -53.59 50.10
N VAL D 199 -30.60 -53.18 50.93
CA VAL D 199 -30.49 -51.94 51.68
C VAL D 199 -29.45 -52.02 52.79
N PRO D 200 -28.73 -50.92 53.00
CA PRO D 200 -27.65 -50.82 53.99
C PRO D 200 -28.08 -50.64 55.44
N LEU D 201 -29.05 -49.75 55.65
CA LEU D 201 -29.46 -49.34 56.97
C LEU D 201 -30.02 -50.48 57.79
N PRO D 202 -30.21 -50.25 59.10
CA PRO D 202 -30.93 -51.24 59.91
C PRO D 202 -32.30 -51.58 59.33
N PHE D 203 -32.92 -50.59 58.72
CA PHE D 203 -34.16 -50.77 57.97
C PHE D 203 -33.97 -51.84 56.90
N GLN D 204 -34.94 -52.75 56.76
CA GLN D 204 -34.88 -53.84 55.77
C GLN D 204 -35.79 -53.57 54.57
N THR D 205 -37.03 -53.18 54.81
CA THR D 205 -37.95 -52.83 53.71
C THR D 205 -37.43 -51.59 53.00
N TYR D 206 -37.53 -51.59 51.68
CA TYR D 206 -37.02 -50.49 50.89
C TYR D 206 -37.72 -49.23 51.32
N GLU D 207 -39.03 -49.34 51.53
CA GLU D 207 -39.86 -48.18 51.88
C GLU D 207 -39.30 -47.36 53.03
N GLN D 208 -38.75 -48.02 54.05
CA GLN D 208 -38.21 -47.31 55.21
C GLN D 208 -36.96 -46.53 54.83
N MET D 209 -36.12 -47.15 54.00
CA MET D 209 -34.94 -46.48 53.46
C MET D 209 -35.38 -45.27 52.62
N LYS D 210 -36.39 -45.47 51.78
CA LYS D 210 -36.99 -44.40 50.99
C LYS D 210 -37.39 -43.21 51.84
N ASP D 211 -38.12 -43.49 52.91
CA ASP D 211 -38.58 -42.43 53.81
C ASP D 211 -37.44 -41.64 54.41
N TYR D 212 -36.46 -42.33 54.99
CA TYR D 212 -35.31 -41.65 55.59
C TYR D 212 -34.57 -40.80 54.57
N CYS D 213 -34.56 -41.24 53.31
CA CYS D 213 -33.94 -40.45 52.24
C CYS D 213 -34.77 -39.22 51.98
N GLU D 214 -36.01 -39.44 51.57
CA GLU D 214 -36.89 -38.35 51.17
C GLU D 214 -37.09 -37.32 52.28
N LYS D 215 -37.23 -37.78 53.51
CA LYS D 215 -37.42 -36.89 54.65
C LYS D 215 -36.12 -36.58 55.38
N PHE D 216 -35.03 -36.36 54.64
CA PHE D 216 -33.74 -36.12 55.27
C PHE D 216 -33.43 -34.65 55.42
N LYS D 217 -33.07 -34.27 56.65
CA LYS D 217 -32.57 -32.93 56.96
C LYS D 217 -31.43 -33.02 57.99
N GLY D 218 -30.19 -32.90 57.54
CA GLY D 218 -29.02 -33.12 58.41
C GLY D 218 -28.62 -31.93 59.25
N ASN D 219 -28.42 -32.19 60.54
CA ASN D 219 -28.02 -31.22 61.54
C ASN D 219 -26.51 -31.03 61.54
N PRO D 220 -26.02 -29.92 62.22
CA PRO D 220 -24.56 -29.79 62.20
C PRO D 220 -23.89 -30.61 63.29
N ARG D 221 -23.88 -31.93 63.11
CA ARG D 221 -23.25 -32.85 64.07
C ARG D 221 -22.03 -33.46 63.43
N GLU D 222 -21.85 -33.15 62.15
CA GLU D 222 -20.76 -33.65 61.37
C GLU D 222 -19.48 -32.94 61.75
N LEU D 223 -19.58 -31.80 62.43
CA LEU D 223 -18.41 -31.11 62.98
C LEU D 223 -17.79 -31.99 64.08
N ALA D 224 -18.62 -32.42 65.03
CA ALA D 224 -18.20 -33.34 66.09
C ALA D 224 -17.88 -34.72 65.51
N SER D 225 -18.65 -35.16 64.52
CA SER D 225 -18.41 -36.42 63.83
C SER D 225 -17.04 -36.43 63.14
N LYS D 226 -16.70 -35.28 62.57
CA LYS D 226 -15.42 -35.11 61.91
C LYS D 226 -14.24 -35.01 62.89
N VAL D 227 -14.44 -34.30 64.01
CA VAL D 227 -13.37 -34.17 65.04
C VAL D 227 -13.07 -35.54 65.68
N SER D 228 -14.11 -36.33 65.96
CA SER D 228 -13.95 -37.70 66.48
C SER D 228 -13.29 -38.60 65.43
N GLN D 229 -13.72 -38.42 64.18
CA GLN D 229 -13.11 -39.09 63.07
C GLN D 229 -11.63 -38.75 62.97
N MET D 230 -11.30 -37.50 63.26
CA MET D 230 -9.93 -36.98 63.32
C MET D 230 -9.09 -37.61 64.44
N GLN D 231 -9.65 -37.65 65.65
CA GLN D 231 -8.92 -38.22 66.80
C GLN D 231 -8.61 -39.70 66.55
N SER D 232 -9.60 -40.41 66.01
CA SER D 232 -9.43 -41.82 65.60
C SER D 232 -8.49 -41.95 64.41
N ASN D 233 -8.46 -40.93 63.58
CA ASN D 233 -7.65 -40.92 62.37
C ASN D 233 -6.15 -40.93 62.65
N ILE D 234 -5.72 -40.11 63.61
CA ILE D 234 -4.29 -39.85 63.91
C ILE D 234 -3.50 -39.56 62.61
N LYS D 235 -4.18 -38.89 61.68
CA LYS D 235 -3.65 -38.62 60.33
C LYS D 235 -2.33 -37.88 60.38
N LEU D 236 -1.41 -38.24 59.50
CA LEU D 236 -0.06 -37.70 59.58
C LEU D 236 0.09 -36.26 59.05
N PRO D 237 0.28 -35.28 59.98
CA PRO D 237 0.61 -33.92 59.56
C PRO D 237 2.12 -33.84 59.28
N ILE D 238 2.51 -34.02 58.03
CA ILE D 238 3.92 -34.23 57.70
C ILE D 238 4.63 -32.96 57.22
N LYS D 239 5.93 -32.90 57.47
CA LYS D 239 6.76 -31.79 57.04
C LYS D 239 7.97 -32.31 56.28
N HIS D 240 8.40 -31.52 55.30
CA HIS D 240 9.54 -31.89 54.45
C HIS D 240 10.89 -31.74 55.13
N TYR D 241 11.06 -30.72 55.97
CA TYR D 241 12.36 -30.51 56.64
C TYR D 241 12.69 -31.70 57.51
N GLU D 242 11.65 -32.36 58.02
CA GLU D 242 11.77 -33.48 58.95
C GLU D 242 12.14 -34.79 58.27
N GLN D 243 11.57 -35.06 57.12
CA GLN D 243 11.85 -36.30 56.39
C GLN D 243 12.71 -36.05 55.14
N ASN D 244 13.42 -34.92 55.14
CA ASN D 244 14.23 -34.47 53.99
C ASN D 244 15.26 -35.49 53.52
N LYS D 245 15.62 -36.41 54.40
CA LYS D 245 16.61 -37.44 54.09
C LYS D 245 16.15 -38.40 52.98
N PHE D 246 14.90 -38.86 53.10
CA PHE D 246 14.31 -39.90 52.24
C PHE D 246 15.15 -41.16 52.21
N ARG D 247 15.93 -41.38 53.27
CA ARG D 247 16.89 -42.48 53.37
C ARG D 247 17.67 -42.69 52.06
N GLN D 248 18.04 -41.57 51.44
CA GLN D 248 18.59 -41.59 50.10
C GLN D 248 17.62 -42.41 49.22
N ILE D 249 18.07 -43.52 48.65
CA ILE D 249 17.23 -44.35 47.82
C ILE D 249 17.71 -45.76 48.03
N ARG D 250 16.78 -46.67 48.21
CA ARG D 250 17.14 -48.06 48.41
C ARG D 250 17.44 -48.75 47.08
N LEU D 251 18.44 -49.62 47.07
CA LEU D 251 18.86 -50.31 45.86
C LEU D 251 19.16 -51.76 46.17
N PRO D 252 18.81 -52.68 45.27
CA PRO D 252 19.03 -54.11 45.50
C PRO D 252 20.48 -54.60 45.44
N LYS D 253 20.74 -55.71 46.16
CA LYS D 253 22.05 -56.35 46.27
C LYS D 253 22.01 -57.80 45.80
N GLY D 254 22.95 -58.14 44.91
CA GLY D 254 22.96 -59.44 44.27
C GLY D 254 23.88 -59.41 43.06
N PRO D 255 23.62 -60.27 42.07
CA PRO D 255 24.39 -60.29 40.83
C PRO D 255 24.19 -59.00 40.02
N MET D 256 25.22 -58.59 39.30
CA MET D 256 25.11 -57.40 38.45
C MET D 256 24.13 -57.64 37.31
N ALA D 257 23.23 -56.70 37.07
CA ALA D 257 22.22 -56.86 36.04
C ALA D 257 22.84 -57.09 34.68
N PRO D 258 22.19 -57.88 33.82
CA PRO D 258 22.71 -58.29 32.51
C PRO D 258 22.24 -57.42 31.34
N TYR D 259 22.59 -57.85 30.14
CA TYR D 259 22.26 -57.11 28.94
C TYR D 259 20.87 -57.47 28.39
N THR D 260 19.86 -56.77 28.87
CA THR D 260 18.49 -57.09 28.50
C THR D 260 18.14 -56.81 27.04
N HIS D 261 18.86 -55.89 26.41
CA HIS D 261 18.56 -55.51 25.03
C HIS D 261 18.76 -56.71 24.09
N LYS D 262 17.79 -56.91 23.20
CA LYS D 262 17.82 -58.00 22.23
C LYS D 262 19.08 -58.01 21.38
N PHE D 263 19.65 -56.84 21.17
CA PHE D 263 20.90 -56.69 20.44
C PHE D 263 21.99 -56.05 21.28
N LEU D 264 23.21 -56.49 21.04
CA LEU D 264 24.36 -55.85 21.64
C LEU D 264 24.66 -54.59 20.86
N MET D 265 25.06 -53.54 21.56
CA MET D 265 25.37 -52.24 20.95
C MET D 265 26.88 -52.00 20.84
N GLU D 266 27.48 -51.58 21.93
CA GLU D 266 28.84 -51.06 21.95
C GLU D 266 29.83 -52.00 21.28
N GLU D 267 29.79 -53.26 21.69
CA GLU D 267 30.77 -54.25 21.27
C GLU D 267 30.47 -54.81 19.89
N ALA D 268 29.20 -54.70 19.48
CA ALA D 268 28.76 -55.26 18.20
C ALA D 268 29.67 -54.81 17.06
N TRP D 269 29.78 -55.67 16.05
CA TRP D 269 30.71 -55.44 14.93
C TRP D 269 29.97 -55.36 13.61
N MET D 270 30.53 -54.58 12.69
CA MET D 270 29.91 -54.34 11.42
C MET D 270 30.64 -55.02 10.27
N PHE D 271 29.90 -55.25 9.19
CA PHE D 271 30.45 -55.73 7.92
C PHE D 271 29.87 -54.90 6.78
N THR D 272 30.73 -54.10 6.14
CA THR D 272 30.30 -53.12 5.13
C THR D 272 30.04 -53.73 3.77
N LYS D 273 29.00 -53.24 3.10
CA LYS D 273 28.69 -53.62 1.72
C LYS D 273 28.06 -52.46 0.95
N ILE D 274 28.62 -52.15 -0.22
CA ILE D 274 28.14 -51.04 -1.05
C ILE D 274 26.94 -51.50 -1.86
N SER D 275 25.77 -50.94 -1.57
CA SER D 275 24.52 -51.57 -1.99
C SER D 275 24.13 -51.26 -3.42
N ASP D 276 23.47 -52.21 -4.06
CA ASP D 276 22.84 -51.98 -5.35
C ASP D 276 21.40 -51.66 -5.09
N PRO D 277 20.80 -50.77 -5.89
CA PRO D 277 19.39 -50.48 -5.65
C PRO D 277 18.50 -51.69 -5.86
N GLU D 278 18.78 -52.48 -6.89
CA GLU D 278 17.96 -53.63 -7.27
C GLU D 278 18.36 -54.93 -6.58
N ARG D 279 19.62 -55.02 -6.17
CA ARG D 279 20.06 -56.17 -5.39
C ARG D 279 19.61 -56.03 -3.94
N SER D 280 19.93 -54.88 -3.35
CA SER D 280 19.56 -54.59 -1.95
C SER D 280 18.06 -54.57 -1.70
N ARG D 281 17.29 -54.12 -2.71
CA ARG D 281 15.82 -53.92 -2.58
C ARG D 281 15.13 -55.10 -1.93
N ALA D 282 15.60 -56.31 -2.25
CA ALA D 282 15.09 -57.50 -1.63
C ALA D 282 15.31 -57.45 -0.11
N GLY D 283 16.51 -57.05 0.34
CA GLY D 283 16.83 -56.94 1.78
C GLY D 283 17.00 -58.29 2.46
N GLU D 284 16.41 -59.29 1.83
CA GLU D 284 16.43 -60.67 2.25
C GLU D 284 17.55 -61.33 1.43
N ILE D 285 18.04 -60.63 0.41
CA ILE D 285 19.08 -61.15 -0.49
C ILE D 285 20.41 -60.49 -0.10
N LEU D 286 20.31 -59.42 0.68
CA LEU D 286 21.49 -58.76 1.25
C LEU D 286 22.56 -59.71 1.73
N ILE D 287 22.17 -60.64 2.58
CA ILE D 287 23.10 -61.67 3.07
C ILE D 287 23.54 -62.62 1.97
N ASP D 288 22.64 -62.98 1.06
CA ASP D 288 23.02 -63.90 0.02
C ASP D 288 24.18 -63.32 -0.79
N PHE D 289 24.11 -62.02 -1.06
CA PHE D 289 25.20 -61.32 -1.74
C PHE D 289 26.39 -61.11 -0.79
N PHE D 290 26.13 -61.00 0.50
CA PHE D 290 27.20 -60.93 1.50
C PHE D 290 28.09 -62.18 1.52
N LYS D 291 27.45 -63.35 1.42
CA LYS D 291 28.13 -64.67 1.52
C LYS D 291 29.17 -64.87 0.42
N LYS D 292 28.92 -64.31 -0.78
CA LYS D 292 29.90 -64.29 -1.88
C LYS D 292 31.18 -63.57 -1.44
N GLY D 293 31.06 -62.71 -0.44
CA GLY D 293 32.20 -62.08 0.20
C GLY D 293 32.87 -63.01 1.20
N ASN D 294 33.53 -62.40 2.18
CA ASN D 294 34.33 -63.15 3.16
C ASN D 294 33.56 -63.94 4.22
N LEU D 295 32.30 -63.60 4.42
CA LEU D 295 31.47 -64.18 5.50
C LEU D 295 31.49 -65.71 5.55
N SER D 296 31.39 -66.34 4.38
CA SER D 296 31.36 -67.80 4.26
C SER D 296 32.52 -68.48 5.00
N ALA D 297 33.66 -67.80 5.06
CA ALA D 297 34.86 -68.33 5.71
C ALA D 297 34.73 -68.56 7.22
N ILE D 298 34.01 -67.69 7.91
CA ILE D 298 34.01 -67.71 9.38
C ILE D 298 33.32 -68.93 10.00
N ARG D 299 34.06 -69.64 10.85
CA ARG D 299 33.55 -70.81 11.57
C ARG D 299 34.14 -70.80 12.99
N PRO D 300 33.32 -71.07 14.01
CA PRO D 300 33.79 -71.14 15.39
C PRO D 300 34.18 -72.56 15.83
N LYS D 301 35.05 -72.64 16.83
CA LYS D 301 35.44 -73.92 17.43
C LYS D 301 34.38 -74.50 18.38
N ASP D 302 34.40 -75.82 18.57
CA ASP D 302 33.46 -76.49 19.46
C ASP D 302 33.57 -76.03 20.90
N LYS D 303 34.76 -75.55 21.29
CA LYS D 303 35.08 -75.17 22.66
C LYS D 303 34.98 -73.66 22.87
N PRO D 304 33.87 -73.21 23.48
CA PRO D 304 33.53 -71.80 23.61
C PRO D 304 33.76 -71.21 25.00
N LEU D 305 34.15 -69.93 25.03
CA LEU D 305 34.19 -69.16 26.26
C LEU D 305 32.78 -68.87 26.78
N GLN D 306 32.54 -69.12 28.06
CA GLN D 306 31.33 -68.62 28.73
C GLN D 306 30.00 -69.06 28.09
N GLY D 307 29.98 -70.27 27.55
CA GLY D 307 28.85 -70.75 26.77
C GLY D 307 27.95 -71.69 27.52
N LYS D 308 26.64 -71.53 27.34
CA LYS D 308 25.66 -72.37 28.02
C LYS D 308 25.25 -73.63 27.25
N TYR D 309 25.10 -73.53 25.94
CA TYR D 309 24.73 -74.69 25.15
C TYR D 309 25.50 -74.69 23.84
N PRO D 310 26.82 -74.80 23.90
CA PRO D 310 27.71 -74.70 22.73
C PRO D 310 27.31 -75.47 21.47
N ILE D 311 27.18 -76.78 21.59
CA ILE D 311 26.98 -77.65 20.42
C ILE D 311 25.73 -77.30 19.62
N HIS D 312 24.62 -77.05 20.32
CA HIS D 312 23.36 -76.64 19.69
C HIS D 312 23.61 -75.43 18.79
N TYR D 313 24.11 -74.35 19.40
CA TYR D 313 24.38 -73.10 18.66
C TYR D 313 25.35 -73.29 17.50
N LYS D 314 26.35 -74.14 17.71
CA LYS D 314 27.32 -74.45 16.67
C LYS D 314 26.63 -75.12 15.48
N ASN D 315 25.91 -76.20 15.77
CA ASN D 315 25.13 -76.91 14.74
C ASN D 315 24.22 -75.95 13.96
N LEU D 316 23.43 -75.17 14.69
CA LEU D 316 22.52 -74.22 14.06
C LEU D 316 23.27 -73.25 13.15
N TRP D 317 24.37 -72.69 13.65
CA TRP D 317 25.20 -71.82 12.85
C TRP D 317 25.47 -72.49 11.49
N ASN D 318 25.92 -73.73 11.52
CA ASN D 318 26.15 -74.47 10.28
C ASN D 318 24.91 -74.59 9.40
N GLN D 319 23.77 -74.77 10.04
CA GLN D 319 22.48 -74.89 9.34
C GLN D 319 22.08 -73.57 8.65
N ILE D 320 22.42 -72.47 9.28
CA ILE D 320 22.25 -71.15 8.68
C ILE D 320 23.10 -71.05 7.42
N LYS D 321 24.39 -71.28 7.60
CA LYS D 321 25.37 -71.12 6.54
C LYS D 321 25.05 -71.96 5.31
N ALA D 322 24.68 -73.21 5.57
CA ALA D 322 24.24 -74.12 4.52
C ALA D 322 22.98 -73.58 3.84
N ALA D 323 22.02 -73.14 4.64
CA ALA D 323 20.74 -72.64 4.13
C ALA D 323 20.99 -71.48 3.17
N ILE D 324 21.77 -70.52 3.64
CA ILE D 324 22.08 -69.33 2.86
C ILE D 324 22.48 -69.69 1.42
N ALA D 325 23.31 -70.70 1.26
CA ALA D 325 23.71 -71.15 -0.07
C ALA D 325 22.48 -71.46 -0.94
N ASP D 326 21.61 -72.35 -0.46
CA ASP D 326 20.38 -72.71 -1.19
C ASP D 326 19.27 -71.65 -1.10
N ARG D 327 18.75 -71.42 0.10
CA ARG D 327 17.64 -70.51 0.34
C ARG D 327 17.59 -70.19 1.82
N THR D 328 17.23 -68.97 2.17
CA THR D 328 17.33 -68.51 3.56
C THR D 328 16.18 -69.04 4.42
N MET D 329 16.10 -70.37 4.50
CA MET D 329 15.12 -71.07 5.32
C MET D 329 15.83 -72.29 5.89
N VAL D 330 15.49 -72.68 7.11
CA VAL D 330 16.13 -73.83 7.75
C VAL D 330 15.21 -75.05 7.61
N ILE D 331 15.66 -76.04 6.85
CA ILE D 331 14.86 -77.22 6.52
C ILE D 331 14.92 -78.20 7.69
N ASN D 332 14.19 -77.89 8.76
CA ASN D 332 14.13 -78.72 9.97
C ASN D 332 12.71 -78.85 10.50
N GLU D 333 12.31 -80.10 10.75
CA GLU D 333 11.03 -80.39 11.38
C GLU D 333 11.21 -80.65 12.88
N ASN D 334 12.29 -81.36 13.23
CA ASN D 334 12.50 -81.81 14.61
C ASN D 334 13.48 -80.92 15.38
N ASP D 335 14.54 -80.47 14.73
CA ASP D 335 15.50 -79.60 15.41
C ASP D 335 14.88 -78.29 15.83
N HIS D 336 13.90 -77.85 15.04
CA HIS D 336 13.08 -76.65 15.34
C HIS D 336 12.41 -76.75 16.70
N SER D 337 11.80 -77.91 16.98
CA SER D 337 11.07 -78.14 18.23
C SER D 337 11.96 -78.02 19.48
N GLU D 338 13.10 -78.72 19.46
CA GLU D 338 14.09 -78.62 20.55
C GLU D 338 14.57 -77.20 20.71
N PHE D 339 14.98 -76.61 19.60
CA PHE D 339 15.57 -75.30 19.65
C PHE D 339 14.62 -74.29 20.26
N LEU D 340 13.33 -74.44 19.94
CA LEU D 340 12.25 -73.74 20.63
C LEU D 340 12.24 -74.05 22.14
N GLY D 341 12.36 -75.33 22.49
CA GLY D 341 12.34 -75.79 23.88
C GLY D 341 13.44 -75.25 24.81
N GLY D 342 14.66 -75.16 24.29
CA GLY D 342 15.83 -74.76 25.08
C GLY D 342 15.77 -73.36 25.66
N ARG D 345 10.11 -75.54 27.33
CA ARG D 345 9.69 -76.80 26.73
C ARG D 345 8.23 -77.10 27.00
N ALA D 346 7.68 -78.06 26.24
CA ALA D 346 6.26 -78.44 26.34
C ALA D 346 5.93 -79.23 27.62
N SER D 347 4.66 -79.18 28.02
CA SER D 347 4.20 -79.84 29.23
C SER D 347 2.91 -80.57 28.94
N LYS D 348 2.94 -81.90 28.99
CA LYS D 348 1.76 -82.69 28.64
C LYS D 348 0.67 -82.59 29.71
N LYS D 349 -0.57 -82.52 29.25
CA LYS D 349 -1.71 -82.18 30.10
C LYS D 349 -2.52 -83.38 30.56
N ILE D 350 -3.21 -83.21 31.69
CA ILE D 350 -4.00 -84.28 32.28
C ILE D 350 -5.37 -83.76 32.69
N PRO D 351 -6.44 -84.51 32.33
CA PRO D 351 -7.83 -84.22 32.75
C PRO D 351 -8.06 -84.33 34.25
N GLU D 352 -8.83 -83.39 34.81
CA GLU D 352 -9.18 -83.41 36.22
C GLU D 352 -10.00 -84.66 36.54
N ILE D 353 -10.91 -85.00 35.64
CA ILE D 353 -11.84 -86.13 35.78
C ILE D 353 -11.12 -87.43 36.13
N SER D 354 -10.12 -87.79 35.32
CA SER D 354 -9.28 -88.96 35.61
C SER D 354 -8.26 -88.70 36.71
N LEU D 355 -7.99 -87.42 36.97
CA LEU D 355 -7.00 -87.02 37.96
C LEU D 355 -7.42 -87.32 39.42
N THR D 356 -8.73 -87.34 39.70
CA THR D 356 -9.24 -87.60 41.09
C THR D 356 -8.63 -88.88 41.70
N GLN D 357 -8.46 -89.91 40.88
CA GLN D 357 -7.88 -91.17 41.31
C GLN D 357 -6.40 -91.03 41.65
N ASP D 358 -5.66 -90.30 40.83
CA ASP D 358 -4.24 -90.05 41.09
C ASP D 358 -3.99 -89.04 42.23
N VAL D 359 -5.03 -88.31 42.66
CA VAL D 359 -5.00 -87.57 43.95
C VAL D 359 -5.17 -88.55 45.11
N ILE D 360 -6.15 -89.44 44.96
CA ILE D 360 -6.38 -90.51 45.93
C ILE D 360 -5.15 -91.42 45.94
N THR D 361 -4.57 -91.65 44.76
CA THR D 361 -3.31 -92.43 44.61
C THR D 361 -2.19 -91.53 44.04
N THR D 362 -1.56 -90.72 44.89
CA THR D 362 -0.59 -89.67 44.48
C THR D 362 0.64 -90.23 43.76
N GLU D 363 0.75 -89.91 42.49
CA GLU D 363 1.85 -90.42 41.68
C GLU D 363 2.24 -89.32 40.73
N GLY D 364 3.47 -89.39 40.26
CA GLY D 364 4.02 -88.30 39.49
C GLY D 364 4.29 -87.11 40.40
N LEU D 365 4.19 -87.28 41.73
CA LEU D 365 4.53 -86.22 42.72
C LEU D 365 3.79 -84.89 42.48
N LYS D 366 2.47 -84.93 42.65
CA LYS D 366 1.61 -83.78 42.35
C LYS D 366 1.75 -82.62 43.31
N GLN D 367 1.94 -81.42 42.77
CA GLN D 367 2.09 -80.17 43.54
C GLN D 367 1.74 -78.93 42.69
N SER D 368 1.67 -77.76 43.33
CA SER D 368 1.47 -76.50 42.61
C SER D 368 2.40 -75.38 43.11
N GLU D 369 3.24 -74.84 42.21
CA GLU D 369 4.14 -73.70 42.56
C GLU D 369 4.27 -72.71 41.40
N ASN D 370 4.47 -71.44 41.77
CA ASN D 370 4.79 -70.35 40.84
C ASN D 370 6.16 -69.79 41.19
N LYS D 371 6.82 -69.14 40.23
CA LYS D 371 8.16 -68.60 40.45
C LYS D 371 8.26 -67.09 40.27
N LEU D 372 9.31 -66.52 40.84
CA LEU D 372 9.53 -65.08 40.80
C LEU D 372 10.89 -64.76 40.17
N PRO D 373 11.12 -63.50 39.75
CA PRO D 373 12.41 -63.19 39.17
C PRO D 373 13.43 -62.80 40.23
N GLU D 374 14.67 -63.20 39.97
CA GLU D 374 15.76 -62.94 40.89
C GLU D 374 16.27 -61.52 40.77
N PRO D 375 16.30 -60.77 41.88
CA PRO D 375 16.81 -59.41 41.85
C PRO D 375 18.27 -59.35 41.47
N ARG D 376 18.64 -58.26 40.81
CA ARG D 376 20.01 -57.98 40.41
C ARG D 376 20.47 -56.63 40.97
N SER D 377 21.77 -56.38 40.86
CA SER D 377 22.36 -55.13 41.34
C SER D 377 22.68 -54.18 40.22
N PHE D 378 22.99 -52.94 40.60
CA PHE D 378 23.30 -51.85 39.68
C PHE D 378 24.45 -52.13 38.73
N PRO D 379 24.25 -51.90 37.42
CA PRO D 379 25.27 -52.20 36.40
C PRO D 379 26.36 -51.16 36.30
N ARG D 380 27.53 -51.58 35.84
CA ARG D 380 28.67 -50.70 35.68
C ARG D 380 28.84 -50.36 34.22
N TRP D 381 28.75 -51.40 33.39
CA TRP D 381 28.85 -51.31 31.93
C TRP D 381 27.90 -50.31 31.28
N PHE D 382 26.76 -50.06 31.93
CA PHE D 382 25.75 -49.16 31.42
C PHE D 382 26.29 -47.76 31.09
N ASN D 383 27.01 -47.18 32.03
CA ASN D 383 27.66 -45.90 31.80
C ASN D 383 28.48 -45.86 30.51
N ALA D 384 29.33 -46.85 30.33
CA ALA D 384 30.18 -46.98 29.12
C ALA D 384 29.35 -47.11 27.86
N GLU D 385 28.25 -47.87 27.95
CA GLU D 385 27.32 -48.01 26.83
C GLU D 385 26.69 -46.67 26.42
N TRP D 386 26.28 -45.90 27.42
CA TRP D 386 25.73 -44.57 27.19
C TRP D 386 26.79 -43.66 26.54
N MET D 387 27.96 -43.57 27.15
CA MET D 387 29.09 -42.82 26.57
C MET D 387 29.43 -43.24 25.14
N TRP D 388 29.25 -44.52 24.79
CA TRP D 388 29.50 -44.99 23.43
C TRP D 388 28.38 -44.63 22.47
N ALA D 389 27.14 -44.74 22.93
CA ALA D 389 26.00 -44.31 22.10
C ALA D 389 25.94 -42.80 21.82
N ILE D 390 26.55 -42.02 22.71
CA ILE D 390 26.56 -40.57 22.61
C ILE D 390 27.43 -40.09 21.48
N LYS D 391 28.62 -40.67 21.35
CA LYS D 391 29.62 -40.14 20.41
C LYS D 391 29.23 -40.49 18.98
N ASP D 392 29.72 -39.68 18.05
CA ASP D 392 29.42 -39.86 16.62
C ASP D 392 30.19 -41.04 16.02
N SER D 393 29.49 -41.85 15.23
CA SER D 393 30.11 -42.92 14.46
C SER D 393 30.67 -42.36 13.18
N ASP D 394 31.58 -43.11 12.57
CA ASP D 394 32.16 -42.69 11.29
C ASP D 394 31.13 -42.69 10.18
N LEU D 395 30.22 -43.65 10.22
CA LEU D 395 29.10 -43.68 9.28
C LEU D 395 28.08 -42.57 9.60
N THR D 396 27.51 -42.02 8.54
CA THR D 396 26.85 -40.73 8.64
C THR D 396 25.44 -40.77 9.14
N GLY D 397 24.60 -41.61 8.55
CA GLY D 397 23.19 -41.62 8.89
C GLY D 397 22.54 -42.96 8.69
N TRP D 398 21.60 -43.31 9.57
CA TRP D 398 21.06 -44.69 9.70
C TRP D 398 19.56 -44.79 9.55
N VAL D 399 18.86 -43.92 10.25
CA VAL D 399 17.41 -43.86 10.19
C VAL D 399 16.95 -43.22 8.87
N PRO D 400 16.22 -43.96 8.03
CA PRO D 400 15.68 -43.41 6.78
C PRO D 400 14.64 -42.31 7.01
N MET D 401 15.04 -41.08 6.76
CA MET D 401 14.15 -39.94 6.89
C MET D 401 13.74 -39.44 5.52
N ALA D 402 12.49 -39.01 5.43
CA ALA D 402 11.94 -38.55 4.16
C ALA D 402 12.43 -37.13 3.76
N GLU D 403 11.92 -36.65 2.63
CA GLU D 403 12.29 -35.35 2.11
C GLU D 403 11.59 -34.25 2.89
N TYR D 404 12.05 -33.03 2.63
CA TYR D 404 11.47 -31.85 3.26
C TYR D 404 10.45 -31.21 2.31
N PRO D 405 9.40 -30.60 2.86
CA PRO D 405 8.36 -29.93 2.08
C PRO D 405 8.71 -28.48 1.70
N PRO D 406 8.03 -27.94 0.65
CA PRO D 406 8.25 -26.56 0.19
C PRO D 406 8.08 -25.50 1.26
N ALA D 407 8.84 -24.42 1.12
CA ALA D 407 9.01 -23.48 2.20
C ALA D 407 8.48 -22.10 1.82
N ASP D 408 7.82 -21.49 2.80
CA ASP D 408 7.61 -20.05 2.84
C ASP D 408 8.55 -19.46 3.86
N ASN D 409 8.87 -18.20 3.67
CA ASN D 409 9.83 -17.52 4.53
C ASN D 409 9.58 -17.68 6.05
N GLU D 410 8.33 -17.47 6.42
CA GLU D 410 7.97 -17.23 7.81
C GLU D 410 8.27 -18.35 8.80
N LEU D 411 7.68 -19.49 8.56
CA LEU D 411 7.70 -20.49 9.58
C LEU D 411 8.51 -21.66 9.13
N GLU D 412 8.24 -22.06 7.89
CA GLU D 412 8.91 -23.19 7.29
C GLU D 412 10.40 -23.00 7.26
N ASP D 413 10.90 -21.77 7.04
CA ASP D 413 12.36 -21.55 7.02
C ASP D 413 12.93 -21.97 8.35
N TYR D 414 12.19 -21.64 9.42
CA TYR D 414 12.59 -22.00 10.77
C TYR D 414 12.55 -23.50 11.00
N ALA D 415 11.38 -24.07 10.76
CA ALA D 415 11.22 -25.50 10.95
C ALA D 415 12.25 -26.30 10.14
N GLU D 416 12.25 -26.10 8.83
CA GLU D 416 13.20 -26.75 7.93
C GLU D 416 14.63 -26.62 8.45
N HIS D 417 15.04 -25.42 8.87
CA HIS D 417 16.40 -25.22 9.35
C HIS D 417 16.65 -26.04 10.61
N LEU D 418 15.80 -25.87 11.61
CA LEU D 418 15.95 -26.58 12.87
C LEU D 418 16.04 -28.09 12.68
N ASN D 419 15.14 -28.61 11.87
CA ASN D 419 15.13 -30.04 11.56
C ASN D 419 16.40 -30.50 10.89
N LYS D 420 16.78 -29.85 9.79
CA LYS D 420 18.02 -30.19 9.07
C LYS D 420 19.25 -30.23 10.00
N THR D 421 19.31 -29.29 10.95
CA THR D 421 20.43 -29.23 11.91
C THR D 421 20.40 -30.37 12.91
N MET D 422 19.26 -30.53 13.58
CA MET D 422 19.09 -31.57 14.59
C MET D 422 19.27 -32.98 14.02
N GLU D 423 18.53 -33.30 12.96
CA GLU D 423 18.76 -34.54 12.19
C GLU D 423 20.24 -34.72 11.87
N GLY D 424 20.87 -33.65 11.39
CA GLY D 424 22.30 -33.64 11.05
C GLY D 424 23.18 -34.10 12.19
N VAL D 425 22.89 -33.61 13.38
CA VAL D 425 23.61 -34.01 14.60
C VAL D 425 23.32 -35.45 14.98
N LEU D 426 22.04 -35.79 15.03
CA LEU D 426 21.62 -37.08 15.57
C LEU D 426 21.74 -38.26 14.64
N GLN D 427 21.89 -38.02 13.35
CA GLN D 427 22.11 -39.11 12.41
C GLN D 427 23.52 -39.70 12.51
N GLY D 428 24.49 -38.87 12.90
CA GLY D 428 25.88 -39.29 13.00
C GLY D 428 26.20 -40.14 14.21
N THR D 429 25.34 -40.09 15.21
CA THR D 429 25.58 -40.79 16.48
C THR D 429 25.34 -42.28 16.35
N ASN D 430 25.96 -43.02 17.26
CA ASN D 430 25.83 -44.46 17.30
C ASN D 430 24.44 -44.85 17.75
N CYS D 431 23.87 -44.02 18.63
CA CYS D 431 22.51 -44.24 19.09
C CYS D 431 21.58 -44.39 17.90
N ALA D 432 21.75 -43.50 16.94
CA ALA D 432 21.04 -43.61 15.68
C ALA D 432 21.31 -44.93 14.97
N ARG D 433 22.55 -45.42 15.04
CA ARG D 433 22.92 -46.70 14.44
C ARG D 433 22.01 -47.81 14.93
N GLU D 434 22.00 -47.97 16.24
CA GLU D 434 21.21 -49.02 16.83
C GLU D 434 19.71 -48.83 16.50
N MET D 435 19.25 -47.58 16.49
CA MET D 435 17.87 -47.29 16.08
C MET D 435 17.65 -47.90 14.69
N GLY D 436 18.56 -47.61 13.78
CA GLY D 436 18.47 -48.05 12.40
C GLY D 436 18.35 -49.55 12.28
N LYS D 437 19.34 -50.24 12.85
CA LYS D 437 19.34 -51.71 12.78
C LYS D 437 18.06 -52.25 13.39
N CYS D 438 17.63 -51.64 14.50
CA CYS D 438 16.40 -52.05 15.14
C CYS D 438 15.29 -52.04 14.13
N ILE D 439 15.10 -50.88 13.53
CA ILE D 439 13.97 -50.66 12.64
C ILE D 439 13.99 -51.62 11.46
N LEU D 440 15.12 -51.69 10.78
CA LEU D 440 15.23 -52.50 9.57
C LEU D 440 15.04 -54.00 9.82
N THR D 441 15.64 -54.51 10.88
CA THR D 441 15.61 -55.95 11.17
C THR D 441 14.27 -56.39 11.72
N VAL D 442 13.76 -55.66 12.72
CA VAL D 442 12.46 -55.96 13.33
C VAL D 442 11.40 -55.82 12.25
N GLY D 443 11.63 -54.88 11.34
CA GLY D 443 10.82 -54.78 10.15
C GLY D 443 10.90 -56.05 9.33
N ALA D 444 12.13 -56.55 9.13
CA ALA D 444 12.34 -57.80 8.38
C ALA D 444 11.62 -59.01 9.00
N LEU D 445 11.71 -59.15 10.33
CA LEU D 445 10.95 -60.19 11.04
C LEU D 445 9.46 -59.99 10.92
N MET D 446 9.00 -58.76 11.13
CA MET D 446 7.58 -58.38 11.00
C MET D 446 6.99 -58.79 9.64
N THR D 447 7.81 -58.75 8.58
CA THR D 447 7.41 -59.30 7.27
C THR D 447 7.42 -60.84 7.28
N GLU D 448 8.45 -61.42 7.89
CA GLU D 448 8.62 -62.89 7.91
C GLU D 448 7.51 -63.67 8.66
N CYS D 449 6.87 -63.01 9.61
CA CYS D 449 5.77 -63.60 10.35
C CYS D 449 4.52 -63.76 9.50
N ARG D 450 4.31 -62.85 8.56
CA ARG D 450 3.25 -63.00 7.56
C ARG D 450 3.68 -63.90 6.41
N LEU D 451 4.94 -63.77 5.98
CA LEU D 451 5.45 -64.53 4.84
C LEU D 451 5.49 -66.04 5.10
N PHE D 452 6.09 -66.43 6.22
CA PHE D 452 6.23 -67.85 6.55
C PHE D 452 5.95 -68.15 8.03
N PRO D 453 4.65 -68.24 8.39
CA PRO D 453 4.29 -68.60 9.75
C PRO D 453 4.50 -70.10 9.93
N GLY D 454 4.87 -70.47 11.14
CA GLY D 454 5.15 -71.87 11.44
C GLY D 454 6.29 -72.41 10.58
N LYS D 455 7.23 -71.53 10.25
CA LYS D 455 8.41 -71.91 9.49
C LYS D 455 9.63 -71.28 10.13
N ILE D 456 10.78 -71.86 9.80
CA ILE D 456 12.06 -71.43 10.37
C ILE D 456 12.83 -70.69 9.29
N LYS D 457 13.19 -69.44 9.58
CA LYS D 457 13.81 -68.57 8.59
C LYS D 457 15.07 -67.91 9.10
N VAL D 458 15.97 -67.64 8.17
CA VAL D 458 17.20 -66.95 8.47
C VAL D 458 17.04 -65.50 8.10
N VAL D 459 17.06 -64.64 9.10
CA VAL D 459 16.91 -63.19 8.89
C VAL D 459 18.17 -62.46 9.33
N PRO D 460 18.68 -61.56 8.47
CA PRO D 460 19.88 -60.80 8.84
C PRO D 460 19.64 -59.74 9.89
N ILE D 461 20.72 -59.34 10.55
CA ILE D 461 20.71 -58.17 11.43
C ILE D 461 21.51 -57.07 10.76
N TYR D 462 20.84 -56.10 10.12
CA TYR D 462 21.53 -55.10 9.30
C TYR D 462 21.04 -53.70 9.54
N ALA D 463 21.88 -52.74 9.15
CA ALA D 463 21.54 -51.33 9.12
C ALA D 463 22.10 -50.70 7.87
N ARG D 464 21.38 -49.72 7.33
CA ARG D 464 21.78 -49.05 6.10
C ARG D 464 22.36 -47.68 6.40
N SER D 465 23.52 -47.38 5.82
CA SER D 465 24.12 -46.06 5.91
C SER D 465 24.90 -45.61 4.68
N LYS D 466 24.91 -44.30 4.50
CA LYS D 466 25.73 -43.68 3.49
C LYS D 466 26.84 -42.94 4.21
N GLU D 467 28.07 -43.08 3.71
CA GLU D 467 29.22 -42.40 4.26
C GLU D 467 29.34 -41.00 3.65
N ARG D 468 29.74 -40.03 4.46
CA ARG D 468 29.88 -38.65 3.99
C ARG D 468 31.32 -38.20 4.09
N LYS D 469 31.82 -37.66 2.98
CA LYS D 469 33.19 -37.21 2.86
C LYS D 469 33.22 -35.72 2.51
N SER D 470 33.79 -34.89 3.42
CA SER D 470 33.85 -33.43 3.21
C SER D 470 35.29 -32.93 3.19
N MET D 471 36.16 -33.74 2.61
CA MET D 471 37.57 -33.39 2.44
C MET D 471 37.77 -32.19 1.51
N GLN D 472 36.68 -31.72 0.89
CA GLN D 472 36.64 -30.56 -0.03
C GLN D 472 37.12 -30.93 -1.44
N GLU D 473 37.38 -32.23 -1.66
CA GLU D 473 37.79 -32.73 -2.96
C GLU D 473 36.61 -33.38 -3.64
N GLY D 474 36.63 -33.36 -4.97
CA GLY D 474 35.62 -34.07 -5.74
C GLY D 474 35.92 -35.55 -5.70
N LEU D 475 35.31 -36.24 -4.74
CA LEU D 475 35.49 -37.69 -4.56
C LEU D 475 34.58 -38.40 -5.55
N PRO D 476 34.71 -39.73 -5.71
CA PRO D 476 33.77 -40.39 -6.63
C PRO D 476 32.31 -40.13 -6.26
N VAL D 477 32.02 -40.24 -4.96
CA VAL D 477 30.72 -39.92 -4.36
C VAL D 477 30.91 -40.03 -2.85
N PRO D 478 29.96 -39.51 -2.09
CA PRO D 478 29.77 -40.04 -0.75
C PRO D 478 29.33 -41.51 -0.87
N SER D 479 29.90 -42.40 -0.09
CA SER D 479 29.65 -43.85 -0.23
C SER D 479 28.22 -44.25 0.20
N GLU D 480 27.49 -44.93 -0.68
CA GLU D 480 26.13 -45.42 -0.37
C GLU D 480 26.15 -46.92 -0.11
N MET D 481 25.75 -47.33 1.10
CA MET D 481 25.89 -48.74 1.46
C MET D 481 25.02 -49.21 2.59
N ASP D 482 25.13 -50.50 2.85
CA ASP D 482 24.51 -51.15 4.00
C ASP D 482 25.52 -52.04 4.69
N CYS D 483 25.49 -52.04 6.01
CA CYS D 483 26.41 -52.86 6.80
C CYS D 483 25.63 -53.87 7.65
N LEU D 484 26.28 -55.00 7.96
CA LEU D 484 25.69 -56.10 8.72
C LEU D 484 26.27 -56.20 10.15
N PHE D 485 25.43 -56.56 11.11
CA PHE D 485 25.83 -56.78 12.50
C PHE D 485 25.92 -58.24 12.88
N GLY D 486 25.06 -59.05 12.27
CA GLY D 486 25.03 -60.48 12.52
C GLY D 486 23.83 -61.14 11.90
N ILE D 487 23.66 -62.43 12.17
CA ILE D 487 22.54 -63.18 11.61
C ILE D 487 21.52 -63.48 12.71
N CYS D 488 20.27 -63.65 12.31
CA CYS D 488 19.20 -63.89 13.25
C CYS D 488 18.32 -65.03 12.77
N VAL D 489 17.71 -65.75 13.71
CA VAL D 489 16.83 -66.86 13.37
C VAL D 489 15.45 -66.74 13.99
N LYS D 490 14.45 -66.93 13.14
CA LYS D 490 13.06 -66.94 13.54
C LYS D 490 12.57 -68.34 13.90
N SER D 491 11.71 -68.40 14.89
CA SER D 491 10.93 -69.60 15.16
C SER D 491 9.55 -69.21 15.61
N LYS D 492 8.55 -69.53 14.80
CA LYS D 492 7.16 -69.28 15.20
C LYS D 492 6.73 -70.41 16.16
N SER D 493 6.04 -70.04 17.24
CA SER D 493 5.66 -70.99 18.31
C SER D 493 4.36 -70.58 19.01
N HIS D 494 4.01 -71.31 20.08
CA HIS D 494 2.89 -70.96 20.98
C HIS D 494 1.55 -70.96 20.22
N ASP D 499 -1.90 -67.53 18.48
CA ASP D 499 -0.96 -66.40 18.48
C ASP D 499 -0.34 -66.15 19.84
N GLY D 500 0.79 -65.44 19.80
CA GLY D 500 1.58 -65.17 20.99
C GLY D 500 2.99 -64.74 20.64
N MET D 501 3.88 -64.86 21.63
CA MET D 501 5.26 -64.39 21.50
C MET D 501 6.12 -65.31 20.62
N TYR D 502 6.85 -64.69 19.71
CA TYR D 502 7.77 -65.42 18.83
C TYR D 502 9.02 -65.66 19.61
N THR D 503 9.72 -66.73 19.25
CA THR D 503 11.03 -67.03 19.84
C THR D 503 12.12 -66.77 18.81
N ILE D 504 13.14 -66.05 19.24
CA ILE D 504 14.15 -65.52 18.31
C ILE D 504 15.53 -65.90 18.79
N ILE D 505 16.46 -66.12 17.85
CA ILE D 505 17.84 -66.51 18.18
C ILE D 505 18.90 -65.63 17.53
N THR D 506 19.56 -64.82 18.36
CA THR D 506 20.46 -63.74 17.89
C THR D 506 21.92 -64.14 17.89
N PHE D 507 22.58 -63.86 16.78
CA PHE D 507 24.00 -64.11 16.60
C PHE D 507 24.65 -62.85 16.11
N GLU D 508 25.52 -62.28 16.93
CA GLU D 508 26.17 -61.02 16.59
C GLU D 508 27.69 -61.11 16.55
N PHE D 509 28.29 -60.50 15.54
CA PHE D 509 29.75 -60.44 15.48
C PHE D 509 30.20 -59.41 16.51
N SER D 510 31.42 -59.59 17.00
CA SER D 510 32.08 -58.60 17.86
C SER D 510 33.59 -58.71 17.85
N ILE D 511 34.22 -57.58 18.14
CA ILE D 511 35.67 -57.51 18.19
C ILE D 511 36.19 -57.40 19.61
N ARG D 512 35.27 -57.35 20.57
CA ARG D 512 35.67 -57.17 21.95
C ARG D 512 35.48 -58.44 22.81
N GLU D 513 36.40 -58.60 23.78
CA GLU D 513 36.37 -59.71 24.73
C GLU D 513 35.11 -59.64 25.58
N PRO D 514 34.38 -60.76 25.66
CA PRO D 514 33.14 -60.82 26.45
C PRO D 514 33.36 -60.62 27.93
N ASN D 515 32.35 -60.09 28.60
CA ASN D 515 32.36 -59.93 30.06
C ASN D 515 31.25 -60.76 30.69
N LEU D 516 31.68 -61.70 31.52
CA LEU D 516 30.78 -62.66 32.16
C LEU D 516 29.70 -61.96 32.98
N GLU D 517 30.08 -60.89 33.65
CA GLU D 517 29.19 -60.18 34.55
C GLU D 517 27.95 -59.59 33.87
N LYS D 518 28.10 -59.08 32.65
CA LYS D 518 26.96 -58.49 31.93
C LYS D 518 26.40 -59.39 30.83
N HIS D 519 27.27 -60.15 30.18
CA HIS D 519 26.82 -60.98 29.07
C HIS D 519 26.34 -62.34 29.52
N GLN D 520 25.90 -62.45 30.77
CA GLN D 520 25.60 -63.75 31.34
C GLN D 520 24.62 -64.50 30.47
N LYS D 521 23.63 -63.82 29.91
CA LYS D 521 22.65 -64.50 29.11
C LYS D 521 23.29 -64.96 27.80
N TYR D 522 24.24 -64.17 27.33
CA TYR D 522 24.97 -64.47 26.10
C TYR D 522 25.93 -65.66 26.21
N THR D 523 26.05 -66.39 25.11
CA THR D 523 26.93 -67.54 24.97
C THR D 523 27.96 -67.19 23.90
N VAL D 524 29.23 -67.22 24.29
CA VAL D 524 30.31 -66.68 23.46
C VAL D 524 31.12 -67.77 22.80
N PHE D 525 31.61 -67.52 21.60
CA PHE D 525 32.53 -68.45 20.93
C PHE D 525 33.79 -67.69 20.56
N GLU D 526 34.81 -68.43 20.14
CA GLU D 526 35.96 -67.84 19.46
C GLU D 526 35.79 -68.15 17.97
N ALA D 527 35.46 -67.13 17.20
CA ALA D 527 35.07 -67.34 15.79
C ALA D 527 36.26 -67.42 14.85
N GLY D 528 37.24 -66.54 15.06
CA GLY D 528 38.37 -66.50 14.16
C GLY D 528 39.16 -65.23 14.27
N HIS D 529 39.56 -64.70 13.13
CA HIS D 529 40.26 -63.43 13.10
C HIS D 529 39.65 -62.55 11.99
N THR D 530 39.44 -61.27 12.28
CA THR D 530 38.94 -60.30 11.27
C THR D 530 39.86 -59.10 11.14
N THR D 531 39.98 -58.60 9.92
CA THR D 531 40.87 -57.50 9.62
C THR D 531 40.23 -56.16 9.97
N VAL D 532 41.01 -55.31 10.63
CA VAL D 532 40.62 -53.92 10.88
C VAL D 532 41.84 -53.08 10.53
N ARG D 533 41.61 -51.90 9.97
CA ARG D 533 42.74 -51.07 9.53
C ARG D 533 42.46 -49.58 9.49
N MET D 534 43.55 -48.81 9.40
CA MET D 534 43.51 -47.36 9.23
C MET D 534 44.90 -46.83 8.81
N LYS D 535 44.91 -45.65 8.20
CA LYS D 535 46.15 -44.98 7.79
C LYS D 535 45.95 -43.46 7.69
N LYS D 536 46.93 -42.70 8.21
CA LYS D 536 46.89 -41.23 8.16
C LYS D 536 47.78 -40.74 7.04
N ARG D 543 46.96 -55.37 10.50
CA ARG D 543 46.52 -55.59 11.87
C ARG D 543 45.12 -56.22 11.91
N GLU D 544 45.06 -57.52 12.18
CA GLU D 544 43.78 -58.23 12.28
C GLU D 544 43.57 -58.69 13.72
N VAL D 545 42.41 -58.36 14.26
CA VAL D 545 42.06 -58.72 15.63
C VAL D 545 41.06 -59.89 15.65
N PRO D 546 41.24 -60.85 16.59
CA PRO D 546 40.37 -62.00 16.69
C PRO D 546 38.91 -61.64 16.87
N LEU D 547 38.08 -62.43 16.20
CA LEU D 547 36.64 -62.24 16.14
C LEU D 547 35.91 -63.20 17.09
N TYR D 548 35.00 -62.63 17.90
CA TYR D 548 34.15 -63.40 18.82
C TYR D 548 32.69 -63.35 18.37
N LEU D 549 31.98 -64.48 18.51
CA LEU D 549 30.59 -64.58 18.11
C LEU D 549 29.68 -64.75 19.33
N TYR D 550 28.86 -63.74 19.58
CA TYR D 550 27.93 -63.75 20.71
C TYR D 550 26.59 -64.35 20.29
N CYS D 551 26.10 -65.31 21.08
CA CYS D 551 24.81 -65.97 20.77
C CYS D 551 23.86 -65.93 21.95
N ARG D 552 22.58 -65.81 21.64
CA ARG D 552 21.54 -65.91 22.67
C ARG D 552 20.18 -66.21 22.07
N THR D 553 19.23 -66.45 22.96
CA THR D 553 17.84 -66.65 22.57
C THR D 553 16.96 -65.69 23.37
N THR D 554 15.90 -65.20 22.74
CA THR D 554 15.02 -64.22 23.38
C THR D 554 13.60 -64.28 22.89
N ALA D 555 12.73 -63.60 23.63
CA ALA D 555 11.30 -63.61 23.37
C ALA D 555 10.85 -62.27 22.84
N LEU D 556 10.08 -62.32 21.75
CA LEU D 556 9.53 -61.13 21.14
C LEU D 556 8.03 -61.20 21.04
N SER D 557 7.35 -60.33 21.77
CA SER D 557 5.90 -60.14 21.61
C SER D 557 5.63 -59.36 20.32
N LYS D 558 4.53 -59.68 19.66
CA LYS D 558 4.12 -58.94 18.47
C LYS D 558 4.00 -57.46 18.78
N ILE D 559 3.59 -57.17 20.02
CA ILE D 559 3.52 -55.80 20.50
C ILE D 559 4.91 -55.17 20.51
N LYS D 560 5.86 -55.88 21.13
CA LYS D 560 7.27 -55.44 21.12
C LYS D 560 7.82 -55.29 19.70
N ASN D 561 7.48 -56.21 18.81
CA ASN D 561 7.86 -56.10 17.38
C ASN D 561 7.39 -54.77 16.79
N ASP D 562 6.15 -54.40 17.08
CA ASP D 562 5.54 -53.17 16.55
C ASP D 562 6.22 -51.92 17.10
N TRP D 563 6.24 -51.78 18.42
CA TRP D 563 6.77 -50.56 19.05
C TRP D 563 8.26 -50.38 18.90
N LEU D 564 8.99 -51.49 18.85
CA LEU D 564 10.43 -51.42 18.58
C LEU D 564 10.70 -51.11 17.13
N SER D 565 9.81 -51.55 16.24
CA SER D 565 9.95 -51.27 14.81
C SER D 565 9.88 -49.78 14.56
N LYS D 566 8.94 -49.11 15.21
CA LYS D 566 8.79 -47.66 15.10
C LYS D 566 9.56 -46.93 16.19
N ALA D 567 10.88 -47.02 16.09
CA ALA D 567 11.81 -46.37 17.01
C ALA D 567 12.01 -44.90 16.70
N ARG D 568 11.62 -44.49 15.49
CA ARG D 568 11.83 -43.12 15.04
C ARG D 568 11.15 -42.14 16.00
N ARG D 569 10.09 -42.63 16.64
CA ARG D 569 9.30 -41.83 17.56
C ARG D 569 10.17 -41.12 18.59
N CYS D 570 11.25 -41.78 19.02
CA CYS D 570 12.13 -41.21 20.02
C CYS D 570 12.65 -39.82 19.65
N PHE D 571 13.04 -39.64 18.39
CA PHE D 571 13.49 -38.33 17.89
C PHE D 571 12.55 -37.23 18.32
N ILE D 572 11.27 -37.48 18.09
CA ILE D 572 10.21 -36.51 18.34
C ILE D 572 10.20 -36.03 19.78
N THR D 573 10.14 -36.98 20.70
CA THR D 573 10.08 -36.63 22.10
C THR D 573 11.30 -35.85 22.54
N THR D 574 12.43 -36.12 21.91
CA THR D 574 13.61 -35.32 22.15
C THR D 574 13.32 -33.94 21.62
N MET D 575 12.96 -33.90 20.35
CA MET D 575 12.75 -32.65 19.62
C MET D 575 12.02 -31.62 20.45
N ASP D 576 10.80 -31.97 20.83
CA ASP D 576 9.93 -31.11 21.62
C ASP D 576 10.69 -30.59 22.83
N THR D 577 11.19 -31.54 23.62
CA THR D 577 11.97 -31.23 24.82
C THR D 577 13.07 -30.23 24.50
N VAL D 578 13.75 -30.40 23.36
CA VAL D 578 14.83 -29.48 22.97
C VAL D 578 14.26 -28.13 22.54
N GLU D 579 13.35 -28.19 21.58
CA GLU D 579 12.80 -27.01 20.93
C GLU D 579 12.21 -26.07 21.95
N THR D 580 11.41 -26.63 22.86
CA THR D 580 10.73 -25.82 23.86
C THR D 580 11.73 -24.95 24.60
N ILE D 581 12.86 -25.52 25.00
CA ILE D 581 13.86 -24.78 25.78
C ILE D 581 14.29 -23.56 25.02
N CYS D 582 14.51 -23.72 23.72
CA CYS D 582 14.98 -22.61 22.89
C CYS D 582 13.92 -21.51 22.72
N LEU D 583 12.65 -21.87 22.74
CA LEU D 583 11.57 -20.88 22.58
C LEU D 583 11.33 -20.09 23.85
N ARG D 584 11.11 -20.81 24.93
CA ARG D 584 10.97 -20.21 26.24
C ARG D 584 12.06 -19.17 26.52
N GLU D 585 13.30 -19.51 26.19
CA GLU D 585 14.45 -18.59 26.35
C GLU D 585 14.29 -17.38 25.45
N SER D 586 14.18 -17.63 24.14
CA SER D 586 14.10 -16.55 23.14
C SER D 586 12.86 -15.66 23.31
N ALA D 587 11.75 -16.28 23.71
CA ALA D 587 10.51 -15.58 24.00
C ALA D 587 10.65 -14.51 25.09
N LYS D 588 11.55 -14.71 26.03
CA LYS D 588 11.88 -13.68 27.02
C LYS D 588 12.44 -12.40 26.37
N ALA D 589 13.50 -12.57 25.56
CA ALA D 589 14.19 -11.45 24.89
C ALA D 589 13.49 -11.02 23.61
N GLU D 590 12.48 -11.79 23.21
CA GLU D 590 11.63 -11.51 22.05
C GLU D 590 12.49 -11.47 20.80
N GLU D 591 13.61 -12.18 20.85
CA GLU D 591 14.59 -12.21 19.79
C GLU D 591 14.70 -13.66 19.30
N ASN D 592 15.29 -13.85 18.14
CA ASN D 592 15.65 -15.18 17.67
C ASN D 592 16.88 -15.64 18.44
N LEU D 593 16.68 -16.40 19.50
CA LEU D 593 17.81 -16.90 20.27
C LEU D 593 18.00 -18.40 20.11
N VAL D 594 17.26 -18.99 19.19
CA VAL D 594 17.36 -20.42 18.96
C VAL D 594 18.80 -20.80 18.66
N GLU D 595 19.36 -20.20 17.62
CA GLU D 595 20.73 -20.49 17.22
C GLU D 595 21.71 -20.19 18.34
N LYS D 596 21.51 -19.04 18.98
CA LYS D 596 22.35 -18.65 20.10
C LYS D 596 22.17 -19.62 21.29
N THR D 597 20.92 -19.89 21.66
CA THR D 597 20.63 -20.72 22.82
C THR D 597 21.23 -22.10 22.67
N LEU D 598 21.07 -22.69 21.49
CA LEU D 598 21.61 -24.02 21.27
C LEU D 598 23.11 -24.13 21.52
N ASN D 599 23.86 -23.09 21.15
CA ASN D 599 25.31 -23.16 21.26
C ASN D 599 25.79 -22.63 22.58
N GLU D 600 25.06 -21.70 23.17
CA GLU D 600 25.49 -21.02 24.39
C GLU D 600 24.94 -21.66 25.65
N LYS D 601 23.65 -21.99 25.67
CA LYS D 601 23.05 -22.55 26.87
C LYS D 601 23.72 -23.86 27.32
N GLN D 602 24.11 -23.90 28.59
CA GLN D 602 24.86 -25.03 29.12
C GLN D 602 23.98 -25.98 29.94
N MET D 603 24.07 -27.27 29.60
CA MET D 603 23.31 -28.32 30.28
C MET D 603 24.23 -29.27 31.04
N TRP D 604 23.88 -29.54 32.30
CA TRP D 604 24.66 -30.43 33.15
C TRP D 604 24.49 -31.87 32.67
N ILE D 605 25.59 -32.43 32.22
CA ILE D 605 25.59 -33.72 31.52
C ILE D 605 26.16 -34.83 32.41
N GLY D 606 27.29 -34.57 33.08
CA GLY D 606 28.02 -35.63 33.81
C GLY D 606 28.98 -35.18 34.90
N LYS D 607 29.67 -36.15 35.49
CA LYS D 607 30.71 -35.87 36.46
C LYS D 607 32.00 -36.55 36.01
N LYS D 608 33.11 -35.81 36.08
CA LYS D 608 34.45 -36.37 35.86
C LYS D 608 35.43 -35.77 36.88
N ASN D 609 36.20 -36.65 37.54
CA ASN D 609 37.17 -36.26 38.56
C ASN D 609 36.51 -35.56 39.72
N GLY D 610 35.30 -36.01 40.04
CA GLY D 610 34.54 -35.43 41.13
C GLY D 610 33.99 -34.03 40.86
N GLU D 611 34.07 -33.59 39.61
CA GLU D 611 33.63 -32.25 39.23
C GLU D 611 32.43 -32.35 38.29
N LEU D 612 31.44 -31.49 38.53
CA LEU D 612 30.22 -31.46 37.70
C LEU D 612 30.49 -30.86 36.33
N ILE D 613 30.13 -31.62 35.30
CA ILE D 613 30.42 -31.24 33.93
C ILE D 613 29.13 -30.83 33.24
N ALA D 614 29.27 -29.95 32.25
CA ALA D 614 28.15 -29.52 31.42
C ALA D 614 28.57 -29.31 29.98
N GLN D 615 27.65 -29.64 29.08
CA GLN D 615 27.90 -29.49 27.66
C GLN D 615 26.84 -28.56 27.06
N PRO D 616 27.14 -27.97 25.88
CA PRO D 616 26.12 -27.17 25.21
C PRO D 616 24.94 -28.04 24.82
N LEU D 617 23.79 -27.41 24.68
CA LEU D 617 22.55 -28.11 24.42
C LEU D 617 22.57 -28.99 23.17
N ARG D 618 23.37 -28.60 22.17
CA ARG D 618 23.46 -29.36 20.91
C ARG D 618 24.11 -30.75 21.06
N GLU D 619 25.07 -30.89 21.97
CA GLU D 619 25.72 -32.19 22.23
C GLU D 619 25.11 -32.93 23.42
N ALA D 620 24.57 -32.17 24.36
CA ALA D 620 23.75 -32.72 25.44
C ALA D 620 22.34 -33.08 24.94
N LEU D 621 22.07 -32.73 23.70
CA LEU D 621 20.91 -33.21 22.98
C LEU D 621 21.02 -34.72 22.82
N ARG D 622 22.22 -35.17 22.44
CA ARG D 622 22.52 -36.58 22.25
C ARG D 622 22.09 -37.42 23.46
N VAL D 623 22.36 -36.90 24.65
CA VAL D 623 21.98 -37.54 25.91
C VAL D 623 20.48 -37.84 25.97
N GLN D 624 19.67 -36.83 25.71
CA GLN D 624 18.22 -36.98 25.72
C GLN D 624 17.77 -37.99 24.70
N LEU D 625 18.35 -37.95 23.51
CA LEU D 625 18.00 -38.90 22.45
C LEU D 625 18.31 -40.31 22.88
N VAL D 626 19.52 -40.50 23.38
CA VAL D 626 19.93 -41.81 23.86
C VAL D 626 18.94 -42.25 24.93
N GLN D 627 18.69 -41.38 25.89
CA GLN D 627 17.80 -41.67 27.00
C GLN D 627 16.45 -42.18 26.50
N GLN D 628 15.89 -41.48 25.52
CA GLN D 628 14.61 -41.87 24.95
C GLN D 628 14.72 -43.16 24.17
N PHE D 629 15.87 -43.41 23.57
CA PHE D 629 16.06 -44.68 22.88
C PHE D 629 16.14 -45.86 23.83
N TYR D 630 16.81 -45.66 24.96
CA TYR D 630 16.83 -46.67 26.03
C TYR D 630 15.42 -46.89 26.60
N PHE D 631 14.70 -45.81 26.86
CA PHE D 631 13.29 -45.92 27.29
C PHE D 631 12.49 -46.83 26.35
N CYS D 632 12.77 -46.78 25.06
CA CYS D 632 12.10 -47.63 24.09
C CYS D 632 12.55 -49.05 24.27
N ILE D 633 13.86 -49.26 24.33
CA ILE D 633 14.42 -50.60 24.45
C ILE D 633 14.08 -51.24 25.78
N TYR D 634 14.46 -50.57 26.86
CA TYR D 634 14.46 -51.14 28.20
C TYR D 634 13.09 -51.03 28.89
N ASN D 635 12.00 -50.90 28.12
CA ASN D 635 10.67 -50.72 28.70
C ASN D 635 10.08 -51.99 29.29
N ASP D 636 10.11 -52.06 30.61
CA ASP D 636 9.53 -53.16 31.39
C ASP D 636 8.49 -52.54 32.26
N SER D 637 7.52 -53.33 32.69
CA SER D 637 6.52 -52.83 33.63
C SER D 637 7.19 -52.20 34.87
N GLN D 638 8.36 -52.72 35.21
CA GLN D 638 9.23 -52.17 36.25
C GLN D 638 9.53 -50.70 35.99
N LEU D 639 10.06 -50.42 34.80
CA LEU D 639 10.42 -49.06 34.39
C LEU D 639 9.21 -48.12 34.46
N GLU D 640 8.08 -48.60 33.93
CA GLU D 640 6.82 -47.84 33.94
C GLU D 640 6.51 -47.36 35.36
N GLY D 641 6.37 -48.30 36.27
CA GLY D 641 6.11 -47.97 37.67
C GLY D 641 7.13 -46.99 38.17
N PHE D 642 8.40 -47.26 37.87
CA PHE D 642 9.52 -46.44 38.33
C PHE D 642 9.29 -44.97 38.04
N CYS D 643 9.10 -44.66 36.78
CA CYS D 643 8.92 -43.27 36.37
C CYS D 643 7.66 -42.68 37.00
N ASN D 644 6.57 -43.43 36.92
CA ASN D 644 5.26 -42.99 37.40
C ASN D 644 5.15 -42.79 38.90
N GLU D 645 6.16 -43.22 39.64
CA GLU D 645 6.28 -42.84 41.04
C GLU D 645 7.40 -41.84 41.23
N GLN D 646 8.43 -41.95 40.39
CA GLN D 646 9.58 -41.03 40.40
C GLN D 646 9.17 -39.58 40.25
N LYS D 647 8.17 -39.35 39.41
CA LYS D 647 7.66 -38.01 39.23
C LYS D 647 7.46 -37.28 40.58
N LYS D 648 6.90 -38.00 41.57
CA LYS D 648 6.66 -37.42 42.91
C LYS D 648 7.92 -36.88 43.54
N ILE D 649 8.99 -37.63 43.34
CA ILE D 649 10.29 -37.21 43.85
C ILE D 649 10.66 -35.90 43.18
N LEU D 650 10.61 -35.90 41.85
CA LEU D 650 10.98 -34.73 41.08
C LEU D 650 10.22 -33.49 41.52
N MET D 651 8.92 -33.64 41.71
CA MET D 651 8.09 -32.51 42.11
C MET D 651 8.47 -31.99 43.49
N ALA D 652 8.75 -32.92 44.40
CA ALA D 652 9.21 -32.55 45.73
C ALA D 652 10.51 -31.79 45.64
N LEU D 653 11.40 -32.27 44.77
CA LEU D 653 12.71 -31.63 44.53
C LEU D 653 12.56 -30.16 44.13
N GLU D 654 11.81 -29.91 43.05
CA GLU D 654 11.61 -28.54 42.56
C GLU D 654 10.81 -27.72 43.57
N GLY D 655 9.99 -28.40 44.35
CA GLY D 655 9.38 -27.79 45.50
C GLY D 655 10.43 -27.18 46.41
N ASP D 656 11.50 -27.93 46.67
CA ASP D 656 12.61 -27.45 47.52
C ASP D 656 13.50 -26.40 46.86
N LYS D 657 13.66 -26.50 45.53
CA LYS D 657 14.48 -25.55 44.76
C LYS D 657 14.01 -24.11 44.88
N LYS D 658 12.74 -23.90 44.55
CA LYS D 658 12.13 -22.59 44.59
C LYS D 658 11.49 -22.33 45.96
N ASN D 659 11.96 -23.08 46.95
CA ASN D 659 11.68 -22.86 48.36
C ASN D 659 10.19 -22.77 48.66
N LYS D 660 9.47 -23.79 48.24
CA LYS D 660 8.03 -23.80 48.35
C LYS D 660 7.51 -24.57 49.56
N SER D 661 8.43 -25.01 50.41
CA SER D 661 8.13 -25.67 51.69
C SER D 661 7.15 -26.84 51.53
N SER D 662 7.55 -27.81 50.72
CA SER D 662 6.71 -28.96 50.38
C SER D 662 6.43 -29.87 51.59
N PHE D 663 5.80 -30.99 51.32
CA PHE D 663 5.61 -32.05 52.31
C PHE D 663 5.10 -33.32 51.63
N GLY D 664 5.54 -34.48 52.09
CA GLY D 664 5.05 -35.76 51.58
C GLY D 664 4.55 -36.67 52.71
N PHE D 665 3.32 -37.18 52.61
CA PHE D 665 2.62 -37.86 53.73
C PHE D 665 3.23 -39.16 54.24
N ASN D 666 3.62 -40.05 53.32
CA ASN D 666 4.24 -41.29 53.73
C ASN D 666 5.41 -41.69 52.84
N PRO D 667 6.54 -40.96 52.99
CA PRO D 667 7.75 -41.14 52.19
C PRO D 667 8.28 -42.57 52.21
N GLU D 668 8.25 -43.19 53.39
CA GLU D 668 8.65 -44.59 53.53
C GLU D 668 7.81 -45.44 52.59
N GLY D 669 6.52 -45.16 52.56
CA GLY D 669 5.61 -45.85 51.66
C GLY D 669 6.00 -45.60 50.21
N LEU D 670 6.30 -44.36 49.89
CA LEU D 670 6.69 -44.01 48.54
C LEU D 670 7.93 -44.77 48.12
N LEU D 671 8.98 -44.59 48.90
CA LEU D 671 10.26 -45.27 48.68
C LEU D 671 10.11 -46.78 48.66
N GLU D 672 9.08 -47.28 49.34
CA GLU D 672 8.75 -48.69 49.32
C GLU D 672 8.19 -49.10 47.97
N LYS D 673 7.35 -48.25 47.36
CA LYS D 673 6.79 -48.56 46.05
C LYS D 673 7.88 -48.46 45.00
N ILE D 674 8.73 -47.47 45.17
CA ILE D 674 9.88 -47.28 44.31
C ILE D 674 10.77 -48.49 44.41
N GLU D 675 11.13 -48.85 45.63
CA GLU D 675 11.92 -50.05 45.85
C GLU D 675 11.23 -51.24 45.16
N GLU D 676 9.93 -51.39 45.43
CA GLU D 676 9.13 -52.52 44.94
C GLU D 676 9.18 -52.73 43.43
N CYS D 677 9.21 -51.65 42.68
CA CYS D 677 9.25 -51.77 41.23
C CYS D 677 10.66 -51.96 40.68
N LEU D 678 11.68 -51.94 41.55
CA LEU D 678 13.08 -52.20 41.16
C LEU D 678 13.49 -53.66 41.27
N ILE D 679 13.50 -54.38 40.15
CA ILE D 679 13.89 -55.78 40.17
C ILE D 679 15.15 -55.97 39.35
N ASN D 680 15.02 -56.27 38.07
CA ASN D 680 16.16 -56.70 37.28
C ASN D 680 16.21 -55.94 35.96
N ASN D 681 16.05 -54.63 36.05
CA ASN D 681 16.01 -53.78 34.86
C ASN D 681 17.20 -52.81 34.87
N PRO D 682 18.15 -53.05 33.97
CA PRO D 682 19.41 -52.29 33.98
C PRO D 682 19.15 -50.81 34.01
N MET D 683 18.28 -50.37 33.10
CA MET D 683 17.93 -48.96 32.94
C MET D 683 17.30 -48.46 34.21
N CYS D 684 16.25 -49.15 34.62
CA CYS D 684 15.52 -48.79 35.81
C CYS D 684 16.48 -48.50 36.96
N LEU D 685 17.37 -49.46 37.22
CA LEU D 685 18.32 -49.31 38.31
C LEU D 685 19.27 -48.18 38.04
N PHE D 686 19.72 -48.07 36.80
CA PHE D 686 20.66 -47.03 36.42
C PHE D 686 20.09 -45.68 36.80
N MET D 687 18.85 -45.46 36.42
CA MET D 687 18.16 -44.21 36.67
C MET D 687 17.94 -44.02 38.18
N ALA D 688 17.77 -45.11 38.90
CA ALA D 688 17.70 -45.02 40.34
C ALA D 688 18.98 -44.40 40.88
N GLN D 689 20.09 -45.08 40.63
CA GLN D 689 21.41 -44.65 41.12
C GLN D 689 21.74 -43.22 40.69
N ARG D 690 21.35 -42.88 39.48
CA ARG D 690 21.60 -41.55 38.96
C ARG D 690 20.75 -40.51 39.68
N LEU D 691 19.54 -40.91 40.07
CA LEU D 691 18.69 -40.06 40.89
C LEU D 691 19.28 -39.88 42.29
N ASN D 692 19.97 -40.90 42.78
CA ASN D 692 20.75 -40.76 44.01
C ASN D 692 21.73 -39.60 43.88
N GLU D 693 22.61 -39.70 42.88
CA GLU D 693 23.65 -38.67 42.65
C GLU D 693 23.01 -37.28 42.47
N LEU D 694 21.83 -37.24 41.87
CA LEU D 694 21.05 -36.01 41.76
C LEU D 694 20.73 -35.44 43.13
N VAL D 695 20.00 -36.23 43.89
CA VAL D 695 19.65 -35.89 45.25
C VAL D 695 20.88 -35.38 46.01
N ILE D 696 22.01 -36.07 45.84
CA ILE D 696 23.26 -35.70 46.50
C ILE D 696 23.66 -34.29 46.07
N GLU D 697 24.00 -34.11 44.79
CA GLU D 697 24.54 -32.83 44.30
C GLU D 697 23.58 -31.67 44.54
N ALA D 698 22.29 -31.99 44.47
CA ALA D 698 21.25 -31.04 44.78
C ALA D 698 21.25 -30.66 46.25
N SER D 699 21.41 -31.67 47.10
CA SER D 699 21.55 -31.42 48.52
C SER D 699 22.74 -30.49 48.80
N LYS D 700 23.84 -30.71 48.07
CA LYS D 700 25.05 -29.87 48.21
C LYS D 700 24.79 -28.41 47.82
N ARG D 701 24.03 -28.19 46.76
CA ARG D 701 23.76 -26.82 46.32
C ARG D 701 22.89 -26.10 47.35
N GLY D 702 21.75 -26.70 47.68
CA GLY D 702 20.83 -26.16 48.67
C GLY D 702 20.27 -27.34 49.43
N ALA D 703 20.25 -27.23 50.76
CA ALA D 703 20.10 -28.40 51.59
C ALA D 703 18.67 -28.56 52.10
N LYS D 704 17.93 -29.45 51.44
CA LYS D 704 16.62 -29.93 51.91
C LYS D 704 16.53 -31.44 51.62
N PHE D 705 17.70 -32.09 51.75
CA PHE D 705 17.90 -33.52 51.46
C PHE D 705 18.99 -34.11 52.37
N PHE D 706 19.39 -35.37 52.13
CA PHE D 706 20.45 -36.03 52.91
C PHE D 706 21.57 -36.62 52.06
N LYS D 707 22.76 -36.68 52.65
CA LYS D 707 23.90 -37.41 52.10
C LYS D 707 24.48 -38.30 53.20
N THR D 708 24.58 -39.61 52.91
CA THR D 708 25.00 -40.62 53.89
C THR D 708 26.37 -40.32 54.51
N MET E 1 34.23 -41.17 32.46
CA MET E 1 33.40 -40.16 33.16
C MET E 1 31.96 -40.65 33.28
N GLU E 2 31.22 -40.09 34.23
CA GLU E 2 29.89 -40.59 34.57
C GLU E 2 28.75 -39.73 34.03
N ILE E 3 28.09 -40.22 32.98
CA ILE E 3 26.94 -39.51 32.36
C ILE E 3 25.71 -39.66 33.21
N ASN E 4 25.19 -38.55 33.71
CA ASN E 4 23.96 -38.58 34.44
C ASN E 4 22.96 -37.62 33.78
N PRO E 5 21.86 -38.17 33.22
CA PRO E 5 20.84 -37.32 32.58
C PRO E 5 20.04 -36.44 33.56
N TYR E 6 19.68 -37.01 34.69
CA TYR E 6 18.92 -36.28 35.70
C TYR E 6 19.56 -34.96 36.15
N LEU E 7 20.86 -34.82 35.94
CA LEU E 7 21.58 -33.58 36.29
C LEU E 7 21.03 -32.32 35.62
N MET E 8 20.38 -32.47 34.46
CA MET E 8 19.79 -31.32 33.77
C MET E 8 18.59 -30.77 34.52
N PHE E 9 18.00 -31.56 35.40
CA PHE E 9 16.91 -31.12 36.27
C PHE E 9 17.35 -30.13 37.33
N LEU E 10 18.66 -29.98 37.50
CA LEU E 10 19.20 -29.06 38.49
C LEU E 10 18.83 -27.59 38.21
N ASN E 11 19.29 -27.08 37.08
CA ASN E 11 19.11 -25.67 36.76
C ASN E 11 17.68 -25.37 36.28
N ASN E 12 17.15 -26.20 35.40
CA ASN E 12 15.87 -25.94 34.75
C ASN E 12 14.71 -26.36 35.62
N ASP E 13 13.52 -25.86 35.25
CA ASP E 13 12.29 -26.24 35.93
C ASP E 13 11.77 -27.56 35.38
N VAL E 14 11.30 -28.41 36.28
CA VAL E 14 10.94 -29.80 35.97
C VAL E 14 9.73 -29.91 35.04
N THR E 15 8.71 -29.12 35.34
CA THR E 15 7.44 -29.16 34.62
C THR E 15 7.56 -29.05 33.10
N SER E 16 8.53 -28.29 32.63
CA SER E 16 8.75 -28.14 31.21
C SER E 16 9.33 -29.41 30.58
N LEU E 17 10.13 -30.16 31.35
CA LEU E 17 10.84 -31.35 30.85
C LEU E 17 10.34 -32.67 31.39
N ILE E 18 9.16 -32.63 31.97
CA ILE E 18 8.53 -33.81 32.54
C ILE E 18 8.19 -34.86 31.48
N SER E 19 8.02 -34.44 30.23
CA SER E 19 7.68 -35.36 29.14
C SER E 19 8.80 -36.36 28.89
N THR E 20 9.98 -36.11 29.46
CA THR E 20 11.12 -37.02 29.31
C THR E 20 11.24 -38.07 30.42
N THR E 21 10.44 -37.92 31.47
CA THR E 21 10.39 -38.95 32.51
C THR E 21 9.56 -40.12 32.01
N TYR E 22 8.37 -39.82 31.49
CA TYR E 22 7.50 -40.84 30.94
C TYR E 22 8.14 -41.51 29.74
N PRO E 23 8.14 -42.86 29.70
CA PRO E 23 8.69 -43.62 28.59
C PRO E 23 7.60 -44.10 27.64
N TYR E 24 6.83 -43.16 27.09
CA TYR E 24 5.75 -43.46 26.15
C TYR E 24 6.24 -43.88 24.75
N THR E 25 7.51 -43.60 24.45
CA THR E 25 8.12 -43.98 23.15
C THR E 25 8.14 -45.49 22.91
N GLY E 26 8.26 -46.25 23.99
CA GLY E 26 8.26 -47.71 23.94
C GLY E 26 6.89 -48.34 24.14
N PRO E 27 6.82 -49.67 24.07
CA PRO E 27 5.56 -50.40 24.22
C PRO E 27 5.06 -50.48 25.68
N PRO E 28 3.76 -50.83 25.88
CA PRO E 28 3.16 -51.01 27.21
C PRO E 28 3.30 -52.45 27.77
N PRO E 29 2.91 -52.67 29.04
CA PRO E 29 2.94 -54.03 29.61
C PRO E 29 1.96 -55.02 28.96
N MET E 30 2.00 -56.27 29.43
CA MET E 30 1.19 -57.36 28.87
C MET E 30 0.94 -58.45 29.90
N SER E 31 -0.22 -59.11 29.81
CA SER E 31 -0.64 -60.14 30.77
C SER E 31 0.05 -61.50 30.58
N HIS E 32 0.53 -62.08 31.69
CA HIS E 32 1.11 -63.43 31.71
C HIS E 32 0.59 -64.25 32.91
N GLY E 33 0.33 -65.54 32.68
CA GLY E 33 -0.15 -66.43 33.73
C GLY E 33 -1.66 -66.43 33.91
N SER E 34 -2.10 -66.67 35.16
CA SER E 34 -3.53 -66.68 35.53
C SER E 34 -4.01 -65.34 36.11
N SER E 35 -5.18 -64.91 35.65
CA SER E 35 -5.81 -63.70 36.19
C SER E 35 -6.61 -64.00 37.47
N THR E 36 -6.71 -65.28 37.85
CA THR E 36 -7.50 -65.69 39.02
C THR E 36 -6.88 -65.20 40.32
N LYS E 37 -5.56 -65.18 40.35
CA LYS E 37 -4.81 -64.73 41.52
C LYS E 37 -5.28 -63.35 41.92
N TYR E 38 -5.16 -62.42 40.97
CA TYR E 38 -5.51 -61.01 41.17
C TYR E 38 -6.94 -60.91 41.62
N THR E 39 -7.82 -61.62 40.92
CA THR E 39 -9.23 -61.60 41.23
C THR E 39 -9.48 -61.93 42.70
N LEU E 40 -8.98 -63.09 43.12
CA LEU E 40 -9.20 -63.57 44.49
C LEU E 40 -8.64 -62.61 45.53
N GLU E 41 -7.39 -62.23 45.29
CA GLU E 41 -6.70 -61.25 46.12
C GLU E 41 -7.54 -59.99 46.28
N THR E 42 -8.17 -59.56 45.19
CA THR E 42 -8.97 -58.35 45.19
C THR E 42 -10.27 -58.52 45.96
N ILE E 43 -10.89 -59.69 45.84
CA ILE E 43 -12.13 -59.94 46.58
C ILE E 43 -11.86 -59.92 48.07
N LYS E 44 -10.75 -60.55 48.47
CA LYS E 44 -10.31 -60.51 49.88
C LYS E 44 -10.06 -59.08 50.36
N ARG E 45 -9.48 -58.27 49.49
CA ARG E 45 -9.27 -56.83 49.76
C ARG E 45 -10.57 -56.06 49.87
N THR E 46 -11.57 -56.46 49.07
CA THR E 46 -12.90 -55.84 49.15
C THR E 46 -13.49 -56.06 50.52
N TYR E 47 -13.70 -57.33 50.84
CA TYR E 47 -14.29 -57.72 52.09
C TYR E 47 -13.51 -57.16 53.27
N ASP E 48 -12.18 -57.29 53.24
CA ASP E 48 -11.33 -56.75 54.30
C ASP E 48 -11.51 -55.25 54.46
N TYR E 49 -11.42 -54.51 53.35
CA TYR E 49 -11.64 -53.06 53.36
C TYR E 49 -13.02 -52.75 53.93
N SER E 50 -13.96 -53.63 53.64
CA SER E 50 -15.30 -53.54 54.21
C SER E 50 -15.23 -53.87 55.69
N ARG E 51 -14.94 -52.87 56.50
CA ARG E 51 -14.64 -53.10 57.91
C ARG E 51 -15.90 -53.41 58.69
N THR E 52 -16.44 -54.61 58.50
CA THR E 52 -17.66 -55.01 59.19
C THR E 52 -17.83 -56.52 59.26
N SER E 53 -18.04 -57.03 60.47
CA SER E 53 -18.19 -58.45 60.71
C SER E 53 -19.65 -58.87 60.65
N VAL E 54 -20.53 -57.89 60.45
CA VAL E 54 -21.97 -58.11 60.34
C VAL E 54 -22.30 -58.87 59.06
N GLU E 55 -22.97 -60.01 59.23
CA GLU E 55 -23.25 -60.93 58.16
C GLU E 55 -24.64 -61.51 58.32
N LYS E 56 -25.48 -61.36 57.30
CA LYS E 56 -26.82 -61.91 57.33
C LYS E 56 -27.01 -62.84 56.12
N THR E 57 -27.62 -64.00 56.35
CA THR E 57 -27.90 -64.97 55.28
C THR E 57 -29.02 -64.48 54.37
N SER E 58 -28.79 -64.54 53.05
CA SER E 58 -29.79 -64.09 52.06
C SER E 58 -30.96 -65.02 51.95
N LYS E 59 -32.16 -64.46 51.81
CA LYS E 59 -33.39 -65.26 51.76
C LYS E 59 -33.47 -66.06 50.46
N VAL E 60 -32.85 -65.53 49.41
CA VAL E 60 -33.02 -66.09 48.06
C VAL E 60 -31.85 -66.91 47.59
N PHE E 61 -30.68 -66.69 48.18
CA PHE E 61 -29.48 -67.36 47.75
C PHE E 61 -28.97 -68.44 48.70
N ASN E 62 -29.46 -68.41 49.94
CA ASN E 62 -28.94 -69.28 51.00
C ASN E 62 -27.45 -69.05 51.18
N ILE E 63 -27.03 -67.80 50.93
CA ILE E 63 -25.63 -67.41 50.96
C ILE E 63 -25.50 -66.19 51.86
N PRO E 64 -24.46 -66.18 52.71
CA PRO E 64 -24.31 -65.06 53.62
C PRO E 64 -23.93 -63.78 52.87
N ARG E 65 -24.84 -62.81 52.91
CA ARG E 65 -24.56 -61.50 52.38
C ARG E 65 -23.99 -60.64 53.50
N ARG E 66 -22.88 -59.98 53.21
CA ARG E 66 -22.34 -59.01 54.14
C ARG E 66 -22.74 -57.61 53.69
N LYS E 67 -23.79 -57.09 54.30
CA LYS E 67 -24.26 -55.74 54.03
C LYS E 67 -23.59 -54.80 55.00
N PHE E 68 -22.82 -53.85 54.48
CA PHE E 68 -22.02 -53.00 55.37
C PHE E 68 -22.01 -51.52 55.01
N CYS E 69 -22.97 -50.81 55.59
CA CYS E 69 -22.94 -49.36 55.68
C CYS E 69 -23.49 -48.93 57.03
N ASN E 70 -22.92 -47.84 57.55
CA ASN E 70 -23.12 -47.38 58.93
C ASN E 70 -22.41 -48.26 59.96
N CYS E 71 -22.72 -49.56 59.94
CA CYS E 71 -22.06 -50.52 60.82
C CYS E 71 -20.57 -50.59 60.56
N LEU E 72 -19.79 -50.22 61.58
CA LEU E 72 -18.34 -50.07 61.43
C LEU E 72 -17.54 -50.82 62.50
N GLU E 73 -16.85 -51.88 62.09
CA GLU E 73 -15.86 -52.57 62.92
C GLU E 73 -14.48 -51.94 62.70
N ASP E 74 -14.25 -50.80 63.36
CA ASP E 74 -13.02 -50.02 63.18
C ASP E 74 -11.81 -50.87 63.44
N LYS E 75 -10.75 -50.60 62.69
CA LYS E 75 -9.46 -51.24 62.93
C LYS E 75 -8.49 -50.15 63.38
N ASP E 76 -7.41 -50.58 64.03
CA ASP E 76 -6.36 -49.67 64.49
C ASP E 76 -5.79 -48.87 63.31
N GLU E 77 -5.64 -49.54 62.18
CA GLU E 77 -5.17 -48.94 60.94
C GLU E 77 -6.29 -48.11 60.28
N LEU E 78 -6.61 -46.96 60.86
CA LEU E 78 -7.65 -46.09 60.29
C LEU E 78 -7.23 -45.51 58.95
N VAL E 79 -5.97 -45.10 58.88
CA VAL E 79 -5.36 -44.50 57.70
C VAL E 79 -5.45 -45.42 56.47
N LYS E 80 -5.35 -46.73 56.70
CA LYS E 80 -5.51 -47.76 55.67
C LYS E 80 -6.93 -47.65 55.09
N PRO E 81 -7.06 -47.93 53.78
CA PRO E 81 -8.33 -47.86 53.05
C PRO E 81 -9.56 -48.48 53.74
N THR E 82 -10.65 -47.74 53.74
CA THR E 82 -11.93 -48.18 54.30
C THR E 82 -12.94 -48.26 53.21
N GLY E 83 -13.98 -49.06 53.42
CA GLY E 83 -15.10 -49.12 52.49
C GLY E 83 -16.46 -48.89 53.11
N ASN E 84 -16.51 -48.54 54.39
CA ASN E 84 -17.78 -48.44 55.06
C ASN E 84 -18.36 -47.05 54.88
N VAL E 85 -19.60 -46.99 54.37
CA VAL E 85 -20.21 -45.71 53.99
C VAL E 85 -21.34 -45.29 54.90
N ASP E 86 -21.12 -44.21 55.66
CA ASP E 86 -22.14 -43.68 56.58
C ASP E 86 -23.18 -42.92 55.79
N ILE E 87 -24.22 -43.64 55.39
CA ILE E 87 -25.24 -43.10 54.50
C ILE E 87 -25.83 -41.78 55.01
N SER E 88 -25.95 -41.63 56.32
CA SER E 88 -26.54 -40.43 56.90
C SER E 88 -25.77 -39.21 56.48
N SER E 89 -24.48 -39.22 56.76
CA SER E 89 -23.57 -38.16 56.34
C SER E 89 -23.48 -38.02 54.81
N LEU E 90 -23.60 -39.13 54.08
CA LEU E 90 -23.63 -39.10 52.61
C LEU E 90 -24.72 -38.18 52.08
N LEU E 91 -25.95 -38.45 52.51
CA LEU E 91 -27.10 -37.62 52.12
C LEU E 91 -26.96 -36.19 52.65
N GLY E 92 -26.22 -36.03 53.74
CA GLY E 92 -25.81 -34.71 54.21
C GLY E 92 -25.02 -33.95 53.16
N LEU E 93 -24.04 -34.63 52.56
CA LEU E 93 -23.27 -34.07 51.44
C LEU E 93 -24.16 -33.80 50.22
N ALA E 94 -25.16 -34.65 50.01
CA ALA E 94 -26.12 -34.50 48.92
C ALA E 94 -26.96 -33.24 49.06
N GLU E 95 -27.55 -33.07 50.24
CA GLU E 95 -28.31 -31.85 50.58
C GLU E 95 -27.43 -30.61 50.45
N MET E 96 -26.32 -30.57 51.20
CA MET E 96 -25.43 -29.40 51.20
C MET E 96 -24.74 -29.20 49.86
N MET E 97 -24.86 -30.20 48.97
CA MET E 97 -24.53 -30.01 47.58
C MET E 97 -25.65 -29.29 46.88
N GLU E 98 -26.86 -29.82 47.01
CA GLU E 98 -27.99 -29.21 46.32
C GLU E 98 -28.17 -27.75 46.73
N LYS E 99 -28.28 -27.51 48.04
CA LYS E 99 -28.47 -26.16 48.59
C LYS E 99 -27.33 -25.22 48.24
N ARG E 100 -26.17 -25.78 47.90
CA ARG E 100 -25.04 -25.02 47.36
C ARG E 100 -25.33 -24.50 45.94
N MET E 101 -25.94 -25.34 45.11
CA MET E 101 -26.25 -24.98 43.72
C MET E 101 -27.70 -25.23 43.33
N GLY E 102 -28.53 -24.20 43.50
CA GLY E 102 -29.96 -24.30 43.20
C GLY E 102 -30.75 -24.97 44.32
N GLU E 103 -32.04 -25.18 44.11
CA GLU E 103 -32.85 -26.02 45.00
C GLU E 103 -33.54 -27.16 44.27
N GLY E 104 -33.62 -27.05 42.94
CA GLY E 104 -34.17 -28.12 42.13
C GLY E 104 -33.10 -28.70 41.25
N PHE E 105 -31.88 -28.73 41.77
CA PHE E 105 -30.71 -29.23 41.05
C PHE E 105 -30.94 -30.65 40.58
N PHE E 106 -31.31 -31.51 41.52
CA PHE E 106 -31.49 -32.93 41.25
C PHE E 106 -32.72 -33.17 40.38
N LYS E 107 -33.83 -32.57 40.78
CA LYS E 107 -35.06 -32.69 40.02
C LYS E 107 -34.80 -32.45 38.54
N HIS E 108 -34.17 -31.32 38.25
CA HIS E 108 -33.90 -30.91 36.88
C HIS E 108 -32.96 -31.87 36.16
N CYS E 109 -31.84 -32.20 36.80
CA CYS E 109 -30.85 -33.12 36.20
C CYS E 109 -31.52 -34.45 35.81
N VAL E 110 -32.35 -34.94 36.73
CA VAL E 110 -33.13 -36.13 36.48
C VAL E 110 -34.02 -35.92 35.29
N MET E 111 -34.74 -34.80 35.27
CA MET E 111 -35.64 -34.50 34.15
C MET E 111 -34.92 -34.70 32.83
N GLU E 112 -33.76 -34.07 32.68
CA GLU E 112 -32.95 -34.18 31.45
C GLU E 112 -32.62 -35.63 31.18
N ALA E 113 -32.22 -36.34 32.23
CA ALA E 113 -31.92 -37.75 32.09
C ALA E 113 -33.13 -38.49 31.54
N GLU E 114 -34.26 -38.38 32.24
CA GLU E 114 -35.52 -39.05 31.87
C GLU E 114 -35.84 -38.82 30.41
N THR E 115 -35.80 -37.56 30.01
CA THR E 115 -36.07 -37.18 28.65
C THR E 115 -35.20 -37.98 27.67
N GLU E 116 -33.89 -37.84 27.80
CA GLU E 116 -32.94 -38.48 26.86
C GLU E 116 -33.18 -39.98 26.74
N ILE E 117 -33.48 -40.62 27.87
CA ILE E 117 -33.62 -42.06 27.96
C ILE E 117 -34.92 -42.57 27.38
N LEU E 118 -36.03 -42.01 27.85
CA LEU E 118 -37.34 -42.35 27.35
C LEU E 118 -37.39 -42.29 25.83
N LYS E 119 -36.67 -41.32 25.26
CA LYS E 119 -36.49 -41.22 23.79
C LYS E 119 -35.82 -42.48 23.25
N MET E 120 -34.71 -42.82 23.90
CA MET E 120 -33.71 -43.74 23.37
C MET E 120 -34.26 -45.03 22.82
N HIS E 121 -33.79 -45.36 21.63
CA HIS E 121 -34.00 -46.67 21.03
C HIS E 121 -32.97 -47.60 21.64
N PHE E 122 -33.39 -48.79 22.04
CA PHE E 122 -32.47 -49.76 22.64
C PHE E 122 -31.31 -50.22 21.76
N SER E 123 -31.41 -50.04 20.45
CA SER E 123 -30.32 -50.42 19.57
C SER E 123 -29.06 -49.66 19.92
N ARG E 124 -29.21 -48.44 20.43
CA ARG E 124 -28.08 -47.61 20.88
C ARG E 124 -27.33 -48.25 22.06
N LEU E 125 -27.90 -49.31 22.62
CA LEU E 125 -27.25 -50.06 23.71
C LEU E 125 -26.05 -50.88 23.20
N THR E 126 -26.03 -51.13 21.89
CA THR E 126 -24.91 -51.82 21.26
C THR E 126 -23.66 -50.94 21.26
N GLU E 127 -23.85 -49.63 21.31
CA GLU E 127 -22.74 -48.71 21.41
C GLU E 127 -22.12 -48.85 22.78
N GLY E 128 -20.82 -49.16 22.79
CA GLY E 128 -20.06 -49.22 24.02
C GLY E 128 -18.92 -50.21 23.97
N ARG E 129 -18.30 -50.41 25.14
CA ARG E 129 -17.18 -51.35 25.28
C ARG E 129 -17.72 -52.77 25.19
N GLN E 130 -16.83 -53.75 25.16
CA GLN E 130 -17.25 -55.14 25.18
C GLN E 130 -18.02 -55.45 26.45
N THR E 131 -19.03 -56.32 26.34
CA THR E 131 -19.81 -56.77 27.51
C THR E 131 -20.07 -58.26 27.49
N TYR E 132 -20.42 -58.79 28.66
CA TYR E 132 -20.50 -60.23 28.86
C TYR E 132 -21.75 -60.83 28.25
N ASP E 133 -21.56 -61.58 27.17
CA ASP E 133 -22.65 -62.37 26.62
C ASP E 133 -22.86 -63.60 27.46
N TRP E 134 -24.06 -63.77 27.99
CA TRP E 134 -24.33 -64.93 28.86
C TRP E 134 -24.94 -66.13 28.13
N THR E 135 -25.29 -65.98 26.87
CA THR E 135 -25.70 -67.13 26.08
C THR E 135 -24.56 -68.15 25.96
N SER E 136 -23.45 -67.77 25.31
CA SER E 136 -22.25 -68.64 25.19
C SER E 136 -21.33 -68.55 26.39
N GLU E 137 -21.64 -67.67 27.32
CA GLU E 137 -20.85 -67.43 28.53
C GLU E 137 -19.43 -67.00 28.18
N ARG E 138 -19.34 -66.04 27.27
CA ARG E 138 -18.06 -65.45 26.84
C ARG E 138 -18.16 -63.93 26.76
N ASN E 139 -17.01 -63.29 26.61
CA ASN E 139 -17.02 -61.86 26.39
C ASN E 139 -17.21 -61.55 24.90
N MET E 140 -17.97 -60.49 24.62
CA MET E 140 -18.30 -60.11 23.24
C MET E 140 -18.38 -58.61 23.03
N PRO E 141 -18.21 -58.17 21.77
CA PRO E 141 -18.59 -56.78 21.49
C PRO E 141 -20.09 -56.62 21.71
N ALA E 142 -20.45 -55.54 22.40
CA ALA E 142 -21.82 -55.35 22.93
C ALA E 142 -22.88 -55.74 21.91
N ALA E 143 -22.66 -55.34 20.65
CA ALA E 143 -23.64 -55.51 19.59
C ALA E 143 -24.03 -56.95 19.40
N THR E 144 -23.04 -57.79 19.17
CA THR E 144 -23.30 -59.20 18.93
C THR E 144 -23.92 -59.85 20.18
N ALA E 145 -23.49 -59.39 21.36
CA ALA E 145 -24.00 -59.90 22.62
C ALA E 145 -25.47 -59.60 22.84
N LEU E 146 -25.84 -58.35 22.55
CA LEU E 146 -27.23 -57.94 22.57
C LEU E 146 -28.04 -58.72 21.54
N GLN E 147 -27.45 -58.94 20.36
CA GLN E 147 -28.09 -59.74 19.31
C GLN E 147 -28.53 -61.12 19.82
N LEU E 148 -27.59 -61.82 20.45
CA LEU E 148 -27.89 -63.13 21.03
C LEU E 148 -28.92 -63.07 22.14
N THR E 149 -28.77 -62.10 23.05
CA THR E 149 -29.71 -61.90 24.15
C THR E 149 -31.13 -61.75 23.63
N VAL E 150 -31.31 -60.82 22.71
CA VAL E 150 -32.63 -60.54 22.14
C VAL E 150 -33.14 -61.74 21.36
N ASP E 151 -32.31 -62.26 20.44
CA ASP E 151 -32.65 -63.48 19.65
C ASP E 151 -33.13 -64.66 20.51
N ALA E 152 -32.51 -64.81 21.67
CA ALA E 152 -32.92 -65.81 22.64
C ALA E 152 -34.31 -65.50 23.21
N ILE E 153 -34.55 -64.26 23.62
CA ILE E 153 -35.85 -63.83 24.12
C ILE E 153 -36.91 -64.17 23.08
N LYS E 154 -36.59 -63.87 21.82
CA LYS E 154 -37.48 -64.14 20.68
C LYS E 154 -37.79 -65.63 20.53
N GLU E 155 -36.75 -66.48 20.57
CA GLU E 155 -36.94 -67.92 20.39
C GLU E 155 -37.62 -68.60 21.58
N THR E 156 -37.45 -68.01 22.75
CA THR E 156 -38.14 -68.47 23.94
C THR E 156 -39.63 -68.15 23.94
N GLU E 157 -39.97 -66.87 23.75
CA GLU E 157 -41.32 -66.39 24.03
C GLU E 157 -41.94 -65.57 22.89
N GLY E 158 -41.21 -65.37 21.80
CA GLY E 158 -41.70 -64.59 20.67
C GLY E 158 -40.98 -63.27 20.49
N PRO E 159 -40.88 -62.77 19.25
CA PRO E 159 -40.10 -61.58 18.90
C PRO E 159 -40.37 -60.35 19.76
N PHE E 160 -39.36 -59.50 19.93
CA PHE E 160 -39.46 -58.31 20.79
C PHE E 160 -39.89 -57.08 19.99
N LYS E 161 -40.92 -56.40 20.49
CA LYS E 161 -41.51 -55.26 19.78
C LYS E 161 -41.46 -53.98 20.62
N GLY E 162 -40.51 -53.89 21.52
CA GLY E 162 -40.41 -52.75 22.43
C GLY E 162 -39.93 -51.45 21.81
N THR E 163 -38.85 -51.55 21.03
CA THR E 163 -38.24 -50.42 20.32
C THR E 163 -37.80 -49.24 21.22
N THR E 164 -37.73 -49.49 22.51
CA THR E 164 -37.44 -48.45 23.49
C THR E 164 -36.68 -49.05 24.64
N MET E 165 -35.92 -48.20 25.30
CA MET E 165 -35.16 -48.65 26.45
C MET E 165 -36.09 -49.11 27.54
N LEU E 166 -37.20 -48.42 27.70
CA LEU E 166 -38.14 -48.75 28.76
C LEU E 166 -38.68 -50.16 28.59
N GLU E 167 -39.26 -50.44 27.43
CA GLU E 167 -39.85 -51.76 27.17
C GLU E 167 -38.84 -52.89 27.21
N TYR E 168 -37.61 -52.58 26.83
CA TYR E 168 -36.50 -53.50 27.04
C TYR E 168 -36.31 -53.81 28.51
N CYS E 169 -36.22 -52.78 29.35
CA CYS E 169 -36.07 -52.95 30.81
C CYS E 169 -37.21 -53.77 31.43
N ASN E 170 -38.44 -53.45 31.01
CA ASN E 170 -39.62 -54.18 31.44
C ASN E 170 -39.51 -55.66 31.11
N LYS E 171 -39.04 -55.97 29.91
CA LYS E 171 -38.77 -57.36 29.53
C LYS E 171 -37.65 -57.99 30.35
N MET E 172 -36.60 -57.23 30.64
CA MET E 172 -35.51 -57.72 31.48
C MET E 172 -36.02 -58.18 32.83
N ILE E 173 -36.80 -57.32 33.47
CA ILE E 173 -37.35 -57.63 34.79
C ILE E 173 -38.36 -58.78 34.70
N GLU E 174 -39.06 -58.87 33.57
CA GLU E 174 -40.01 -59.98 33.33
C GLU E 174 -39.31 -61.37 33.24
N MET E 175 -38.10 -61.39 32.70
CA MET E 175 -37.38 -62.66 32.52
C MET E 175 -36.89 -63.29 33.82
N LEU E 176 -36.76 -62.49 34.87
CA LEU E 176 -36.32 -63.02 36.17
C LEU E 176 -37.35 -63.95 36.77
N ASP E 177 -38.60 -63.65 36.50
CA ASP E 177 -39.68 -64.50 36.97
C ASP E 177 -39.85 -65.73 36.08
N TRP E 178 -39.34 -65.67 34.84
CA TRP E 178 -39.34 -66.83 33.93
C TRP E 178 -38.65 -68.05 34.56
N LYS E 179 -39.38 -69.17 34.56
CA LYS E 179 -38.85 -70.41 35.12
C LYS E 179 -38.00 -71.17 34.10
N GLU E 180 -38.18 -70.83 32.82
CA GLU E 180 -37.44 -71.48 31.75
C GLU E 180 -37.02 -70.46 30.69
N ILE E 181 -35.79 -70.60 30.19
CA ILE E 181 -35.25 -69.74 29.12
C ILE E 181 -34.54 -70.59 28.06
N LYS E 182 -34.65 -70.20 26.79
CA LYS E 182 -34.05 -70.97 25.69
C LYS E 182 -32.93 -70.18 25.03
N PHE E 183 -31.89 -70.88 24.57
CA PHE E 183 -30.69 -70.23 24.03
C PHE E 183 -30.34 -70.70 22.63
N LYS E 184 -29.61 -69.88 21.92
CA LYS E 184 -28.90 -70.30 20.72
C LYS E 184 -27.51 -70.79 21.14
N LYS E 185 -27.39 -72.08 21.48
CA LYS E 185 -26.09 -72.65 21.90
C LYS E 185 -25.54 -73.66 20.89
N VAL E 186 -24.26 -73.54 20.57
CA VAL E 186 -23.60 -74.38 19.56
C VAL E 186 -22.97 -75.63 20.19
N LYS E 187 -23.42 -76.79 19.72
CA LYS E 187 -22.88 -78.10 20.12
C LYS E 187 -22.50 -78.91 18.88
N THR E 188 -21.20 -79.13 18.70
CA THR E 188 -20.71 -79.90 17.55
C THR E 188 -20.83 -81.40 17.86
N VAL E 189 -21.17 -82.18 16.83
CA VAL E 189 -21.30 -83.64 16.93
C VAL E 189 -20.45 -84.32 15.88
N VAL E 190 -19.60 -85.26 16.31
CA VAL E 190 -18.64 -85.92 15.42
C VAL E 190 -19.37 -86.87 14.47
N VAL E 208 -22.59 -77.88 15.39
CA VAL E 208 -23.88 -77.38 14.89
C VAL E 208 -24.64 -76.62 16.00
N MET E 209 -25.36 -75.56 15.61
CA MET E 209 -26.13 -74.74 16.56
C MET E 209 -27.44 -75.44 16.96
N GLY E 210 -27.80 -75.26 18.22
CA GLY E 210 -29.01 -75.83 18.77
C GLY E 210 -29.68 -74.96 19.80
N ILE E 211 -30.65 -75.55 20.50
CA ILE E 211 -31.52 -74.84 21.43
C ILE E 211 -31.42 -75.45 22.83
N ASP E 212 -30.63 -74.82 23.70
CA ASP E 212 -30.45 -75.30 25.07
C ASP E 212 -31.46 -74.66 26.01
N SER E 213 -31.69 -75.30 27.15
CA SER E 213 -32.59 -74.77 28.16
C SER E 213 -31.81 -74.33 29.40
N ILE E 214 -32.48 -73.58 30.26
CA ILE E 214 -31.93 -73.25 31.56
C ILE E 214 -33.07 -72.93 32.52
N LYS E 215 -32.79 -73.03 33.81
CA LYS E 215 -33.76 -72.72 34.84
C LYS E 215 -33.55 -71.35 35.43
N HIS E 216 -34.58 -70.83 36.08
CA HIS E 216 -34.57 -69.53 36.77
C HIS E 216 -33.36 -69.36 37.67
N ASP E 217 -33.07 -70.39 38.45
CA ASP E 217 -31.97 -70.38 39.42
C ASP E 217 -30.62 -70.13 38.77
N GLU E 218 -30.35 -70.86 37.69
CA GLU E 218 -29.11 -70.67 36.92
C GLU E 218 -29.10 -69.31 36.23
N PHE E 219 -30.20 -68.99 35.57
CA PHE E 219 -30.30 -67.76 34.79
C PHE E 219 -30.00 -66.53 35.62
N LEU E 220 -30.63 -66.44 36.80
CA LEU E 220 -30.44 -65.30 37.70
C LEU E 220 -28.96 -65.00 37.96
N ILE E 221 -28.23 -66.06 38.29
CA ILE E 221 -26.80 -65.96 38.53
C ILE E 221 -26.11 -65.47 37.25
N ARG E 222 -26.41 -66.12 36.12
CA ARG E 222 -25.82 -65.74 34.82
C ARG E 222 -26.08 -64.28 34.45
N ALA E 223 -27.18 -63.74 34.95
CA ALA E 223 -27.50 -62.34 34.75
C ALA E 223 -26.65 -61.44 35.62
N LEU E 224 -26.61 -61.74 36.91
CA LEU E 224 -25.81 -60.96 37.85
C LEU E 224 -24.30 -61.17 37.69
N THR E 225 -23.91 -62.14 36.86
CA THR E 225 -22.51 -62.46 36.57
C THR E 225 -21.76 -61.31 35.91
N ILE E 226 -20.50 -61.16 36.31
CA ILE E 226 -19.59 -60.17 35.75
C ILE E 226 -18.31 -60.90 35.37
N ASN E 227 -17.68 -60.48 34.28
CA ASN E 227 -16.47 -61.14 33.81
C ASN E 227 -15.20 -60.31 33.98
N THR E 228 -14.10 -61.05 34.17
CA THR E 228 -12.77 -60.49 34.41
C THR E 228 -11.99 -60.34 33.09
N MET E 229 -11.36 -59.17 32.93
CA MET E 229 -10.43 -58.93 31.81
C MET E 229 -9.04 -58.61 32.34
N ALA E 230 -8.07 -59.49 32.09
CA ALA E 230 -6.66 -59.26 32.44
C ALA E 230 -6.15 -58.04 31.65
N LYS E 231 -5.80 -56.98 32.39
CA LYS E 231 -5.61 -55.64 31.82
C LYS E 231 -4.57 -55.52 30.71
N ASP E 232 -4.95 -54.82 29.65
CA ASP E 232 -4.04 -54.41 28.56
C ASP E 232 -4.37 -53.00 28.09
N GLY E 233 -3.34 -52.22 27.78
CA GLY E 233 -3.51 -50.82 27.42
C GLY E 233 -3.36 -49.84 28.58
N GLU E 234 -3.17 -50.38 29.79
CA GLU E 234 -2.95 -49.55 30.99
C GLU E 234 -1.50 -49.10 31.04
N ARG E 235 -1.32 -47.80 31.28
CA ARG E 235 0.01 -47.21 31.30
C ARG E 235 0.48 -46.91 32.72
N GLY E 236 1.62 -47.50 33.09
CA GLY E 236 2.34 -47.09 34.28
C GLY E 236 2.23 -47.95 35.53
N LYS E 237 2.02 -49.26 35.36
CA LYS E 237 1.99 -50.17 36.52
C LYS E 237 2.70 -51.51 36.27
N LEU E 238 3.42 -51.98 37.29
CA LEU E 238 4.12 -53.28 37.29
C LEU E 238 3.13 -54.46 37.31
N GLN E 239 2.24 -54.44 38.30
CA GLN E 239 1.22 -55.47 38.47
C GLN E 239 -0.08 -55.05 37.77
N ARG E 240 -0.88 -56.03 37.38
CA ARG E 240 -2.05 -55.79 36.53
C ARG E 240 -3.35 -55.53 37.30
N ARG E 241 -3.86 -54.32 37.16
CA ARG E 241 -5.17 -53.95 37.67
C ARG E 241 -6.22 -54.27 36.61
N ALA E 242 -6.83 -55.45 36.74
CA ALA E 242 -7.81 -55.99 35.78
C ALA E 242 -9.08 -55.15 35.69
N ILE E 243 -9.82 -55.30 34.59
CA ILE E 243 -11.07 -54.55 34.37
C ILE E 243 -12.27 -55.48 34.19
N ALA E 244 -13.41 -55.07 34.76
CA ALA E 244 -14.61 -55.90 34.75
C ALA E 244 -15.57 -55.44 33.66
N THR E 245 -16.23 -56.40 33.03
CA THR E 245 -17.12 -56.11 31.88
C THR E 245 -18.50 -56.75 32.00
N PRO E 246 -19.47 -56.04 32.61
CA PRO E 246 -20.76 -56.59 33.06
C PRO E 246 -21.66 -57.24 32.02
N GLY E 247 -22.68 -57.92 32.53
CA GLY E 247 -23.63 -58.66 31.71
C GLY E 247 -24.55 -57.76 30.94
N MET E 248 -25.19 -58.31 29.90
CA MET E 248 -26.03 -57.52 28.98
C MET E 248 -27.31 -57.01 29.64
N ILE E 249 -27.83 -57.79 30.58
CA ILE E 249 -29.05 -57.44 31.26
C ILE E 249 -28.82 -56.32 32.26
N VAL E 250 -27.60 -56.22 32.76
CA VAL E 250 -27.28 -55.18 33.74
C VAL E 250 -27.07 -53.82 33.07
N ARG E 251 -26.47 -53.84 31.87
CA ARG E 251 -26.01 -52.64 31.18
C ARG E 251 -26.98 -51.45 31.01
N PRO E 252 -28.26 -51.70 30.65
CA PRO E 252 -29.19 -50.56 30.43
C PRO E 252 -29.37 -49.65 31.63
N PHE E 253 -29.74 -50.25 32.75
CA PHE E 253 -29.95 -49.55 34.00
C PHE E 253 -28.68 -48.78 34.38
N SER E 254 -27.53 -49.41 34.17
CA SER E 254 -26.25 -48.76 34.41
C SER E 254 -26.17 -47.51 33.57
N LYS E 255 -26.53 -47.62 32.29
CA LYS E 255 -26.50 -46.48 31.37
C LYS E 255 -27.40 -45.35 31.90
N ILE E 256 -28.55 -45.74 32.45
CA ILE E 256 -29.47 -44.78 33.02
C ILE E 256 -28.78 -43.99 34.12
N VAL E 257 -28.26 -44.70 35.11
CA VAL E 257 -27.62 -44.01 36.21
C VAL E 257 -26.48 -43.16 35.68
N GLU E 258 -25.60 -43.77 34.89
CA GLU E 258 -24.47 -43.06 34.30
C GLU E 258 -24.90 -41.75 33.66
N THR E 259 -26.00 -41.77 32.93
CA THR E 259 -26.49 -40.56 32.29
C THR E 259 -27.01 -39.56 33.30
N VAL E 260 -27.70 -40.03 34.31
CA VAL E 260 -28.15 -39.15 35.37
C VAL E 260 -26.96 -38.40 35.96
N ALA E 261 -25.98 -39.19 36.37
CA ALA E 261 -24.77 -38.66 36.94
C ALA E 261 -24.04 -37.75 35.98
N GLN E 262 -24.09 -38.05 34.68
CA GLN E 262 -23.46 -37.22 33.68
C GLN E 262 -24.09 -35.83 33.68
N LYS E 263 -25.41 -35.81 33.72
CA LYS E 263 -26.15 -34.57 33.82
C LYS E 263 -25.74 -33.78 35.03
N ILE E 264 -25.64 -34.46 36.17
CA ILE E 264 -25.24 -33.80 37.41
C ILE E 264 -23.84 -33.22 37.27
N CYS E 265 -22.96 -34.07 36.77
CA CYS E 265 -21.56 -33.75 36.53
C CYS E 265 -21.40 -32.45 35.75
N GLU E 266 -21.99 -32.39 34.56
CA GLU E 266 -21.84 -31.26 33.66
C GLU E 266 -22.01 -29.93 34.36
N LYS E 267 -22.99 -29.88 35.26
CA LYS E 267 -23.36 -28.65 35.94
C LYS E 267 -22.36 -28.23 37.02
N LEU E 268 -21.60 -29.17 37.55
CA LEU E 268 -20.63 -28.86 38.60
C LEU E 268 -19.36 -28.23 38.06
N LYS E 269 -19.01 -27.05 38.58
CA LYS E 269 -17.77 -26.38 38.19
C LYS E 269 -16.56 -27.23 38.56
N GLU E 270 -16.69 -27.88 39.72
CA GLU E 270 -15.60 -28.61 40.36
C GLU E 270 -15.35 -29.97 39.69
N SER E 271 -16.32 -30.42 38.89
CA SER E 271 -16.22 -31.69 38.19
C SER E 271 -15.26 -31.63 37.03
N GLY E 272 -14.38 -32.61 36.99
CA GLY E 272 -13.42 -32.75 35.90
C GLY E 272 -13.77 -33.82 34.91
N LEU E 273 -14.90 -34.49 35.10
CA LEU E 273 -15.19 -35.72 34.35
C LEU E 273 -15.86 -35.55 32.99
N PRO E 274 -17.05 -34.95 32.95
CA PRO E 274 -17.77 -34.91 31.68
C PRO E 274 -17.20 -33.85 30.73
N VAL E 275 -16.02 -33.36 31.08
CA VAL E 275 -15.38 -32.24 30.41
C VAL E 275 -13.91 -32.55 30.45
N GLY E 276 -13.29 -32.62 29.29
CA GLY E 276 -11.93 -33.10 29.25
C GLY E 276 -11.12 -32.50 28.13
N GLY E 277 -9.82 -32.71 28.23
CA GLY E 277 -8.89 -32.29 27.20
C GLY E 277 -8.53 -30.83 27.39
N ASN E 278 -8.80 -30.04 26.36
CA ASN E 278 -8.43 -28.63 26.36
C ASN E 278 -9.30 -27.79 27.31
N GLU E 279 -10.45 -28.34 27.66
CA GLU E 279 -11.43 -27.66 28.49
C GLU E 279 -11.00 -27.71 29.94
N LYS E 280 -10.73 -28.91 30.39
CA LYS E 280 -10.22 -29.19 31.72
C LYS E 280 -9.18 -28.16 32.13
N LYS E 281 -8.22 -27.92 31.23
CA LYS E 281 -7.12 -26.97 31.42
C LYS E 281 -7.58 -25.63 31.96
N ALA E 282 -8.49 -24.99 31.24
CA ALA E 282 -8.95 -23.66 31.62
C ALA E 282 -9.91 -23.70 32.82
N LYS E 283 -10.63 -24.81 33.01
CA LYS E 283 -11.43 -25.01 34.24
C LYS E 283 -10.56 -24.72 35.46
N LEU E 284 -9.37 -25.29 35.39
CA LEU E 284 -8.36 -25.06 36.40
C LEU E 284 -7.91 -23.60 36.44
N LYS E 285 -7.49 -23.02 35.32
CA LYS E 285 -7.00 -21.63 35.33
C LYS E 285 -8.00 -20.67 35.95
N THR E 286 -9.26 -20.84 35.57
CA THR E 286 -10.38 -20.07 36.11
C THR E 286 -10.46 -20.21 37.63
N THR E 287 -10.61 -21.44 38.12
CA THR E 287 -10.75 -21.65 39.56
C THR E 287 -9.50 -21.23 40.34
N VAL E 288 -8.33 -21.29 39.71
CA VAL E 288 -7.08 -20.83 40.30
C VAL E 288 -7.17 -19.34 40.61
N THR E 289 -7.35 -18.53 39.56
CA THR E 289 -7.39 -17.07 39.70
C THR E 289 -8.56 -16.63 40.58
N SER E 290 -9.62 -17.43 40.57
CA SER E 290 -10.77 -17.23 41.46
C SER E 290 -10.33 -17.30 42.92
N LEU E 291 -9.63 -18.37 43.27
CA LEU E 291 -9.17 -18.55 44.62
C LEU E 291 -8.15 -17.50 45.00
N ASN E 292 -7.16 -17.28 44.15
CA ASN E 292 -6.15 -16.26 44.40
C ASN E 292 -6.77 -14.88 44.69
N ALA E 293 -7.88 -14.56 44.01
CA ALA E 293 -8.61 -13.31 44.28
C ALA E 293 -9.34 -13.43 45.60
N ARG E 294 -9.93 -14.60 45.85
CA ARG E 294 -10.73 -14.86 47.04
C ARG E 294 -10.00 -14.57 48.35
N MET E 295 -8.68 -14.65 48.29
CA MET E 295 -7.82 -14.64 49.48
C MET E 295 -7.93 -13.37 50.32
N ASN E 296 -7.71 -13.53 51.62
CA ASN E 296 -7.50 -12.42 52.55
C ASN E 296 -6.03 -12.23 52.82
N SER E 297 -5.68 -11.06 53.35
CA SER E 297 -4.29 -10.74 53.65
C SER E 297 -3.72 -11.70 54.70
N ASP E 298 -4.57 -12.10 55.64
CA ASP E 298 -4.17 -13.04 56.69
C ASP E 298 -4.08 -14.45 56.16
N GLN E 299 -5.06 -14.81 55.33
CA GLN E 299 -5.21 -16.19 54.86
C GLN E 299 -4.06 -16.69 53.98
N PHE E 300 -3.75 -17.98 54.12
CA PHE E 300 -2.63 -18.60 53.42
C PHE E 300 -3.16 -19.78 52.63
N ALA E 301 -2.84 -19.81 51.34
CA ALA E 301 -3.27 -20.91 50.46
C ALA E 301 -2.17 -21.94 50.23
N VAL E 302 -2.56 -23.20 50.05
CA VAL E 302 -1.60 -24.25 49.72
C VAL E 302 -2.34 -25.37 49.02
N ASN E 303 -1.64 -26.02 48.09
CA ASN E 303 -2.26 -27.04 47.28
C ASN E 303 -1.75 -28.44 47.58
N ILE E 304 -2.56 -29.43 47.20
CA ILE E 304 -2.12 -30.82 47.19
C ILE E 304 -2.62 -31.52 45.94
N THR E 305 -1.73 -32.27 45.31
CA THR E 305 -2.07 -33.24 44.30
C THR E 305 -2.54 -34.48 45.01
N GLY E 306 -3.80 -34.86 44.79
CA GLY E 306 -4.35 -36.07 45.40
C GLY E 306 -4.61 -37.18 44.41
N ASP E 307 -4.06 -38.37 44.69
CA ASP E 307 -4.39 -39.60 43.96
C ASP E 307 -5.03 -40.58 44.96
N ASN E 308 -5.99 -41.38 44.50
CA ASN E 308 -6.67 -42.34 45.35
C ASN E 308 -6.34 -43.74 44.91
N SER E 309 -6.17 -44.61 45.89
CA SER E 309 -5.93 -46.01 45.62
C SER E 309 -7.14 -46.82 46.07
N LYS E 310 -7.42 -47.86 45.28
CA LYS E 310 -8.53 -48.79 45.49
C LYS E 310 -9.86 -48.03 45.56
N TRP E 311 -9.97 -47.02 44.72
CA TRP E 311 -11.14 -46.13 44.61
C TRP E 311 -12.46 -46.88 44.43
N ASN E 312 -12.44 -47.90 43.58
CA ASN E 312 -13.64 -48.68 43.26
C ASN E 312 -14.00 -49.71 44.34
N GLU E 313 -12.99 -50.40 44.86
CA GLU E 313 -13.17 -51.38 45.94
C GLU E 313 -13.81 -50.80 47.20
N CYS E 314 -13.54 -49.52 47.44
CA CYS E 314 -14.06 -48.82 48.59
C CYS E 314 -15.53 -48.46 48.44
N GLN E 315 -15.87 -47.88 47.28
CA GLN E 315 -17.26 -47.47 47.01
C GLN E 315 -18.21 -48.67 47.01
N GLN E 316 -19.46 -48.41 47.37
CA GLN E 316 -20.44 -49.48 47.49
C GLN E 316 -21.80 -49.15 46.89
N PRO E 317 -22.34 -50.03 46.04
CA PRO E 317 -23.63 -49.88 45.36
C PRO E 317 -24.79 -49.78 46.32
N GLU E 318 -24.60 -50.33 47.51
CA GLU E 318 -25.56 -50.15 48.57
C GLU E 318 -25.75 -48.65 48.81
N ALA E 319 -24.64 -47.93 48.96
CA ALA E 319 -24.72 -46.49 49.22
C ALA E 319 -25.31 -45.75 48.04
N TYR E 320 -24.93 -46.15 46.84
CA TYR E 320 -25.46 -45.54 45.61
C TYR E 320 -26.96 -45.71 45.50
N LEU E 321 -27.46 -46.87 45.93
CA LEU E 321 -28.89 -47.09 45.96
C LEU E 321 -29.63 -46.04 46.81
N ALA E 322 -29.09 -45.78 47.98
CA ALA E 322 -29.66 -44.79 48.88
C ALA E 322 -29.58 -43.38 48.29
N LEU E 323 -28.42 -43.03 47.76
CA LEU E 323 -28.21 -41.70 47.15
C LEU E 323 -29.15 -41.46 45.95
N LEU E 324 -29.28 -42.48 45.12
CA LEU E 324 -30.21 -42.47 44.00
C LEU E 324 -31.66 -42.32 44.44
N ALA E 325 -32.01 -42.98 45.53
CA ALA E 325 -33.32 -42.77 46.11
C ALA E 325 -33.49 -41.30 46.57
N TYR E 326 -32.44 -40.68 47.12
CA TYR E 326 -32.50 -39.26 47.55
C TYR E 326 -32.67 -38.31 46.39
N ILE E 327 -31.97 -38.58 45.30
CA ILE E 327 -32.08 -37.74 44.11
C ILE E 327 -33.47 -37.87 43.47
N THR E 328 -33.94 -39.09 43.33
CA THR E 328 -35.23 -39.33 42.69
C THR E 328 -36.43 -39.10 43.62
N LYS E 329 -36.17 -38.49 44.79
CA LYS E 329 -37.21 -38.27 45.81
C LYS E 329 -38.43 -37.53 45.27
N ASP E 330 -38.19 -36.54 44.43
CA ASP E 330 -39.26 -35.69 43.96
C ASP E 330 -39.57 -35.94 42.50
N SER E 331 -38.59 -36.42 41.73
CA SER E 331 -38.67 -36.39 40.27
C SER E 331 -39.88 -37.09 39.70
N SER E 332 -39.97 -38.39 39.93
CA SER E 332 -41.12 -39.15 39.47
C SER E 332 -41.08 -40.51 40.10
N ASP E 333 -42.26 -41.10 40.33
CA ASP E 333 -42.35 -42.42 40.91
C ASP E 333 -42.34 -43.46 39.80
N LEU E 334 -42.16 -42.98 38.58
CA LEU E 334 -42.21 -43.81 37.40
C LEU E 334 -40.82 -44.08 36.89
N MET E 335 -39.91 -43.20 37.28
CA MET E 335 -38.52 -43.34 36.92
C MET E 335 -37.65 -43.59 38.16
N LYS E 336 -38.16 -43.20 39.33
CA LYS E 336 -37.52 -43.53 40.58
C LYS E 336 -37.26 -45.03 40.66
N ASP E 337 -38.32 -45.82 40.48
CA ASP E 337 -38.21 -47.28 40.45
C ASP E 337 -37.27 -47.80 39.36
N LEU E 338 -37.07 -47.00 38.31
CA LEU E 338 -36.12 -47.33 37.24
C LEU E 338 -34.69 -46.90 37.55
N CYS E 339 -34.55 -46.06 38.57
CA CYS E 339 -33.21 -45.69 39.06
C CYS E 339 -32.68 -46.68 40.10
N SER E 340 -33.54 -47.08 41.03
CA SER E 340 -33.17 -47.99 42.11
C SER E 340 -32.76 -49.37 41.60
N VAL E 341 -33.23 -49.74 40.43
CA VAL E 341 -32.91 -51.07 39.85
C VAL E 341 -31.43 -51.29 39.55
N ALA E 342 -30.79 -50.29 38.98
CA ALA E 342 -29.38 -50.41 38.61
C ALA E 342 -28.47 -50.84 39.76
N PRO E 343 -28.56 -50.20 40.95
CA PRO E 343 -27.71 -50.61 42.07
C PRO E 343 -27.93 -52.02 42.60
N VAL E 344 -29.18 -52.46 42.72
CA VAL E 344 -29.45 -53.73 43.40
C VAL E 344 -28.83 -54.94 42.67
N LEU E 345 -28.61 -54.80 41.38
CA LEU E 345 -27.93 -55.83 40.59
C LEU E 345 -26.44 -55.90 40.90
N PHE E 346 -25.93 -54.81 41.51
CA PHE E 346 -24.55 -54.73 41.99
C PHE E 346 -24.47 -54.95 43.50
N CYS E 347 -25.56 -54.72 44.22
CA CYS E 347 -25.65 -55.14 45.62
C CYS E 347 -25.75 -56.65 45.70
N ASN E 348 -26.27 -57.27 44.64
CA ASN E 348 -26.27 -58.72 44.51
C ASN E 348 -25.57 -59.14 43.23
N LYS E 349 -24.25 -58.95 43.19
CA LYS E 349 -23.47 -59.28 41.98
C LYS E 349 -22.53 -60.46 42.13
N PHE E 350 -22.44 -61.20 41.03
CA PHE E 350 -21.60 -62.39 40.94
C PHE E 350 -20.39 -62.12 40.04
N VAL E 351 -19.21 -62.55 40.50
CA VAL E 351 -17.92 -62.30 39.86
C VAL E 351 -17.24 -63.56 39.36
N LYS E 352 -16.97 -63.64 38.06
CA LYS E 352 -16.35 -64.82 37.50
C LYS E 352 -14.87 -64.86 37.92
N LEU E 353 -14.39 -66.06 38.24
CA LEU E 353 -13.08 -66.25 38.89
C LEU E 353 -11.89 -66.27 37.96
N GLY E 354 -12.01 -66.96 36.83
CA GLY E 354 -10.96 -66.90 35.84
C GLY E 354 -10.45 -68.20 35.28
N GLN E 355 -9.23 -68.14 34.75
CA GLN E 355 -8.65 -69.26 33.99
C GLN E 355 -8.40 -70.45 34.89
N GLY E 356 -7.84 -70.20 36.07
CA GLY E 356 -7.58 -71.26 37.05
C GLY E 356 -6.13 -71.49 37.44
N ILE E 357 -5.87 -72.62 38.09
CA ILE E 357 -4.52 -72.98 38.58
C ILE E 357 -4.03 -74.23 37.86
N ARG E 358 -2.71 -74.36 37.78
CA ARG E 358 -2.11 -75.54 37.18
C ARG E 358 -1.28 -76.33 38.21
N LEU E 359 -1.13 -77.62 37.93
CA LEU E 359 -0.35 -78.51 38.75
C LEU E 359 0.84 -79.00 37.98
N SER E 360 1.98 -79.08 38.65
CA SER E 360 3.18 -79.56 38.03
C SER E 360 3.96 -80.42 39.01
N ASN E 361 4.66 -81.40 38.46
CA ASN E 361 5.65 -82.19 39.20
C ASN E 361 7.04 -81.63 39.02
N LYS E 362 7.99 -81.99 39.88
CA LYS E 362 9.36 -81.50 39.68
C LYS E 362 9.98 -82.31 38.54
N ARG E 363 9.21 -82.48 37.49
CA ARG E 363 9.64 -83.21 36.30
C ARG E 363 9.55 -82.37 35.04
N LYS E 364 8.80 -81.27 35.09
CA LYS E 364 8.56 -80.45 33.90
C LYS E 364 7.99 -81.30 32.76
N THR E 365 7.28 -82.36 33.13
CA THR E 365 6.81 -83.34 32.17
C THR E 365 5.29 -83.28 32.09
N LYS E 366 4.66 -83.31 33.24
CA LYS E 366 3.23 -83.44 33.32
C LYS E 366 2.66 -82.16 33.93
N GLU E 367 1.52 -81.72 33.39
CA GLU E 367 0.80 -80.57 33.93
C GLU E 367 -0.71 -80.79 34.01
N VAL E 368 -1.32 -80.41 35.12
CA VAL E 368 -2.75 -80.62 35.28
C VAL E 368 -3.46 -79.29 35.40
N ILE E 369 -4.32 -79.04 34.42
CA ILE E 369 -5.16 -77.86 34.35
C ILE E 369 -6.40 -77.99 35.24
N ILE E 370 -6.73 -76.94 35.98
CA ILE E 370 -7.93 -76.98 36.79
C ILE E 370 -8.87 -75.83 36.46
N LYS E 371 -10.16 -76.14 36.35
CA LYS E 371 -11.17 -75.10 36.22
C LYS E 371 -11.31 -74.32 37.53
N ALA E 372 -11.98 -73.17 37.45
CA ALA E 372 -12.35 -72.41 38.62
C ALA E 372 -13.32 -73.19 39.48
N GLU E 373 -14.13 -74.03 38.84
CA GLU E 373 -15.16 -74.80 39.54
C GLU E 373 -14.54 -75.78 40.52
N LYS E 374 -13.48 -76.43 40.08
CA LYS E 374 -12.93 -77.57 40.80
C LYS E 374 -11.80 -77.19 41.78
N MET E 375 -11.71 -75.91 42.12
CA MET E 375 -10.72 -75.45 43.11
C MET E 375 -10.96 -76.13 44.48
N GLY E 376 -12.21 -76.11 44.92
CA GLY E 376 -12.59 -76.74 46.18
C GLY E 376 -12.29 -78.24 46.26
N LYS E 377 -12.12 -78.89 45.11
CA LYS E 377 -11.66 -80.28 45.07
C LYS E 377 -10.24 -80.41 45.62
N TYR E 378 -9.33 -79.55 45.18
CA TYR E 378 -7.91 -79.75 45.47
C TYR E 378 -7.47 -79.28 46.85
N LYS E 379 -8.22 -78.32 47.40
CA LYS E 379 -8.11 -77.95 48.80
C LYS E 379 -6.67 -77.66 49.22
N ASN E 380 -6.11 -78.55 50.05
CA ASN E 380 -4.81 -78.35 50.66
C ASN E 380 -3.67 -78.56 49.67
N LEU E 381 -3.97 -79.03 48.47
CA LEU E 381 -2.93 -79.32 47.48
C LEU E 381 -2.14 -78.07 47.00
N MET E 382 -2.81 -76.93 47.00
CA MET E 382 -2.15 -75.67 46.62
C MET E 382 -1.16 -75.19 47.67
N ARG E 383 -0.31 -74.26 47.28
CA ARG E 383 0.60 -73.61 48.21
C ARG E 383 -0.17 -72.87 49.31
N GLU E 384 0.49 -72.60 50.44
CA GLU E 384 -0.18 -72.02 51.62
C GLU E 384 -0.79 -70.64 51.43
N GLU E 385 -0.15 -69.81 50.60
CA GLU E 385 -0.67 -68.48 50.29
C GLU E 385 -2.06 -68.59 49.67
N TYR E 386 -2.13 -69.38 48.59
CA TYR E 386 -3.38 -69.71 47.90
C TYR E 386 -4.45 -70.18 48.87
N LYS E 387 -4.08 -71.12 49.75
CA LYS E 387 -5.00 -71.66 50.73
C LYS E 387 -5.53 -70.56 51.64
N ASN E 388 -4.63 -69.75 52.19
CA ASN E 388 -5.01 -68.67 53.10
C ASN E 388 -5.99 -67.64 52.48
N LEU E 389 -5.77 -67.29 51.22
CA LEU E 389 -6.72 -66.42 50.49
C LEU E 389 -8.03 -67.12 50.18
N PHE E 390 -7.95 -68.41 49.86
CA PHE E 390 -9.10 -69.20 49.40
C PHE E 390 -10.12 -69.58 50.47
N GLU E 391 -9.66 -70.01 51.63
CA GLU E 391 -10.57 -70.53 52.66
C GLU E 391 -11.71 -69.60 53.10
N PRO E 392 -11.43 -68.30 53.37
CA PRO E 392 -12.56 -67.45 53.79
C PRO E 392 -13.62 -67.24 52.72
N LEU E 393 -13.20 -67.28 51.46
CA LEU E 393 -14.06 -67.02 50.30
C LEU E 393 -14.98 -68.18 49.94
N GLU E 394 -14.71 -69.34 50.52
CA GLU E 394 -15.56 -70.51 50.34
C GLU E 394 -16.97 -70.24 50.84
N LYS E 395 -17.10 -69.33 51.81
CA LYS E 395 -18.42 -68.89 52.30
C LYS E 395 -19.27 -68.36 51.16
N TYR E 396 -18.71 -67.40 50.44
CA TYR E 396 -19.42 -66.68 49.39
C TYR E 396 -19.31 -67.34 48.03
N ILE E 397 -18.59 -68.45 47.97
CA ILE E 397 -18.34 -69.12 46.71
C ILE E 397 -19.58 -69.79 46.14
N GLN E 398 -19.55 -70.01 44.83
CA GLN E 398 -20.54 -70.79 44.13
C GLN E 398 -19.76 -71.62 43.12
N LYS E 399 -20.49 -72.42 42.34
CA LYS E 399 -19.95 -73.43 41.44
C LYS E 399 -18.88 -72.90 40.49
N ASP E 400 -19.09 -71.72 39.93
CA ASP E 400 -18.15 -71.14 38.97
C ASP E 400 -17.75 -69.70 39.34
N VAL E 401 -18.40 -69.17 40.36
CA VAL E 401 -18.45 -67.74 40.56
C VAL E 401 -18.43 -67.42 42.06
N CYS E 402 -17.91 -66.23 42.40
CA CYS E 402 -17.92 -65.71 43.78
C CYS E 402 -18.97 -64.59 43.91
N PHE E 403 -19.61 -64.50 45.06
CA PHE E 403 -20.67 -63.52 45.29
C PHE E 403 -20.16 -62.40 46.17
N LEU E 404 -20.28 -61.15 45.74
CA LEU E 404 -19.92 -60.06 46.64
C LEU E 404 -20.80 -58.81 46.50
N PRO E 405 -21.35 -58.34 47.62
CA PRO E 405 -22.22 -57.17 47.63
C PRO E 405 -21.46 -55.87 47.54
N GLY E 406 -20.70 -55.57 48.58
CA GLY E 406 -20.18 -54.23 48.81
C GLY E 406 -19.22 -53.59 47.84
N GLY E 407 -18.32 -54.37 47.26
CA GLY E 407 -17.33 -53.82 46.35
C GLY E 407 -17.98 -53.26 45.09
N MET E 408 -17.51 -52.11 44.62
CA MET E 408 -17.94 -51.58 43.33
C MET E 408 -16.95 -52.03 42.27
N LEU E 409 -17.45 -52.55 41.16
CA LEU E 409 -16.60 -52.94 40.05
C LEU E 409 -16.14 -51.69 39.34
N MET E 410 -14.90 -51.71 38.89
CA MET E 410 -14.29 -50.52 38.30
C MET E 410 -14.80 -50.17 36.90
N GLY E 411 -14.92 -48.86 36.66
CA GLY E 411 -15.21 -48.32 35.35
C GLY E 411 -16.66 -48.13 35.01
N MET E 412 -17.55 -48.81 35.72
CA MET E 412 -18.96 -48.74 35.39
C MET E 412 -19.61 -47.40 35.75
N PHE E 413 -19.33 -46.86 36.93
CA PHE E 413 -20.02 -45.65 37.41
C PHE E 413 -19.03 -44.53 37.61
N ASN E 414 -18.19 -44.28 36.62
CA ASN E 414 -17.19 -43.23 36.77
C ASN E 414 -17.88 -41.93 37.04
N MET E 415 -18.98 -41.72 36.35
CA MET E 415 -19.74 -40.51 36.50
C MET E 415 -20.20 -40.36 37.93
N LEU E 416 -20.98 -41.32 38.38
CA LEU E 416 -21.58 -41.23 39.70
C LEU E 416 -20.52 -41.12 40.76
N SER E 417 -19.41 -41.82 40.55
CA SER E 417 -18.28 -41.77 41.43
C SER E 417 -17.86 -40.33 41.59
N THR E 418 -17.55 -39.69 40.46
CA THR E 418 -17.08 -38.32 40.45
C THR E 418 -18.10 -37.39 41.11
N VAL E 419 -19.36 -37.70 40.92
CA VAL E 419 -20.43 -36.98 41.60
C VAL E 419 -20.19 -36.98 43.08
N LEU E 420 -19.94 -38.15 43.61
CA LEU E 420 -19.68 -38.30 45.02
C LEU E 420 -18.49 -37.45 45.43
N GLY E 421 -17.42 -37.51 44.66
CA GLY E 421 -16.23 -36.73 44.95
C GLY E 421 -16.48 -35.24 45.04
N VAL E 422 -17.15 -34.71 44.03
CA VAL E 422 -17.49 -33.29 44.02
C VAL E 422 -18.33 -32.98 45.24
N SER E 423 -19.21 -33.91 45.59
CA SER E 423 -20.04 -33.75 46.78
C SER E 423 -19.16 -33.50 47.99
N THR E 424 -18.02 -34.18 48.06
CA THR E 424 -17.07 -33.95 49.16
C THR E 424 -16.47 -32.56 49.09
N LEU E 425 -16.02 -32.17 47.90
CA LEU E 425 -15.35 -30.89 47.75
C LEU E 425 -16.33 -29.73 47.72
N CYS E 426 -17.62 -30.05 47.67
CA CYS E 426 -18.65 -29.07 47.35
C CYS E 426 -18.65 -27.83 48.23
N TYR E 427 -18.35 -28.00 49.50
CA TYR E 427 -18.36 -26.89 50.47
C TYR E 427 -16.94 -26.56 50.94
N GLU E 431 -19.09 -25.38 55.89
CA GLU E 431 -18.97 -26.42 56.92
C GLU E 431 -18.88 -25.80 58.32
N LEU E 432 -18.04 -26.32 59.20
CA LEU E 432 -17.84 -25.78 60.53
C LEU E 432 -17.13 -24.43 60.43
N LYS E 433 -17.66 -23.44 61.13
CA LYS E 433 -17.12 -22.08 61.07
C LYS E 433 -15.83 -21.97 61.84
N ALA E 434 -14.73 -21.88 61.12
CA ALA E 434 -13.44 -21.75 61.76
C ALA E 434 -12.66 -20.70 61.04
N LYS E 435 -11.66 -20.16 61.71
CA LYS E 435 -10.73 -19.25 61.05
C LYS E 435 -9.97 -20.02 59.97
N GLY E 436 -9.89 -19.43 58.78
CA GLY E 436 -9.23 -20.06 57.64
C GLY E 436 -9.72 -21.48 57.41
N CYS E 437 -11.02 -21.62 57.27
CA CYS E 437 -11.64 -22.90 56.97
C CYS E 437 -12.02 -22.93 55.48
N PHE E 438 -11.07 -23.24 54.61
CA PHE E 438 -11.35 -23.27 53.16
C PHE E 438 -10.73 -24.47 52.48
N TRP E 439 -11.55 -25.19 51.72
CA TRP E 439 -11.02 -26.16 50.76
C TRP E 439 -11.95 -26.31 49.57
N THR E 440 -11.32 -26.45 48.40
CA THR E 440 -12.03 -26.77 47.17
C THR E 440 -11.03 -27.16 46.08
N GLY E 441 -11.56 -27.70 44.99
CA GLY E 441 -10.72 -28.10 43.85
C GLY E 441 -11.44 -28.97 42.83
N LEU E 442 -10.66 -29.72 42.06
CA LEU E 442 -11.19 -30.53 40.95
C LEU E 442 -11.17 -32.00 41.27
N GLN E 443 -11.99 -32.77 40.57
CA GLN E 443 -11.98 -34.22 40.76
C GLN E 443 -12.53 -34.99 39.59
N SER E 444 -11.73 -35.91 39.06
CA SER E 444 -12.16 -36.80 38.00
C SER E 444 -12.01 -38.22 38.51
N SER E 445 -13.14 -38.88 38.73
CA SER E 445 -13.15 -40.24 39.25
C SER E 445 -12.29 -40.33 40.52
N ASP E 446 -11.27 -41.19 40.51
CA ASP E 446 -10.35 -41.34 41.62
C ASP E 446 -9.52 -40.08 41.89
N ASP E 447 -8.97 -39.50 40.82
CA ASP E 447 -8.01 -38.41 40.95
C ASP E 447 -8.66 -37.15 41.48
N PHE E 448 -8.01 -36.45 42.42
CA PHE E 448 -8.52 -35.16 42.87
C PHE E 448 -7.45 -34.17 43.27
N VAL E 449 -7.70 -32.92 42.86
CA VAL E 449 -6.88 -31.77 43.21
C VAL E 449 -7.52 -30.96 44.33
N LEU E 450 -6.78 -30.75 45.41
CA LEU E 450 -7.33 -30.06 46.56
C LEU E 450 -6.53 -28.84 46.95
N PHE E 451 -7.19 -27.69 46.90
CA PHE E 451 -6.64 -26.42 47.34
C PHE E 451 -7.18 -26.14 48.73
N ALA E 452 -6.29 -25.88 49.67
CA ALA E 452 -6.68 -25.58 51.04
C ALA E 452 -6.17 -24.21 51.46
N VAL E 453 -7.03 -23.46 52.15
CA VAL E 453 -6.66 -22.15 52.71
C VAL E 453 -7.00 -22.07 54.19
N ALA E 454 -6.04 -21.55 54.96
CA ALA E 454 -6.17 -21.35 56.41
C ALA E 454 -5.32 -20.17 56.88
N SER E 455 -5.78 -19.50 57.93
CA SER E 455 -5.15 -18.26 58.42
C SER E 455 -3.67 -18.41 58.68
N ASN E 456 -3.31 -19.46 59.41
CA ASN E 456 -1.91 -19.69 59.77
C ASN E 456 -1.44 -21.08 59.43
N TRP E 457 -0.13 -21.19 59.21
CA TRP E 457 0.49 -22.38 58.67
C TRP E 457 0.15 -23.65 59.45
N SER E 458 0.03 -23.53 60.76
CA SER E 458 -0.32 -24.65 61.62
C SER E 458 -1.75 -25.13 61.37
N ASN E 459 -2.68 -24.19 61.20
CA ASN E 459 -4.09 -24.53 60.96
C ASN E 459 -4.34 -25.30 59.68
N ILE E 460 -3.50 -25.06 58.68
CA ILE E 460 -3.62 -25.71 57.37
C ILE E 460 -3.58 -27.22 57.56
N HIS E 461 -2.67 -27.68 58.43
CA HIS E 461 -2.58 -29.09 58.76
C HIS E 461 -3.97 -29.58 59.15
N TRP E 462 -4.56 -28.92 60.15
CA TRP E 462 -5.86 -29.32 60.70
C TRP E 462 -6.99 -29.30 59.68
N THR E 463 -6.98 -28.28 58.82
CA THR E 463 -8.02 -28.15 57.80
C THR E 463 -7.93 -29.29 56.77
N ILE E 464 -6.72 -29.56 56.30
CA ILE E 464 -6.49 -30.66 55.36
C ILE E 464 -6.97 -31.94 56.02
N ARG E 465 -6.52 -32.12 57.26
CA ARG E 465 -6.87 -33.29 58.10
C ARG E 465 -8.37 -33.55 58.14
N ARG E 466 -9.12 -32.49 58.39
CA ARG E 466 -10.56 -32.56 58.40
C ARG E 466 -11.12 -32.98 57.06
N PHE E 467 -10.50 -32.52 55.97
CA PHE E 467 -10.96 -32.91 54.66
C PHE E 467 -10.82 -34.42 54.46
N ASN E 468 -9.62 -34.97 54.72
CA ASN E 468 -9.42 -36.41 54.54
C ASN E 468 -10.27 -37.20 55.49
N ALA E 469 -10.54 -36.61 56.64
CA ALA E 469 -11.50 -37.18 57.55
C ALA E 469 -12.84 -37.35 56.81
N VAL E 470 -13.37 -36.27 56.25
CA VAL E 470 -14.70 -36.33 55.64
C VAL E 470 -14.73 -37.19 54.38
N CYS E 471 -13.59 -37.28 53.69
CA CYS E 471 -13.52 -38.13 52.51
C CYS E 471 -13.59 -39.60 52.94
N LYS E 472 -12.67 -39.97 53.83
CA LYS E 472 -12.62 -41.34 54.37
C LYS E 472 -13.88 -41.67 55.16
N LEU E 473 -14.67 -40.65 55.45
CA LEU E 473 -15.95 -40.86 56.12
C LEU E 473 -16.94 -41.61 55.22
N ILE E 474 -16.85 -41.38 53.92
CA ILE E 474 -17.76 -42.04 52.96
C ILE E 474 -17.05 -42.96 51.96
N GLY E 475 -15.80 -43.31 52.23
CA GLY E 475 -15.11 -44.28 51.42
C GLY E 475 -14.15 -43.73 50.41
N ILE E 476 -14.00 -42.41 50.36
CA ILE E 476 -12.94 -41.86 49.54
C ILE E 476 -11.61 -41.95 50.31
N ASN E 477 -10.64 -42.67 49.75
CA ASN E 477 -9.36 -42.92 50.43
C ASN E 477 -8.17 -42.36 49.72
N MET E 478 -7.70 -41.22 50.20
CA MET E 478 -6.55 -40.59 49.62
C MET E 478 -5.38 -41.52 49.79
N SER E 479 -4.54 -41.62 48.76
CA SER E 479 -3.37 -42.48 48.81
C SER E 479 -2.24 -41.79 49.57
N LEU E 480 -2.02 -42.25 50.79
CA LEU E 480 -1.06 -41.66 51.72
C LEU E 480 0.34 -41.70 51.20
N GLU E 481 0.61 -42.67 50.35
CA GLU E 481 1.90 -42.85 49.74
C GLU E 481 2.04 -41.95 48.49
N LYS E 482 1.05 -42.05 47.59
CA LYS E 482 1.14 -41.43 46.25
C LYS E 482 0.89 -39.90 46.23
N SER E 483 0.03 -39.41 47.13
CA SER E 483 -0.33 -37.99 47.14
C SER E 483 0.77 -37.12 47.70
N TYR E 484 0.72 -35.82 47.39
CA TYR E 484 1.72 -34.85 47.87
C TYR E 484 1.25 -33.43 47.74
N GLY E 485 1.91 -32.50 48.42
CA GLY E 485 1.50 -31.09 48.37
C GLY E 485 2.57 -30.04 48.63
N SER E 486 2.26 -28.80 48.24
CA SER E 486 3.22 -27.71 48.35
C SER E 486 2.56 -26.32 48.29
N LEU E 487 3.38 -25.33 47.99
CA LEU E 487 2.86 -23.99 47.78
C LEU E 487 1.97 -24.18 46.55
N PRO E 488 1.11 -23.23 46.27
CA PRO E 488 0.15 -23.40 45.16
C PRO E 488 0.72 -23.64 43.77
N GLU E 489 1.92 -23.14 43.49
CA GLU E 489 2.48 -23.25 42.14
C GLU E 489 2.68 -24.66 41.55
N LEU E 490 3.12 -25.63 42.34
CA LEU E 490 3.34 -26.99 41.80
C LEU E 490 2.22 -27.96 42.10
N PHE E 491 1.71 -28.60 41.06
CA PHE E 491 0.74 -29.68 41.23
C PHE E 491 0.46 -30.42 39.89
N GLU E 492 0.07 -31.70 39.98
CA GLU E 492 -0.21 -32.58 38.81
C GLU E 492 -1.66 -33.09 38.77
N PHE E 493 -2.24 -33.14 37.57
CA PHE E 493 -3.57 -33.72 37.36
C PHE E 493 -3.71 -34.51 36.06
N THR E 494 -3.82 -35.83 36.17
CA THR E 494 -3.99 -36.72 35.02
C THR E 494 -2.93 -36.51 33.93
N SER E 495 -1.67 -36.52 34.36
CA SER E 495 -0.49 -36.28 33.48
C SER E 495 -0.36 -34.82 33.05
N MET E 496 -1.06 -33.92 33.75
CA MET E 496 -1.01 -32.49 33.45
C MET E 496 -0.42 -31.70 34.61
N PHE E 497 0.85 -31.34 34.50
CA PHE E 497 1.61 -30.68 35.55
C PHE E 497 1.57 -29.17 35.41
N PHE E 498 1.54 -28.45 36.52
CA PHE E 498 1.34 -26.99 36.50
C PHE E 498 2.47 -26.16 37.08
N ASP E 499 2.41 -24.88 36.78
CA ASP E 499 3.35 -23.89 37.25
C ASP E 499 2.72 -22.52 36.93
N GLY E 500 3.56 -21.53 36.64
CA GLY E 500 3.11 -20.37 35.89
C GLY E 500 2.71 -20.82 34.50
N GLU E 501 3.56 -21.70 33.92
CA GLU E 501 3.34 -22.34 32.61
C GLU E 501 2.29 -23.45 32.70
N PHE E 502 1.96 -24.04 31.56
CA PHE E 502 0.84 -24.97 31.49
C PHE E 502 1.12 -26.24 30.70
N VAL E 503 1.85 -27.16 31.35
CA VAL E 503 2.03 -28.55 30.90
C VAL E 503 2.19 -28.77 29.39
N SER E 504 3.38 -28.48 28.89
CA SER E 504 3.70 -28.85 27.50
C SER E 504 4.13 -30.31 27.52
N ASN E 505 3.25 -31.20 27.05
CA ASN E 505 3.61 -32.60 26.89
C ASN E 505 2.81 -33.25 25.75
N LEU E 506 3.53 -34.06 24.96
CA LEU E 506 2.98 -34.77 23.80
C LEU E 506 2.94 -36.27 24.11
N ALA E 507 3.45 -36.63 25.28
CA ALA E 507 3.54 -37.99 25.77
C ALA E 507 2.19 -38.68 25.71
N MET E 508 1.13 -37.91 25.95
CA MET E 508 -0.23 -38.43 25.97
C MET E 508 -0.67 -38.95 24.60
N GLU E 509 -0.36 -38.23 23.52
CA GLU E 509 -0.92 -38.52 22.20
C GLU E 509 0.04 -39.18 21.21
N LEU E 510 0.99 -39.95 21.73
CA LEU E 510 2.06 -40.52 20.91
C LEU E 510 1.66 -41.65 19.92
N PRO E 511 0.93 -42.69 20.37
CA PRO E 511 0.68 -43.78 19.42
C PRO E 511 -0.41 -43.47 18.39
N ALA E 512 -1.22 -42.45 18.68
CA ALA E 512 -2.27 -41.97 17.77
C ALA E 512 -1.69 -41.42 16.45
N PHE E 513 -0.51 -40.79 16.53
CA PHE E 513 0.18 -40.19 15.37
C PHE E 513 0.34 -41.15 14.21
N THR E 514 0.65 -42.40 14.53
CA THR E 514 0.89 -43.42 13.52
C THR E 514 -0.35 -43.74 12.69
N THR E 515 -0.10 -44.30 11.50
CA THR E 515 -1.11 -44.58 10.47
C THR E 515 -2.39 -45.22 11.03
N ALA E 516 -3.53 -44.56 10.83
CA ALA E 516 -4.83 -44.98 11.41
C ALA E 516 -5.30 -46.33 10.86
N GLY E 517 -5.18 -46.49 9.55
CA GLY E 517 -5.31 -47.79 8.91
C GLY E 517 -6.54 -48.08 8.09
N VAL E 518 -7.34 -47.07 7.76
CA VAL E 518 -8.53 -47.33 6.97
C VAL E 518 -8.17 -47.41 5.49
N ASN E 519 -7.63 -46.34 4.93
CA ASN E 519 -7.25 -46.32 3.52
C ASN E 519 -6.24 -45.22 3.34
N GLU E 520 -5.48 -45.28 2.26
CA GLU E 520 -4.33 -44.38 2.06
C GLU E 520 -4.63 -42.89 2.15
N GLY E 521 -5.62 -42.41 1.41
CA GLY E 521 -5.98 -40.98 1.44
C GLY E 521 -6.50 -40.56 2.79
N VAL E 522 -7.37 -41.40 3.34
CA VAL E 522 -7.98 -41.17 4.65
C VAL E 522 -6.93 -41.22 5.77
N ASP E 523 -6.03 -42.20 5.69
CA ASP E 523 -4.92 -42.35 6.65
C ASP E 523 -4.09 -41.09 6.76
N PHE E 524 -3.59 -40.63 5.63
CA PHE E 524 -2.69 -39.50 5.63
C PHE E 524 -3.36 -38.23 6.07
N THR E 525 -4.47 -37.90 5.43
CA THR E 525 -5.18 -36.65 5.73
C THR E 525 -5.60 -36.60 7.19
N ALA E 526 -6.00 -37.76 7.71
CA ALA E 526 -6.33 -37.91 9.15
C ALA E 526 -5.09 -37.65 10.01
N ALA E 527 -3.98 -38.27 9.64
CA ALA E 527 -2.70 -38.09 10.34
C ALA E 527 -2.35 -36.61 10.46
N MET E 528 -2.44 -35.91 9.34
CA MET E 528 -2.18 -34.46 9.27
C MET E 528 -3.02 -33.72 10.28
N SER E 529 -4.34 -33.81 10.12
CA SER E 529 -5.31 -33.09 10.97
C SER E 529 -5.07 -33.42 12.44
N ILE E 530 -4.61 -34.64 12.69
CA ILE E 530 -4.22 -35.05 14.02
C ILE E 530 -3.05 -34.20 14.49
N ILE E 531 -2.02 -34.13 13.68
CA ILE E 531 -0.85 -33.32 13.99
C ILE E 531 -1.26 -31.88 14.29
N LYS E 532 -2.21 -31.39 13.51
CA LYS E 532 -2.80 -30.06 13.75
C LYS E 532 -3.39 -29.96 15.16
N THR E 533 -4.44 -30.74 15.41
CA THR E 533 -5.22 -30.66 16.65
C THR E 533 -4.29 -30.74 17.82
N ASN E 534 -3.34 -31.66 17.73
CA ASN E 534 -2.28 -31.81 18.72
C ASN E 534 -1.45 -30.52 18.88
N MET E 535 -1.15 -29.88 17.76
CA MET E 535 -0.35 -28.65 17.78
C MET E 535 -1.06 -27.51 18.50
N ILE E 536 -2.37 -27.46 18.36
CA ILE E 536 -3.16 -26.43 19.00
C ILE E 536 -3.31 -26.70 20.50
N ASN E 537 -3.87 -27.87 20.82
CA ASN E 537 -4.26 -28.20 22.19
C ASN E 537 -3.05 -28.57 23.06
N ASN E 538 -2.36 -29.66 22.68
CA ASN E 538 -1.17 -30.15 23.39
C ASN E 538 -0.01 -29.19 23.33
N SER E 539 -0.04 -28.30 22.35
CA SER E 539 0.86 -27.16 22.29
C SER E 539 2.28 -27.54 21.89
N LEU E 540 2.42 -28.60 21.11
CA LEU E 540 3.74 -28.94 20.58
C LEU E 540 4.23 -27.88 19.61
N SER E 541 5.54 -27.69 19.60
CA SER E 541 6.17 -26.72 18.71
C SER E 541 6.12 -27.20 17.25
N PRO E 542 6.37 -26.29 16.29
CA PRO E 542 6.18 -26.57 14.87
C PRO E 542 7.19 -27.54 14.28
N SER E 543 8.48 -27.28 14.49
CA SER E 543 9.53 -28.13 13.92
C SER E 543 9.29 -29.58 14.33
N THR E 544 8.82 -29.74 15.56
CA THR E 544 8.32 -31.01 16.04
C THR E 544 7.30 -31.56 15.05
N ALA E 545 6.27 -30.78 14.75
CA ALA E 545 5.17 -31.22 13.89
C ALA E 545 5.59 -31.48 12.46
N LEU E 546 6.65 -30.80 12.03
CA LEU E 546 7.25 -31.02 10.73
C LEU E 546 7.95 -32.38 10.68
N MET E 547 8.69 -32.67 11.75
CA MET E 547 9.29 -33.98 11.91
C MET E 547 8.22 -35.06 12.00
N ALA E 548 7.19 -34.79 12.76
CA ALA E 548 6.02 -35.67 12.89
C ALA E 548 5.40 -36.00 11.54
N LEU E 549 5.27 -34.98 10.69
CA LEU E 549 4.83 -35.17 9.31
C LEU E 549 5.75 -36.10 8.59
N ARG E 550 7.01 -35.69 8.46
CA ARG E 550 8.00 -36.46 7.71
C ARG E 550 8.03 -37.94 8.15
N ILE E 551 7.83 -38.15 9.45
CA ILE E 551 7.77 -39.48 10.04
C ILE E 551 6.53 -40.22 9.58
N CYS E 552 5.37 -39.64 9.87
CA CYS E 552 4.09 -40.26 9.52
C CYS E 552 4.05 -40.57 8.04
N LEU E 553 4.72 -39.75 7.26
CA LEU E 553 4.90 -39.98 5.83
C LEU E 553 5.77 -41.22 5.56
N GLN E 554 6.93 -41.32 6.20
CA GLN E 554 7.84 -42.45 5.95
C GLN E 554 7.18 -43.77 6.30
N GLU E 555 6.52 -43.78 7.45
CA GLU E 555 5.82 -44.96 7.91
C GLU E 555 4.54 -45.20 7.12
N PHE E 556 3.98 -44.15 6.53
CA PHE E 556 2.86 -44.31 5.59
C PHE E 556 3.33 -45.01 4.31
N ARG E 557 4.39 -44.48 3.71
CA ARG E 557 5.03 -45.06 2.52
C ARG E 557 5.40 -46.55 2.72
N ALA E 558 5.86 -46.87 3.93
CA ALA E 558 6.19 -48.24 4.30
C ALA E 558 4.94 -49.12 4.45
N THR E 559 3.95 -48.62 5.17
CA THR E 559 2.71 -49.38 5.45
C THR E 559 1.88 -49.65 4.20
N TYR E 560 2.08 -48.86 3.15
CA TYR E 560 1.37 -49.06 1.89
C TYR E 560 2.34 -49.40 0.74
N ARG E 561 3.61 -49.54 1.07
CA ARG E 561 4.64 -50.01 0.15
C ARG E 561 4.73 -49.14 -1.10
N VAL E 562 4.87 -47.83 -0.87
CA VAL E 562 5.01 -46.87 -1.95
C VAL E 562 6.23 -46.02 -1.67
N HIS E 563 6.86 -45.51 -2.73
CA HIS E 563 8.01 -44.61 -2.59
C HIS E 563 8.08 -43.59 -3.72
N PRO E 564 8.84 -42.49 -3.51
CA PRO E 564 8.93 -41.44 -4.52
C PRO E 564 9.37 -41.93 -5.90
N TRP E 565 8.95 -41.19 -6.93
CA TRP E 565 9.34 -41.48 -8.32
C TRP E 565 10.85 -41.34 -8.49
N ASP E 566 11.42 -40.32 -7.84
CA ASP E 566 12.87 -40.08 -7.88
C ASP E 566 13.63 -41.07 -7.00
N SER E 567 12.91 -41.79 -6.15
CA SER E 567 13.54 -42.81 -5.31
C SER E 567 14.02 -43.95 -6.17
N ARG E 568 15.27 -44.35 -5.93
CA ARG E 568 15.90 -45.43 -6.69
C ARG E 568 15.25 -46.78 -6.39
N VAL E 569 14.62 -46.87 -5.23
CA VAL E 569 13.99 -48.09 -4.74
C VAL E 569 13.13 -48.72 -5.81
N LYS E 570 13.36 -50.02 -6.02
CA LYS E 570 12.58 -50.80 -6.96
C LYS E 570 11.68 -51.78 -6.20
N GLY E 571 10.46 -51.92 -6.70
CA GLY E 571 9.45 -52.78 -6.11
C GLY E 571 8.33 -53.06 -7.10
N GLY E 572 7.34 -53.82 -6.66
CA GLY E 572 6.20 -54.15 -7.51
C GLY E 572 5.38 -52.93 -7.89
N ARG E 573 4.97 -52.20 -6.88
CA ARG E 573 4.22 -50.98 -7.11
C ARG E 573 5.08 -49.97 -7.88
N MET E 574 6.37 -49.93 -7.52
CA MET E 574 7.33 -49.00 -8.13
C MET E 574 7.61 -49.27 -9.62
N LYS E 575 7.58 -50.54 -9.99
CA LYS E 575 7.90 -50.96 -11.37
C LYS E 575 7.03 -50.25 -12.40
N ILE E 576 5.74 -50.10 -12.07
CA ILE E 576 4.78 -49.41 -12.93
C ILE E 576 5.22 -47.96 -13.10
N ILE E 577 5.63 -47.38 -11.98
CA ILE E 577 6.03 -45.98 -11.93
C ILE E 577 7.17 -45.70 -12.91
N ASN E 578 8.00 -46.70 -13.17
CA ASN E 578 9.07 -46.56 -14.16
C ASN E 578 8.59 -46.18 -15.58
N GLU E 579 7.40 -46.61 -15.97
CA GLU E 579 6.79 -46.16 -17.23
C GLU E 579 5.91 -44.91 -17.03
N PHE E 580 5.30 -44.82 -15.84
CA PHE E 580 4.45 -43.69 -15.49
C PHE E 580 5.17 -42.33 -15.63
N ILE E 581 6.37 -42.24 -15.06
CA ILE E 581 7.09 -40.98 -14.87
C ILE E 581 7.17 -40.11 -16.10
N LYS E 582 7.68 -40.70 -17.18
CA LYS E 582 7.97 -39.97 -18.43
C LYS E 582 6.76 -39.21 -18.97
N THR E 583 5.55 -39.74 -18.76
CA THR E 583 4.32 -39.18 -19.32
C THR E 583 3.93 -37.86 -18.66
N ILE E 584 3.85 -37.88 -17.33
CA ILE E 584 3.42 -36.69 -16.58
C ILE E 584 4.50 -35.60 -16.55
N GLU E 585 4.06 -34.37 -16.81
CA GLU E 585 4.94 -33.20 -16.83
C GLU E 585 5.24 -32.74 -15.40
N ASN E 586 4.17 -32.48 -14.64
CA ASN E 586 4.25 -32.02 -13.25
C ASN E 586 4.29 -33.21 -12.27
N LYS E 587 5.48 -33.76 -12.14
CA LYS E 587 5.72 -34.97 -11.35
C LYS E 587 5.63 -34.70 -9.84
N ASP E 588 5.85 -33.45 -9.45
CA ASP E 588 5.71 -33.04 -8.05
C ASP E 588 4.24 -33.13 -7.61
N GLY E 589 3.34 -32.66 -8.48
CA GLY E 589 1.91 -32.62 -8.18
C GLY E 589 1.23 -33.98 -8.07
N LEU E 590 1.98 -35.05 -8.34
CA LEU E 590 1.46 -36.40 -8.17
C LEU E 590 1.13 -36.73 -6.73
N LEU E 591 0.11 -37.55 -6.54
CA LEU E 591 -0.28 -38.01 -5.19
C LEU E 591 0.77 -38.94 -4.62
N ILE E 592 0.82 -39.04 -3.30
CA ILE E 592 1.80 -39.89 -2.64
C ILE E 592 1.57 -41.37 -2.92
N ALA E 593 0.30 -41.76 -2.91
CA ALA E 593 -0.15 -43.12 -3.21
C ALA E 593 0.36 -43.61 -4.57
N ASP E 594 0.44 -42.71 -5.52
CA ASP E 594 0.97 -43.02 -6.83
C ASP E 594 2.49 -42.78 -6.91
N GLY E 595 3.09 -42.36 -5.80
CA GLY E 595 4.56 -42.19 -5.70
C GLY E 595 5.03 -40.76 -5.68
N GLY E 596 4.13 -39.86 -5.29
CA GLY E 596 4.39 -38.44 -5.24
C GLY E 596 5.17 -38.01 -4.02
N LYS E 597 6.02 -37.02 -4.21
CA LYS E 597 6.76 -36.43 -3.12
C LYS E 597 5.82 -35.57 -2.25
N LEU E 598 6.34 -35.13 -1.11
CA LEU E 598 5.57 -34.33 -0.16
C LEU E 598 5.36 -32.90 -0.64
N MET E 599 4.11 -32.49 -0.68
CA MET E 599 3.75 -31.11 -1.03
C MET E 599 3.15 -30.36 0.14
N ASN E 600 2.56 -31.10 1.07
CA ASN E 600 1.92 -30.50 2.23
C ASN E 600 2.94 -29.98 3.25
N ASN E 601 2.50 -29.04 4.07
CA ASN E 601 3.33 -28.51 5.16
C ASN E 601 2.47 -28.16 6.38
N ILE E 602 3.13 -27.56 7.36
CA ILE E 602 2.51 -27.08 8.59
C ILE E 602 1.35 -26.16 8.30
N SER E 603 1.60 -25.24 7.39
CA SER E 603 0.63 -24.24 6.97
C SER E 603 -0.59 -24.89 6.31
N THR E 604 -0.34 -25.90 5.49
CA THR E 604 -1.40 -26.52 4.72
C THR E 604 -1.96 -27.78 5.39
N LEU E 605 -1.77 -27.89 6.70
CA LEU E 605 -2.25 -29.06 7.43
C LEU E 605 -3.74 -29.24 7.36
N HIS E 606 -4.46 -28.13 7.47
CA HIS E 606 -5.91 -28.14 7.30
C HIS E 606 -6.31 -28.74 5.96
N ILE E 607 -5.45 -28.57 4.98
CA ILE E 607 -5.75 -28.97 3.62
C ILE E 607 -5.32 -30.41 3.30
N PRO E 608 -6.29 -31.27 2.89
CA PRO E 608 -5.99 -32.61 2.41
C PRO E 608 -5.10 -32.59 1.19
N GLU E 609 -4.18 -33.54 1.11
CA GLU E 609 -3.17 -33.59 0.03
C GLU E 609 -3.77 -33.52 -1.38
N GLU E 610 -4.95 -34.11 -1.54
CA GLU E 610 -5.61 -34.17 -2.83
C GLU E 610 -5.88 -32.76 -3.34
N VAL E 611 -6.40 -31.91 -2.46
CA VAL E 611 -6.77 -30.56 -2.83
C VAL E 611 -5.51 -29.80 -3.22
N LEU E 612 -4.57 -29.70 -2.29
CA LEU E 612 -3.34 -28.93 -2.51
C LEU E 612 -2.58 -29.32 -3.80
N LYS E 613 -2.59 -30.60 -4.14
CA LYS E 613 -1.94 -31.06 -5.37
C LYS E 613 -2.81 -30.88 -6.61
N PHE E 614 -4.13 -30.79 -6.41
CA PHE E 614 -5.11 -30.89 -7.49
C PHE E 614 -4.89 -29.91 -8.65
N GLU E 615 -4.68 -28.63 -8.32
CA GLU E 615 -4.52 -27.58 -9.32
C GLU E 615 -3.28 -27.81 -10.19
N LYS E 616 -2.18 -28.25 -9.55
CA LYS E 616 -0.92 -28.52 -10.26
C LYS E 616 -0.88 -29.89 -10.95
N MET E 617 -1.88 -30.72 -10.69
CA MET E 617 -1.99 -32.02 -11.35
C MET E 617 -2.03 -31.91 -12.87
N ASP E 618 -1.62 -32.97 -13.52
CA ASP E 618 -1.79 -33.10 -14.97
C ASP E 618 -3.24 -33.47 -15.27
N GLU E 619 -3.78 -32.92 -16.36
CA GLU E 619 -5.20 -33.08 -16.72
C GLU E 619 -5.60 -34.54 -16.93
N GLN E 620 -4.76 -35.27 -17.69
CA GLN E 620 -4.93 -36.71 -17.87
C GLN E 620 -4.95 -37.39 -16.52
N TYR E 621 -3.95 -37.09 -15.69
CA TYR E 621 -3.85 -37.65 -14.35
C TYR E 621 -5.12 -37.41 -13.51
N ARG E 622 -5.47 -36.14 -13.26
CA ARG E 622 -6.62 -35.79 -12.39
C ARG E 622 -7.93 -36.45 -12.83
N ASN E 623 -8.20 -36.39 -14.13
CA ASN E 623 -9.42 -36.94 -14.71
C ASN E 623 -9.46 -38.46 -14.59
N ARG E 624 -8.29 -39.08 -14.74
CA ARG E 624 -8.19 -40.54 -14.72
C ARG E 624 -8.19 -41.12 -13.30
N VAL E 625 -7.75 -40.34 -12.32
CA VAL E 625 -7.61 -40.85 -10.95
C VAL E 625 -8.92 -40.75 -10.16
N PHE E 626 -9.61 -39.63 -10.32
CA PHE E 626 -10.79 -39.35 -9.51
C PHE E 626 -12.11 -39.77 -10.18
N ASN E 627 -12.03 -40.38 -11.35
CA ASN E 627 -13.23 -40.74 -12.13
C ASN E 627 -14.15 -41.62 -11.25
N PRO E 628 -15.45 -41.24 -11.13
CA PRO E 628 -16.44 -41.96 -10.32
C PRO E 628 -16.74 -43.37 -10.84
N LYS E 629 -16.75 -43.53 -12.17
CA LYS E 629 -16.91 -44.84 -12.81
C LYS E 629 -15.59 -45.60 -12.76
N ASN E 630 -15.28 -46.09 -11.56
CA ASN E 630 -14.00 -46.69 -11.26
C ASN E 630 -14.12 -47.99 -10.49
N PRO E 631 -13.07 -48.83 -10.54
CA PRO E 631 -13.06 -50.05 -9.71
C PRO E 631 -12.78 -49.76 -8.23
N PHE E 632 -12.95 -48.51 -7.82
CA PHE E 632 -12.57 -48.07 -6.48
C PHE E 632 -13.81 -47.93 -5.61
N ALA E 655 -12.20 -35.12 8.02
CA ALA E 655 -11.88 -34.88 6.61
C ALA E 655 -11.56 -36.19 5.91
N VAL E 656 -12.31 -36.47 4.86
CA VAL E 656 -12.17 -37.72 4.15
C VAL E 656 -12.17 -37.49 2.63
N VAL E 657 -11.10 -37.95 1.98
CA VAL E 657 -10.95 -37.82 0.53
C VAL E 657 -11.25 -39.16 -0.12
N SER E 658 -11.84 -39.11 -1.31
CA SER E 658 -12.59 -40.24 -1.83
C SER E 658 -11.95 -41.14 -2.91
N THR E 659 -10.87 -40.71 -3.55
CA THR E 659 -10.36 -41.42 -4.75
C THR E 659 -9.96 -42.89 -4.52
N HIS E 660 -9.57 -43.22 -3.29
CA HIS E 660 -9.29 -44.59 -2.90
C HIS E 660 -10.02 -44.92 -1.61
N SER E 661 -10.96 -45.85 -1.71
CA SER E 661 -11.71 -46.34 -0.55
C SER E 661 -11.99 -47.82 -0.72
N PHE E 662 -11.53 -48.61 0.23
CA PHE E 662 -11.59 -50.06 0.11
C PHE E 662 -11.77 -50.72 1.47
N ARG E 663 -12.29 -51.95 1.43
CA ARG E 663 -12.58 -52.71 2.63
C ARG E 663 -11.43 -53.67 2.92
N THR E 664 -11.03 -53.74 4.18
CA THR E 664 -9.99 -54.68 4.64
C THR E 664 -10.63 -56.04 4.97
N ARG E 665 -10.17 -57.09 4.29
CA ARG E 665 -10.70 -58.45 4.48
C ARG E 665 -10.49 -58.92 5.92
N ALA E 666 -11.54 -59.50 6.50
CA ALA E 666 -11.48 -60.03 7.86
C ALA E 666 -10.64 -61.30 7.88
N ASN E 667 -9.94 -61.52 8.99
CA ASN E 667 -9.04 -62.67 9.13
C ASN E 667 -9.82 -63.97 9.11
N ARG E 668 -9.17 -65.05 8.67
CA ARG E 668 -9.77 -66.39 8.70
C ARG E 668 -9.58 -67.07 10.05
N THR E 669 -10.06 -66.40 11.11
CA THR E 669 -9.88 -66.87 12.50
C THR E 669 -11.21 -67.07 13.24
N LEU E 670 -12.06 -66.05 13.19
CA LEU E 670 -13.42 -66.10 13.77
C LEU E 670 -14.34 -67.09 13.03
N LEU E 671 -14.14 -67.25 11.72
CA LEU E 671 -14.97 -68.14 10.88
C LEU E 671 -14.77 -69.65 11.11
N ASN E 672 -13.55 -70.05 11.46
CA ASN E 672 -13.25 -71.47 11.69
C ASN E 672 -13.85 -72.06 12.97
N THR E 673 -13.85 -71.28 14.05
CA THR E 673 -14.45 -71.72 15.33
C THR E 673 -15.99 -71.82 15.25
N ASP E 674 -16.62 -72.24 16.34
CA ASP E 674 -18.10 -72.31 16.44
C ASP E 674 -18.77 -70.93 16.37
N MET E 675 -17.98 -69.88 16.62
CA MET E 675 -18.45 -68.50 16.50
C MET E 675 -19.14 -68.20 15.17
N ARG E 676 -18.71 -68.88 14.10
CA ARG E 676 -19.39 -68.79 12.78
C ARG E 676 -20.75 -69.48 12.79
N ALA E 677 -20.83 -70.66 13.43
CA ALA E 677 -22.11 -71.37 13.59
C ALA E 677 -23.15 -70.45 14.25
N MET E 678 -22.68 -69.60 15.17
CA MET E 678 -23.50 -68.52 15.75
C MET E 678 -23.75 -67.42 14.70
N MET E 679 -22.69 -67.00 13.99
CA MET E 679 -22.76 -65.90 13.01
C MET E 679 -23.74 -66.16 11.84
N ALA E 680 -24.13 -67.42 11.63
CA ALA E 680 -25.14 -67.82 10.63
C ALA E 680 -26.43 -67.02 10.73
N GLU E 681 -26.72 -66.52 11.95
CA GLU E 681 -27.85 -65.61 12.19
C GLU E 681 -27.50 -64.22 11.70
N GLU E 682 -26.32 -63.74 12.12
CA GLU E 682 -25.84 -62.40 11.75
C GLU E 682 -25.79 -62.20 10.22
N LYS E 683 -25.39 -63.24 9.48
CA LYS E 683 -25.43 -63.18 8.01
C LYS E 683 -26.85 -63.05 7.44
N ARG E 684 -27.83 -63.63 8.14
CA ARG E 684 -29.25 -63.49 7.77
C ARG E 684 -29.79 -62.07 7.98
N TYR E 685 -29.23 -61.37 8.96
CA TYR E 685 -29.47 -59.92 9.09
C TYR E 685 -28.82 -59.17 7.91
N GLN E 686 -27.58 -59.55 7.57
CA GLN E 686 -26.78 -58.86 6.54
C GLN E 686 -27.42 -58.78 5.17
N MET E 687 -27.69 -59.94 4.57
CA MET E 687 -28.27 -59.97 3.23
C MET E 687 -29.59 -59.17 3.14
N VAL E 688 -30.38 -59.16 4.21
CA VAL E 688 -31.60 -58.34 4.30
C VAL E 688 -31.30 -56.85 4.24
N CYS E 689 -30.41 -56.41 5.15
CA CYS E 689 -29.99 -55.01 5.21
C CYS E 689 -29.44 -54.57 3.86
N ASP E 690 -28.56 -55.39 3.27
CA ASP E 690 -28.02 -55.16 1.91
C ASP E 690 -29.13 -55.06 0.88
N MET E 691 -30.14 -55.90 1.02
CA MET E 691 -31.27 -55.90 0.10
C MET E 691 -32.08 -54.60 0.21
N PHE E 692 -32.46 -54.23 1.42
CA PHE E 692 -33.21 -53.00 1.64
C PHE E 692 -32.45 -51.77 1.15
N LYS E 693 -31.15 -51.69 1.44
CA LYS E 693 -30.30 -50.58 0.95
C LYS E 693 -30.23 -50.52 -0.59
N SER E 694 -30.29 -51.68 -1.23
CA SER E 694 -30.38 -51.74 -2.70
C SER E 694 -31.69 -51.13 -3.21
N VAL E 695 -32.77 -51.33 -2.46
CA VAL E 695 -34.07 -50.74 -2.80
C VAL E 695 -34.18 -49.24 -2.44
N PHE E 696 -33.79 -48.88 -1.22
CA PHE E 696 -33.82 -47.49 -0.74
C PHE E 696 -32.42 -46.95 -0.58
N GLU E 697 -32.10 -45.92 -1.34
CA GLU E 697 -30.73 -45.46 -1.45
C GLU E 697 -30.26 -44.74 -0.19
N SER E 698 -31.17 -43.97 0.40
CA SER E 698 -30.82 -43.10 1.53
C SER E 698 -31.02 -43.80 2.87
N ALA E 699 -31.10 -45.12 2.84
CA ALA E 699 -31.37 -45.92 4.02
C ALA E 699 -30.31 -45.73 5.08
N ASP E 700 -29.05 -45.80 4.67
CA ASP E 700 -27.95 -45.60 5.59
C ASP E 700 -27.84 -44.14 6.02
N ILE E 701 -28.04 -43.25 5.07
CA ILE E 701 -27.90 -41.82 5.34
C ILE E 701 -29.03 -41.35 6.24
N ASN E 702 -30.25 -41.46 5.75
CA ASN E 702 -31.41 -41.13 6.59
C ASN E 702 -32.01 -42.39 7.17
N PRO E 703 -32.00 -42.50 8.52
CA PRO E 703 -32.63 -43.61 9.19
C PRO E 703 -34.08 -43.71 8.73
N PRO E 704 -34.43 -44.83 8.08
CA PRO E 704 -35.76 -45.05 7.56
C PRO E 704 -36.85 -44.97 8.63
N ILE E 705 -37.97 -44.35 8.28
CA ILE E 705 -39.07 -44.13 9.19
C ILE E 705 -40.40 -44.40 8.50
N GLY E 706 -41.48 -44.19 9.23
CA GLY E 706 -42.82 -44.38 8.72
C GLY E 706 -43.44 -45.60 9.36
N ALA E 707 -44.77 -45.62 9.44
CA ALA E 707 -45.48 -46.74 10.04
C ALA E 707 -45.74 -47.84 9.02
N MET E 708 -44.67 -48.50 8.58
CA MET E 708 -44.74 -49.59 7.60
C MET E 708 -43.75 -50.70 7.93
N SER E 709 -44.04 -51.90 7.47
CA SER E 709 -43.09 -52.98 7.59
C SER E 709 -42.03 -52.79 6.53
N ILE E 710 -40.87 -53.39 6.78
CA ILE E 710 -39.73 -53.29 5.88
C ILE E 710 -40.12 -53.90 4.55
N GLY E 711 -40.68 -55.10 4.61
CA GLY E 711 -41.10 -55.78 3.40
C GLY E 711 -42.15 -55.04 2.61
N GLU E 712 -43.13 -54.44 3.31
CA GLU E 712 -44.24 -53.75 2.66
C GLU E 712 -43.77 -52.55 1.85
N ALA E 713 -42.93 -51.73 2.48
CA ALA E 713 -42.29 -50.61 1.82
C ALA E 713 -41.44 -51.06 0.63
N ILE E 714 -40.70 -52.17 0.81
CA ILE E 714 -39.87 -52.75 -0.27
C ILE E 714 -40.72 -53.13 -1.47
N GLU E 715 -41.82 -53.83 -1.22
CA GLU E 715 -42.73 -54.26 -2.28
C GLU E 715 -43.33 -53.09 -3.08
N GLU E 716 -43.95 -52.15 -2.37
CA GLU E 716 -44.59 -50.99 -2.99
C GLU E 716 -43.61 -50.07 -3.73
N LYS E 717 -42.42 -49.90 -3.17
CA LYS E 717 -41.36 -49.12 -3.83
C LYS E 717 -40.87 -49.79 -5.13
N LEU E 718 -40.71 -51.11 -5.10
CA LEU E 718 -40.35 -51.90 -6.29
C LEU E 718 -41.39 -51.79 -7.39
N LEU E 719 -42.66 -51.80 -6.98
CA LEU E 719 -43.78 -51.58 -7.90
C LEU E 719 -43.74 -50.20 -8.52
N GLU E 720 -43.44 -49.18 -7.71
CA GLU E 720 -43.33 -47.80 -8.18
C GLU E 720 -42.19 -47.64 -9.19
N ARG E 721 -41.01 -48.13 -8.84
CA ARG E 721 -39.84 -48.07 -9.73
C ARG E 721 -40.11 -48.83 -11.03
N ALA E 722 -40.82 -49.96 -10.91
CA ALA E 722 -41.22 -50.76 -12.07
C ALA E 722 -42.18 -50.00 -12.98
N LYS E 723 -43.16 -49.34 -12.38
CA LYS E 723 -44.10 -48.49 -13.11
C LYS E 723 -43.42 -47.29 -13.79
N MET E 724 -42.50 -46.66 -13.05
CA MET E 724 -41.69 -45.54 -13.57
C MET E 724 -40.92 -45.95 -14.80
N LYS E 725 -40.11 -47.01 -14.68
CA LYS E 725 -39.30 -47.51 -15.79
C LYS E 725 -40.14 -47.99 -17.00
N ARG E 726 -41.34 -48.53 -16.74
CA ARG E 726 -42.19 -49.02 -17.84
C ARG E 726 -42.85 -47.90 -18.63
N ASP E 727 -43.57 -47.03 -17.91
CA ASP E 727 -44.42 -46.01 -18.53
C ASP E 727 -43.68 -45.16 -19.55
N ILE E 728 -42.55 -44.61 -19.13
CA ILE E 728 -41.78 -43.70 -19.99
C ILE E 728 -40.44 -44.32 -20.41
N GLY E 729 -39.78 -45.01 -19.48
CA GLY E 729 -38.46 -45.58 -19.72
C GLY E 729 -38.40 -46.75 -20.68
N ALA E 730 -37.21 -47.35 -20.78
CA ALA E 730 -36.95 -48.46 -21.69
C ALA E 730 -36.97 -49.83 -20.99
N ILE E 731 -38.18 -50.36 -20.77
CA ILE E 731 -38.37 -51.73 -20.29
C ILE E 731 -39.72 -52.25 -20.80
N GLU E 732 -39.77 -53.55 -21.10
CA GLU E 732 -40.95 -54.17 -21.71
C GLU E 732 -42.12 -54.29 -20.75
N ASP E 733 -43.31 -54.50 -21.30
CA ASP E 733 -44.55 -54.63 -20.51
C ASP E 733 -44.69 -56.01 -19.88
N SER E 734 -44.46 -57.06 -20.67
CA SER E 734 -44.52 -58.44 -20.18
C SER E 734 -43.46 -58.70 -19.12
N GLU E 735 -42.34 -57.99 -19.22
CA GLU E 735 -41.29 -58.01 -18.21
C GLU E 735 -41.77 -57.36 -16.92
N TYR E 736 -42.46 -56.22 -17.03
CA TYR E 736 -43.08 -55.55 -15.88
C TYR E 736 -44.09 -56.46 -15.16
N GLU E 737 -44.89 -57.16 -15.95
CA GLU E 737 -45.82 -58.15 -15.40
C GLU E 737 -45.08 -59.32 -14.74
N GLU E 738 -43.93 -59.71 -15.30
CA GLU E 738 -43.07 -60.76 -14.71
C GLU E 738 -42.54 -60.30 -13.34
N ILE E 739 -42.17 -59.02 -13.25
CA ILE E 739 -41.79 -58.41 -11.97
C ILE E 739 -42.97 -58.43 -10.98
N LYS E 740 -44.15 -57.98 -11.42
CA LYS E 740 -45.36 -58.01 -10.59
C LYS E 740 -45.63 -59.41 -10.03
N ASP E 741 -45.49 -60.42 -10.89
CA ASP E 741 -45.65 -61.83 -10.52
C ASP E 741 -44.66 -62.24 -9.43
N ILE E 742 -43.38 -61.91 -9.61
CA ILE E 742 -42.33 -62.20 -8.61
C ILE E 742 -42.70 -61.56 -7.26
N ILE E 743 -43.19 -60.32 -7.32
CA ILE E 743 -43.61 -59.57 -6.13
C ILE E 743 -44.72 -60.30 -5.37
N ARG E 744 -45.82 -60.59 -6.05
CA ARG E 744 -46.96 -61.26 -5.42
C ARG E 744 -46.60 -62.64 -4.91
N ASP E 745 -45.85 -63.40 -5.71
CA ASP E 745 -45.38 -64.73 -5.30
C ASP E 745 -44.53 -64.62 -4.04
N ALA E 746 -43.75 -63.56 -3.95
CA ALA E 746 -42.98 -63.26 -2.75
C ALA E 746 -43.91 -62.92 -1.58
N LYS E 747 -45.01 -62.24 -1.88
CA LYS E 747 -46.00 -61.90 -0.86
C LYS E 747 -46.63 -63.15 -0.25
N LYS E 748 -46.81 -64.19 -1.07
CA LYS E 748 -47.34 -65.46 -0.57
C LYS E 748 -46.46 -66.03 0.53
N ALA E 749 -45.19 -66.28 0.17
CA ALA E 749 -44.19 -66.85 1.10
C ALA E 749 -44.04 -65.98 2.34
N ARG E 750 -44.16 -64.67 2.15
CA ARG E 750 -44.14 -63.72 3.26
C ARG E 750 -45.33 -63.92 4.20
N LEU E 751 -46.51 -64.12 3.62
CA LEU E 751 -47.73 -64.34 4.39
C LEU E 751 -47.67 -65.64 5.20
N GLU E 752 -47.22 -66.71 4.56
CA GLU E 752 -47.14 -68.03 5.18
C GLU E 752 -46.40 -68.02 6.52
N SER E 753 -45.32 -67.24 6.60
CA SER E 753 -44.55 -67.09 7.83
C SER E 753 -45.32 -66.30 8.89
N MET F 1 -32.26 -53.14 -16.80
CA MET F 1 -33.63 -53.71 -16.83
C MET F 1 -33.79 -54.92 -15.89
N SER F 2 -32.85 -55.87 -15.97
CA SER F 2 -32.79 -57.01 -15.05
C SER F 2 -32.33 -56.57 -13.67
N LEU F 3 -31.75 -55.37 -13.60
CA LEU F 3 -31.31 -54.73 -12.36
C LEU F 3 -32.46 -54.65 -11.36
N LEU F 4 -33.65 -54.30 -11.85
CA LEU F 4 -34.83 -54.23 -10.97
C LEU F 4 -35.41 -55.64 -10.71
N LEU F 5 -35.28 -56.50 -11.72
CA LEU F 5 -35.80 -57.86 -11.65
C LEU F 5 -35.13 -58.70 -10.58
N THR F 6 -33.81 -58.80 -10.67
CA THR F 6 -33.02 -59.62 -9.77
C THR F 6 -33.23 -59.21 -8.31
N ILE F 7 -33.48 -57.92 -8.10
CA ILE F 7 -33.82 -57.42 -6.77
C ILE F 7 -35.14 -58.05 -6.30
N ALA F 8 -36.14 -58.05 -7.19
CA ALA F 8 -37.42 -58.67 -6.88
C ALA F 8 -37.30 -60.16 -6.56
N LYS F 9 -36.50 -60.86 -7.36
CA LYS F 9 -36.23 -62.27 -7.14
C LYS F 9 -35.53 -62.53 -5.81
N GLU F 10 -34.61 -61.63 -5.47
CA GLU F 10 -33.93 -61.67 -4.17
C GLU F 10 -34.95 -61.55 -3.04
N TYR F 11 -35.87 -60.58 -3.17
CA TYR F 11 -36.94 -60.39 -2.19
C TYR F 11 -37.76 -61.68 -2.04
N LYS F 12 -38.10 -62.28 -3.17
CA LYS F 12 -38.77 -63.58 -3.17
C LYS F 12 -38.00 -64.58 -2.29
N ARG F 13 -36.72 -64.77 -2.62
CA ARG F 13 -35.86 -65.71 -1.88
C ARG F 13 -35.81 -65.44 -0.39
N LEU F 14 -35.67 -64.17 -0.03
CA LEU F 14 -35.57 -63.78 1.37
C LEU F 14 -36.87 -64.00 2.15
N CYS F 15 -38.00 -63.60 1.58
CA CYS F 15 -39.30 -63.76 2.26
C CYS F 15 -39.77 -65.23 2.30
N GLN F 16 -39.16 -66.08 1.48
CA GLN F 16 -39.38 -67.53 1.58
C GLN F 16 -38.74 -68.09 2.85
N ASP F 17 -37.55 -67.62 3.19
CA ASP F 17 -36.91 -67.93 4.47
C ASP F 17 -37.78 -67.35 5.59
N ALA F 18 -38.57 -68.21 6.24
CA ALA F 18 -39.51 -67.79 7.30
C ALA F 18 -38.87 -66.95 8.40
N LYS F 19 -37.67 -67.34 8.80
CA LYS F 19 -36.90 -66.61 9.81
C LYS F 19 -36.74 -65.14 9.41
N ALA F 20 -36.26 -64.90 8.19
CA ALA F 20 -36.10 -63.54 7.68
C ALA F 20 -37.45 -62.89 7.35
N ALA F 21 -38.43 -63.68 6.97
CA ALA F 21 -39.74 -63.18 6.57
C ALA F 21 -40.45 -62.47 7.70
N GLN F 22 -40.55 -63.13 8.85
CA GLN F 22 -41.25 -62.53 9.99
C GLN F 22 -40.57 -61.23 10.42
N MET F 23 -39.24 -61.26 10.59
CA MET F 23 -38.49 -60.06 11.01
C MET F 23 -38.65 -58.92 10.00
N MET F 24 -38.84 -59.27 8.72
CA MET F 24 -39.12 -58.27 7.69
C MET F 24 -40.51 -57.67 7.83
N THR F 25 -41.45 -58.42 8.41
CA THR F 25 -42.84 -57.96 8.56
C THR F 25 -43.13 -57.25 9.87
N VAL F 26 -42.63 -57.78 10.98
CA VAL F 26 -42.97 -57.21 12.28
C VAL F 26 -42.33 -55.84 12.46
N GLY F 27 -43.14 -54.88 12.91
CA GLY F 27 -42.68 -53.57 13.29
C GLY F 27 -42.53 -52.56 12.17
N THR F 28 -42.09 -51.37 12.57
CA THR F 28 -41.86 -50.25 11.65
C THR F 28 -40.65 -50.52 10.75
N VAL F 29 -40.34 -49.55 9.92
CA VAL F 29 -39.16 -49.65 9.11
C VAL F 29 -37.97 -49.33 10.01
N SER F 30 -38.18 -48.43 11.00
CA SER F 30 -37.14 -47.92 11.93
C SER F 30 -36.17 -49.00 12.38
N ASN F 31 -36.68 -50.23 12.41
CA ASN F 31 -35.88 -51.41 12.73
C ASN F 31 -34.62 -51.58 11.89
N TYR F 32 -34.63 -51.07 10.67
CA TYR F 32 -33.42 -51.08 9.86
C TYR F 32 -32.25 -50.42 10.59
N THR F 33 -32.49 -49.22 11.15
CA THR F 33 -31.49 -48.49 11.95
C THR F 33 -30.87 -49.39 13.02
N THR F 34 -31.72 -50.24 13.62
CA THR F 34 -31.26 -51.22 14.61
C THR F 34 -30.55 -52.41 13.91
N PHE F 35 -31.14 -52.93 12.84
CA PHE F 35 -30.60 -54.11 12.12
C PHE F 35 -29.20 -53.89 11.62
N LYS F 36 -28.99 -52.71 11.02
CA LYS F 36 -27.66 -52.31 10.57
C LYS F 36 -26.67 -52.33 11.72
N LYS F 37 -27.11 -51.83 12.87
CA LYS F 37 -26.28 -51.77 14.09
C LYS F 37 -25.90 -53.16 14.65
N TRP F 38 -26.55 -54.22 14.15
CA TRP F 38 -26.18 -55.61 14.51
C TRP F 38 -25.05 -56.16 13.64
N THR F 39 -24.33 -55.28 12.96
CA THR F 39 -23.15 -55.66 12.22
C THR F 39 -21.98 -54.67 12.33
N THR F 40 -20.97 -55.04 13.12
CA THR F 40 -19.66 -54.41 13.01
C THR F 40 -18.99 -55.09 11.81
N SER F 41 -18.23 -54.30 11.03
CA SER F 41 -17.56 -54.82 9.85
C SER F 41 -16.50 -55.86 10.21
N ARG F 42 -15.72 -55.57 11.25
CA ARG F 42 -14.65 -56.45 11.71
C ARG F 42 -14.14 -56.09 13.12
N LYS F 43 -13.24 -56.93 13.64
CA LYS F 43 -12.56 -56.66 14.91
C LYS F 43 -11.60 -55.46 14.79
N GLU F 44 -11.57 -54.61 15.82
CA GLU F 44 -10.80 -53.36 15.78
C GLU F 44 -9.77 -53.25 16.91
N LYS F 45 -9.26 -54.38 17.36
CA LYS F 45 -8.34 -54.42 18.51
C LYS F 45 -6.97 -53.77 18.28
N ASN F 46 -6.32 -54.07 17.15
CA ASN F 46 -4.96 -53.60 16.87
C ASN F 46 -4.84 -52.89 15.51
N PRO F 47 -5.19 -51.58 15.46
CA PRO F 47 -5.41 -50.87 14.18
C PRO F 47 -4.20 -50.78 13.25
N SER F 48 -3.15 -50.10 13.71
CA SER F 48 -1.95 -49.89 12.91
C SER F 48 -1.32 -51.22 12.54
N LEU F 49 -1.23 -52.10 13.53
CA LEU F 49 -0.71 -53.44 13.36
C LEU F 49 -1.53 -54.22 12.32
N ARG F 50 -2.85 -54.22 12.47
CA ARG F 50 -3.77 -54.90 11.52
C ARG F 50 -3.52 -54.45 10.10
N MET F 51 -3.34 -53.14 9.91
CA MET F 51 -3.15 -52.62 8.56
C MET F 51 -1.80 -53.01 7.96
N ARG F 52 -0.74 -52.88 8.76
CA ARG F 52 0.61 -53.32 8.36
C ARG F 52 0.63 -54.80 8.00
N TRP F 53 -0.17 -55.57 8.72
CA TRP F 53 -0.36 -56.97 8.46
C TRP F 53 -1.12 -57.15 7.15
N ALA F 54 -2.17 -56.36 6.97
CA ALA F 54 -3.08 -56.46 5.82
C ALA F 54 -2.37 -56.26 4.48
N MET F 55 -1.74 -55.10 4.33
CA MET F 55 -1.07 -54.79 3.06
C MET F 55 0.12 -55.69 2.77
N SER F 56 0.64 -56.37 3.80
CA SER F 56 1.79 -57.28 3.65
C SER F 56 1.55 -58.38 2.61
N SER F 57 0.35 -58.99 2.60
CA SER F 57 -0.04 -59.93 1.54
C SER F 57 -0.31 -59.21 0.22
N LYS F 58 -0.02 -59.88 -0.88
CA LYS F 58 -0.11 -59.25 -2.21
C LYS F 58 -1.52 -59.05 -2.73
N PHE F 59 -2.42 -60.00 -2.46
CA PHE F 59 -3.78 -59.97 -3.04
C PHE F 59 -4.99 -59.76 -2.09
N PRO F 60 -4.81 -59.07 -0.93
CA PRO F 60 -5.90 -59.13 0.04
C PRO F 60 -7.14 -58.33 -0.32
N ILE F 61 -6.94 -57.12 -0.82
CA ILE F 61 -7.97 -56.08 -0.88
C ILE F 61 -9.22 -56.52 -1.63
N ILE F 62 -10.38 -56.16 -1.10
CA ILE F 62 -11.66 -56.38 -1.79
C ILE F 62 -11.80 -55.31 -2.89
N ALA F 63 -12.40 -55.69 -4.02
CA ALA F 63 -12.50 -54.77 -5.15
C ALA F 63 -13.71 -55.05 -6.05
N ASN F 64 -13.95 -54.10 -6.96
CA ASN F 64 -15.07 -54.16 -7.88
C ASN F 64 -14.67 -54.84 -9.20
N LYS F 65 -15.35 -55.93 -9.51
CA LYS F 65 -15.00 -56.75 -10.65
C LYS F 65 -15.53 -56.16 -11.94
N ARG F 66 -16.84 -55.89 -11.96
CA ARG F 66 -17.58 -55.60 -13.20
C ARG F 66 -17.03 -54.41 -14.00
N MET F 67 -16.81 -53.30 -13.31
CA MET F 67 -16.38 -52.07 -13.98
C MET F 67 -15.01 -52.29 -14.61
N LEU F 68 -14.13 -52.94 -13.86
CA LEU F 68 -12.78 -53.24 -14.34
C LEU F 68 -12.80 -54.17 -15.55
N GLU F 69 -13.70 -55.12 -15.54
CA GLU F 69 -13.90 -55.93 -16.73
C GLU F 69 -14.27 -55.05 -17.92
N GLU F 70 -15.25 -54.17 -17.73
CA GLU F 70 -15.80 -53.32 -18.82
C GLU F 70 -14.76 -52.40 -19.46
N ALA F 71 -13.96 -51.74 -18.62
CA ALA F 71 -13.09 -50.65 -19.10
C ALA F 71 -11.67 -51.09 -19.46
N GLN F 72 -11.15 -52.10 -18.76
CA GLN F 72 -9.71 -52.37 -18.80
C GLN F 72 -9.36 -53.85 -18.65
N ILE F 73 -8.16 -54.19 -19.14
CA ILE F 73 -7.60 -55.52 -19.05
C ILE F 73 -7.34 -55.89 -17.58
N PRO F 74 -7.77 -57.11 -17.17
CA PRO F 74 -7.44 -57.67 -15.85
C PRO F 74 -6.01 -58.21 -15.73
N LYS F 75 -5.41 -58.70 -16.82
CA LYS F 75 -4.03 -59.22 -16.81
C LYS F 75 -2.99 -58.12 -16.62
N GLU F 76 -1.74 -58.52 -16.37
CA GLU F 76 -0.64 -57.58 -16.09
C GLU F 76 0.28 -57.29 -17.28
N HIS F 77 1.13 -56.29 -17.09
CA HIS F 77 2.18 -55.89 -18.02
C HIS F 77 3.55 -56.52 -17.69
N ASN F 78 3.77 -56.86 -16.42
CA ASN F 78 5.00 -57.53 -15.95
C ASN F 78 4.78 -58.98 -15.50
N ASN F 79 3.68 -59.57 -15.97
CA ASN F 79 3.37 -61.00 -15.74
C ASN F 79 3.36 -61.40 -14.27
N VAL F 80 2.85 -60.51 -13.42
CA VAL F 80 2.51 -60.85 -12.04
C VAL F 80 0.97 -60.86 -11.95
N ALA F 81 0.41 -61.97 -11.45
CA ALA F 81 -1.04 -62.20 -11.42
C ALA F 81 -1.81 -61.01 -10.85
N LEU F 82 -2.99 -60.75 -11.43
CA LEU F 82 -3.87 -59.66 -10.96
C LEU F 82 -5.30 -60.10 -10.68
N TRP F 83 -5.75 -61.16 -11.33
CA TRP F 83 -7.15 -61.56 -11.30
C TRP F 83 -7.43 -63.07 -11.35
N GLU F 84 -8.50 -63.44 -10.67
CA GLU F 84 -8.95 -64.83 -10.56
C GLU F 84 -10.49 -64.88 -10.69
N ASP F 85 -11.05 -66.08 -10.58
CA ASP F 85 -12.51 -66.27 -10.54
C ASP F 85 -12.98 -66.74 -9.15
N THR F 86 -12.03 -66.95 -8.24
CA THR F 86 -12.33 -67.43 -6.89
C THR F 86 -12.96 -66.35 -6.04
N GLU F 87 -13.84 -66.76 -5.12
CA GLU F 87 -14.62 -65.83 -4.31
C GLU F 87 -13.79 -65.16 -3.22
N LYS F 91 -18.20 -64.91 1.88
CA LYS F 91 -18.99 -64.86 0.65
C LYS F 91 -19.43 -63.43 0.33
N ARG F 92 -19.10 -62.98 -0.88
CA ARG F 92 -19.69 -61.76 -1.45
C ARG F 92 -19.45 -61.73 -2.95
N ASP F 93 -20.25 -60.92 -3.65
CA ASP F 93 -20.14 -60.78 -5.11
C ASP F 93 -18.81 -60.15 -5.55
N HIS F 94 -18.15 -59.45 -4.63
CA HIS F 94 -16.91 -58.74 -4.92
C HIS F 94 -15.72 -59.69 -4.92
N VAL F 95 -15.04 -59.76 -6.06
CA VAL F 95 -13.93 -60.69 -6.25
C VAL F 95 -12.60 -60.00 -5.90
N LEU F 96 -11.69 -60.77 -5.31
CA LEU F 96 -10.41 -60.27 -4.80
C LEU F 96 -9.37 -59.95 -5.89
N ALA F 97 -8.48 -59.01 -5.58
CA ALA F 97 -7.45 -58.54 -6.51
C ALA F 97 -6.31 -57.82 -5.79
N SER F 98 -5.17 -57.77 -6.45
CA SER F 98 -3.97 -57.12 -5.93
C SER F 98 -4.08 -55.60 -5.77
N ALA F 99 -3.15 -55.02 -5.02
CA ALA F 99 -3.12 -53.58 -4.74
C ALA F 99 -2.65 -52.71 -5.91
N SER F 100 -1.68 -53.20 -6.65
CA SER F 100 -1.06 -52.44 -7.74
C SER F 100 -2.01 -52.05 -8.87
N CYS F 101 -2.96 -52.95 -9.19
CA CYS F 101 -3.93 -52.75 -10.30
C CYS F 101 -4.59 -51.38 -10.26
N ILE F 102 -4.98 -51.01 -9.04
CA ILE F 102 -5.60 -49.73 -8.74
C ILE F 102 -4.74 -48.58 -9.30
N ASN F 103 -3.44 -48.69 -9.07
CA ASN F 103 -2.48 -47.71 -9.55
C ASN F 103 -2.43 -47.69 -11.07
N TYR F 104 -2.52 -48.88 -11.68
CA TYR F 104 -2.43 -49.00 -13.13
C TYR F 104 -3.57 -48.26 -13.83
N TRP F 105 -4.81 -48.46 -13.39
CA TRP F 105 -5.93 -47.79 -14.02
C TRP F 105 -5.83 -46.28 -13.83
N ASN F 106 -5.21 -45.87 -12.72
CA ASN F 106 -4.89 -44.46 -12.49
C ASN F 106 -3.94 -43.94 -13.57
N PHE F 107 -2.93 -44.73 -13.91
CA PHE F 107 -1.98 -44.34 -14.96
C PHE F 107 -2.59 -44.37 -16.37
N CYS F 108 -3.11 -45.53 -16.76
CA CYS F 108 -3.44 -45.81 -18.18
C CYS F 108 -4.93 -45.95 -18.49
N GLY F 109 -5.79 -45.85 -17.47
CA GLY F 109 -7.24 -45.96 -17.64
C GLY F 109 -7.79 -44.86 -18.55
N PRO F 110 -8.79 -45.19 -19.40
CA PRO F 110 -9.34 -44.19 -20.31
C PRO F 110 -10.51 -43.41 -19.72
N CYS F 111 -10.29 -42.13 -19.42
CA CYS F 111 -11.30 -41.26 -18.80
C CYS F 111 -11.03 -39.79 -19.10
N VAL F 112 -12.09 -39.01 -19.29
CA VAL F 112 -12.00 -37.61 -19.69
C VAL F 112 -13.04 -36.77 -18.93
N ASN F 113 -12.70 -35.51 -18.73
CA ASN F 113 -13.64 -34.44 -18.35
C ASN F 113 -14.42 -34.69 -17.05
N ASN F 114 -13.68 -34.85 -15.95
CA ASN F 114 -14.31 -34.95 -14.64
C ASN F 114 -14.01 -33.78 -13.71
N SER F 115 -13.14 -32.88 -14.17
CA SER F 115 -12.53 -31.84 -13.33
C SER F 115 -13.52 -30.89 -12.66
N GLU F 116 -14.45 -30.35 -13.45
CA GLU F 116 -15.43 -29.38 -12.94
C GLU F 116 -16.40 -30.03 -11.94
N VAL F 117 -16.77 -31.28 -12.22
CA VAL F 117 -17.69 -32.06 -11.39
C VAL F 117 -17.19 -32.15 -9.94
N ILE F 118 -15.87 -32.26 -9.78
CA ILE F 118 -15.25 -32.53 -8.48
C ILE F 118 -15.40 -31.37 -7.51
N LYS F 119 -14.76 -30.25 -7.83
CA LYS F 119 -14.48 -29.18 -6.86
C LYS F 119 -15.70 -28.69 -6.10
N GLU F 120 -16.78 -28.35 -6.80
CA GLU F 120 -17.96 -27.79 -6.14
C GLU F 120 -18.73 -28.81 -5.29
N VAL F 121 -18.33 -30.07 -5.40
CA VAL F 121 -18.77 -31.12 -4.47
C VAL F 121 -18.12 -30.90 -3.12
N TYR F 122 -16.85 -30.53 -3.15
CA TYR F 122 -16.12 -30.23 -1.93
C TYR F 122 -15.70 -28.78 -1.90
N LYS F 123 -16.66 -27.88 -2.14
CA LYS F 123 -16.41 -26.45 -2.09
C LYS F 123 -15.92 -26.05 -0.70
N SER F 124 -16.28 -26.86 0.30
CA SER F 124 -15.77 -26.69 1.64
C SER F 124 -14.27 -26.77 1.63
N ARG F 125 -13.75 -27.95 1.31
CA ARG F 125 -12.32 -28.18 1.39
C ARG F 125 -11.58 -27.29 0.41
N PHE F 126 -12.01 -27.34 -0.84
CA PHE F 126 -11.35 -26.62 -1.92
C PHE F 126 -11.25 -25.13 -1.61
N GLY F 127 -12.30 -24.60 -1.01
CA GLY F 127 -12.31 -23.20 -0.59
C GLY F 127 -11.33 -22.93 0.55
N ARG F 128 -11.24 -23.88 1.46
CA ARG F 128 -10.29 -23.79 2.58
C ARG F 128 -8.85 -23.77 2.08
N LEU F 129 -8.68 -24.29 0.86
CA LEU F 129 -7.44 -24.12 0.09
C LEU F 129 -7.36 -22.71 -0.51
N GLU F 130 -8.35 -22.37 -1.34
CA GLU F 130 -8.39 -21.11 -2.08
C GLU F 130 -8.03 -19.93 -1.18
N ARG F 131 -8.60 -19.93 0.02
CA ARG F 131 -8.37 -18.87 0.99
C ARG F 131 -6.93 -18.70 1.39
N ARG F 132 -6.23 -19.82 1.53
CA ARG F 132 -4.82 -19.77 1.92
C ARG F 132 -3.99 -19.04 0.87
N LYS F 133 -4.33 -19.18 -0.42
CA LYS F 133 -3.55 -18.54 -1.48
C LYS F 133 -3.41 -17.05 -1.18
N GLU F 134 -4.53 -16.39 -0.98
CA GLU F 134 -4.56 -14.94 -0.79
C GLU F 134 -4.18 -14.54 0.64
N ILE F 135 -2.89 -14.49 0.95
CA ILE F 135 -2.37 -13.88 2.18
C ILE F 135 -0.87 -13.66 2.13
N MET F 136 -0.42 -12.70 2.93
CA MET F 136 0.99 -12.36 3.02
C MET F 136 1.54 -12.98 4.31
N TRP F 137 2.83 -12.78 4.56
CA TRP F 137 3.52 -13.45 5.66
C TRP F 137 4.58 -12.60 6.40
N LYS F 138 4.78 -12.94 7.67
CA LYS F 138 5.76 -12.29 8.54
C LYS F 138 6.22 -13.29 9.62
N GLU F 139 7.43 -13.13 10.13
CA GLU F 139 7.94 -14.05 11.17
C GLU F 139 8.53 -13.36 12.41
N LEU F 140 8.07 -13.77 13.60
CA LEU F 140 8.56 -13.21 14.86
C LEU F 140 8.29 -14.12 16.06
N ARG F 141 9.02 -13.93 17.16
CA ARG F 141 8.79 -14.72 18.37
C ARG F 141 8.53 -13.87 19.59
N PHE F 142 7.78 -14.45 20.50
CA PHE F 142 7.43 -13.76 21.72
C PHE F 142 6.79 -14.76 22.65
N THR F 143 6.88 -14.47 23.94
CA THR F 143 6.12 -15.18 24.96
C THR F 143 4.65 -14.78 24.87
N LEU F 144 3.94 -15.38 23.92
CA LEU F 144 2.55 -15.00 23.72
C LEU F 144 1.67 -15.48 24.85
N VAL F 145 0.71 -14.64 25.22
CA VAL F 145 -0.39 -15.00 26.10
C VAL F 145 -1.67 -15.17 25.27
N ASP F 146 -1.95 -16.40 24.89
CA ASP F 146 -3.16 -16.71 24.12
C ASP F 146 -4.42 -16.70 25.01
N ARG F 147 -5.58 -16.63 24.34
CA ARG F 147 -6.93 -16.66 24.94
C ARG F 147 -7.46 -18.07 24.94
N GLN F 148 -7.45 -18.71 26.10
CA GLN F 148 -7.48 -20.16 26.16
C GLN F 148 -8.80 -20.74 25.65
N ARG F 149 -9.93 -20.17 26.06
CA ARG F 149 -11.21 -20.82 25.73
C ARG F 149 -12.22 -19.92 25.10
N ARG F 150 -12.33 -19.99 23.79
CA ARG F 150 -13.43 -19.36 23.06
C ARG F 150 -14.17 -20.43 22.31
N ARG F 151 -15.48 -20.55 22.52
CA ARG F 151 -16.30 -21.47 21.72
C ARG F 151 -16.68 -20.77 20.43
N VAL F 152 -15.72 -20.72 19.51
CA VAL F 152 -15.83 -19.89 18.32
C VAL F 152 -15.94 -20.73 17.08
N ASP F 153 -16.85 -20.35 16.18
CA ASP F 153 -17.08 -21.10 14.93
C ASP F 153 -15.78 -21.24 14.17
N THR F 154 -15.50 -22.45 13.70
CA THR F 154 -14.38 -22.70 12.80
C THR F 154 -14.90 -23.35 11.55
N GLN F 155 -14.15 -23.23 10.47
CA GLN F 155 -14.59 -23.64 9.14
C GLN F 155 -15.94 -23.01 8.82
N PRO F 156 -15.98 -21.67 8.71
CA PRO F 156 -17.26 -21.00 8.49
C PRO F 156 -17.61 -21.02 7.03
N VAL F 157 -18.89 -21.19 6.74
CA VAL F 157 -19.34 -21.18 5.36
C VAL F 157 -20.64 -20.41 5.34
N GLU F 158 -20.94 -19.80 4.20
CA GLU F 158 -22.14 -18.99 4.03
C GLU F 158 -23.38 -19.88 4.19
N GLN F 159 -24.43 -19.28 4.77
CA GLN F 159 -25.75 -19.94 4.92
C GLN F 159 -25.70 -21.14 5.86
N ARG F 160 -24.88 -21.04 6.89
CA ARG F 160 -24.79 -22.11 7.88
C ARG F 160 -26.10 -22.27 8.66
N LEU F 161 -26.39 -23.51 9.01
CA LEU F 161 -27.69 -23.90 9.52
C LEU F 161 -27.58 -25.08 10.50
N ARG F 162 -28.70 -25.39 11.16
CA ARG F 162 -28.77 -26.47 12.14
C ARG F 162 -28.73 -27.87 11.52
N THR F 163 -28.45 -28.87 12.36
CA THR F 163 -28.27 -30.26 11.94
C THR F 163 -29.54 -30.91 11.41
N GLY F 164 -30.68 -30.64 12.03
CA GLY F 164 -31.94 -31.24 11.58
C GLY F 164 -32.32 -30.76 10.19
N GLU F 165 -32.33 -29.44 10.04
CA GLU F 165 -32.65 -28.83 8.75
C GLU F 165 -31.67 -29.24 7.65
N ILE F 166 -30.37 -29.21 7.94
CA ILE F 166 -29.39 -29.62 6.93
C ILE F 166 -29.61 -31.08 6.50
N LYS F 167 -30.10 -31.89 7.43
CA LYS F 167 -30.50 -33.25 7.09
C LYS F 167 -31.64 -33.27 6.05
N ASP F 168 -32.60 -32.37 6.22
CA ASP F 168 -33.69 -32.25 5.25
C ASP F 168 -33.13 -31.95 3.87
N LEU F 169 -32.32 -30.90 3.76
CA LEU F 169 -31.63 -30.56 2.51
C LEU F 169 -30.94 -31.76 1.90
N GLN F 170 -30.21 -32.47 2.78
CA GLN F 170 -29.46 -33.65 2.42
C GLN F 170 -30.41 -34.56 1.66
N MET F 171 -31.56 -34.84 2.27
CA MET F 171 -32.55 -35.74 1.69
C MET F 171 -33.04 -35.29 0.32
N TRP F 172 -33.45 -34.03 0.25
CA TRP F 172 -34.05 -33.48 -0.96
C TRP F 172 -33.08 -33.50 -2.14
N THR F 173 -31.88 -33.00 -1.91
CA THR F 173 -30.86 -32.91 -2.95
C THR F 173 -30.35 -34.26 -3.47
N LEU F 174 -30.11 -35.19 -2.55
CA LEU F 174 -29.60 -36.51 -2.94
C LEU F 174 -30.58 -37.28 -3.80
N PHE F 175 -31.85 -37.27 -3.44
CA PHE F 175 -32.87 -37.97 -4.19
C PHE F 175 -34.28 -37.44 -3.93
N GLU F 176 -35.19 -37.74 -4.84
CA GLU F 176 -36.57 -37.33 -4.70
C GLU F 176 -37.46 -38.52 -4.36
N ASP F 177 -37.04 -39.68 -4.83
CA ASP F 177 -37.87 -40.87 -4.85
C ASP F 177 -38.34 -41.20 -3.44
N GLU F 178 -37.46 -41.08 -2.46
CA GLU F 178 -37.84 -41.34 -1.06
C GLU F 178 -37.55 -40.13 -0.17
N ALA F 179 -38.39 -39.11 -0.28
CA ALA F 179 -38.21 -37.92 0.56
C ALA F 179 -39.53 -37.45 1.14
N PRO F 180 -39.55 -37.11 2.44
CA PRO F 180 -40.75 -36.55 3.06
C PRO F 180 -41.00 -35.12 2.61
N LEU F 181 -42.26 -34.76 2.41
CA LEU F 181 -42.61 -33.42 1.91
C LEU F 181 -42.53 -32.40 3.05
N ALA F 182 -41.29 -32.13 3.47
CA ALA F 182 -41.05 -31.30 4.64
C ALA F 182 -41.24 -29.86 4.31
N SER F 183 -42.19 -29.24 5.01
CA SER F 183 -42.66 -27.92 4.63
C SER F 183 -41.70 -26.80 5.04
N LYS F 184 -41.41 -26.73 6.33
CA LYS F 184 -40.87 -25.52 6.94
C LYS F 184 -39.62 -25.06 6.24
N PHE F 185 -38.68 -25.97 6.03
CA PHE F 185 -37.43 -25.59 5.42
C PHE F 185 -37.58 -25.31 3.94
N ILE F 186 -38.40 -26.06 3.25
CA ILE F 186 -38.44 -25.97 1.81
C ILE F 186 -39.13 -24.72 1.30
N LEU F 187 -40.32 -24.44 1.81
CA LEU F 187 -41.04 -23.23 1.42
C LEU F 187 -40.15 -22.00 1.62
N ASP F 188 -39.65 -21.84 2.83
CA ASP F 188 -38.95 -20.61 3.24
C ASP F 188 -37.55 -20.47 2.62
N ASN F 189 -36.75 -21.53 2.65
CA ASN F 189 -35.34 -21.47 2.19
C ASN F 189 -35.15 -21.97 0.75
N TYR F 190 -36.25 -22.19 0.02
CA TYR F 190 -36.13 -22.53 -1.39
C TYR F 190 -35.27 -21.49 -2.12
N GLY F 191 -34.44 -21.96 -3.05
CA GLY F 191 -33.55 -21.08 -3.80
C GLY F 191 -32.14 -21.60 -3.65
N LEU F 192 -31.80 -21.95 -2.41
CA LEU F 192 -30.61 -22.73 -2.08
C LEU F 192 -30.92 -24.19 -2.42
N VAL F 193 -32.17 -24.54 -2.22
CA VAL F 193 -32.69 -25.83 -2.64
C VAL F 193 -32.51 -25.97 -4.13
N LYS F 194 -32.94 -24.96 -4.87
CA LYS F 194 -32.79 -24.95 -6.31
C LYS F 194 -31.34 -25.17 -6.71
N GLU F 195 -30.45 -24.31 -6.23
CA GLU F 195 -29.03 -24.34 -6.59
C GLU F 195 -28.42 -25.71 -6.31
N MET F 196 -28.44 -26.12 -5.05
CA MET F 196 -27.79 -27.38 -4.64
C MET F 196 -28.37 -28.56 -5.40
N ARG F 197 -29.68 -28.73 -5.34
CA ARG F 197 -30.37 -29.80 -6.07
C ARG F 197 -30.02 -29.82 -7.56
N SER F 198 -29.86 -28.65 -8.15
CA SER F 198 -29.54 -28.53 -9.58
C SER F 198 -28.16 -29.09 -9.92
N LYS F 199 -27.15 -28.60 -9.19
CA LYS F 199 -25.77 -29.01 -9.46
C LYS F 199 -25.51 -30.50 -9.16
N PHE F 200 -26.23 -31.05 -8.18
CA PHE F 200 -25.95 -32.40 -7.69
C PHE F 200 -26.91 -33.51 -8.15
N ALA F 201 -28.12 -33.19 -8.63
CA ALA F 201 -29.10 -34.26 -8.93
C ALA F 201 -28.87 -34.88 -10.31
N ASN F 202 -28.43 -34.05 -11.25
CA ASN F 202 -28.35 -34.41 -12.67
C ASN F 202 -27.35 -35.51 -13.06
N LYS F 203 -26.15 -35.43 -12.48
CA LYS F 203 -25.05 -36.34 -12.82
C LYS F 203 -24.85 -37.35 -11.70
N PRO F 204 -25.54 -38.51 -11.75
CA PRO F 204 -25.61 -39.46 -10.60
C PRO F 204 -24.26 -40.11 -10.21
N LEU F 205 -23.53 -39.49 -9.28
CA LEU F 205 -22.19 -39.93 -8.87
C LEU F 205 -21.98 -39.78 -7.36
N ASN F 206 -21.53 -40.85 -6.69
CA ASN F 206 -21.15 -40.82 -5.26
C ASN F 206 -22.26 -40.45 -4.29
N LYS F 207 -23.40 -41.12 -4.44
CA LYS F 207 -24.65 -40.68 -3.79
C LYS F 207 -24.56 -40.50 -2.27
N GLU F 208 -23.76 -41.33 -1.62
CA GLU F 208 -23.63 -41.30 -0.17
C GLU F 208 -22.62 -40.26 0.28
N VAL F 209 -21.54 -40.21 -0.48
CA VAL F 209 -20.36 -39.41 -0.16
C VAL F 209 -20.69 -37.94 -0.12
N VAL F 210 -21.28 -37.48 -1.23
CA VAL F 210 -21.58 -36.08 -1.41
C VAL F 210 -22.41 -35.60 -0.23
N ALA F 211 -23.44 -36.38 0.07
CA ALA F 211 -24.28 -36.09 1.21
C ALA F 211 -23.42 -35.89 2.44
N HIS F 212 -22.61 -36.90 2.76
CA HIS F 212 -21.75 -36.83 3.95
C HIS F 212 -20.90 -35.57 3.99
N MET F 213 -20.45 -35.09 2.83
CA MET F 213 -19.61 -33.89 2.80
C MET F 213 -20.38 -32.58 2.77
N LEU F 214 -21.63 -32.60 2.34
CA LEU F 214 -22.47 -31.42 2.45
C LEU F 214 -22.81 -31.15 3.91
N GLU F 215 -22.99 -32.23 4.66
CA GLU F 215 -23.22 -32.12 6.10
C GLU F 215 -22.13 -31.32 6.78
N LYS F 216 -20.87 -31.61 6.44
CA LYS F 216 -19.72 -30.87 6.91
C LYS F 216 -19.65 -29.47 6.29
N GLN F 217 -20.14 -29.35 5.05
CA GLN F 217 -20.01 -28.10 4.29
C GLN F 217 -20.73 -26.92 4.92
N PHE F 218 -21.80 -27.17 5.67
CA PHE F 218 -22.50 -26.09 6.35
C PHE F 218 -22.46 -26.20 7.87
N ASN F 219 -21.39 -26.80 8.40
CA ASN F 219 -21.27 -27.03 9.86
C ASN F 219 -20.01 -26.41 10.46
N PRO F 220 -20.15 -25.24 11.09
CA PRO F 220 -19.02 -24.60 11.73
C PRO F 220 -18.66 -25.40 12.96
N GLU F 221 -17.44 -25.91 13.02
CA GLU F 221 -17.02 -26.77 14.12
C GLU F 221 -16.70 -25.95 15.38
N SER F 222 -17.73 -25.57 16.14
CA SER F 222 -17.57 -24.60 17.24
C SER F 222 -16.88 -25.17 18.45
N ARG F 223 -15.63 -25.58 18.26
CA ARG F 223 -14.88 -26.22 19.34
C ARG F 223 -14.32 -25.20 20.34
N PHE F 224 -13.85 -25.70 21.47
CA PHE F 224 -13.35 -24.87 22.59
C PHE F 224 -11.84 -24.76 22.48
N LEU F 225 -11.35 -23.65 21.96
CA LEU F 225 -9.98 -23.59 21.47
C LEU F 225 -9.24 -22.37 22.00
N PRO F 226 -7.89 -22.42 22.01
CA PRO F 226 -7.07 -21.28 22.43
C PRO F 226 -6.68 -20.36 21.27
N VAL F 227 -7.05 -19.08 21.37
CA VAL F 227 -6.84 -18.12 20.28
C VAL F 227 -5.96 -17.00 20.79
N PHE F 228 -5.45 -16.13 19.91
CA PHE F 228 -4.54 -15.08 20.34
C PHE F 228 -5.00 -13.65 20.00
N GLY F 229 -6.29 -13.44 19.82
CA GLY F 229 -6.79 -12.09 19.56
C GLY F 229 -7.51 -11.95 18.22
N ALA F 230 -7.05 -12.73 17.25
CA ALA F 230 -7.66 -12.78 15.94
C ALA F 230 -8.91 -13.65 15.95
N ILE F 231 -10.06 -13.07 16.29
CA ILE F 231 -11.25 -13.89 16.64
C ILE F 231 -12.18 -14.09 15.45
N ARG F 232 -11.74 -13.68 14.27
CA ARG F 232 -12.52 -13.92 13.06
C ARG F 232 -12.52 -15.40 12.69
N PRO F 233 -13.72 -15.98 12.45
CA PRO F 233 -13.88 -17.40 12.12
C PRO F 233 -13.09 -17.84 10.90
N GLU F 234 -12.51 -16.92 10.15
CA GLU F 234 -11.63 -17.35 9.10
C GLU F 234 -10.23 -17.72 9.60
N ARG F 235 -9.65 -16.92 10.51
CA ARG F 235 -8.32 -17.24 11.04
C ARG F 235 -8.29 -18.49 11.90
N MET F 236 -9.47 -18.92 12.33
CA MET F 236 -9.59 -20.12 13.13
C MET F 236 -9.12 -21.39 12.40
N GLU F 237 -9.67 -21.62 11.21
CA GLU F 237 -9.34 -22.79 10.40
C GLU F 237 -7.87 -23.16 10.49
N LEU F 238 -7.01 -22.16 10.34
CA LEU F 238 -5.57 -22.36 10.31
C LEU F 238 -4.88 -21.56 11.41
N ILE F 239 -5.25 -21.79 12.67
CA ILE F 239 -4.58 -21.09 13.77
C ILE F 239 -3.22 -21.67 14.01
N HIS F 240 -3.14 -22.99 13.92
CA HIS F 240 -1.90 -23.69 14.18
C HIS F 240 -0.73 -23.04 13.47
N ALA F 241 -0.88 -22.73 12.19
CA ALA F 241 0.20 -22.13 11.41
C ALA F 241 0.45 -20.66 11.82
N LEU F 242 -0.61 -20.01 12.28
CA LEU F 242 -0.55 -18.61 12.69
C LEU F 242 0.14 -18.39 14.03
N GLY F 243 0.05 -19.36 14.93
CA GLY F 243 0.72 -19.21 16.20
C GLY F 243 0.79 -20.37 17.18
N GLY F 244 0.44 -20.03 18.42
CA GLY F 244 0.54 -20.90 19.60
C GLY F 244 1.28 -20.05 20.64
N GLU F 245 1.70 -20.64 21.76
CA GLU F 245 2.31 -19.83 22.86
C GLU F 245 3.60 -19.03 22.59
N THR F 246 4.41 -19.46 21.63
CA THR F 246 5.62 -18.71 21.27
C THR F 246 5.71 -18.30 19.78
N TRP F 247 4.64 -18.53 19.01
CA TRP F 247 4.63 -18.32 17.56
C TRP F 247 3.71 -17.18 17.15
N ILE F 248 4.10 -16.48 16.09
CA ILE F 248 3.26 -15.43 15.56
C ILE F 248 3.46 -15.21 14.06
N GLN F 249 2.36 -14.85 13.39
CA GLN F 249 2.33 -14.58 11.94
C GLN F 249 1.52 -13.32 11.61
N GLU F 250 1.59 -12.89 10.36
CA GLU F 250 1.02 -11.58 9.99
C GLU F 250 0.32 -11.48 8.60
N ALA F 251 -0.45 -10.38 8.44
CA ALA F 251 -1.17 -9.97 7.21
C ALA F 251 -2.35 -10.87 6.85
N ASN F 252 -3.26 -10.98 7.81
CA ASN F 252 -4.23 -12.05 7.82
C ASN F 252 -5.66 -11.59 7.67
N THR F 253 -5.97 -10.47 8.34
CA THR F 253 -7.35 -9.98 8.50
C THR F 253 -8.06 -9.93 7.14
N ALA F 254 -7.28 -9.60 6.11
CA ALA F 254 -7.78 -9.24 4.79
C ALA F 254 -8.78 -10.22 4.19
N GLY F 255 -8.29 -11.40 3.82
CA GLY F 255 -9.11 -12.36 3.09
C GLY F 255 -10.02 -13.10 4.04
N ILE F 256 -11.31 -12.82 3.94
CA ILE F 256 -12.33 -13.47 4.76
C ILE F 256 -13.51 -13.77 3.84
N SER F 257 -14.32 -14.77 4.18
CA SER F 257 -15.54 -15.06 3.41
C SER F 257 -16.56 -13.99 3.74
N ASN F 258 -17.51 -13.79 2.83
CA ASN F 258 -18.53 -12.72 2.94
C ASN F 258 -19.54 -12.87 4.09
N VAL F 259 -19.38 -13.93 4.87
CA VAL F 259 -20.24 -14.25 6.00
C VAL F 259 -20.02 -13.29 7.19
N ASP F 260 -18.74 -13.10 7.52
CA ASP F 260 -18.27 -12.46 8.77
C ASP F 260 -18.83 -11.05 9.02
N GLN F 261 -18.95 -10.28 7.95
CA GLN F 261 -19.57 -8.95 7.97
C GLN F 261 -21.11 -9.05 7.88
N ARG F 262 -21.60 -10.05 7.15
CA ARG F 262 -23.06 -10.27 6.97
C ARG F 262 -23.75 -10.52 8.30
N LYS F 263 -23.11 -11.28 9.18
CA LYS F 263 -23.64 -11.48 10.53
C LYS F 263 -23.82 -10.15 11.27
N ASN F 264 -22.80 -9.31 11.20
CA ASN F 264 -22.84 -7.97 11.81
C ASN F 264 -24.01 -7.17 11.24
N ASP F 265 -24.18 -7.28 9.92
CA ASP F 265 -25.31 -6.65 9.23
C ASP F 265 -26.63 -7.10 9.87
N ILE F 266 -26.74 -8.38 10.18
CA ILE F 266 -27.95 -8.91 10.80
C ILE F 266 -28.12 -8.34 12.22
N ARG F 267 -27.00 -8.08 12.90
CA ARG F 267 -27.05 -7.41 14.21
C ARG F 267 -27.69 -6.03 14.13
N ALA F 268 -27.27 -5.24 13.15
CA ALA F 268 -27.87 -3.93 12.90
C ALA F 268 -29.34 -4.04 12.51
N VAL F 269 -29.67 -5.09 11.76
CA VAL F 269 -31.05 -5.30 11.34
C VAL F 269 -31.89 -5.50 12.60
N CYS F 270 -31.32 -6.25 13.54
CA CYS F 270 -31.98 -6.52 14.81
C CYS F 270 -32.13 -5.23 15.60
N ARG F 271 -31.12 -4.36 15.50
CA ARG F 271 -31.14 -3.09 16.20
C ARG F 271 -32.31 -2.22 15.76
N LYS F 272 -32.60 -2.19 14.46
CA LYS F 272 -33.72 -1.38 13.98
C LYS F 272 -35.06 -2.02 14.25
N VAL F 273 -35.14 -3.34 14.01
CA VAL F 273 -36.39 -4.07 14.23
C VAL F 273 -36.85 -3.95 15.67
N CYS F 274 -35.90 -3.91 16.60
CA CYS F 274 -36.21 -3.70 18.01
C CYS F 274 -36.59 -2.25 18.32
N LEU F 275 -35.93 -1.29 17.67
CA LEU F 275 -36.31 0.12 17.80
C LEU F 275 -37.77 0.36 17.37
N ALA F 276 -38.22 -0.41 16.38
CA ALA F 276 -39.60 -0.36 15.91
C ALA F 276 -40.58 -0.70 17.03
N ALA F 277 -40.28 -1.77 17.75
CA ALA F 277 -41.12 -2.17 18.88
C ALA F 277 -40.97 -1.20 20.05
N ASN F 278 -39.78 -0.62 20.19
CA ASN F 278 -39.54 0.38 21.23
C ASN F 278 -40.46 1.58 21.05
N ALA F 279 -40.67 1.98 19.79
CA ALA F 279 -41.46 3.19 19.46
C ALA F 279 -42.88 3.19 20.03
N SER F 280 -43.56 2.04 19.94
CA SER F 280 -44.91 1.90 20.49
C SER F 280 -44.96 0.91 21.65
N ILE F 281 -45.36 1.41 22.83
CA ILE F 281 -45.38 0.60 24.06
C ILE F 281 -46.84 0.27 24.42
N MET F 282 -47.72 0.37 23.45
CA MET F 282 -49.08 -0.12 23.62
C MET F 282 -49.00 -1.62 23.86
N ASN F 283 -48.17 -2.26 23.04
CA ASN F 283 -47.79 -3.66 23.20
C ASN F 283 -46.38 -3.83 22.64
N ALA F 284 -45.56 -4.67 23.25
CA ALA F 284 -44.24 -4.98 22.69
C ALA F 284 -44.19 -6.40 22.15
N LYS F 285 -45.15 -7.23 22.54
CA LYS F 285 -45.09 -8.66 22.28
C LYS F 285 -45.67 -8.97 20.91
N SER F 286 -46.81 -8.37 20.61
CA SER F 286 -47.56 -8.69 19.41
C SER F 286 -47.03 -7.96 18.18
N LYS F 287 -46.18 -6.97 18.41
CA LYS F 287 -45.71 -6.17 17.30
C LYS F 287 -44.39 -6.63 16.76
N LEU F 288 -43.44 -6.91 17.65
CA LEU F 288 -42.08 -7.22 17.22
C LEU F 288 -42.04 -8.47 16.36
N VAL F 289 -42.81 -9.46 16.79
CA VAL F 289 -42.98 -10.73 16.07
C VAL F 289 -43.36 -10.51 14.62
N GLU F 290 -44.21 -9.53 14.39
CA GLU F 290 -44.66 -9.17 13.07
C GLU F 290 -43.48 -8.67 12.25
N TYR F 291 -42.77 -7.69 12.79
CA TYR F 291 -41.58 -7.13 12.15
C TYR F 291 -40.56 -8.23 11.83
N ILE F 292 -40.49 -9.21 12.70
CA ILE F 292 -39.60 -10.34 12.49
C ILE F 292 -40.02 -11.14 11.27
N LYS F 293 -41.20 -11.77 11.35
CA LYS F 293 -41.66 -12.71 10.32
C LYS F 293 -41.87 -12.06 8.94
N SER F 294 -42.14 -10.76 8.94
CA SER F 294 -42.35 -9.99 7.71
C SER F 294 -41.05 -9.76 6.93
N THR F 295 -40.04 -9.28 7.65
CA THR F 295 -38.76 -8.91 7.07
C THR F 295 -38.13 -10.06 6.31
N SER F 296 -37.58 -9.76 5.14
CA SER F 296 -36.86 -10.76 4.34
C SER F 296 -35.42 -10.33 4.13
N MET F 297 -34.51 -11.23 4.43
CA MET F 297 -33.10 -11.01 4.21
C MET F 297 -32.70 -11.49 2.81
N ARG F 298 -31.67 -10.85 2.29
CA ARG F 298 -31.03 -11.29 1.07
C ARG F 298 -29.55 -11.58 1.39
N ILE F 299 -29.19 -12.86 1.36
CA ILE F 299 -27.81 -13.30 1.53
C ILE F 299 -27.07 -13.06 0.21
N GLY F 300 -25.75 -13.20 0.20
CA GLY F 300 -24.94 -13.01 -0.99
C GLY F 300 -25.40 -13.77 -2.23
N GLU F 301 -25.94 -14.97 -2.04
CA GLU F 301 -26.47 -15.76 -3.17
C GLU F 301 -27.85 -16.40 -2.93
N THR F 302 -28.58 -15.94 -1.92
CA THR F 302 -29.89 -16.54 -1.59
C THR F 302 -30.78 -15.61 -0.77
N GLU F 303 -32.08 -15.62 -1.07
CA GLU F 303 -33.06 -14.93 -0.24
C GLU F 303 -33.45 -15.87 0.89
N ARG F 304 -33.39 -15.37 2.12
CA ARG F 304 -33.74 -16.18 3.30
C ARG F 304 -34.52 -15.33 4.30
N LYS F 305 -35.47 -15.94 4.98
CA LYS F 305 -36.29 -15.20 5.94
C LYS F 305 -35.48 -14.74 7.14
N LEU F 306 -35.98 -13.71 7.82
CA LEU F 306 -35.33 -13.20 9.01
C LEU F 306 -35.51 -14.16 10.17
N GLU F 307 -36.66 -14.79 10.22
CA GLU F 307 -36.98 -15.74 11.29
C GLU F 307 -35.92 -16.83 11.40
N GLU F 308 -35.74 -17.56 10.30
CA GLU F 308 -34.81 -18.71 10.26
C GLU F 308 -33.34 -18.33 10.40
N LEU F 309 -33.03 -17.07 10.16
CA LEU F 309 -31.70 -16.58 10.44
C LEU F 309 -31.55 -16.34 11.93
N ILE F 310 -32.49 -15.58 12.48
CA ILE F 310 -32.47 -15.20 13.89
C ILE F 310 -32.47 -16.46 14.75
N LEU F 311 -33.55 -17.22 14.64
CA LEU F 311 -33.70 -18.42 15.45
C LEU F 311 -32.41 -19.23 15.44
N GLU F 312 -31.79 -19.34 14.28
CA GLU F 312 -30.71 -20.32 14.07
C GLU F 312 -29.37 -19.68 13.77
N THR F 313 -29.13 -18.52 14.36
CA THR F 313 -27.81 -17.91 14.30
C THR F 313 -26.95 -18.31 15.51
N ASP F 314 -25.68 -18.51 15.23
CA ASP F 314 -24.72 -18.97 16.22
C ASP F 314 -24.44 -17.86 17.23
N ASP F 315 -24.04 -16.70 16.73
CA ASP F 315 -23.60 -15.58 17.55
C ASP F 315 -24.75 -14.93 18.27
N VAL F 316 -24.61 -14.75 19.58
CA VAL F 316 -25.66 -14.18 20.40
C VAL F 316 -25.24 -12.81 20.91
N SER F 317 -25.70 -11.79 20.22
CA SER F 317 -25.50 -10.42 20.63
C SER F 317 -26.68 -9.95 21.49
N PRO F 318 -26.47 -8.94 22.36
CA PRO F 318 -27.54 -8.31 23.13
C PRO F 318 -28.81 -8.02 22.32
N GLU F 319 -28.67 -7.59 21.08
CA GLU F 319 -29.82 -7.40 20.20
C GLU F 319 -30.42 -8.74 19.90
N VAL F 320 -29.58 -9.64 19.42
CA VAL F 320 -29.98 -10.94 18.90
C VAL F 320 -30.77 -11.73 19.93
N THR F 321 -30.35 -11.61 21.18
CA THR F 321 -31.07 -12.21 22.31
C THR F 321 -32.53 -11.74 22.26
N LEU F 322 -32.72 -10.42 22.25
CA LEU F 322 -34.04 -9.80 22.24
C LEU F 322 -34.85 -10.28 21.06
N CYS F 323 -34.25 -10.31 19.88
CA CYS F 323 -34.91 -10.80 18.67
C CYS F 323 -35.40 -12.25 18.81
N LYS F 324 -34.53 -13.12 19.34
CA LYS F 324 -34.86 -14.54 19.52
C LYS F 324 -36.01 -14.70 20.49
N SER F 325 -35.94 -13.96 21.58
CA SER F 325 -36.89 -14.05 22.69
C SER F 325 -38.34 -14.04 22.25
N ALA F 326 -38.62 -13.29 21.18
CA ALA F 326 -39.96 -13.24 20.60
C ALA F 326 -40.37 -14.60 20.10
N LEU F 327 -39.43 -15.29 19.48
CA LEU F 327 -39.68 -16.61 18.94
C LEU F 327 -39.40 -17.68 19.98
N GLY F 328 -39.64 -18.94 19.61
CA GLY F 328 -39.34 -20.09 20.45
C GLY F 328 -37.95 -20.63 20.21
N GLY F 329 -36.94 -19.81 20.49
CA GLY F 329 -35.54 -20.19 20.27
C GLY F 329 -34.74 -20.15 21.55
N GLN F 330 -34.28 -21.32 21.98
CA GLN F 330 -33.55 -21.44 23.23
C GLN F 330 -32.09 -21.16 23.00
N LEU F 331 -31.61 -20.02 23.48
CA LEU F 331 -30.16 -19.74 23.45
C LEU F 331 -29.66 -19.11 24.75
N GLY F 332 -29.46 -19.98 25.75
CA GLY F 332 -29.00 -19.60 27.08
C GLY F 332 -27.51 -19.38 27.22
N LYS F 333 -27.06 -19.35 28.47
CA LYS F 333 -25.63 -19.20 28.82
C LYS F 333 -25.10 -17.83 28.40
N THR F 334 -26.01 -16.95 28.02
CA THR F 334 -25.62 -15.67 27.50
C THR F 334 -26.19 -14.63 28.44
N LEU F 335 -25.37 -13.65 28.77
CA LEU F 335 -25.82 -12.55 29.59
C LEU F 335 -25.35 -11.26 28.98
N SER F 336 -26.29 -10.35 28.72
CA SER F 336 -25.95 -9.07 28.10
C SER F 336 -26.30 -7.92 29.00
N PHE F 337 -25.36 -7.00 29.13
CA PHE F 337 -25.58 -5.76 29.85
C PHE F 337 -24.92 -4.61 29.11
N GLY F 338 -25.74 -3.75 28.52
CA GLY F 338 -25.24 -2.67 27.67
C GLY F 338 -24.33 -3.22 26.59
N PRO F 339 -23.17 -2.60 26.36
CA PRO F 339 -22.21 -3.12 25.41
C PRO F 339 -21.51 -4.35 25.95
N MET F 340 -21.55 -4.53 27.27
CA MET F 340 -20.83 -5.62 27.94
C MET F 340 -21.56 -6.97 27.88
N LEU F 341 -20.75 -8.04 27.90
CA LEU F 341 -21.23 -9.43 27.92
C LEU F 341 -20.70 -10.11 29.17
N LEU F 342 -21.55 -10.89 29.84
CA LEU F 342 -21.19 -11.54 31.11
C LEU F 342 -21.56 -13.02 31.17
N LYS F 343 -20.87 -13.75 32.04
CA LYS F 343 -21.19 -15.16 32.32
C LYS F 343 -21.22 -15.42 33.82
N LYS F 344 -22.16 -16.23 34.29
CA LYS F 344 -22.34 -16.50 35.72
C LYS F 344 -21.77 -17.85 36.10
N ILE F 345 -20.91 -17.89 37.13
CA ILE F 345 -20.21 -19.13 37.51
C ILE F 345 -20.40 -19.58 38.97
N SER F 346 -20.92 -18.72 39.84
CA SER F 346 -21.00 -19.10 41.25
C SER F 346 -22.24 -18.66 41.98
N GLY F 347 -22.63 -19.50 42.93
CA GLY F 347 -23.68 -19.22 43.90
C GLY F 347 -24.99 -18.70 43.36
N SER F 348 -25.74 -18.05 44.24
CA SER F 348 -27.08 -17.61 43.94
C SER F 348 -27.63 -16.74 45.06
N GLY F 349 -28.72 -16.05 44.76
CA GLY F 349 -29.39 -15.19 45.71
C GLY F 349 -30.66 -14.65 45.09
N VAL F 350 -31.47 -13.98 45.90
CA VAL F 350 -32.77 -13.49 45.43
C VAL F 350 -32.75 -11.99 45.16
N LYS F 351 -33.60 -11.56 44.22
CA LYS F 351 -33.84 -10.14 43.95
C LYS F 351 -34.56 -9.53 45.14
N VAL F 352 -34.03 -8.43 45.66
CA VAL F 352 -34.66 -7.77 46.80
C VAL F 352 -34.77 -6.27 46.51
N LYS F 353 -35.78 -5.64 47.10
CA LYS F 353 -36.09 -4.22 46.86
C LYS F 353 -35.47 -3.32 47.93
N ASP F 354 -34.78 -2.26 47.51
CA ASP F 354 -34.13 -1.34 48.45
C ASP F 354 -34.11 0.10 47.95
N THR F 355 -34.90 0.95 48.60
CA THR F 355 -34.92 2.38 48.29
C THR F 355 -33.76 3.08 48.99
N VAL F 356 -32.95 3.82 48.23
CA VAL F 356 -31.87 4.64 48.79
C VAL F 356 -31.82 6.00 48.06
N TYR F 357 -31.54 7.06 48.83
CA TYR F 357 -31.47 8.43 48.31
C TYR F 357 -30.29 8.66 47.39
N ILE F 358 -30.60 9.11 46.18
CA ILE F 358 -29.60 9.42 45.17
C ILE F 358 -28.96 10.76 45.50
N GLN F 365 -37.23 3.45 44.22
CA GLN F 365 -37.06 2.01 44.49
C GLN F 365 -35.97 1.42 43.61
N PHE F 366 -35.20 0.49 44.16
CA PHE F 366 -34.08 -0.12 43.45
C PHE F 366 -34.06 -1.63 43.66
N GLU F 367 -33.67 -2.36 42.62
CA GLU F 367 -33.50 -3.82 42.71
C GLU F 367 -32.03 -4.19 42.98
N TYR F 368 -31.77 -4.81 44.12
CA TYR F 368 -30.42 -5.32 44.44
C TYR F 368 -30.40 -6.84 44.69
N TRP F 369 -29.27 -7.46 44.34
CA TRP F 369 -29.03 -8.88 44.57
C TRP F 369 -28.00 -9.09 45.68
N SER F 370 -28.28 -10.03 46.58
CA SER F 370 -27.38 -10.34 47.69
C SER F 370 -26.91 -11.77 47.59
N GLU F 371 -26.07 -12.01 46.59
CA GLU F 371 -25.50 -13.33 46.33
C GLU F 371 -24.01 -13.22 46.48
N GLN F 372 -23.38 -14.28 46.99
CA GLN F 372 -21.93 -14.40 46.90
C GLN F 372 -21.65 -15.05 45.56
N GLU F 373 -21.81 -14.26 44.50
CA GLU F 373 -21.76 -14.78 43.16
C GLU F 373 -20.50 -14.30 42.45
N GLU F 374 -19.88 -15.24 41.74
CA GLU F 374 -18.65 -15.03 40.97
C GLU F 374 -18.94 -15.13 39.47
N PHE F 375 -18.67 -14.05 38.73
CA PHE F 375 -18.95 -13.95 37.29
C PHE F 375 -17.77 -13.42 36.46
N TYR F 376 -17.86 -13.66 35.15
CA TYR F 376 -16.80 -13.33 34.17
C TYR F 376 -17.20 -12.17 33.28
N GLY F 377 -16.27 -11.22 33.13
CA GLY F 377 -16.51 -10.00 32.36
C GLY F 377 -15.86 -9.95 31.00
N GLU F 378 -16.69 -9.80 29.98
CA GLU F 378 -16.28 -9.73 28.59
C GLU F 378 -16.54 -8.33 28.03
N TYR F 379 -15.48 -7.62 27.67
CA TYR F 379 -15.58 -6.32 26.97
C TYR F 379 -14.54 -6.26 25.85
N LYS F 380 -14.75 -5.33 24.91
CA LYS F 380 -13.84 -5.19 23.78
C LYS F 380 -12.40 -5.05 24.24
N SER F 381 -11.55 -5.93 23.72
CA SER F 381 -10.10 -5.95 24.01
C SER F 381 -9.77 -6.13 25.49
N ALA F 382 -10.73 -6.58 26.28
CA ALA F 382 -10.51 -6.69 27.72
C ALA F 382 -11.43 -7.68 28.44
N THR F 383 -10.80 -8.55 29.24
CA THR F 383 -11.50 -9.61 29.96
C THR F 383 -11.17 -9.46 31.42
N ALA F 384 -12.06 -9.94 32.27
CA ALA F 384 -11.83 -9.84 33.70
C ALA F 384 -12.71 -10.80 34.48
N LEU F 385 -12.42 -10.89 35.77
CA LEU F 385 -13.17 -11.74 36.69
C LEU F 385 -13.63 -10.91 37.87
N PHE F 386 -14.90 -11.03 38.23
CA PHE F 386 -15.47 -10.28 39.34
C PHE F 386 -16.28 -11.19 40.22
N SER F 387 -16.40 -10.82 41.48
CA SER F 387 -17.28 -11.50 42.41
C SER F 387 -17.94 -10.47 43.30
N ARG F 388 -19.27 -10.52 43.35
CA ARG F 388 -20.03 -9.61 44.19
C ARG F 388 -20.61 -10.39 45.34
N LYS F 389 -20.71 -9.73 46.48
CA LYS F 389 -21.44 -10.25 47.65
C LYS F 389 -22.22 -9.11 48.30
N GLU F 390 -23.52 -9.33 48.52
CA GLU F 390 -24.36 -8.34 49.20
C GLU F 390 -24.28 -6.98 48.52
N ARG F 391 -24.61 -6.97 47.23
CA ARG F 391 -24.68 -5.74 46.43
C ARG F 391 -23.35 -4.97 46.28
N SER F 392 -22.24 -5.52 46.75
CA SER F 392 -20.94 -4.87 46.56
C SER F 392 -19.89 -5.86 46.04
N LEU F 393 -18.99 -5.37 45.20
CA LEU F 393 -17.94 -6.20 44.62
C LEU F 393 -16.99 -6.72 45.68
N GLU F 394 -16.90 -8.04 45.79
CA GLU F 394 -16.07 -8.67 46.80
C GLU F 394 -14.64 -8.84 46.26
N TRP F 395 -14.51 -9.50 45.11
CA TRP F 395 -13.18 -9.76 44.53
C TRP F 395 -13.19 -9.32 43.08
N ILE F 396 -12.02 -8.87 42.60
CA ILE F 396 -11.90 -8.32 41.25
C ILE F 396 -10.50 -8.50 40.70
N THR F 397 -10.42 -8.86 39.43
CA THR F 397 -9.15 -8.97 38.75
C THR F 397 -9.33 -8.75 37.26
N ILE F 398 -8.44 -7.96 36.66
CA ILE F 398 -8.57 -7.59 35.26
C ILE F 398 -7.50 -8.24 34.40
N GLY F 399 -7.91 -8.83 33.30
CA GLY F 399 -6.98 -9.42 32.35
C GLY F 399 -7.10 -8.77 30.99
N GLY F 400 -7.19 -7.44 30.98
CA GLY F 400 -7.43 -6.70 29.75
C GLY F 400 -6.17 -6.37 28.99
N GLY F 401 -6.34 -5.87 27.78
CA GLY F 401 -5.22 -5.45 26.94
C GLY F 401 -5.00 -3.96 27.01
N ILE F 402 -5.95 -3.21 26.47
CA ILE F 402 -5.82 -1.74 26.36
C ILE F 402 -6.37 -1.06 27.62
N ASN F 403 -5.65 -0.04 28.07
CA ASN F 403 -5.93 0.65 29.33
C ASN F 403 -7.36 1.18 29.39
N GLU F 404 -7.78 1.86 28.33
CA GLU F 404 -9.13 2.40 28.23
C GLU F 404 -10.18 1.33 28.45
N ASP F 405 -10.08 0.25 27.69
CA ASP F 405 -11.07 -0.82 27.75
C ASP F 405 -11.09 -1.45 29.13
N ARG F 406 -9.95 -1.51 29.78
CA ARG F 406 -9.88 -1.97 31.17
C ARG F 406 -10.74 -1.08 32.05
N LYS F 407 -10.56 0.23 31.90
CA LYS F 407 -11.34 1.21 32.67
C LYS F 407 -12.83 1.06 32.41
N ARG F 408 -13.19 0.86 31.14
CA ARG F 408 -14.59 0.64 30.77
C ARG F 408 -15.15 -0.59 31.49
N LEU F 409 -14.40 -1.69 31.43
CA LEU F 409 -14.74 -2.92 32.16
C LEU F 409 -15.04 -2.58 33.60
N LEU F 410 -14.03 -1.99 34.25
CA LEU F 410 -14.11 -1.60 35.64
C LEU F 410 -15.41 -0.88 35.92
N ALA F 411 -15.67 0.15 35.11
CA ALA F 411 -16.85 0.97 35.28
C ALA F 411 -18.12 0.13 35.18
N MET F 412 -18.36 -0.41 33.99
CA MET F 412 -19.58 -1.17 33.72
C MET F 412 -19.92 -2.17 34.84
N CYS F 413 -18.90 -2.92 35.22
CA CYS F 413 -19.06 -3.92 36.25
C CYS F 413 -19.37 -3.30 37.60
N MET F 414 -18.82 -2.12 37.85
CA MET F 414 -19.18 -1.35 39.04
C MET F 414 -20.67 -1.01 39.01
N ILE F 415 -21.17 -0.64 37.84
CA ILE F 415 -22.61 -0.28 37.70
C ILE F 415 -23.46 -1.46 38.09
N PHE F 416 -23.20 -2.58 37.45
CA PHE F 416 -23.95 -3.79 37.72
C PHE F 416 -23.82 -4.16 39.19
N CYS F 417 -22.61 -4.00 39.72
CA CYS F 417 -22.33 -4.26 41.13
C CYS F 417 -23.24 -3.46 42.05
N ARG F 418 -23.29 -2.14 41.83
CA ARG F 418 -24.20 -1.24 42.56
C ARG F 418 -23.83 -1.07 44.05
N ASP F 419 -22.82 -0.25 44.33
CA ASP F 419 -22.49 0.11 45.72
C ASP F 419 -23.35 1.25 46.26
N GLY F 420 -23.07 1.68 47.49
CA GLY F 420 -23.72 2.86 48.07
C GLY F 420 -23.32 4.15 47.37
N ASP F 421 -22.10 4.18 46.85
CA ASP F 421 -21.59 5.35 46.13
C ASP F 421 -22.37 5.60 44.82
N TYR F 422 -23.03 4.56 44.33
CA TYR F 422 -23.98 4.64 43.21
C TYR F 422 -24.96 5.80 43.38
N PHE F 423 -25.46 5.94 44.59
CA PHE F 423 -26.47 6.96 44.92
C PHE F 423 -25.86 8.36 45.07
N LYS F 424 -24.65 8.42 45.62
CA LYS F 424 -23.99 9.68 45.96
C LYS F 424 -23.82 10.65 44.80
N ASP F 425 -23.58 10.13 43.60
CA ASP F 425 -23.33 10.96 42.43
C ASP F 425 -24.67 11.37 41.76
N ALA F 426 -25.03 12.65 41.90
CA ALA F 426 -26.29 13.17 41.34
C ALA F 426 -26.19 14.39 40.38
N PRO F 427 -25.14 14.49 39.53
CA PRO F 427 -25.18 15.57 38.53
C PRO F 427 -26.30 15.37 37.51
N ALA F 428 -27.37 16.14 37.66
CA ALA F 428 -28.54 16.08 36.76
C ALA F 428 -29.35 14.82 37.02
N THR F 429 -29.54 13.99 36.00
CA THR F 429 -30.33 12.75 36.08
C THR F 429 -31.83 12.99 36.23
N ILE F 430 -32.21 13.59 37.35
CA ILE F 430 -33.61 13.92 37.62
C ILE F 430 -34.19 14.69 36.43
N THR F 431 -33.35 15.55 35.85
CA THR F 431 -33.71 16.38 34.71
C THR F 431 -34.01 15.59 33.43
N MET F 432 -33.19 14.59 33.12
CA MET F 432 -33.31 13.89 31.83
C MET F 432 -33.29 12.37 31.96
N ALA F 433 -32.21 11.85 32.52
CA ALA F 433 -31.98 10.42 32.60
C ALA F 433 -33.12 9.70 33.33
N ASP F 434 -33.64 10.35 34.36
CA ASP F 434 -34.71 9.82 35.19
C ASP F 434 -35.85 9.24 34.35
N LEU F 435 -36.56 10.12 33.66
CA LEU F 435 -37.73 9.71 32.91
C LEU F 435 -37.37 9.56 31.46
N SER F 436 -37.68 8.41 30.88
CA SER F 436 -37.38 8.21 29.47
C SER F 436 -38.56 8.65 28.63
N THR F 437 -38.28 9.49 27.65
CA THR F 437 -39.32 10.05 26.77
C THR F 437 -39.81 9.02 25.78
N LYS F 438 -40.47 8.01 26.31
CA LYS F 438 -41.01 6.92 25.52
C LYS F 438 -42.39 6.61 26.05
N LEU F 439 -43.37 7.42 25.62
CA LEU F 439 -44.73 7.33 26.13
C LEU F 439 -44.73 7.43 27.65
N GLY F 440 -43.85 8.28 28.18
CA GLY F 440 -43.72 8.46 29.62
C GLY F 440 -43.32 7.20 30.39
N ARG F 441 -42.33 6.47 29.88
CA ARG F 441 -41.87 5.27 30.56
C ARG F 441 -40.64 5.55 31.40
N GLU F 442 -40.74 5.15 32.67
CA GLU F 442 -39.63 5.24 33.60
C GLU F 442 -38.67 4.10 33.30
N ILE F 443 -37.46 4.48 32.91
CA ILE F 443 -36.41 3.52 32.56
C ILE F 443 -35.71 3.02 33.85
N PRO F 444 -35.42 1.71 33.93
CA PRO F 444 -34.68 1.13 35.04
C PRO F 444 -33.34 1.80 35.36
N TYR F 445 -32.99 1.71 36.64
CA TYR F 445 -32.04 2.60 37.32
C TYR F 445 -30.58 2.28 37.04
N GLN F 446 -30.26 1.00 37.02
CA GLN F 446 -28.92 0.55 36.63
C GLN F 446 -28.58 1.18 35.30
N TYR F 447 -29.44 0.94 34.31
CA TYR F 447 -29.26 1.47 32.96
C TYR F 447 -29.23 3.01 32.98
N VAL F 448 -29.89 3.63 33.96
CA VAL F 448 -29.87 5.10 34.10
C VAL F 448 -28.45 5.61 34.35
N MET F 449 -27.85 5.15 35.44
CA MET F 449 -26.47 5.55 35.75
C MET F 449 -25.52 5.12 34.64
N MET F 450 -25.79 3.96 34.07
CA MET F 450 -25.07 3.48 32.88
C MET F 450 -25.01 4.57 31.80
N ASN F 451 -26.18 5.06 31.42
CA ASN F 451 -26.30 6.08 30.37
C ASN F 451 -25.64 7.39 30.80
N TRP F 452 -25.78 7.73 32.09
CA TRP F 452 -25.11 8.90 32.64
C TRP F 452 -23.59 8.83 32.44
N ILE F 453 -23.04 7.64 32.58
CA ILE F 453 -21.60 7.44 32.39
C ILE F 453 -21.24 7.47 30.91
N GLN F 454 -22.07 6.80 30.10
CA GLN F 454 -21.89 6.83 28.65
C GLN F 454 -21.98 8.25 28.05
N LYS F 455 -22.64 9.16 28.77
CA LYS F 455 -22.79 10.54 28.35
C LYS F 455 -21.44 11.22 28.09
N SER F 456 -20.67 11.46 29.14
CA SER F 456 -19.48 12.29 29.02
C SER F 456 -18.23 11.61 29.57
N GLU F 457 -17.11 12.31 29.41
CA GLU F 457 -15.80 11.79 29.79
C GLU F 457 -15.56 11.91 31.30
N ASP F 458 -16.06 12.98 31.89
CA ASP F 458 -15.86 13.23 33.32
C ASP F 458 -16.76 12.37 34.19
N ASN F 459 -17.84 11.88 33.60
CA ASN F 459 -18.76 11.01 34.31
C ASN F 459 -18.09 9.69 34.65
N LEU F 460 -17.28 9.20 33.72
CA LEU F 460 -16.46 8.03 33.97
C LEU F 460 -15.53 8.30 35.14
N GLU F 461 -14.85 9.45 35.08
CA GLU F 461 -13.89 9.84 36.11
C GLU F 461 -14.53 9.92 37.50
N ALA F 462 -15.80 10.34 37.54
CA ALA F 462 -16.52 10.48 38.80
C ALA F 462 -16.65 9.18 39.58
N LEU F 463 -17.33 8.19 39.01
CA LEU F 463 -17.52 6.92 39.71
C LEU F 463 -16.22 6.13 39.80
N LEU F 464 -15.32 6.32 38.84
CA LEU F 464 -13.96 5.75 38.95
C LEU F 464 -13.31 6.23 40.24
N TYR F 465 -13.52 7.50 40.58
CA TYR F 465 -13.04 8.07 41.85
C TYR F 465 -13.89 7.64 43.05
N SER F 466 -15.13 7.20 42.78
CA SER F 466 -16.06 6.76 43.84
C SER F 466 -15.57 5.52 44.60
N ARG F 467 -14.78 4.68 43.94
CA ARG F 467 -14.12 3.58 44.60
C ARG F 467 -13.00 4.06 45.49
N GLY F 468 -12.71 3.29 46.54
CA GLY F 468 -11.59 3.61 47.42
C GLY F 468 -10.28 3.61 46.65
N ILE F 469 -9.46 4.63 46.89
CA ILE F 469 -8.16 4.75 46.24
C ILE F 469 -7.05 4.72 47.30
N VAL F 470 -6.04 3.89 47.07
CA VAL F 470 -4.90 3.79 47.98
C VAL F 470 -3.61 3.61 47.20
N GLU F 471 -2.53 4.12 47.79
CA GLU F 471 -1.18 3.80 47.34
C GLU F 471 -0.94 2.32 47.63
N THR F 472 -0.86 1.52 46.57
CA THR F 472 -0.70 0.08 46.73
C THR F 472 0.67 -0.30 47.27
N ASN F 473 0.74 -1.50 47.84
CA ASN F 473 1.94 -1.96 48.52
C ASN F 473 2.90 -2.62 47.53
N PRO F 474 4.18 -2.73 47.90
CA PRO F 474 5.08 -3.54 47.08
C PRO F 474 4.59 -4.98 47.06
N GLY F 475 4.74 -5.63 45.91
CA GLY F 475 4.16 -6.95 45.69
C GLY F 475 2.82 -6.85 44.98
N LYS F 476 2.37 -5.61 44.79
CA LYS F 476 1.19 -5.31 43.99
C LYS F 476 1.51 -4.27 42.90
N MET F 477 2.78 -4.14 42.56
CA MET F 477 3.25 -3.19 41.53
C MET F 477 2.70 -3.50 40.15
N GLY F 478 2.78 -4.78 39.75
CA GLY F 478 2.25 -5.23 38.46
C GLY F 478 0.74 -5.35 38.45
N SER F 479 0.18 -5.76 39.59
CA SER F 479 -1.26 -5.98 39.72
C SER F 479 -2.09 -4.69 39.80
N SER F 480 -1.53 -3.62 40.36
CA SER F 480 -2.31 -2.42 40.66
C SER F 480 -2.77 -1.66 39.41
N MET F 481 -3.95 -1.05 39.52
CA MET F 481 -4.61 -0.32 38.42
C MET F 481 -4.69 1.17 38.66
N GLY F 482 -4.14 1.95 37.74
CA GLY F 482 -4.26 3.40 37.82
C GLY F 482 -5.63 3.88 37.39
N ILE F 483 -5.95 5.12 37.72
CA ILE F 483 -7.23 5.71 37.33
C ILE F 483 -7.28 5.83 35.80
N ASP F 484 -6.15 6.23 35.23
CA ASP F 484 -5.97 6.35 33.78
C ASP F 484 -5.85 4.98 33.09
N GLY F 485 -5.64 3.94 33.88
CA GLY F 485 -5.60 2.57 33.38
C GLY F 485 -4.21 1.96 33.24
N SER F 486 -3.21 2.55 33.92
CA SER F 486 -1.83 2.11 33.81
C SER F 486 -1.48 1.14 34.94
N LYS F 487 -0.31 0.55 34.81
CA LYS F 487 0.18 -0.44 35.77
C LYS F 487 1.23 0.18 36.72
N ARG F 488 1.27 1.51 36.79
CA ARG F 488 2.31 2.22 37.54
C ARG F 488 2.27 1.92 39.04
N ALA F 489 1.06 1.86 39.60
CA ALA F 489 0.81 1.52 41.01
C ALA F 489 1.14 2.63 42.02
N ILE F 490 1.43 3.84 41.53
CA ILE F 490 1.71 5.01 42.40
C ILE F 490 0.48 5.24 43.27
N LYS F 491 -0.68 5.31 42.61
CA LYS F 491 -1.97 5.42 43.26
C LYS F 491 -2.85 4.40 42.56
N SER F 492 -3.71 3.72 43.31
CA SER F 492 -4.53 2.68 42.69
C SER F 492 -5.85 2.43 43.38
N LEU F 493 -6.76 1.77 42.66
CA LEU F 493 -8.10 1.52 43.12
C LEU F 493 -8.13 0.34 44.07
N ARG F 494 -9.10 0.33 44.97
CA ARG F 494 -9.20 -0.71 45.99
C ARG F 494 -10.06 -1.86 45.49
N ALA F 495 -9.80 -3.04 46.02
CA ALA F 495 -10.50 -4.27 45.66
C ALA F 495 -10.42 -4.52 44.18
N VAL F 496 -9.21 -4.42 43.63
CA VAL F 496 -8.98 -4.67 42.22
C VAL F 496 -7.50 -4.91 41.97
N THR F 497 -7.20 -5.86 41.08
CA THR F 497 -5.83 -6.13 40.67
C THR F 497 -5.81 -6.57 39.19
N ILE F 498 -4.87 -6.05 38.42
CA ILE F 498 -4.72 -6.42 37.02
C ILE F 498 -3.99 -7.77 36.96
N GLN F 499 -4.17 -8.51 35.88
CA GLN F 499 -3.42 -9.75 35.65
C GLN F 499 -2.61 -9.65 34.35
N SER F 500 -1.31 -9.90 34.47
CA SER F 500 -0.39 -9.87 33.33
C SER F 500 -0.74 -10.99 32.36
N GLY F 501 -1.77 -10.74 31.55
CA GLY F 501 -2.28 -11.75 30.64
C GLY F 501 -3.78 -11.80 30.68
N LYS F 502 -4.34 -12.60 29.78
CA LYS F 502 -5.77 -12.66 29.56
C LYS F 502 -6.45 -13.53 30.61
N ILE F 503 -7.79 -13.55 30.57
CA ILE F 503 -8.58 -14.39 31.48
C ILE F 503 -9.54 -15.30 30.73
N ASP F 504 -9.56 -16.56 31.16
CA ASP F 504 -10.24 -17.65 30.47
C ASP F 504 -11.74 -17.48 30.56
N MET F 505 -12.41 -17.98 29.54
CA MET F 505 -13.85 -17.81 29.42
C MET F 505 -14.52 -19.15 29.64
N PRO F 506 -15.60 -19.16 30.42
CA PRO F 506 -16.37 -20.37 30.70
C PRO F 506 -17.39 -20.69 29.61
N GLU F 507 -17.87 -21.93 29.60
CA GLU F 507 -18.78 -22.43 28.59
C GLU F 507 -19.73 -23.43 29.21
N SER F 508 -21.00 -23.37 28.82
CA SER F 508 -21.99 -24.31 29.30
C SER F 508 -22.92 -24.72 28.17
N LYS F 509 -23.07 -26.02 27.99
CA LYS F 509 -23.96 -26.57 26.99
C LYS F 509 -25.38 -26.50 27.51
N GLU F 510 -26.01 -25.33 27.41
CA GLU F 510 -27.35 -25.15 28.02
C GLU F 510 -28.34 -24.43 27.12
N LYS F 511 -29.62 -24.76 27.30
CA LYS F 511 -30.71 -24.14 26.58
C LYS F 511 -31.77 -23.68 27.57
N ILE F 512 -32.08 -22.39 27.58
CA ILE F 512 -33.15 -21.85 28.42
C ILE F 512 -33.94 -20.77 27.66
N HIS F 513 -35.25 -20.72 27.91
CA HIS F 513 -36.14 -19.79 27.20
C HIS F 513 -37.37 -19.47 28.02
N LEU F 514 -37.72 -18.20 28.06
CA LEU F 514 -38.97 -17.73 28.68
C LEU F 514 -39.44 -16.44 28.01
N GLU F 515 -40.76 -16.22 28.04
CA GLU F 515 -41.38 -15.02 27.46
C GLU F 515 -40.75 -13.73 28.00
N LEU F 516 -40.96 -12.64 27.25
CA LEU F 516 -40.41 -11.32 27.58
C LEU F 516 -41.48 -10.38 28.12
N SER F 517 -41.04 -9.44 28.95
CA SER F 517 -41.91 -8.43 29.52
C SER F 517 -42.19 -7.34 28.51
N ASP F 518 -43.20 -6.54 28.85
CA ASP F 518 -43.74 -5.55 27.95
C ASP F 518 -42.76 -4.43 27.59
N ASN F 519 -41.67 -4.26 28.33
CA ASN F 519 -40.67 -3.25 27.99
C ASN F 519 -39.35 -3.86 27.51
N LEU F 520 -39.45 -4.84 26.61
CA LEU F 520 -38.26 -5.47 26.02
C LEU F 520 -37.36 -6.07 27.08
N GLU F 521 -37.98 -6.62 28.10
CA GLU F 521 -37.25 -7.24 29.18
C GLU F 521 -37.58 -8.72 29.12
N ALA F 522 -36.57 -9.57 29.34
CA ALA F 522 -36.76 -11.02 29.43
C ALA F 522 -36.34 -11.50 30.81
N PHE F 523 -37.32 -11.87 31.64
CA PHE F 523 -37.06 -12.42 32.97
C PHE F 523 -36.83 -13.93 32.87
N ASP F 524 -35.92 -14.32 31.99
CA ASP F 524 -35.66 -15.73 31.73
C ASP F 524 -34.99 -16.40 32.94
N SER F 525 -35.22 -17.70 33.09
CA SER F 525 -34.78 -18.47 34.26
C SER F 525 -35.35 -17.85 35.53
N SER F 526 -36.60 -17.40 35.46
CA SER F 526 -37.30 -16.79 36.58
C SER F 526 -36.52 -15.65 37.21
N GLY F 527 -35.98 -14.79 36.36
CA GLY F 527 -35.32 -13.57 36.81
C GLY F 527 -34.17 -13.17 35.91
N ARG F 528 -33.05 -12.80 36.53
CA ARG F 528 -31.75 -12.69 35.86
C ARG F 528 -31.57 -11.49 34.89
N ILE F 529 -32.64 -10.77 34.56
CA ILE F 529 -32.60 -9.54 33.75
C ILE F 529 -31.65 -9.57 32.54
N VAL F 530 -31.71 -10.63 31.72
CA VAL F 530 -30.75 -10.80 30.60
C VAL F 530 -30.88 -9.82 29.44
N ALA F 531 -32.05 -9.24 29.29
CA ALA F 531 -32.45 -8.48 28.09
C ALA F 531 -31.81 -7.09 27.89
N THR F 532 -31.40 -6.51 29.00
CA THR F 532 -30.67 -5.24 29.05
C THR F 532 -31.44 -4.14 28.37
N ILE F 533 -32.74 -4.30 28.22
CA ILE F 533 -33.52 -3.26 27.56
C ILE F 533 -32.87 -3.00 26.20
N LEU F 534 -32.53 -1.72 26.03
CA LEU F 534 -31.89 -1.13 24.89
C LEU F 534 -30.41 -1.03 25.14
N ASP F 535 -29.66 -1.83 24.41
CA ASP F 535 -28.20 -1.83 24.49
C ASP F 535 -27.59 -0.52 24.00
N LEU F 536 -27.91 -0.13 22.77
CA LEU F 536 -27.24 0.99 22.10
C LEU F 536 -28.23 1.86 21.36
N PRO F 537 -28.27 3.19 21.68
CA PRO F 537 -29.22 4.11 21.05
C PRO F 537 -28.75 4.64 19.70
N SER F 538 -28.50 3.74 18.76
CA SER F 538 -28.08 4.12 17.41
C SER F 538 -29.28 4.59 16.59
N ASP F 539 -29.38 5.91 16.44
CA ASP F 539 -30.43 6.53 15.63
C ASP F 539 -29.93 6.69 14.20
N LYS F 540 -29.86 5.58 13.48
CA LYS F 540 -29.43 5.61 12.09
C LYS F 540 -30.28 4.66 11.28
N LYS F 541 -30.40 4.94 9.99
CA LYS F 541 -31.20 4.10 9.08
C LYS F 541 -30.54 3.90 7.71
N VAL F 542 -29.48 3.09 7.71
CA VAL F 542 -28.79 2.67 6.47
C VAL F 542 -28.93 1.17 6.23
N THR F 543 -29.34 0.82 5.01
CA THR F 543 -29.55 -0.58 4.65
C THR F 543 -29.07 -0.82 3.23
N PHE F 544 -28.73 -2.07 2.95
CA PHE F 544 -28.32 -2.49 1.61
C PHE F 544 -28.89 -3.86 1.23
N GLN F 545 -29.69 -3.89 0.16
CA GLN F 545 -30.31 -5.13 -0.36
C GLN F 545 -31.20 -5.82 0.67
N ASP F 546 -31.92 -5.01 1.44
CA ASP F 546 -32.73 -5.49 2.56
C ASP F 546 -34.19 -5.28 2.30
N VAL F 547 -35.00 -6.24 2.71
CA VAL F 547 -36.43 -6.17 2.47
C VAL F 547 -37.16 -5.92 3.78
N SER F 548 -38.24 -5.16 3.70
CA SER F 548 -39.10 -4.92 4.85
C SER F 548 -40.55 -4.88 4.32
N PHE F 549 -41.52 -4.83 5.22
CA PHE F 549 -42.92 -4.93 4.80
C PHE F 549 -43.89 -4.45 5.89
N GLN F 550 -45.16 -4.33 5.54
CA GLN F 550 -46.31 -4.14 6.46
C GLN F 550 -46.18 -2.98 7.43
N HIS F 551 -46.64 -1.82 6.96
CA HIS F 551 -46.65 -0.58 7.75
C HIS F 551 -45.38 -0.41 8.56
N PRO F 552 -44.23 -0.57 7.92
CA PRO F 552 -43.01 -0.77 8.72
C PRO F 552 -42.63 0.41 9.62
N ASP F 553 -43.41 1.49 9.59
CA ASP F 553 -43.16 2.73 10.37
C ASP F 553 -41.91 3.44 9.83
N LEU F 554 -41.30 2.84 8.81
CA LEU F 554 -40.23 3.44 8.01
C LEU F 554 -40.80 3.71 6.63
N ALA F 555 -40.70 4.96 6.18
CA ALA F 555 -41.32 5.40 4.94
C ALA F 555 -40.40 5.15 3.74
N VAL F 556 -40.72 4.08 3.00
CA VAL F 556 -40.02 3.72 1.77
C VAL F 556 -41.09 3.46 0.71
N LEU F 557 -42.34 3.74 1.08
CA LEU F 557 -43.50 3.42 0.26
C LEU F 557 -44.15 4.69 -0.28
N ARG F 558 -44.01 4.90 -1.59
CA ARG F 558 -44.70 5.99 -2.28
C ARG F 558 -46.12 5.57 -2.60
N ASP F 559 -46.97 6.56 -2.93
CA ASP F 559 -48.35 6.29 -3.30
C ASP F 559 -48.45 5.58 -4.64
N GLU F 560 -47.76 6.11 -5.65
CA GLU F 560 -47.76 5.50 -6.99
C GLU F 560 -47.07 4.13 -7.01
N LYS F 561 -46.00 3.98 -6.25
CA LYS F 561 -45.27 2.70 -6.20
C LYS F 561 -45.98 1.64 -5.38
N THR F 562 -46.63 2.02 -4.27
CA THR F 562 -47.52 1.08 -3.55
C THR F 562 -48.73 0.65 -4.40
N ALA F 563 -49.22 1.56 -5.25
CA ALA F 563 -50.32 1.25 -6.19
C ALA F 563 -49.90 0.17 -7.20
N ILE F 564 -48.74 0.37 -7.83
CA ILE F 564 -48.18 -0.58 -8.79
C ILE F 564 -47.88 -1.94 -8.14
N THR F 565 -47.07 -1.89 -7.08
CA THR F 565 -46.63 -3.11 -6.38
C THR F 565 -47.79 -3.92 -5.77
N LYS F 566 -48.65 -3.27 -4.98
CA LYS F 566 -49.82 -3.93 -4.39
C LYS F 566 -50.80 -4.41 -5.45
N GLY F 567 -50.90 -3.63 -6.53
CA GLY F 567 -51.68 -4.02 -7.71
C GLY F 567 -51.20 -5.32 -8.32
N TYR F 568 -49.88 -5.46 -8.43
CA TYR F 568 -49.24 -6.71 -8.89
C TYR F 568 -49.44 -7.85 -7.89
N GLU F 569 -49.26 -7.52 -6.61
CA GLU F 569 -49.39 -8.48 -5.51
C GLU F 569 -50.76 -9.12 -5.44
N ALA F 570 -51.83 -8.34 -5.67
CA ALA F 570 -53.19 -8.88 -5.72
C ALA F 570 -53.23 -10.05 -6.70
N LEU F 571 -52.77 -9.80 -7.93
CA LEU F 571 -52.72 -10.82 -9.00
C LEU F 571 -51.86 -12.02 -8.64
N ILE F 572 -50.59 -11.77 -8.38
CA ILE F 572 -49.64 -12.84 -8.10
C ILE F 572 -50.12 -13.73 -6.97
N LYS F 573 -50.46 -13.10 -5.84
CA LYS F 573 -50.82 -13.79 -4.60
C LYS F 573 -52.15 -14.56 -4.66
N ARG F 574 -53.21 -13.93 -5.18
CA ARG F 574 -54.54 -14.55 -5.18
C ARG F 574 -54.68 -15.75 -6.13
N LEU F 575 -53.79 -15.83 -7.13
CA LEU F 575 -53.83 -16.90 -8.14
C LEU F 575 -52.96 -18.14 -7.81
N GLY F 576 -53.61 -19.30 -7.83
CA GLY F 576 -52.99 -20.58 -7.50
C GLY F 576 -53.93 -21.66 -6.96
N THR F 577 -54.92 -21.28 -6.15
CA THR F 577 -55.77 -22.23 -5.39
C THR F 577 -56.53 -23.26 -6.24
N GLY F 578 -57.23 -22.77 -7.25
CA GLY F 578 -58.14 -23.62 -8.01
C GLY F 578 -58.58 -23.09 -9.34
N ASP F 579 -59.75 -23.54 -9.79
CA ASP F 579 -60.35 -23.11 -11.04
C ASP F 579 -60.69 -21.62 -11.01
N ASN F 580 -60.63 -21.00 -12.19
CA ASN F 580 -60.73 -19.55 -12.37
C ASN F 580 -59.57 -18.78 -11.72
N ASP F 581 -58.48 -19.49 -11.45
CA ASP F 581 -57.22 -18.88 -11.10
C ASP F 581 -56.24 -19.26 -12.18
N ILE F 582 -55.15 -18.53 -12.30
CA ILE F 582 -54.15 -18.74 -13.35
C ILE F 582 -53.78 -20.19 -13.69
N PRO F 583 -53.54 -21.07 -12.67
CA PRO F 583 -53.02 -22.41 -13.02
C PRO F 583 -53.98 -23.24 -13.87
N SER F 584 -55.24 -23.34 -13.43
CA SER F 584 -56.26 -24.07 -14.18
C SER F 584 -56.47 -23.45 -15.57
N LEU F 585 -56.38 -22.12 -15.65
CA LEU F 585 -56.51 -21.40 -16.91
C LEU F 585 -55.39 -21.72 -17.88
N ILE F 586 -54.14 -21.77 -17.39
CA ILE F 586 -52.98 -22.14 -18.23
C ILE F 586 -53.05 -23.61 -18.66
N ALA F 587 -53.53 -24.49 -17.77
CA ALA F 587 -53.72 -25.92 -18.08
C ALA F 587 -54.80 -26.14 -19.17
N LYS F 588 -55.81 -25.27 -19.19
CA LYS F 588 -56.88 -25.27 -20.19
C LYS F 588 -56.47 -24.67 -21.56
N LYS F 589 -55.40 -23.88 -21.54
CA LYS F 589 -54.89 -23.09 -22.69
C LYS F 589 -55.82 -21.92 -23.06
N ASP F 590 -56.78 -21.59 -22.18
CA ASP F 590 -57.70 -20.45 -22.36
C ASP F 590 -57.14 -19.19 -21.68
N TYR F 591 -56.78 -18.21 -22.51
CA TYR F 591 -56.12 -16.99 -22.05
C TYR F 591 -57.07 -15.78 -22.02
N LEU F 592 -58.33 -15.97 -22.38
CA LEU F 592 -59.33 -14.90 -22.32
C LEU F 592 -59.77 -14.62 -20.88
N SER F 593 -60.20 -15.67 -20.16
CA SER F 593 -60.61 -15.56 -18.76
C SER F 593 -59.55 -14.83 -17.94
N LEU F 594 -58.30 -15.16 -18.27
CA LEU F 594 -57.12 -14.52 -17.71
C LEU F 594 -57.08 -12.99 -17.94
N TYR F 595 -57.36 -12.55 -19.16
CA TYR F 595 -57.41 -11.10 -19.46
C TYR F 595 -58.50 -10.42 -18.65
N ASN F 596 -59.69 -11.03 -18.66
CA ASN F 596 -60.89 -10.50 -18.00
C ASN F 596 -60.85 -10.60 -16.47
N LEU F 597 -59.79 -11.18 -15.92
CA LEU F 597 -59.63 -11.33 -14.47
C LEU F 597 -59.94 -10.04 -13.71
N PRO F 598 -60.70 -10.16 -12.59
CA PRO F 598 -61.13 -9.01 -11.78
C PRO F 598 -60.00 -8.28 -11.06
N GLU F 599 -58.89 -8.97 -10.82
CA GLU F 599 -57.71 -8.36 -10.21
C GLU F 599 -56.90 -7.52 -11.20
N VAL F 600 -57.06 -7.83 -12.50
CA VAL F 600 -56.44 -7.03 -13.57
C VAL F 600 -57.17 -5.69 -13.66
N LYS F 601 -58.49 -5.74 -13.49
CA LYS F 601 -59.34 -4.55 -13.49
C LYS F 601 -58.96 -3.58 -12.36
N LEU F 602 -58.43 -4.12 -11.25
CA LEU F 602 -57.85 -3.30 -10.19
C LEU F 602 -56.59 -2.54 -10.66
N MET F 603 -55.87 -3.14 -11.61
CA MET F 603 -54.62 -2.55 -12.15
C MET F 603 -54.81 -1.60 -13.33
N ALA F 604 -55.89 -1.79 -14.09
CA ALA F 604 -56.21 -0.97 -15.28
C ALA F 604 -55.98 0.55 -15.15
N PRO F 605 -56.60 1.24 -14.14
CA PRO F 605 -56.56 2.71 -14.15
C PRO F 605 -55.21 3.37 -13.90
N LEU F 606 -54.17 2.60 -13.61
CA LEU F 606 -52.85 3.15 -13.29
C LEU F 606 -51.93 3.28 -14.52
N ILE F 607 -52.33 2.66 -15.64
CA ILE F 607 -51.53 2.66 -16.87
C ILE F 607 -51.66 4.04 -17.51
N ARG F 608 -50.68 4.42 -18.33
CA ARG F 608 -50.74 5.68 -19.10
C ARG F 608 -51.89 5.62 -20.13
N PRO F 609 -52.80 6.62 -20.09
CA PRO F 609 -53.96 6.65 -21.01
C PRO F 609 -53.60 6.81 -22.48
N ASN F 610 -52.48 7.49 -22.76
CA ASN F 610 -52.06 7.84 -24.13
C ASN F 610 -51.87 6.64 -25.04
N ARG F 611 -51.18 5.61 -24.54
CA ARG F 611 -50.90 4.41 -25.32
C ARG F 611 -51.59 3.17 -24.76
N LYS F 612 -52.74 3.34 -24.11
CA LYS F 612 -53.40 2.23 -23.42
C LYS F 612 -53.74 1.03 -24.33
N GLY F 613 -54.35 1.32 -25.49
CA GLY F 613 -54.59 0.29 -26.49
C GLY F 613 -53.31 -0.22 -27.13
N VAL F 614 -52.37 0.71 -27.38
CA VAL F 614 -51.07 0.42 -28.05
C VAL F 614 -50.19 -0.53 -27.19
N TYR F 615 -50.30 -0.39 -25.88
CA TYR F 615 -49.67 -1.30 -24.93
C TYR F 615 -50.39 -2.65 -24.93
N SER F 616 -51.70 -2.61 -24.70
CA SER F 616 -52.54 -3.82 -24.61
C SER F 616 -52.40 -4.70 -25.86
N ARG F 617 -52.20 -4.05 -27.00
CA ARG F 617 -51.90 -4.74 -28.26
C ARG F 617 -50.76 -5.74 -28.09
N VAL F 618 -49.57 -5.22 -27.82
CA VAL F 618 -48.35 -6.02 -27.79
C VAL F 618 -48.41 -6.95 -26.58
N ALA F 619 -49.05 -6.50 -25.49
CA ALA F 619 -49.23 -7.33 -24.29
C ALA F 619 -50.07 -8.58 -24.60
N ARG F 620 -51.24 -8.37 -25.19
CA ARG F 620 -52.12 -9.45 -25.64
C ARG F 620 -51.44 -10.37 -26.66
N LYS F 621 -50.50 -9.80 -27.44
CA LYS F 621 -49.70 -10.59 -28.39
C LYS F 621 -48.85 -11.63 -27.64
N LEU F 622 -47.97 -11.15 -26.74
CA LEU F 622 -46.99 -12.02 -26.05
C LEU F 622 -47.67 -13.13 -25.22
N VAL F 623 -48.68 -12.75 -24.45
CA VAL F 623 -49.44 -13.70 -23.63
C VAL F 623 -50.04 -14.82 -24.50
N SER F 624 -50.58 -14.46 -25.67
CA SER F 624 -51.17 -15.44 -26.57
C SER F 624 -50.10 -16.36 -27.19
N THR F 625 -48.94 -15.79 -27.55
CA THR F 625 -47.84 -16.56 -28.18
C THR F 625 -47.25 -17.62 -27.24
N GLN F 626 -47.20 -17.29 -25.95
CA GLN F 626 -46.69 -18.17 -24.90
C GLN F 626 -47.69 -19.29 -24.50
N VAL F 627 -48.94 -19.21 -24.96
CA VAL F 627 -50.00 -20.22 -24.64
C VAL F 627 -49.59 -21.65 -24.99
N THR F 628 -48.88 -21.81 -26.10
CA THR F 628 -48.30 -23.11 -26.47
C THR F 628 -47.26 -23.53 -25.44
N THR F 629 -47.33 -24.79 -24.99
CA THR F 629 -46.49 -25.29 -23.90
C THR F 629 -45.03 -25.51 -24.29
N GLY F 630 -44.13 -25.36 -23.31
CA GLY F 630 -42.68 -25.51 -23.52
C GLY F 630 -41.96 -24.26 -23.99
N HIS F 631 -42.74 -23.19 -24.23
CA HIS F 631 -42.20 -21.90 -24.71
C HIS F 631 -42.49 -20.71 -23.75
N TYR F 632 -43.49 -20.86 -22.88
CA TYR F 632 -43.91 -19.77 -21.99
C TYR F 632 -42.96 -19.56 -20.81
N SER F 633 -42.64 -18.29 -20.56
CA SER F 633 -41.89 -17.88 -19.38
C SER F 633 -42.93 -17.44 -18.36
N LEU F 634 -43.04 -18.20 -17.27
CA LEU F 634 -44.11 -17.99 -16.33
C LEU F 634 -43.95 -16.68 -15.55
N HIS F 635 -42.70 -16.20 -15.43
CA HIS F 635 -42.43 -14.88 -14.84
C HIS F 635 -42.99 -13.76 -15.71
N GLU F 636 -42.58 -13.77 -16.99
CA GLU F 636 -42.96 -12.73 -17.98
C GLU F 636 -44.47 -12.49 -18.01
N LEU F 637 -45.22 -13.57 -17.96
CA LEU F 637 -46.68 -13.53 -17.96
C LEU F 637 -47.27 -12.55 -16.95
N ILE F 638 -46.74 -12.57 -15.74
CA ILE F 638 -47.16 -11.64 -14.69
C ILE F 638 -46.83 -10.20 -15.07
N LYS F 639 -45.61 -9.98 -15.55
CA LYS F 639 -45.14 -8.65 -15.97
C LYS F 639 -46.00 -8.03 -17.09
N VAL F 640 -46.40 -8.88 -18.05
CA VAL F 640 -47.09 -8.46 -19.28
C VAL F 640 -48.61 -8.31 -19.08
N LEU F 641 -49.19 -9.15 -18.23
CA LEU F 641 -50.65 -9.31 -18.14
C LEU F 641 -51.50 -8.04 -17.85
N PRO F 642 -51.13 -7.21 -16.86
CA PRO F 642 -52.06 -6.13 -16.43
C PRO F 642 -52.49 -5.10 -17.51
N PHE F 643 -51.65 -4.92 -18.53
CA PHE F 643 -51.90 -3.97 -19.64
C PHE F 643 -52.88 -4.52 -20.68
N THR F 644 -53.10 -5.84 -20.68
CA THR F 644 -53.93 -6.53 -21.67
C THR F 644 -55.42 -6.22 -21.60
N TYR F 645 -55.89 -5.78 -20.43
CA TYR F 645 -57.33 -5.57 -20.18
C TYR F 645 -58.04 -4.70 -21.23
N PHE F 646 -57.40 -3.60 -21.63
CA PHE F 646 -57.99 -2.64 -22.57
C PHE F 646 -58.05 -3.16 -24.01
N ALA F 647 -59.02 -2.63 -24.78
CA ALA F 647 -59.23 -3.05 -26.18
C ALA F 647 -57.99 -2.75 -27.04
N PRO F 648 -57.49 -3.79 -27.76
CA PRO F 648 -56.24 -3.69 -28.53
C PRO F 648 -56.37 -2.84 -29.79
N LYS F 649 -55.73 -1.67 -29.77
CA LYS F 649 -55.71 -0.79 -30.94
C LYS F 649 -54.42 -1.03 -31.72
N GLN F 650 -54.54 -1.04 -33.05
CA GLN F 650 -53.39 -1.26 -33.94
C GLN F 650 -52.46 -0.05 -33.83
N GLY F 651 -51.72 0.00 -32.74
CA GLY F 651 -50.90 1.15 -32.43
C GLY F 651 -49.80 1.38 -33.45
N MET F 652 -49.12 0.30 -33.81
CA MET F 652 -47.97 0.32 -34.74
C MET F 652 -46.80 1.21 -34.24
N PHE F 653 -46.90 1.62 -32.97
CA PHE F 653 -45.86 2.36 -32.28
C PHE F 653 -45.34 1.44 -31.18
N GLU F 654 -44.02 1.28 -31.10
CA GLU F 654 -43.37 0.36 -30.16
C GLU F 654 -43.89 0.57 -28.73
N GLY F 655 -44.15 -0.55 -28.05
CA GLY F 655 -44.70 -0.53 -26.68
C GLY F 655 -43.79 -1.25 -25.69
N ARG F 656 -42.50 -0.92 -25.74
CA ARG F 656 -41.51 -1.49 -24.82
C ARG F 656 -41.58 -0.89 -23.41
N LEU F 657 -41.78 0.43 -23.33
CA LEU F 657 -41.87 1.15 -22.04
C LEU F 657 -43.34 1.41 -21.66
N PHE F 658 -43.81 0.68 -20.65
CA PHE F 658 -45.20 0.74 -20.19
C PHE F 658 -45.37 1.70 -19.02
N PHE F 659 -45.79 2.93 -19.29
CA PHE F 659 -45.91 3.93 -18.24
C PHE F 659 -47.12 3.61 -17.36
N SER F 660 -46.84 3.10 -16.16
CA SER F 660 -47.83 2.92 -15.11
C SER F 660 -47.70 4.08 -14.12
N ASN F 661 -48.47 5.14 -14.34
CA ASN F 661 -48.28 6.42 -13.64
C ASN F 661 -46.83 6.92 -13.76
N ASP F 662 -46.37 7.00 -15.02
CA ASP F 662 -45.07 7.60 -15.41
C ASP F 662 -43.84 6.72 -15.09
N SER F 663 -44.07 5.44 -14.78
CA SER F 663 -42.96 4.49 -14.56
C SER F 663 -43.10 3.26 -15.46
N PHE F 664 -41.99 2.90 -16.13
CA PHE F 664 -41.99 1.88 -17.18
C PHE F 664 -41.67 0.46 -16.69
N VAL F 665 -42.24 -0.55 -17.37
CA VAL F 665 -42.04 -1.99 -17.05
C VAL F 665 -41.82 -2.84 -18.32
N GLU F 666 -40.58 -2.85 -18.81
CA GLU F 666 -40.25 -3.54 -20.08
C GLU F 666 -40.26 -5.07 -19.91
N PRO F 667 -40.49 -5.83 -21.01
CA PRO F 667 -40.36 -7.29 -21.00
C PRO F 667 -38.90 -7.78 -20.94
N GLY F 668 -38.59 -8.65 -19.99
CA GLY F 668 -37.21 -8.94 -19.60
C GLY F 668 -36.70 -7.70 -18.89
N VAL F 669 -35.42 -7.36 -19.08
CA VAL F 669 -34.90 -6.04 -18.71
C VAL F 669 -35.33 -5.63 -17.29
N ASN F 670 -35.00 -6.48 -16.33
CA ASN F 670 -35.29 -6.21 -14.93
C ASN F 670 -34.92 -4.77 -14.51
N ASN F 671 -35.90 -4.05 -13.96
CA ASN F 671 -35.72 -2.65 -13.60
C ASN F 671 -36.17 -2.37 -12.15
N ASN F 672 -36.40 -1.11 -11.81
CA ASN F 672 -36.79 -0.69 -10.46
C ASN F 672 -38.15 -1.25 -10.03
N VAL F 673 -39.14 -1.10 -10.90
CA VAL F 673 -40.50 -1.55 -10.62
C VAL F 673 -40.59 -3.08 -10.68
N PHE F 674 -39.88 -3.70 -11.62
CA PHE F 674 -39.95 -5.14 -11.81
C PHE F 674 -38.58 -5.80 -11.96
N SER F 675 -38.24 -6.65 -11.01
CA SER F 675 -36.99 -7.43 -11.06
C SER F 675 -37.29 -8.89 -11.43
N TRP F 676 -36.91 -9.23 -12.65
CA TRP F 676 -37.03 -10.58 -13.18
C TRP F 676 -35.78 -11.41 -12.88
N SER F 677 -35.79 -12.08 -11.72
CA SER F 677 -34.63 -12.86 -11.28
C SER F 677 -34.47 -14.12 -12.14
N LYS F 678 -33.21 -14.50 -12.34
CA LYS F 678 -32.84 -15.66 -13.15
C LYS F 678 -32.62 -16.87 -12.28
N ALA F 679 -33.12 -18.04 -12.71
CA ALA F 679 -32.78 -19.33 -12.12
C ALA F 679 -33.40 -19.63 -10.73
N ASP F 680 -34.24 -18.73 -10.21
CA ASP F 680 -34.98 -18.99 -8.98
C ASP F 680 -36.27 -18.18 -8.94
N SER F 681 -37.23 -18.68 -8.17
CA SER F 681 -38.54 -18.05 -8.08
C SER F 681 -38.53 -17.00 -6.99
N SER F 682 -38.42 -15.74 -7.44
CA SER F 682 -38.48 -14.55 -6.60
C SER F 682 -38.48 -13.31 -7.49
N LYS F 683 -39.01 -12.21 -6.96
CA LYS F 683 -39.04 -10.95 -7.69
C LYS F 683 -39.15 -9.74 -6.76
N ILE F 684 -38.36 -8.73 -7.08
CA ILE F 684 -38.23 -7.51 -6.26
C ILE F 684 -39.03 -6.36 -6.89
N TYR F 685 -39.74 -5.62 -6.05
CA TYR F 685 -40.46 -4.41 -6.43
C TYR F 685 -39.94 -3.26 -5.61
N CYS F 686 -38.81 -2.70 -6.05
CA CYS F 686 -38.09 -1.66 -5.30
C CYS F 686 -37.49 -2.26 -4.00
N HIS F 687 -37.89 -1.75 -2.84
CA HIS F 687 -37.44 -2.27 -1.53
C HIS F 687 -38.42 -3.31 -0.94
N GLY F 688 -38.81 -4.28 -1.77
CA GLY F 688 -39.75 -5.33 -1.35
C GLY F 688 -39.69 -6.56 -2.25
N ILE F 689 -40.08 -7.72 -1.72
CA ILE F 689 -40.03 -8.98 -2.46
C ILE F 689 -41.27 -9.84 -2.17
N ALA F 690 -41.76 -10.52 -3.21
CA ALA F 690 -42.86 -11.48 -3.10
C ALA F 690 -42.70 -12.63 -4.10
N ILE F 691 -43.27 -13.79 -3.77
CA ILE F 691 -43.21 -14.98 -4.63
C ILE F 691 -44.36 -15.95 -4.32
N ARG F 692 -44.83 -16.67 -5.34
CA ARG F 692 -45.75 -17.79 -5.15
C ARG F 692 -45.07 -19.11 -5.53
N VAL F 693 -45.28 -20.13 -4.68
CA VAL F 693 -44.52 -21.40 -4.75
C VAL F 693 -45.15 -22.59 -5.51
N PRO F 694 -46.48 -22.85 -5.37
CA PRO F 694 -46.99 -24.06 -6.02
C PRO F 694 -47.24 -23.92 -7.53
N LEU F 695 -47.67 -22.74 -7.92
CA LEU F 695 -48.08 -22.47 -9.29
C LEU F 695 -46.84 -22.25 -10.19
N VAL F 696 -45.93 -23.22 -10.29
CA VAL F 696 -44.70 -23.03 -11.09
C VAL F 696 -44.41 -24.20 -12.02
N VAL F 697 -44.35 -23.90 -13.31
CA VAL F 697 -43.80 -24.80 -14.30
C VAL F 697 -43.03 -23.94 -15.31
N GLY F 698 -42.19 -23.04 -14.79
CA GLY F 698 -41.34 -22.24 -15.64
C GLY F 698 -40.33 -23.17 -16.28
N ASP F 699 -39.97 -22.89 -17.53
CA ASP F 699 -39.03 -23.75 -18.27
C ASP F 699 -37.68 -23.88 -17.58
N GLU F 700 -37.25 -22.79 -16.92
CA GLU F 700 -35.98 -22.75 -16.18
C GLU F 700 -36.01 -23.57 -14.87
N HIS F 701 -37.19 -23.73 -14.27
CA HIS F 701 -37.36 -24.54 -13.05
C HIS F 701 -37.57 -26.03 -13.34
N MET F 702 -36.63 -26.61 -14.09
CA MET F 702 -36.65 -28.02 -14.47
C MET F 702 -36.32 -28.95 -13.30
N ASP F 703 -35.24 -28.63 -12.59
CA ASP F 703 -34.67 -29.48 -11.54
C ASP F 703 -35.64 -29.64 -10.37
N THR F 704 -36.34 -28.56 -10.06
CA THR F 704 -37.34 -28.56 -8.99
C THR F 704 -38.71 -28.21 -9.59
N SER F 705 -39.14 -29.01 -10.55
CA SER F 705 -40.52 -28.94 -11.02
C SER F 705 -41.31 -29.97 -10.22
N LEU F 706 -40.60 -30.86 -9.53
CA LEU F 706 -41.19 -31.87 -8.65
C LEU F 706 -41.44 -31.26 -7.28
N ALA F 707 -40.47 -30.50 -6.80
CA ALA F 707 -40.55 -29.83 -5.51
C ALA F 707 -41.56 -28.68 -5.54
N LEU F 708 -41.38 -27.78 -6.50
CA LEU F 708 -42.10 -26.50 -6.52
C LEU F 708 -43.60 -26.63 -6.73
N LEU F 709 -44.01 -27.54 -7.59
CA LEU F 709 -45.43 -27.65 -7.96
C LEU F 709 -46.39 -27.81 -6.76
N GLU F 710 -45.87 -28.22 -5.60
CA GLU F 710 -46.70 -28.55 -4.45
C GLU F 710 -47.35 -27.37 -3.75
N GLY F 711 -48.68 -27.39 -3.76
CA GLY F 711 -49.52 -26.53 -2.96
C GLY F 711 -50.58 -27.45 -2.40
N PHE F 712 -50.28 -28.74 -2.49
CA PHE F 712 -51.17 -29.83 -2.08
C PHE F 712 -51.19 -29.98 -0.56
N SER F 713 -52.09 -30.82 -0.08
CA SER F 713 -52.16 -31.17 1.33
C SER F 713 -52.88 -32.51 1.49
N VAL F 714 -52.90 -33.03 2.70
CA VAL F 714 -53.36 -34.41 2.94
C VAL F 714 -54.83 -34.40 3.28
N CYS F 715 -55.59 -35.38 2.78
CA CYS F 715 -57.03 -35.42 3.07
C CYS F 715 -57.41 -36.73 3.78
N GLU F 716 -57.67 -37.75 2.99
CA GLU F 716 -58.21 -38.99 3.48
C GLU F 716 -57.71 -40.00 2.48
N ASN F 717 -57.81 -41.26 2.83
CA ASN F 717 -57.20 -42.31 2.02
C ASN F 717 -58.23 -43.20 1.30
N ASP F 718 -59.48 -42.72 1.23
CA ASP F 718 -60.59 -43.55 0.75
C ASP F 718 -60.53 -44.00 -0.73
N PRO F 719 -60.40 -43.04 -1.64
CA PRO F 719 -60.38 -43.31 -3.08
C PRO F 719 -59.21 -44.15 -3.53
N ARG F 720 -59.46 -45.03 -4.49
CA ARG F 720 -58.39 -45.87 -5.01
C ARG F 720 -57.69 -45.01 -6.03
N ALA F 721 -57.11 -43.91 -5.54
CA ALA F 721 -56.41 -43.03 -6.34
C ALA F 721 -55.21 -43.80 -6.85
N PRO F 722 -54.90 -43.69 -8.15
CA PRO F 722 -53.81 -44.45 -8.75
C PRO F 722 -52.50 -44.05 -8.14
N MET F 723 -51.65 -45.03 -7.83
CA MET F 723 -50.33 -44.73 -7.31
C MET F 723 -49.52 -44.09 -8.41
N VAL F 724 -49.52 -42.77 -8.42
CA VAL F 724 -48.75 -42.02 -9.41
C VAL F 724 -47.37 -41.78 -8.85
N THR F 725 -46.40 -41.73 -9.76
CA THR F 725 -45.05 -41.32 -9.37
C THR F 725 -45.06 -39.81 -9.23
N ARG F 726 -44.06 -39.28 -8.53
CA ARG F 726 -43.99 -37.84 -8.26
C ARG F 726 -43.99 -37.01 -9.54
N GLN F 727 -43.29 -37.48 -10.56
CA GLN F 727 -43.32 -36.83 -11.89
C GLN F 727 -44.71 -36.90 -12.56
N ASP F 728 -45.50 -37.91 -12.20
CA ASP F 728 -46.89 -38.01 -12.65
C ASP F 728 -47.88 -37.13 -11.85
N LEU F 729 -47.39 -36.45 -10.83
CA LEU F 729 -48.23 -35.57 -10.00
C LEU F 729 -48.58 -34.27 -10.71
N ILE F 730 -47.68 -33.79 -11.56
CA ILE F 730 -47.89 -32.53 -12.32
C ILE F 730 -49.17 -32.56 -13.18
N ASP F 731 -49.54 -33.75 -13.66
CA ASP F 731 -50.63 -33.89 -14.61
C ASP F 731 -52.01 -33.85 -13.97
N VAL F 732 -52.14 -34.41 -12.79
CA VAL F 732 -53.46 -34.50 -12.14
C VAL F 732 -53.96 -33.10 -11.74
N GLY F 733 -55.04 -32.68 -12.40
CA GLY F 733 -55.57 -31.33 -12.24
C GLY F 733 -56.12 -31.04 -10.86
N PHE F 734 -56.85 -29.94 -10.75
CA PHE F 734 -57.33 -29.45 -9.46
C PHE F 734 -58.52 -30.21 -8.91
N GLY F 735 -58.65 -30.25 -7.58
CA GLY F 735 -59.71 -31.00 -6.89
C GLY F 735 -59.60 -32.51 -7.02
N GLN F 736 -58.40 -32.97 -7.38
CA GLN F 736 -58.16 -34.38 -7.69
C GLN F 736 -57.45 -35.08 -6.54
N LYS F 737 -58.17 -36.00 -5.90
CA LYS F 737 -57.62 -36.80 -4.81
C LYS F 737 -56.74 -37.93 -5.38
N VAL F 738 -55.47 -37.94 -5.00
CA VAL F 738 -54.53 -38.95 -5.52
C VAL F 738 -53.68 -39.60 -4.44
N ARG F 739 -53.13 -40.76 -4.75
CA ARG F 739 -52.31 -41.56 -3.85
C ARG F 739 -50.82 -41.50 -4.21
N LEU F 740 -49.98 -41.37 -3.18
CA LEU F 740 -48.53 -41.27 -3.37
C LEU F 740 -47.72 -41.89 -2.23
N PHE F 741 -46.56 -42.45 -2.59
CA PHE F 741 -45.55 -42.90 -1.61
C PHE F 741 -44.73 -41.75 -1.02
N VAL F 742 -44.60 -41.73 0.30
CA VAL F 742 -43.89 -40.65 1.00
C VAL F 742 -42.69 -41.19 1.75
N GLY F 743 -41.58 -40.45 1.70
CA GLY F 743 -40.43 -40.69 2.55
C GLY F 743 -39.88 -42.09 2.51
N GLN F 744 -39.90 -42.78 3.66
CA GLN F 744 -39.21 -44.06 3.80
C GLN F 744 -40.14 -45.26 4.03
N GLY F 745 -41.42 -45.10 3.73
CA GLY F 745 -42.38 -46.19 3.96
C GLY F 745 -43.85 -45.87 3.79
N SER F 746 -44.34 -44.96 4.61
CA SER F 746 -45.77 -44.67 4.70
C SER F 746 -46.30 -44.03 3.42
N VAL F 747 -47.48 -44.48 2.99
CA VAL F 747 -48.16 -43.95 1.80
C VAL F 747 -49.44 -43.19 2.19
N ARG F 748 -49.57 -41.94 1.72
CA ARG F 748 -50.74 -41.10 2.02
C ARG F 748 -51.42 -40.55 0.76
N THR F 749 -52.48 -39.77 0.96
CA THR F 749 -53.25 -39.23 -0.16
C THR F 749 -53.59 -37.75 -0.01
N PHE F 750 -53.66 -37.07 -1.16
CA PHE F 750 -53.74 -35.62 -1.22
C PHE F 750 -54.77 -35.14 -2.24
N LYS F 751 -54.88 -33.81 -2.38
CA LYS F 751 -55.55 -33.15 -3.51
C LYS F 751 -54.90 -31.78 -3.77
N ARG F 752 -55.26 -31.14 -4.88
CA ARG F 752 -54.81 -29.77 -5.15
C ARG F 752 -55.46 -28.79 -4.17
N THR F 753 -54.66 -28.33 -3.21
CA THR F 753 -55.18 -27.68 -2.02
C THR F 753 -54.91 -26.22 -1.99
N ALA F 754 -55.70 -25.49 -1.21
CA ALA F 754 -55.27 -24.22 -0.70
C ALA F 754 -54.21 -24.52 0.35
N SER F 755 -53.03 -23.92 0.16
CA SER F 755 -51.84 -24.18 0.98
C SER F 755 -52.15 -24.02 2.47
N GLN F 756 -51.28 -24.58 3.31
CA GLN F 756 -51.38 -24.41 4.74
C GLN F 756 -51.26 -22.93 5.09
N ARG F 757 -52.15 -22.44 5.96
CA ARG F 757 -52.19 -21.04 6.33
C ARG F 757 -52.31 -20.86 7.83
N ALA F 758 -51.83 -19.72 8.30
CA ALA F 758 -51.90 -19.32 9.71
C ALA F 758 -51.29 -20.37 10.68
N ALA F 759 -50.07 -20.79 10.39
CA ALA F 759 -49.37 -21.74 11.23
C ALA F 759 -49.29 -21.20 12.66
N SER F 760 -48.92 -19.93 12.78
CA SER F 760 -48.69 -19.30 14.08
C SER F 760 -49.90 -18.51 14.54
N SER F 761 -50.32 -17.57 13.70
CA SER F 761 -51.35 -16.59 14.05
C SER F 761 -52.64 -17.25 14.53
N ASP F 762 -53.02 -18.35 13.90
CA ASP F 762 -54.26 -19.05 14.26
C ASP F 762 -54.34 -19.32 15.75
N VAL F 763 -53.23 -19.78 16.30
CA VAL F 763 -53.15 -20.05 17.72
C VAL F 763 -53.05 -18.75 18.49
N ASN F 764 -52.08 -17.93 18.09
CA ASN F 764 -51.71 -16.71 18.79
C ASN F 764 -52.92 -15.83 19.12
N LYS F 765 -53.81 -15.65 18.14
CA LYS F 765 -55.00 -14.81 18.32
C LYS F 765 -55.95 -15.40 19.37
N ASN F 766 -56.20 -16.71 19.31
CA ASN F 766 -57.04 -17.39 20.30
C ASN F 766 -56.49 -17.27 21.70
N VAL F 767 -55.18 -17.42 21.79
CA VAL F 767 -54.47 -17.31 23.03
C VAL F 767 -54.61 -15.89 23.58
N LYS F 768 -54.58 -14.90 22.70
CA LYS F 768 -54.79 -13.51 23.09
C LYS F 768 -56.20 -13.30 23.64
N LYS F 769 -57.18 -13.89 22.95
CA LYS F 769 -58.58 -13.74 23.32
C LYS F 769 -58.86 -14.30 24.72
N ILE F 770 -58.31 -15.49 25.00
CA ILE F 770 -58.56 -16.14 26.29
C ILE F 770 -57.95 -15.34 27.45
N LYS F 771 -56.86 -14.64 27.17
CA LYS F 771 -56.12 -13.83 28.14
C LYS F 771 -55.51 -14.71 29.22
MG MG G . 46.61 65.14 -4.94
MG MG H . 48.65 65.50 -7.02
MG MG I . -60.65 -33.67 23.91
MG MG J . -61.13 -32.03 27.08
#